data_1H7X
#
_entry.id   1H7X
#
_cell.length_a   81.950
_cell.length_b   159.290
_cell.length_c   163.570
_cell.angle_alpha   90.00
_cell.angle_beta   96.04
_cell.angle_gamma   90.00
#
_symmetry.space_group_name_H-M   'P 1 21 1'
#
loop_
_entity.id
_entity.type
_entity.pdbx_description
1 polymer 'DIHYDROPYRIMIDINE DEHYDROGENASE'
2 non-polymer 'IRON/SULFUR CLUSTER'
3 non-polymer 'FLAVIN MONONUCLEOTIDE'
4 non-polymer 'FLAVIN-ADENINE DINUCLEOTIDE'
5 non-polymer 'NADPH DIHYDRO-NICOTINAMIDE-ADENINE-DINUCLEOTIDE PHOSPHATE'
6 non-polymer 5-FLUOROURACIL
7 water water
#
_entity_poly.entity_id   1
_entity_poly.type   'polypeptide(L)'
_entity_poly.pdbx_seq_one_letter_code
;MAPVLSKDVADIESILALNPRTQSHAALHSTLAKKLDKKHWKRNPDKNCFHCEKLENNFDDIKHTTLGERGALREAMRCL
KCADAPCQKSCPTHLDIKSFITSISNKNYYGAAKMIFSDNPLGLTCGMVCPTSDLCVGGCNLYATEEGSINIGGLQQFAS
EVFKAMNIPQIRNPCLPSQEKMPEAYSAKIALLGAGPASISCASFLARLGYSDITIFEKQEYVGGLSTSEIPQFRLPYDV
VNFEIELMKDLGVKIICGKSLSENEITLNTLKEEGYKAAFIGIGLPEPKTDDIFQGLTQDQGFYTSKDFLPLVAKSSKAG
MCACHSPLPSIRGAVIVLGAGDTAFDCATSALRCGARRVFLVFRKGFVNIRAVPEEVELAKEEKCEFLPFLSPRKVIVKG
GRIVAVQFVRTEQDETGKWNEDEDQIVHLKADVVISAFGSVLRDPKVKEALSPIKFNRWDLPEVDPETMQTSEPWVFAGG
DIVGMANTTVESVNDGKQASWYIHKYIQAQYGASVSAKPELPLFYTPVDLVDISVEMAGLKFINPFGLASAAPTTSSSMI
RRAFEAGWGFALTKTFSLDKDIVTNVSPRIVRGTTSGPMYGPGQSSFLNIELISEKTAAYWCQSVTELKADFPDNIVIAS
IMCSYNKNDWMELSRKAEASGADALELNLSAPHGMGERGMGLACGQDPELVRNICRWVRQAVQIPFFAKLTPNVTDIVSI
ARAAKEGGADGVTATNTVSGLMGLKADGTPWPAVGAGKRTTYGGVSGTAIRPIALRAVTTIARALPGFPILATGGIDSAE
SGLQFLHSGASVLQVCSAVQNQDFTVIQDYCTGLKALLYLKSIEELQGWDGQSPGTESHQKGKPVPRIAELMGKKLPNFG
PYLEQRKKIIAEEKMRLKEQNAAFPPLERKPFIPKKPIPAIKDVIGKALQYLGTFGELSNIEQVVAVIDEEMCINCGKCY
MTCNDSGYQAIQFDPETHLPTVTDTCTGCTLCLSVCPIIDCIRMVSRTTPYEPKRGLPLAVNPVC
;
_entity_poly.pdbx_strand_id   A,B,C,D
#
loop_
_chem_comp.id
_chem_comp.type
_chem_comp.name
_chem_comp.formula
FAD non-polymer 'FLAVIN-ADENINE DINUCLEOTIDE' 'C27 H33 N9 O15 P2'
FMN non-polymer 'FLAVIN MONONUCLEOTIDE' 'C17 H21 N4 O9 P'
NDP non-polymer 'NADPH DIHYDRO-NICOTINAMIDE-ADENINE-DINUCLEOTIDE PHOSPHATE' 'C21 H30 N7 O17 P3'
SF4 non-polymer 'IRON/SULFUR CLUSTER' 'Fe4 S4'
URF non-polymer 5-FLUOROURACIL 'C4 H3 F N2 O2'
#
# COMPACT_ATOMS: atom_id res chain seq x y z
N ALA A 2 -1.40 -56.38 6.37
CA ALA A 2 -0.42 -55.57 7.15
C ALA A 2 -0.77 -55.64 8.64
N PRO A 3 0.17 -55.22 9.52
CA PRO A 3 -0.06 -55.24 10.97
C PRO A 3 -1.38 -54.57 11.34
N VAL A 4 -1.70 -54.56 12.64
CA VAL A 4 -2.92 -53.92 13.09
C VAL A 4 -2.67 -52.42 13.07
N LEU A 5 -3.19 -51.76 12.04
CA LEU A 5 -3.00 -50.32 11.87
C LEU A 5 -3.52 -49.43 12.99
N SER A 6 -4.65 -49.80 13.57
CA SER A 6 -5.27 -49.01 14.63
C SER A 6 -4.73 -49.29 16.03
N LYS A 7 -3.53 -49.87 16.11
CA LYS A 7 -2.90 -50.18 17.39
C LYS A 7 -1.53 -49.53 17.48
N ASP A 8 -1.17 -49.07 18.68
CA ASP A 8 0.13 -48.46 18.89
C ASP A 8 1.19 -49.55 19.02
N VAL A 9 2.31 -49.38 18.32
CA VAL A 9 3.38 -50.36 18.42
C VAL A 9 4.04 -50.15 19.80
N ALA A 10 4.88 -51.11 20.19
CA ALA A 10 5.56 -51.04 21.48
C ALA A 10 6.18 -49.67 21.81
N ASP A 11 6.95 -49.12 20.88
CA ASP A 11 7.61 -47.83 21.08
C ASP A 11 6.65 -46.70 21.45
N ILE A 12 5.50 -46.66 20.78
CA ILE A 12 4.51 -45.62 21.05
C ILE A 12 3.78 -45.89 22.35
N GLU A 13 3.50 -47.17 22.60
CA GLU A 13 2.82 -47.56 23.82
C GLU A 13 3.70 -47.09 24.98
N SER A 14 5.01 -47.20 24.80
CA SER A 14 5.97 -46.79 25.81
C SER A 14 5.98 -45.26 25.98
N ILE A 15 5.97 -44.54 24.87
CA ILE A 15 5.98 -43.08 24.94
C ILE A 15 4.70 -42.57 25.61
N LEU A 16 3.62 -43.34 25.48
CA LEU A 16 2.32 -42.97 26.06
C LEU A 16 2.15 -43.39 27.52
N ALA A 17 3.20 -43.97 28.10
CA ALA A 17 3.17 -44.46 29.48
C ALA A 17 2.51 -43.54 30.52
N LEU A 18 2.87 -42.26 30.50
CA LEU A 18 2.31 -41.31 31.46
C LEU A 18 1.08 -40.54 30.97
N ASN A 19 0.56 -40.94 29.82
CA ASN A 19 -0.62 -40.26 29.26
C ASN A 19 -1.83 -40.56 30.15
N PRO A 20 -2.65 -39.53 30.44
CA PRO A 20 -3.84 -39.67 31.28
C PRO A 20 -4.80 -40.76 30.81
N ARG A 21 -5.22 -41.60 31.74
CA ARG A 21 -6.16 -42.67 31.47
C ARG A 21 -7.06 -42.78 32.69
N THR A 22 -8.35 -42.93 32.44
CA THR A 22 -9.31 -43.04 33.53
C THR A 22 -9.18 -44.38 34.26
N GLN A 23 -9.10 -44.33 35.59
CA GLN A 23 -8.97 -45.55 36.38
C GLN A 23 -10.34 -46.13 36.70
N SER A 24 -10.43 -47.46 36.69
CA SER A 24 -11.68 -48.14 36.96
C SER A 24 -11.80 -48.59 38.42
N HIS A 25 -10.75 -48.37 39.19
CA HIS A 25 -10.73 -48.75 40.60
C HIS A 25 -10.02 -47.69 41.42
N ALA A 26 -10.19 -47.74 42.74
CA ALA A 26 -9.52 -46.81 43.62
C ALA A 26 -8.06 -47.26 43.66
N ALA A 27 -7.14 -46.32 43.89
CA ALA A 27 -5.72 -46.66 43.92
C ALA A 27 -5.28 -47.18 45.28
N LEU A 28 -4.23 -47.98 45.29
CA LEU A 28 -3.70 -48.52 46.55
C LEU A 28 -2.24 -48.12 46.67
N HIS A 29 -1.94 -47.33 47.69
CA HIS A 29 -0.58 -46.86 47.95
C HIS A 29 -0.50 -46.68 49.45
N SER A 30 0.40 -47.40 50.11
CA SER A 30 0.54 -47.31 51.56
C SER A 30 0.99 -45.93 52.01
N THR A 31 0.64 -45.60 53.25
CA THR A 31 1.01 -44.33 53.84
C THR A 31 2.53 -44.15 53.85
N LEU A 32 3.25 -45.25 54.09
CA LEU A 32 4.71 -45.21 54.12
C LEU A 32 5.25 -44.88 52.73
N ALA A 33 4.73 -45.57 51.72
CA ALA A 33 5.15 -45.37 50.33
C ALA A 33 4.92 -43.90 49.97
N LYS A 34 3.77 -43.37 50.39
CA LYS A 34 3.43 -41.98 50.11
C LYS A 34 4.41 -41.00 50.76
N LYS A 35 4.77 -41.26 52.02
CA LYS A 35 5.72 -40.40 52.71
C LYS A 35 7.06 -40.37 51.99
N LEU A 36 7.48 -41.53 51.51
CA LEU A 36 8.77 -41.66 50.79
C LEU A 36 8.77 -41.03 49.40
N ASP A 37 7.59 -40.93 48.79
CA ASP A 37 7.48 -40.38 47.43
C ASP A 37 7.27 -38.87 47.39
N LYS A 38 6.67 -38.34 48.46
CA LYS A 38 6.36 -36.92 48.55
C LYS A 38 7.54 -35.97 48.32
N LYS A 39 8.70 -36.29 48.88
CA LYS A 39 9.87 -35.42 48.75
C LYS A 39 10.38 -35.24 47.33
N HIS A 40 10.12 -36.21 46.46
CA HIS A 40 10.58 -36.13 45.08
C HIS A 40 9.94 -34.99 44.30
N TRP A 41 8.69 -34.65 44.63
CA TRP A 41 7.95 -33.63 43.89
C TRP A 41 7.82 -32.27 44.59
N LYS A 42 8.34 -32.17 45.80
CA LYS A 42 8.27 -30.95 46.61
C LYS A 42 8.71 -29.66 45.90
N ARG A 43 7.79 -28.71 45.82
CA ARG A 43 8.03 -27.41 45.17
C ARG A 43 8.30 -26.27 46.15
N ASN A 44 7.45 -26.20 47.17
CA ASN A 44 7.53 -25.14 48.18
C ASN A 44 8.43 -25.47 49.35
N PRO A 45 8.63 -24.52 50.27
CA PRO A 45 9.50 -24.76 51.43
C PRO A 45 9.01 -25.95 52.25
N ASP A 46 9.95 -26.70 52.83
CA ASP A 46 9.64 -27.86 53.65
C ASP A 46 9.55 -27.38 55.10
N LYS A 47 8.37 -27.51 55.70
CA LYS A 47 8.15 -27.09 57.08
C LYS A 47 9.08 -27.78 58.07
N ASN A 48 9.54 -28.98 57.71
CA ASN A 48 10.42 -29.74 58.59
C ASN A 48 11.91 -29.47 58.35
N CYS A 49 12.20 -28.58 57.41
CA CYS A 49 13.56 -28.21 57.09
C CYS A 49 13.89 -26.91 57.83
N PHE A 50 14.95 -26.91 58.63
CA PHE A 50 15.31 -25.72 59.40
C PHE A 50 16.54 -24.94 58.95
N HIS A 51 17.12 -25.29 57.81
CA HIS A 51 18.31 -24.57 57.36
C HIS A 51 18.04 -23.71 56.13
N CYS A 52 18.75 -22.60 56.04
CA CYS A 52 18.58 -21.70 54.92
C CYS A 52 19.63 -21.93 53.84
N GLU A 53 19.16 -22.12 52.62
CA GLU A 53 20.02 -22.32 51.47
C GLU A 53 21.15 -21.30 51.58
N LYS A 54 22.37 -21.73 51.27
CA LYS A 54 23.52 -20.83 51.36
C LYS A 54 23.25 -19.56 50.56
N LEU A 55 23.40 -18.40 51.19
CA LEU A 55 23.17 -17.13 50.53
C LEU A 55 24.36 -16.19 50.54
N GLU A 56 25.54 -16.72 50.86
CA GLU A 56 26.74 -15.88 50.90
C GLU A 56 27.01 -15.29 49.52
N ASN A 57 27.15 -13.98 49.48
CA ASN A 57 27.41 -13.24 48.24
C ASN A 57 26.33 -13.42 47.18
N ASN A 58 25.13 -13.81 47.61
CA ASN A 58 24.03 -14.00 46.66
C ASN A 58 23.09 -12.81 46.73
N PHE A 59 23.17 -11.93 45.73
CA PHE A 59 22.31 -10.76 45.72
C PHE A 59 21.20 -10.83 44.67
N ASP A 60 20.83 -12.05 44.28
CA ASP A 60 19.75 -12.21 43.30
C ASP A 60 18.44 -11.70 43.91
N ASP A 61 17.54 -11.22 43.06
CA ASP A 61 16.24 -10.70 43.46
C ASP A 61 15.43 -11.71 44.29
N ILE A 62 14.98 -11.31 45.47
CA ILE A 62 14.20 -12.21 46.32
C ILE A 62 12.75 -11.76 46.52
N LYS A 63 12.36 -10.67 45.85
CA LYS A 63 10.99 -10.17 45.98
C LYS A 63 9.97 -11.18 45.47
N HIS A 64 8.90 -11.36 46.24
CA HIS A 64 7.85 -12.28 45.85
C HIS A 64 6.91 -11.62 44.84
N THR A 65 6.97 -10.29 44.75
CA THR A 65 6.08 -9.56 43.85
C THR A 65 6.56 -9.35 42.42
N THR A 66 7.81 -9.69 42.14
CA THR A 66 8.36 -9.51 40.79
C THR A 66 7.55 -10.30 39.78
N LEU A 67 7.25 -9.68 38.65
CA LEU A 67 6.47 -10.32 37.60
C LEU A 67 7.16 -10.30 36.24
N GLY A 68 6.92 -11.34 35.46
CA GLY A 68 7.44 -11.42 34.09
C GLY A 68 6.24 -11.02 33.24
N GLU A 69 6.40 -10.93 31.92
CA GLU A 69 5.26 -10.53 31.09
C GLU A 69 4.04 -11.46 31.18
N ARG A 70 4.26 -12.76 31.12
CA ARG A 70 3.18 -13.73 31.23
C ARG A 70 2.38 -13.48 32.50
N GLY A 71 3.08 -13.38 33.62
CA GLY A 71 2.41 -13.16 34.90
C GLY A 71 1.76 -11.80 35.04
N ALA A 72 2.40 -10.77 34.48
CA ALA A 72 1.86 -9.43 34.54
C ALA A 72 0.56 -9.32 33.74
N LEU A 73 0.54 -9.92 32.56
CA LEU A 73 -0.68 -9.86 31.74
C LEU A 73 -1.85 -10.54 32.46
N ARG A 74 -1.60 -11.69 33.08
CA ARG A 74 -2.66 -12.39 33.81
C ARG A 74 -3.18 -11.54 34.96
N GLU A 75 -2.27 -10.96 35.74
CA GLU A 75 -2.69 -10.17 36.90
C GLU A 75 -3.39 -8.89 36.47
N ALA A 76 -2.91 -8.25 35.41
CA ALA A 76 -3.51 -7.02 34.92
C ALA A 76 -4.92 -7.26 34.40
N MET A 77 -5.14 -8.42 33.78
CA MET A 77 -6.47 -8.76 33.26
C MET A 77 -7.44 -9.04 34.41
N ARG A 78 -6.91 -9.54 35.52
CA ARG A 78 -7.73 -9.86 36.69
C ARG A 78 -8.26 -8.61 37.39
N CYS A 79 -7.46 -7.55 37.38
CA CYS A 79 -7.83 -6.28 38.00
C CYS A 79 -9.21 -5.81 37.51
N LEU A 80 -10.06 -5.38 38.43
CA LEU A 80 -11.40 -4.91 38.07
C LEU A 80 -11.39 -3.52 37.44
N LYS A 81 -10.26 -2.81 37.56
CA LYS A 81 -10.13 -1.46 36.99
C LYS A 81 -11.32 -0.63 37.48
N CYS A 82 -11.43 -0.54 38.80
CA CYS A 82 -12.50 0.14 39.52
C CYS A 82 -12.64 1.65 39.38
N ALA A 83 -13.87 2.12 39.57
CA ALA A 83 -14.15 3.54 39.51
C ALA A 83 -13.78 4.12 40.87
N ASP A 84 -13.29 5.36 40.88
CA ASP A 84 -12.92 6.03 42.12
C ASP A 84 -12.15 5.04 42.99
N ALA A 85 -11.28 4.27 42.34
CA ALA A 85 -10.49 3.22 42.96
C ALA A 85 -9.89 3.48 44.34
N PRO A 86 -10.18 2.60 45.30
CA PRO A 86 -9.69 2.72 46.68
C PRO A 86 -8.17 2.53 46.75
N CYS A 87 -7.61 1.77 45.82
CA CYS A 87 -6.17 1.53 45.78
C CYS A 87 -5.46 2.87 45.54
N GLN A 88 -5.98 3.64 44.58
CA GLN A 88 -5.40 4.95 44.27
C GLN A 88 -5.52 5.89 45.46
N LYS A 89 -6.67 5.85 46.13
CA LYS A 89 -6.87 6.70 47.29
C LYS A 89 -5.88 6.32 48.38
N SER A 90 -5.46 5.06 48.38
CA SER A 90 -4.53 4.56 49.38
C SER A 90 -3.06 4.68 48.98
N CYS A 91 -2.80 5.26 47.80
CA CYS A 91 -1.43 5.46 47.32
C CYS A 91 -1.01 6.89 47.64
N PRO A 92 0.08 7.07 48.41
CA PRO A 92 0.55 8.41 48.76
C PRO A 92 0.78 9.37 47.58
N THR A 93 1.12 8.84 46.40
CA THR A 93 1.32 9.72 45.24
C THR A 93 0.10 9.76 44.33
N HIS A 94 -0.99 9.15 44.78
CA HIS A 94 -2.24 9.15 44.04
C HIS A 94 -2.14 8.60 42.60
N LEU A 95 -1.35 7.56 42.40
CA LEU A 95 -1.20 6.98 41.07
C LEU A 95 -2.54 6.49 40.53
N ASP A 96 -2.78 6.73 39.24
CA ASP A 96 -4.02 6.26 38.62
C ASP A 96 -3.79 4.79 38.28
N ILE A 97 -3.91 3.96 39.30
CA ILE A 97 -3.71 2.51 39.20
C ILE A 97 -4.65 1.87 38.17
N LYS A 98 -5.92 2.28 38.18
CA LYS A 98 -6.89 1.75 37.24
C LYS A 98 -6.39 1.91 35.81
N SER A 99 -5.93 3.11 35.47
CA SER A 99 -5.45 3.36 34.12
C SER A 99 -4.14 2.67 33.77
N PHE A 100 -3.15 2.67 34.65
CA PHE A 100 -1.91 2.02 34.27
C PHE A 100 -2.06 0.50 34.17
N ILE A 101 -2.88 -0.09 35.02
CA ILE A 101 -3.10 -1.53 34.96
C ILE A 101 -3.90 -1.87 33.70
N THR A 102 -4.83 -0.99 33.32
CA THR A 102 -5.62 -1.22 32.11
C THR A 102 -4.65 -1.25 30.92
N SER A 103 -3.69 -0.32 30.91
CA SER A 103 -2.70 -0.24 29.85
C SER A 103 -1.88 -1.53 29.77
N ILE A 104 -1.47 -2.05 30.92
CA ILE A 104 -0.70 -3.28 30.93
C ILE A 104 -1.54 -4.42 30.36
N SER A 105 -2.82 -4.49 30.73
CA SER A 105 -3.68 -5.54 30.23
C SER A 105 -3.81 -5.47 28.71
N ASN A 106 -3.67 -4.27 28.15
CA ASN A 106 -3.76 -4.07 26.70
C ASN A 106 -2.38 -4.10 26.02
N LYS A 107 -1.37 -4.54 26.77
CA LYS A 107 0.01 -4.64 26.27
C LYS A 107 0.67 -3.29 25.95
N ASN A 108 0.11 -2.22 26.51
CA ASN A 108 0.65 -0.88 26.30
C ASN A 108 1.49 -0.52 27.52
N TYR A 109 2.69 -1.09 27.58
CA TYR A 109 3.59 -0.86 28.70
C TYR A 109 4.08 0.59 28.75
N TYR A 110 4.25 1.22 27.58
CA TYR A 110 4.66 2.62 27.54
C TYR A 110 3.62 3.49 28.23
N GLY A 111 2.36 3.32 27.85
CA GLY A 111 1.28 4.11 28.44
C GLY A 111 1.20 3.90 29.94
N ALA A 112 1.39 2.67 30.39
CA ALA A 112 1.34 2.37 31.81
C ALA A 112 2.47 3.10 32.54
N ALA A 113 3.69 3.00 32.00
CA ALA A 113 4.84 3.66 32.60
C ALA A 113 4.67 5.17 32.63
N LYS A 114 4.15 5.74 31.54
CA LYS A 114 3.93 7.18 31.46
C LYS A 114 2.97 7.64 32.56
N MET A 115 1.93 6.86 32.79
CA MET A 115 0.93 7.16 33.83
C MET A 115 1.60 7.07 35.20
N ILE A 116 2.38 6.02 35.40
CA ILE A 116 3.09 5.81 36.66
C ILE A 116 4.04 6.97 36.96
N PHE A 117 4.95 7.26 36.02
CA PHE A 117 5.90 8.35 36.25
C PHE A 117 5.30 9.75 36.29
N SER A 118 4.13 9.94 35.70
CA SER A 118 3.49 11.25 35.74
C SER A 118 3.26 11.65 37.19
N ASP A 119 2.85 10.69 38.02
CA ASP A 119 2.58 10.99 39.42
C ASP A 119 3.68 10.55 40.39
N ASN A 120 4.64 9.76 39.91
CA ASN A 120 5.73 9.28 40.77
C ASN A 120 7.02 9.13 39.97
N PRO A 121 7.93 10.12 40.07
CA PRO A 121 9.22 10.14 39.36
C PRO A 121 10.12 8.96 39.71
N LEU A 122 9.81 8.26 40.81
CA LEU A 122 10.58 7.09 41.21
C LEU A 122 9.67 5.88 41.12
N GLY A 123 8.88 5.84 40.05
CA GLY A 123 7.94 4.75 39.83
C GLY A 123 8.49 3.34 39.89
N LEU A 124 9.67 3.12 39.33
CA LEU A 124 10.25 1.77 39.35
C LEU A 124 10.71 1.40 40.76
N THR A 125 11.40 2.32 41.44
CA THR A 125 11.86 2.06 42.80
C THR A 125 10.67 1.71 43.71
N CYS A 126 9.62 2.52 43.64
CA CYS A 126 8.46 2.29 44.48
C CYS A 126 7.75 0.98 44.14
N GLY A 127 7.66 0.65 42.86
CA GLY A 127 7.02 -0.60 42.49
C GLY A 127 7.72 -1.74 43.20
N MET A 128 9.04 -1.63 43.32
CA MET A 128 9.83 -2.67 43.99
C MET A 128 9.85 -2.64 45.51
N VAL A 129 9.81 -1.45 46.11
CA VAL A 129 9.89 -1.38 47.57
C VAL A 129 8.69 -0.93 48.38
N CYS A 130 7.64 -0.41 47.74
CA CYS A 130 6.48 0.04 48.50
C CYS A 130 5.87 -1.06 49.36
N PRO A 131 5.56 -0.75 50.62
CA PRO A 131 4.95 -1.73 51.52
C PRO A 131 3.46 -1.72 51.18
N THR A 132 3.14 -2.19 49.99
CA THR A 132 1.76 -2.17 49.48
C THR A 132 0.65 -2.65 50.41
N SER A 133 0.92 -3.67 51.22
CA SER A 133 -0.14 -4.18 52.11
C SER A 133 -0.60 -3.10 53.07
N ASP A 134 0.25 -2.10 53.31
CA ASP A 134 -0.11 -1.01 54.20
C ASP A 134 -0.46 0.24 53.41
N LEU A 135 -0.48 0.11 52.09
CA LEU A 135 -0.79 1.23 51.21
C LEU A 135 -1.87 0.87 50.17
N CYS A 136 -1.56 1.05 48.89
CA CYS A 136 -2.50 0.77 47.80
C CYS A 136 -3.21 -0.58 47.86
N VAL A 137 -2.44 -1.66 47.98
CA VAL A 137 -3.01 -3.00 48.04
C VAL A 137 -3.92 -3.20 49.26
N GLY A 138 -3.63 -2.49 50.35
CA GLY A 138 -4.44 -2.61 51.54
C GLY A 138 -5.89 -2.17 51.33
N GLY A 139 -6.14 -1.41 50.27
CA GLY A 139 -7.49 -0.94 50.01
C GLY A 139 -8.12 -1.55 48.76
N CYS A 140 -7.45 -2.52 48.16
CA CYS A 140 -7.94 -3.16 46.94
C CYS A 140 -9.27 -3.90 47.13
N ASN A 141 -10.24 -3.60 46.27
CA ASN A 141 -11.55 -4.25 46.34
C ASN A 141 -11.50 -5.77 46.16
N LEU A 142 -10.54 -6.26 45.39
CA LEU A 142 -10.44 -7.70 45.19
C LEU A 142 -10.02 -8.46 46.45
N TYR A 143 -9.73 -7.74 47.52
CA TYR A 143 -9.40 -8.40 48.77
C TYR A 143 -10.67 -9.13 49.20
N ALA A 144 -11.80 -8.68 48.67
CA ALA A 144 -13.10 -9.27 48.98
C ALA A 144 -13.39 -10.55 48.19
N THR A 145 -12.38 -11.08 47.50
CA THR A 145 -12.54 -12.32 46.75
C THR A 145 -11.54 -13.33 47.29
N GLU A 146 -11.85 -14.61 47.12
CA GLU A 146 -10.96 -15.67 47.60
C GLU A 146 -9.56 -15.55 47.00
N GLU A 147 -9.50 -15.21 45.71
CA GLU A 147 -8.21 -15.09 45.03
C GLU A 147 -7.37 -13.92 45.57
N GLY A 148 -8.03 -12.96 46.22
CA GLY A 148 -7.29 -11.85 46.81
C GLY A 148 -6.96 -10.61 45.99
N SER A 149 -6.34 -9.65 46.68
CA SER A 149 -5.95 -8.37 46.10
C SER A 149 -4.94 -8.47 44.96
N ILE A 150 -4.90 -7.42 44.15
CA ILE A 150 -4.00 -7.33 43.01
C ILE A 150 -2.57 -7.01 43.44
N ASN A 151 -1.60 -7.58 42.73
CA ASN A 151 -0.18 -7.33 43.00
C ASN A 151 0.15 -6.03 42.26
N ILE A 152 -0.29 -4.92 42.84
CA ILE A 152 -0.09 -3.61 42.23
C ILE A 152 1.37 -3.24 42.08
N GLY A 153 2.17 -3.52 43.12
CA GLY A 153 3.59 -3.20 43.07
C GLY A 153 4.32 -3.92 41.96
N GLY A 154 4.05 -5.22 41.82
CA GLY A 154 4.70 -6.01 40.77
C GLY A 154 4.31 -5.54 39.38
N LEU A 155 3.07 -5.11 39.22
CA LEU A 155 2.61 -4.63 37.93
C LEU A 155 3.30 -3.31 37.60
N GLN A 156 3.43 -2.44 38.59
CA GLN A 156 4.09 -1.15 38.40
C GLN A 156 5.54 -1.39 38.03
N GLN A 157 6.17 -2.34 38.73
CA GLN A 157 7.56 -2.69 38.48
C GLN A 157 7.74 -3.21 37.04
N PHE A 158 6.84 -4.07 36.60
CA PHE A 158 6.95 -4.63 35.24
C PHE A 158 6.85 -3.58 34.13
N ALA A 159 5.84 -2.73 34.18
CA ALA A 159 5.68 -1.70 33.15
C ALA A 159 6.89 -0.76 33.13
N SER A 160 7.34 -0.36 34.33
CA SER A 160 8.48 0.52 34.46
C SER A 160 9.76 -0.12 33.95
N GLU A 161 9.92 -1.42 34.18
CA GLU A 161 11.09 -2.16 33.73
C GLU A 161 11.13 -2.21 32.21
N VAL A 162 9.97 -2.42 31.59
CA VAL A 162 9.90 -2.47 30.13
C VAL A 162 10.25 -1.09 29.57
N PHE A 163 9.73 -0.04 30.20
CA PHE A 163 10.01 1.32 29.74
C PHE A 163 11.51 1.59 29.85
N LYS A 164 12.10 1.16 30.97
CA LYS A 164 13.53 1.34 31.19
C LYS A 164 14.31 0.68 30.04
N ALA A 165 13.87 -0.52 29.65
CA ALA A 165 14.51 -1.27 28.58
C ALA A 165 14.41 -0.56 27.22
N MET A 166 13.34 0.22 27.04
CA MET A 166 13.15 0.95 25.79
C MET A 166 14.21 2.04 25.59
N ASN A 167 14.84 2.46 26.69
CA ASN A 167 15.86 3.50 26.64
C ASN A 167 15.35 4.75 25.95
N ILE A 168 14.23 5.26 26.44
CA ILE A 168 13.61 6.46 25.92
C ILE A 168 13.82 7.54 26.97
N PRO A 169 14.25 8.75 26.55
CA PRO A 169 14.46 9.82 27.52
C PRO A 169 13.21 10.62 27.85
N GLN A 170 13.27 11.36 28.95
CA GLN A 170 12.16 12.21 29.34
C GLN A 170 12.44 13.52 28.62
N ILE A 171 11.38 14.23 28.23
CA ILE A 171 11.57 15.51 27.56
C ILE A 171 10.80 16.61 28.28
N ARG A 172 11.15 17.84 27.97
CA ARG A 172 10.51 19.01 28.53
C ARG A 172 9.06 19.02 28.05
N ASN A 173 8.18 19.65 28.82
CA ASN A 173 6.76 19.75 28.48
C ASN A 173 6.57 20.42 27.11
N PRO A 174 5.90 19.74 26.16
CA PRO A 174 5.68 20.33 24.84
C PRO A 174 4.77 21.56 24.89
N CYS A 175 3.86 21.56 25.85
CA CYS A 175 2.90 22.66 26.03
C CYS A 175 3.58 23.90 26.62
N LEU A 176 4.87 23.81 26.89
CA LEU A 176 5.62 24.91 27.46
C LEU A 176 6.27 25.80 26.41
N PRO A 177 6.36 27.12 26.69
CA PRO A 177 6.98 28.04 25.75
C PRO A 177 8.44 27.60 25.58
N SER A 178 9.09 28.04 24.51
CA SER A 178 10.48 27.68 24.29
C SER A 178 11.29 28.23 25.46
N GLN A 179 12.43 27.60 25.74
CA GLN A 179 13.28 28.02 26.83
C GLN A 179 13.54 29.52 26.86
N GLU A 180 13.81 30.10 25.69
CA GLU A 180 14.10 31.53 25.63
C GLU A 180 12.89 32.43 25.84
N LYS A 181 11.69 31.89 25.65
CA LYS A 181 10.49 32.70 25.83
C LYS A 181 9.91 32.57 27.24
N MET A 182 10.60 31.80 28.09
CA MET A 182 10.13 31.63 29.46
C MET A 182 10.34 32.89 30.30
N PRO A 183 9.36 33.22 31.15
CA PRO A 183 9.48 34.40 32.01
C PRO A 183 10.76 34.32 32.85
N GLU A 184 11.28 35.49 33.22
CA GLU A 184 12.48 35.59 34.02
C GLU A 184 12.45 34.74 35.30
N ALA A 185 11.30 34.68 35.92
CA ALA A 185 11.12 33.92 37.17
C ALA A 185 11.61 32.47 37.10
N TYR A 186 11.47 31.85 35.93
CA TYR A 186 11.88 30.46 35.79
C TYR A 186 13.38 30.22 35.79
N SER A 187 14.16 31.31 35.81
CA SER A 187 15.62 31.17 35.85
C SER A 187 16.10 31.35 37.29
N ALA A 188 15.17 31.49 38.22
CA ALA A 188 15.53 31.66 39.63
C ALA A 188 16.38 30.49 40.10
N LYS A 189 17.49 30.79 40.76
CA LYS A 189 18.40 29.74 41.26
C LYS A 189 17.72 28.98 42.39
N ILE A 190 17.57 27.67 42.20
CA ILE A 190 16.94 26.82 43.20
C ILE A 190 17.93 25.79 43.71
N ALA A 191 17.93 25.60 45.03
CA ALA A 191 18.83 24.65 45.66
C ALA A 191 18.07 23.61 46.45
N LEU A 192 18.57 22.37 46.39
CA LEU A 192 17.98 21.27 47.14
C LEU A 192 19.14 20.59 47.85
N LEU A 193 18.92 20.20 49.09
CA LEU A 193 19.96 19.54 49.87
C LEU A 193 19.64 18.07 50.05
N GLY A 194 20.56 17.21 49.61
CA GLY A 194 20.38 15.79 49.73
C GLY A 194 19.79 15.24 48.44
N ALA A 195 20.43 14.22 47.87
CA ALA A 195 19.96 13.63 46.63
C ALA A 195 19.19 12.32 46.85
N GLY A 196 18.17 12.37 47.71
CA GLY A 196 17.37 11.19 47.96
C GLY A 196 16.03 11.32 47.26
N PRO A 197 15.10 10.39 47.50
CA PRO A 197 13.76 10.39 46.88
C PRO A 197 13.03 11.74 46.96
N ALA A 198 13.06 12.36 48.14
CA ALA A 198 12.39 13.64 48.35
C ALA A 198 12.89 14.73 47.40
N SER A 199 14.20 14.97 47.38
CA SER A 199 14.77 16.00 46.52
C SER A 199 14.67 15.65 45.03
N ILE A 200 14.88 14.38 44.69
CA ILE A 200 14.80 13.95 43.30
C ILE A 200 13.40 14.26 42.78
N SER A 201 12.39 13.94 43.58
CA SER A 201 11.00 14.19 43.20
C SER A 201 10.74 15.69 43.09
N CYS A 202 11.12 16.44 44.11
CA CYS A 202 10.90 17.88 44.11
C CYS A 202 11.57 18.54 42.91
N ALA A 203 12.84 18.22 42.66
CA ALA A 203 13.57 18.79 41.55
C ALA A 203 12.92 18.41 40.21
N SER A 204 12.45 17.17 40.11
CA SER A 204 11.81 16.69 38.89
C SER A 204 10.58 17.52 38.54
N PHE A 205 9.68 17.69 39.51
CA PHE A 205 8.47 18.47 39.25
C PHE A 205 8.75 19.94 38.96
N LEU A 206 9.73 20.52 39.64
CA LEU A 206 10.07 21.92 39.40
C LEU A 206 10.59 22.04 37.97
N ALA A 207 11.38 21.05 37.55
CA ALA A 207 11.91 21.06 36.19
C ALA A 207 10.78 20.94 35.17
N ARG A 208 9.77 20.12 35.48
CA ARG A 208 8.63 19.97 34.57
C ARG A 208 7.92 21.30 34.40
N LEU A 209 7.85 22.07 35.48
CA LEU A 209 7.20 23.37 35.47
C LEU A 209 7.97 24.39 34.63
N GLY A 210 9.20 24.06 34.26
CA GLY A 210 9.98 24.98 33.45
C GLY A 210 11.17 25.66 34.10
N TYR A 211 11.42 25.40 35.38
CA TYR A 211 12.57 26.02 36.04
C TYR A 211 13.86 25.47 35.43
N SER A 212 14.75 26.37 35.04
CA SER A 212 16.00 25.99 34.37
C SER A 212 17.30 26.02 35.16
N ASP A 213 17.26 26.40 36.44
CA ASP A 213 18.49 26.45 37.24
C ASP A 213 18.24 25.75 38.56
N ILE A 214 18.27 24.42 38.53
CA ILE A 214 18.02 23.61 39.71
C ILE A 214 19.26 22.79 40.05
N THR A 215 19.73 22.92 41.29
CA THR A 215 20.90 22.18 41.73
C THR A 215 20.66 21.41 43.02
N ILE A 216 21.03 20.14 43.02
CA ILE A 216 20.91 19.32 44.21
C ILE A 216 22.32 19.16 44.75
N PHE A 217 22.52 19.54 46.01
CA PHE A 217 23.83 19.41 46.64
C PHE A 217 23.78 18.17 47.52
N GLU A 218 24.61 17.19 47.19
CA GLU A 218 24.67 15.93 47.92
C GLU A 218 25.97 15.78 48.71
N LYS A 219 25.85 15.40 49.97
CA LYS A 219 27.02 15.23 50.83
C LYS A 219 27.96 14.09 50.39
N GLN A 220 27.40 12.94 50.06
CA GLN A 220 28.20 11.78 49.65
C GLN A 220 28.65 11.86 48.19
N GLU A 221 29.42 10.86 47.77
CA GLU A 221 29.91 10.83 46.39
C GLU A 221 28.95 10.04 45.50
N TYR A 222 27.94 9.44 46.12
CA TYR A 222 26.93 8.66 45.39
C TYR A 222 25.57 9.35 45.55
N VAL A 223 24.64 9.04 44.66
CA VAL A 223 23.32 9.64 44.69
C VAL A 223 22.22 8.59 44.91
N GLY A 224 21.02 9.04 45.26
CA GLY A 224 19.92 8.12 45.48
C GLY A 224 19.48 7.98 46.92
N GLY A 225 20.25 8.51 47.86
CA GLY A 225 19.89 8.41 49.27
C GLY A 225 19.88 6.97 49.77
N LEU A 226 18.93 6.67 50.64
CA LEU A 226 18.80 5.33 51.22
C LEU A 226 18.57 4.24 50.17
N SER A 227 17.91 4.61 49.08
CA SER A 227 17.63 3.66 47.99
C SER A 227 18.96 3.08 47.52
N THR A 228 20.01 3.89 47.61
CA THR A 228 21.35 3.50 47.19
C THR A 228 22.20 2.97 48.34
N SER A 229 22.30 3.74 49.42
CA SER A 229 23.16 3.37 50.55
C SER A 229 22.71 2.27 51.51
N GLU A 230 21.40 1.99 51.60
CA GLU A 230 20.98 0.97 52.55
C GLU A 230 20.04 -0.14 52.07
N ILE A 231 19.03 0.19 51.26
CA ILE A 231 18.13 -0.85 50.79
C ILE A 231 18.99 -1.85 50.00
N PRO A 232 18.92 -3.14 50.37
CA PRO A 232 19.69 -4.19 49.70
C PRO A 232 19.47 -4.36 48.20
N GLN A 233 20.56 -4.71 47.53
CA GLN A 233 20.55 -4.94 46.08
C GLN A 233 19.58 -6.05 45.72
N PHE A 234 19.37 -7.00 46.62
CA PHE A 234 18.45 -8.11 46.34
C PHE A 234 16.97 -7.74 46.44
N ARG A 235 16.71 -6.48 46.76
CA ARG A 235 15.34 -5.97 46.82
C ARG A 235 15.24 -4.81 45.81
N LEU A 236 16.27 -3.98 45.75
CA LEU A 236 16.29 -2.83 44.83
C LEU A 236 17.62 -2.70 44.10
N PRO A 237 17.69 -3.20 42.85
CA PRO A 237 18.92 -3.12 42.06
C PRO A 237 19.37 -1.66 41.88
N TYR A 238 20.66 -1.41 42.04
CA TYR A 238 21.16 -0.05 41.89
C TYR A 238 20.86 0.55 40.51
N ASP A 239 20.85 -0.29 39.47
CA ASP A 239 20.60 0.22 38.13
C ASP A 239 19.22 0.90 38.01
N VAL A 240 18.31 0.55 38.91
CA VAL A 240 16.98 1.16 38.93
C VAL A 240 17.13 2.61 39.36
N VAL A 241 17.88 2.83 40.44
CA VAL A 241 18.11 4.17 40.96
C VAL A 241 18.77 5.07 39.92
N ASN A 242 19.77 4.53 39.24
CA ASN A 242 20.49 5.27 38.20
C ASN A 242 19.53 5.67 37.08
N PHE A 243 18.65 4.76 36.71
CA PHE A 243 17.65 4.99 35.67
C PHE A 243 16.79 6.21 35.98
N GLU A 244 16.27 6.26 37.20
CA GLU A 244 15.39 7.36 37.61
C GLU A 244 16.15 8.68 37.74
N ILE A 245 17.41 8.60 38.14
CA ILE A 245 18.24 9.79 38.27
C ILE A 245 18.51 10.39 36.88
N GLU A 246 18.82 9.53 35.92
CA GLU A 246 19.10 10.00 34.57
C GLU A 246 17.87 10.61 33.92
N LEU A 247 16.69 10.07 34.23
CA LEU A 247 15.45 10.62 33.68
C LEU A 247 15.30 12.05 34.18
N MET A 248 15.64 12.26 35.45
CA MET A 248 15.55 13.59 36.04
C MET A 248 16.55 14.52 35.39
N LYS A 249 17.75 14.02 35.15
CA LYS A 249 18.78 14.82 34.53
C LYS A 249 18.43 15.22 33.10
N ASP A 250 17.53 14.46 32.47
CA ASP A 250 17.10 14.78 31.11
C ASP A 250 16.41 16.15 31.11
N LEU A 251 15.88 16.54 32.27
CA LEU A 251 15.20 17.82 32.40
C LEU A 251 16.13 18.96 32.78
N GLY A 252 17.43 18.67 32.86
CA GLY A 252 18.39 19.71 33.19
C GLY A 252 18.77 19.87 34.65
N VAL A 253 18.23 19.04 35.53
CA VAL A 253 18.58 19.15 36.94
C VAL A 253 20.05 18.80 37.13
N LYS A 254 20.75 19.62 37.90
CA LYS A 254 22.16 19.41 38.17
C LYS A 254 22.38 18.83 39.55
N ILE A 255 23.37 17.96 39.68
CA ILE A 255 23.68 17.35 40.98
C ILE A 255 25.16 17.55 41.26
N ILE A 256 25.46 18.09 42.44
CA ILE A 256 26.84 18.32 42.83
C ILE A 256 27.12 17.52 44.10
N CYS A 257 27.99 16.51 43.99
CA CYS A 257 28.33 15.67 45.12
C CYS A 257 29.49 16.25 45.91
N GLY A 258 29.64 15.77 47.15
CA GLY A 258 30.72 16.24 47.99
C GLY A 258 30.41 17.59 48.61
N LYS A 259 29.15 17.98 48.57
CA LYS A 259 28.72 19.27 49.12
C LYS A 259 27.73 19.03 50.26
N SER A 260 28.06 19.51 51.46
CA SER A 260 27.19 19.31 52.61
C SER A 260 26.54 20.54 53.20
N LEU A 261 25.32 20.35 53.69
CA LEU A 261 24.59 21.41 54.37
C LEU A 261 25.18 21.30 55.78
N SER A 262 26.03 22.26 56.15
CA SER A 262 26.66 22.23 57.46
C SER A 262 27.36 23.55 57.72
N GLU A 263 27.49 23.92 59.00
CA GLU A 263 28.15 25.15 59.39
C GLU A 263 29.55 25.11 58.76
N ASN A 264 29.99 26.21 58.19
CA ASN A 264 31.31 26.27 57.56
C ASN A 264 31.32 25.69 56.14
N GLU A 265 30.21 25.12 55.72
CA GLU A 265 30.09 24.60 54.36
C GLU A 265 28.86 25.30 53.78
N ILE A 266 27.86 24.55 53.33
CA ILE A 266 26.67 25.20 52.81
C ILE A 266 25.66 25.44 53.94
N THR A 267 25.16 26.66 54.03
CA THR A 267 24.15 26.98 55.04
C THR A 267 23.05 27.76 54.33
N LEU A 268 21.90 27.91 54.99
CA LEU A 268 20.81 28.67 54.38
C LEU A 268 21.29 30.10 54.14
N ASN A 269 22.14 30.60 55.03
CA ASN A 269 22.64 31.97 54.88
C ASN A 269 23.59 32.12 53.70
N THR A 270 24.47 31.14 53.47
CA THR A 270 25.38 31.23 52.33
C THR A 270 24.61 31.13 51.02
N LEU A 271 23.57 30.29 51.01
CA LEU A 271 22.76 30.11 49.80
C LEU A 271 22.03 31.41 49.48
N LYS A 272 21.41 32.01 50.49
CA LYS A 272 20.68 33.25 50.31
C LYS A 272 21.64 34.32 49.83
N GLU A 273 22.82 34.33 50.42
CA GLU A 273 23.84 35.29 50.09
C GLU A 273 24.34 35.10 48.65
N GLU A 274 24.31 33.86 48.17
CA GLU A 274 24.74 33.54 46.81
C GLU A 274 23.67 33.76 45.76
N GLY A 275 22.51 34.24 46.18
CA GLY A 275 21.44 34.52 45.23
C GLY A 275 20.39 33.44 45.00
N TYR A 276 20.45 32.34 45.75
CA TYR A 276 19.43 31.30 45.58
C TYR A 276 18.09 31.85 46.07
N LYS A 277 17.04 31.60 45.30
CA LYS A 277 15.70 32.11 45.62
C LYS A 277 14.82 31.18 46.44
N ALA A 278 15.16 29.89 46.43
CA ALA A 278 14.38 28.92 47.19
C ALA A 278 15.24 27.72 47.50
N ALA A 279 14.94 27.03 48.59
CA ALA A 279 15.70 25.86 48.99
C ALA A 279 14.81 24.77 49.55
N PHE A 280 15.10 23.53 49.19
CA PHE A 280 14.34 22.39 49.68
C PHE A 280 15.29 21.52 50.50
N ILE A 281 14.92 21.25 51.74
CA ILE A 281 15.75 20.42 52.61
C ILE A 281 15.29 18.96 52.55
N GLY A 282 16.12 18.11 51.95
CA GLY A 282 15.78 16.70 51.85
C GLY A 282 16.94 15.82 52.24
N ILE A 283 17.58 16.14 53.36
CA ILE A 283 18.74 15.38 53.83
C ILE A 283 18.42 14.15 54.68
N GLY A 284 17.14 13.86 54.87
CA GLY A 284 16.77 12.70 55.67
C GLY A 284 17.27 12.76 57.11
N LEU A 285 17.50 11.57 57.68
CA LEU A 285 18.00 11.42 59.06
C LEU A 285 19.36 10.73 58.91
N PRO A 286 20.43 11.53 58.77
CA PRO A 286 21.83 11.11 58.60
C PRO A 286 22.53 10.23 59.62
N GLU A 287 22.08 10.27 60.86
CA GLU A 287 22.74 9.51 61.90
C GLU A 287 21.94 8.38 62.55
N PRO A 288 22.65 7.38 63.10
CA PRO A 288 21.99 6.25 63.74
C PRO A 288 21.55 6.55 65.15
N LYS A 289 20.44 5.96 65.56
CA LYS A 289 19.96 6.15 66.92
C LYS A 289 20.91 5.28 67.74
N THR A 290 21.57 5.87 68.72
CA THR A 290 22.52 5.13 69.53
C THR A 290 21.98 4.69 70.88
N ASP A 291 22.75 3.86 71.58
CA ASP A 291 22.38 3.36 72.89
C ASP A 291 23.64 3.32 73.75
N ASP A 292 23.54 3.82 74.97
CA ASP A 292 24.65 3.85 75.91
C ASP A 292 25.41 2.54 76.08
N ILE A 293 24.69 1.42 76.08
CA ILE A 293 25.34 0.14 76.29
C ILE A 293 26.31 -0.25 75.18
N PHE A 294 26.26 0.45 74.04
CA PHE A 294 27.16 0.15 72.93
C PHE A 294 28.34 1.10 72.82
N GLN A 295 28.45 2.02 73.77
CA GLN A 295 29.53 3.01 73.76
C GLN A 295 30.92 2.38 73.68
N GLY A 296 31.74 2.90 72.78
CA GLY A 296 33.10 2.41 72.63
C GLY A 296 33.29 1.15 71.82
N LEU A 297 32.23 0.40 71.53
CA LEU A 297 32.36 -0.82 70.75
C LEU A 297 32.73 -0.50 69.32
N THR A 298 33.64 -1.29 68.75
CA THR A 298 34.10 -1.06 67.37
C THR A 298 33.70 -2.17 66.43
N GLN A 299 33.86 -1.91 65.14
CA GLN A 299 33.54 -2.90 64.12
C GLN A 299 34.45 -4.10 64.24
N ASP A 300 35.71 -3.86 64.63
CA ASP A 300 36.66 -4.97 64.79
C ASP A 300 36.21 -5.91 65.90
N GLN A 301 35.54 -5.39 66.91
CA GLN A 301 35.05 -6.22 67.99
C GLN A 301 33.78 -6.93 67.54
N GLY A 302 33.16 -6.42 66.48
CA GLY A 302 31.94 -7.03 65.97
C GLY A 302 30.67 -6.22 66.08
N PHE A 303 30.77 -4.95 66.44
CA PHE A 303 29.58 -4.10 66.57
C PHE A 303 29.38 -3.13 65.42
N TYR A 304 28.14 -3.00 64.98
CA TYR A 304 27.75 -2.09 63.90
C TYR A 304 26.38 -1.49 64.19
N THR A 305 26.14 -0.29 63.69
CA THR A 305 24.81 0.31 63.80
C THR A 305 24.35 0.06 62.37
N SER A 306 23.06 0.10 62.10
CA SER A 306 22.62 -0.14 60.73
C SER A 306 23.28 0.84 59.77
N LYS A 307 23.57 2.04 60.26
CA LYS A 307 24.19 3.08 59.44
C LYS A 307 25.63 2.76 59.06
N ASP A 308 26.26 1.84 59.78
CA ASP A 308 27.63 1.42 59.50
C ASP A 308 27.61 0.21 58.57
N PHE A 309 26.81 -0.77 58.94
CA PHE A 309 26.72 -2.03 58.21
C PHE A 309 26.09 -2.03 56.81
N LEU A 310 24.86 -1.55 56.70
CA LEU A 310 24.20 -1.58 55.39
C LEU A 310 24.97 -0.87 54.27
N PRO A 311 25.51 0.34 54.54
CA PRO A 311 26.25 1.00 53.46
C PRO A 311 27.49 0.20 53.03
N LEU A 312 28.09 -0.54 53.96
CA LEU A 312 29.25 -1.36 53.62
C LEU A 312 28.84 -2.46 52.66
N VAL A 313 27.72 -3.12 52.94
CA VAL A 313 27.25 -4.19 52.07
C VAL A 313 26.84 -3.61 50.71
N ALA A 314 26.18 -2.46 50.74
CA ALA A 314 25.74 -1.82 49.51
C ALA A 314 26.91 -1.45 48.60
N LYS A 315 27.94 -0.83 49.18
CA LYS A 315 29.10 -0.42 48.38
C LYS A 315 29.79 -1.62 47.73
N SER A 316 29.71 -2.76 48.39
CA SER A 316 30.34 -3.96 47.88
C SER A 316 29.51 -4.72 46.85
N SER A 317 28.18 -4.62 46.96
CA SER A 317 27.29 -5.35 46.07
C SER A 317 26.65 -4.53 44.95
N LYS A 318 26.77 -3.21 45.02
CA LYS A 318 26.17 -2.37 43.99
C LYS A 318 27.20 -1.76 43.06
N ALA A 319 27.38 -2.39 41.90
CA ALA A 319 28.34 -1.89 40.93
C ALA A 319 27.81 -0.56 40.38
N GLY A 320 28.64 0.48 40.41
CA GLY A 320 28.18 1.76 39.89
C GLY A 320 27.88 2.77 40.98
N MET A 321 27.61 2.27 42.19
CA MET A 321 27.32 3.14 43.31
C MET A 321 28.54 3.99 43.61
N CYS A 322 29.56 3.34 44.15
CA CYS A 322 30.82 3.98 44.48
C CYS A 322 31.78 3.57 43.37
N ALA A 323 32.86 4.32 43.18
CA ALA A 323 33.81 4.00 42.12
C ALA A 323 34.86 2.97 42.54
N CYS A 324 34.79 2.51 43.79
CA CYS A 324 35.74 1.53 44.30
C CYS A 324 35.21 0.10 44.29
N HIS A 325 36.12 -0.85 44.53
CA HIS A 325 35.78 -2.27 44.60
C HIS A 325 36.10 -2.66 46.04
N SER A 326 35.07 -2.78 46.87
CA SER A 326 35.29 -3.12 48.27
C SER A 326 34.80 -4.53 48.61
N PRO A 327 35.65 -5.32 49.28
CA PRO A 327 35.24 -6.67 49.64
C PRO A 327 34.05 -6.58 50.59
N LEU A 328 33.27 -7.66 50.67
CA LEU A 328 32.10 -7.69 51.52
C LEU A 328 32.51 -7.84 52.99
N PRO A 329 31.76 -7.24 53.93
CA PRO A 329 32.10 -7.36 55.35
C PRO A 329 32.18 -8.83 55.76
N SER A 330 33.20 -9.17 56.55
CA SER A 330 33.35 -10.55 56.99
C SER A 330 32.56 -10.80 58.25
N ILE A 331 31.36 -11.34 58.08
CA ILE A 331 30.46 -11.63 59.19
C ILE A 331 30.43 -13.14 59.37
N ARG A 332 31.08 -13.62 60.42
CA ARG A 332 31.13 -15.06 60.70
C ARG A 332 30.56 -15.37 62.08
N GLY A 333 29.83 -16.47 62.18
CA GLY A 333 29.26 -16.86 63.45
C GLY A 333 27.82 -16.43 63.62
N ALA A 334 27.39 -16.29 64.88
CA ALA A 334 26.04 -15.88 65.19
C ALA A 334 25.94 -14.37 65.18
N VAL A 335 24.89 -13.85 64.54
CA VAL A 335 24.67 -12.42 64.44
C VAL A 335 23.38 -12.04 65.18
N ILE A 336 23.47 -11.00 66.00
CA ILE A 336 22.30 -10.52 66.72
C ILE A 336 21.92 -9.17 66.14
N VAL A 337 20.69 -9.07 65.63
CA VAL A 337 20.18 -7.83 65.07
C VAL A 337 19.13 -7.35 66.06
N LEU A 338 19.31 -6.12 66.56
CA LEU A 338 18.40 -5.56 67.54
C LEU A 338 17.43 -4.58 66.90
N GLY A 339 16.13 -4.82 67.08
CA GLY A 339 15.13 -3.95 66.48
C GLY A 339 14.10 -4.73 65.69
N ALA A 340 12.99 -4.08 65.33
CA ALA A 340 11.93 -4.74 64.57
C ALA A 340 11.31 -3.88 63.48
N GLY A 341 12.08 -2.92 62.99
CA GLY A 341 11.59 -2.08 61.91
C GLY A 341 12.13 -2.60 60.59
N ASP A 342 11.90 -1.86 59.50
CA ASP A 342 12.38 -2.27 58.18
C ASP A 342 13.88 -2.53 58.17
N THR A 343 14.62 -1.64 58.81
CA THR A 343 16.06 -1.76 58.86
C THR A 343 16.55 -3.06 59.48
N ALA A 344 15.95 -3.46 60.60
CA ALA A 344 16.37 -4.68 61.26
C ALA A 344 16.30 -5.88 60.31
N PHE A 345 15.21 -6.01 59.56
CA PHE A 345 15.07 -7.13 58.66
C PHE A 345 16.05 -7.10 57.50
N ASP A 346 16.39 -5.91 56.99
CA ASP A 346 17.36 -5.83 55.91
C ASP A 346 18.76 -6.14 56.43
N CYS A 347 19.02 -5.81 57.71
CA CYS A 347 20.31 -6.13 58.29
C CYS A 347 20.43 -7.65 58.44
N ALA A 348 19.33 -8.28 58.84
CA ALA A 348 19.30 -9.73 59.01
C ALA A 348 19.57 -10.47 57.71
N THR A 349 18.84 -10.12 56.67
CA THR A 349 19.03 -10.78 55.37
C THR A 349 20.40 -10.44 54.79
N SER A 350 20.84 -9.20 54.95
CA SER A 350 22.13 -8.79 54.43
C SER A 350 23.27 -9.52 55.17
N ALA A 351 23.08 -9.81 56.44
CA ALA A 351 24.11 -10.50 57.23
C ALA A 351 24.37 -11.89 56.63
N LEU A 352 23.31 -12.53 56.15
CA LEU A 352 23.45 -13.85 55.55
C LEU A 352 24.34 -13.78 54.31
N ARG A 353 24.22 -12.69 53.54
CA ARG A 353 25.02 -12.53 52.33
C ARG A 353 26.50 -12.34 52.68
N CYS A 354 26.77 -11.88 53.90
CA CYS A 354 28.13 -11.67 54.32
C CYS A 354 28.75 -12.92 54.95
N GLY A 355 27.99 -14.00 54.99
CA GLY A 355 28.51 -15.25 55.53
C GLY A 355 28.06 -15.67 56.92
N ALA A 356 27.12 -14.93 57.52
CA ALA A 356 26.63 -15.27 58.85
C ALA A 356 26.16 -16.72 58.92
N ARG A 357 26.52 -17.40 59.99
CA ARG A 357 26.11 -18.78 60.19
C ARG A 357 24.68 -18.82 60.70
N ARG A 358 24.34 -17.87 61.54
CA ARG A 358 23.00 -17.80 62.11
C ARG A 358 22.66 -16.36 62.45
N VAL A 359 21.39 -16.00 62.33
CA VAL A 359 20.95 -14.64 62.62
C VAL A 359 19.75 -14.62 63.56
N PHE A 360 19.87 -13.83 64.63
CA PHE A 360 18.80 -13.68 65.61
C PHE A 360 18.26 -12.26 65.56
N LEU A 361 16.95 -12.12 65.38
CA LEU A 361 16.32 -10.82 65.37
C LEU A 361 15.73 -10.73 66.78
N VAL A 362 16.24 -9.80 67.58
CA VAL A 362 15.78 -9.63 68.95
C VAL A 362 15.09 -8.30 69.18
N PHE A 363 13.84 -8.34 69.65
CA PHE A 363 13.08 -7.13 69.90
C PHE A 363 12.57 -7.05 71.33
N ARG A 364 12.38 -5.83 71.82
CA ARG A 364 11.93 -5.63 73.18
C ARG A 364 10.43 -5.78 73.41
N LYS A 365 9.67 -5.94 72.33
CA LYS A 365 8.23 -6.14 72.45
C LYS A 365 7.88 -7.49 71.86
N GLY A 366 6.59 -7.72 71.61
CA GLY A 366 6.17 -9.00 71.08
C GLY A 366 6.08 -9.06 69.57
N PHE A 367 5.75 -10.24 69.07
CA PHE A 367 5.61 -10.44 67.63
C PHE A 367 4.56 -9.52 67.04
N VAL A 368 3.45 -9.38 67.77
CA VAL A 368 2.35 -8.53 67.32
C VAL A 368 2.80 -7.09 67.13
N ASN A 369 3.85 -6.70 67.85
CA ASN A 369 4.35 -5.33 67.78
C ASN A 369 5.39 -5.03 66.70
N ILE A 370 5.73 -6.03 65.89
CA ILE A 370 6.73 -5.79 64.84
C ILE A 370 6.25 -4.63 63.96
N ARG A 371 7.16 -3.73 63.64
CA ARG A 371 6.84 -2.55 62.84
C ARG A 371 6.76 -2.75 61.33
N ALA A 372 7.71 -3.50 60.79
CA ALA A 372 7.76 -3.75 59.36
C ALA A 372 6.53 -4.49 58.86
N VAL A 373 6.17 -4.27 57.60
CA VAL A 373 5.00 -4.95 57.02
C VAL A 373 5.30 -6.43 56.94
N PRO A 374 4.27 -7.27 56.97
CA PRO A 374 4.40 -8.73 56.91
C PRO A 374 5.29 -9.23 55.76
N GLU A 375 5.18 -8.58 54.60
CA GLU A 375 5.97 -8.99 53.43
C GLU A 375 7.47 -8.88 53.67
N GLU A 376 7.88 -7.85 54.41
CA GLU A 376 9.30 -7.65 54.72
C GLU A 376 9.74 -8.69 55.74
N VAL A 377 8.90 -8.93 56.74
CA VAL A 377 9.19 -9.91 57.77
C VAL A 377 9.35 -11.28 57.13
N GLU A 378 8.47 -11.59 56.18
CA GLU A 378 8.47 -12.87 55.48
C GLU A 378 9.82 -13.23 54.87
N LEU A 379 10.51 -12.24 54.32
CA LEU A 379 11.82 -12.47 53.70
C LEU A 379 12.85 -13.00 54.70
N ALA A 380 12.87 -12.43 55.91
CA ALA A 380 13.81 -12.88 56.92
C ALA A 380 13.39 -14.25 57.46
N LYS A 381 12.08 -14.42 57.59
CA LYS A 381 11.49 -15.65 58.07
C LYS A 381 11.79 -16.83 57.14
N GLU A 382 11.60 -16.63 55.84
CA GLU A 382 11.84 -17.69 54.89
C GLU A 382 13.34 -18.03 54.80
N GLU A 383 14.19 -17.10 55.22
CA GLU A 383 15.62 -17.36 55.19
C GLU A 383 16.11 -17.90 56.53
N LYS A 384 15.16 -18.37 57.33
CA LYS A 384 15.43 -18.98 58.62
C LYS A 384 16.05 -18.15 59.73
N CYS A 385 15.74 -16.86 59.78
CA CYS A 385 16.26 -16.02 60.85
C CYS A 385 15.41 -16.37 62.08
N GLU A 386 16.02 -16.40 63.26
CA GLU A 386 15.28 -16.70 64.48
C GLU A 386 14.76 -15.42 65.09
N PHE A 387 13.55 -15.46 65.63
CA PHE A 387 12.96 -14.27 66.25
C PHE A 387 12.83 -14.45 67.76
N LEU A 388 13.39 -13.51 68.52
CA LEU A 388 13.35 -13.57 69.98
C LEU A 388 12.66 -12.33 70.54
N PRO A 389 11.38 -12.47 70.95
CA PRO A 389 10.59 -11.37 71.50
C PRO A 389 10.81 -11.08 72.98
N PHE A 390 10.28 -9.93 73.41
CA PHE A 390 10.34 -9.47 74.80
C PHE A 390 11.71 -9.48 75.45
N LEU A 391 12.71 -8.94 74.75
CA LEU A 391 14.07 -8.88 75.30
C LEU A 391 14.68 -7.50 75.08
N SER A 392 15.22 -6.94 76.15
CA SER A 392 15.86 -5.63 76.10
C SER A 392 17.34 -5.78 76.40
N PRO A 393 18.22 -5.28 75.50
CA PRO A 393 19.68 -5.35 75.67
C PRO A 393 20.16 -4.64 76.93
N ARG A 394 21.12 -5.26 77.63
CA ARG A 394 21.66 -4.68 78.84
C ARG A 394 23.18 -4.58 78.81
N LYS A 395 23.84 -5.62 78.30
CA LYS A 395 25.29 -5.64 78.24
C LYS A 395 25.83 -6.42 77.06
N VAL A 396 26.95 -5.96 76.52
CA VAL A 396 27.63 -6.65 75.44
C VAL A 396 28.93 -7.20 76.05
N ILE A 397 29.17 -8.51 75.90
CA ILE A 397 30.36 -9.15 76.46
C ILE A 397 31.48 -9.30 75.43
N VAL A 398 32.65 -8.75 75.76
CA VAL A 398 33.80 -8.81 74.88
C VAL A 398 34.97 -9.59 75.48
N LYS A 399 35.51 -10.54 74.71
CA LYS A 399 36.63 -11.35 75.16
C LYS A 399 37.60 -11.55 74.01
N GLY A 400 38.89 -11.37 74.29
CA GLY A 400 39.89 -11.54 73.25
C GLY A 400 39.70 -10.56 72.11
N GLY A 401 39.30 -9.34 72.43
CA GLY A 401 39.11 -8.33 71.41
C GLY A 401 37.89 -8.52 70.53
N ARG A 402 36.99 -9.42 70.93
CA ARG A 402 35.78 -9.66 70.14
C ARG A 402 34.55 -9.98 70.95
N ILE A 403 33.40 -9.54 70.45
CA ILE A 403 32.13 -9.79 71.12
C ILE A 403 31.89 -11.29 71.16
N VAL A 404 31.36 -11.78 72.28
CA VAL A 404 31.07 -13.21 72.41
C VAL A 404 29.64 -13.45 72.91
N ALA A 405 28.99 -12.42 73.46
CA ALA A 405 27.63 -12.55 73.95
C ALA A 405 26.98 -11.22 74.32
N VAL A 406 25.66 -11.23 74.45
CA VAL A 406 24.89 -10.05 74.84
C VAL A 406 23.91 -10.50 75.91
N GLN A 407 23.81 -9.73 76.98
CA GLN A 407 22.89 -10.06 78.07
C GLN A 407 21.65 -9.17 77.96
N PHE A 408 20.47 -9.79 78.06
CA PHE A 408 19.21 -9.08 77.97
C PHE A 408 18.39 -9.27 79.23
N VAL A 409 17.37 -8.45 79.39
CA VAL A 409 16.45 -8.56 80.51
C VAL A 409 15.07 -8.71 79.88
N ARG A 410 14.18 -9.35 80.62
CA ARG A 410 12.79 -9.58 80.19
C ARG A 410 11.97 -8.31 80.13
N THR A 411 11.04 -8.27 79.19
CA THR A 411 10.14 -7.13 79.06
C THR A 411 8.73 -7.69 79.13
N GLU A 412 7.78 -6.86 79.52
CA GLU A 412 6.41 -7.34 79.62
C GLU A 412 5.44 -6.19 79.78
N GLN A 413 4.26 -6.35 79.20
CA GLN A 413 3.22 -5.35 79.31
C GLN A 413 2.36 -5.73 80.50
N ASP A 414 2.08 -4.76 81.37
CA ASP A 414 1.24 -5.04 82.52
C ASP A 414 -0.18 -4.59 82.16
N GLU A 415 -1.08 -4.61 83.13
CA GLU A 415 -2.47 -4.22 82.89
C GLU A 415 -2.61 -2.82 82.30
N THR A 416 -2.06 -1.83 83.00
CA THR A 416 -2.14 -0.44 82.57
C THR A 416 -1.59 -0.23 81.17
N GLY A 417 -0.97 -1.26 80.59
CA GLY A 417 -0.42 -1.15 79.25
C GLY A 417 1.04 -0.73 79.19
N LYS A 418 1.59 -0.33 80.32
CA LYS A 418 2.99 0.10 80.38
C LYS A 418 3.97 -1.04 80.15
N TRP A 419 4.99 -0.79 79.35
CA TRP A 419 6.01 -1.81 79.11
C TRP A 419 7.05 -1.70 80.23
N ASN A 420 7.31 -2.83 80.89
CA ASN A 420 8.28 -2.86 81.98
C ASN A 420 9.39 -3.87 81.74
N GLU A 421 10.49 -3.70 82.46
CA GLU A 421 11.63 -4.60 82.35
C GLU A 421 11.81 -5.37 83.66
N ASP A 422 12.00 -6.67 83.57
CA ASP A 422 12.17 -7.51 84.74
C ASP A 422 13.63 -7.83 85.00
N GLU A 423 14.24 -7.11 85.94
CA GLU A 423 15.65 -7.27 86.30
C GLU A 423 16.06 -8.69 86.66
N ASP A 424 15.19 -9.41 87.37
CA ASP A 424 15.48 -10.76 87.80
C ASP A 424 15.39 -11.84 86.72
N GLN A 425 14.85 -11.48 85.57
CA GLN A 425 14.72 -12.45 84.47
C GLN A 425 15.63 -12.06 83.32
N ILE A 426 16.80 -12.68 83.27
CA ILE A 426 17.79 -12.37 82.25
C ILE A 426 18.05 -13.46 81.22
N VAL A 427 18.70 -13.05 80.13
CA VAL A 427 19.04 -13.94 79.04
C VAL A 427 20.48 -13.66 78.60
N HIS A 428 21.27 -14.72 78.49
CA HIS A 428 22.67 -14.61 78.07
C HIS A 428 22.76 -15.28 76.70
N LEU A 429 22.74 -14.46 75.65
CA LEU A 429 22.79 -14.99 74.28
C LEU A 429 24.16 -14.88 73.62
N LYS A 430 24.69 -16.02 73.20
CA LYS A 430 25.99 -16.06 72.54
C LYS A 430 25.90 -15.39 71.17
N ALA A 431 26.92 -14.61 70.82
CA ALA A 431 26.95 -13.92 69.54
C ALA A 431 28.35 -13.43 69.20
N ASP A 432 28.65 -13.33 67.91
CA ASP A 432 29.95 -12.84 67.45
C ASP A 432 29.82 -11.44 66.85
N VAL A 433 28.64 -11.13 66.34
CA VAL A 433 28.38 -9.83 65.73
C VAL A 433 27.06 -9.27 66.23
N VAL A 434 27.04 -7.97 66.50
CA VAL A 434 25.85 -7.28 66.98
C VAL A 434 25.57 -6.07 66.10
N ILE A 435 24.35 -5.98 65.58
CA ILE A 435 23.96 -4.87 64.72
C ILE A 435 22.73 -4.19 65.30
N SER A 436 22.86 -2.93 65.68
CA SER A 436 21.71 -2.22 66.24
C SER A 436 20.94 -1.56 65.09
N ALA A 437 19.63 -1.76 65.09
CA ALA A 437 18.76 -1.18 64.06
C ALA A 437 17.66 -0.42 64.80
N PHE A 438 18.07 0.54 65.61
CA PHE A 438 17.15 1.33 66.42
C PHE A 438 16.59 2.57 65.71
N GLY A 439 16.89 2.71 64.42
CA GLY A 439 16.40 3.85 63.68
C GLY A 439 17.46 4.89 63.40
N SER A 440 17.03 6.04 62.87
CA SER A 440 17.96 7.11 62.54
C SER A 440 17.49 8.44 63.11
N VAL A 441 18.40 9.40 63.19
CA VAL A 441 18.09 10.72 63.74
C VAL A 441 18.97 11.80 63.13
N LEU A 442 18.65 13.04 63.48
CA LEU A 442 19.42 14.21 63.05
C LEU A 442 20.00 14.77 64.33
N ARG A 443 21.32 14.67 64.51
CA ARG A 443 21.95 15.16 65.72
C ARG A 443 23.07 16.16 65.54
N ASP A 444 23.87 15.98 64.49
CA ASP A 444 24.99 16.86 64.22
C ASP A 444 24.65 18.33 64.47
N PRO A 445 25.24 18.93 65.51
CA PRO A 445 24.98 20.33 65.82
C PRO A 445 25.32 21.28 64.66
N LYS A 446 26.35 20.93 63.89
CA LYS A 446 26.77 21.75 62.76
C LYS A 446 25.75 21.74 61.62
N VAL A 447 25.06 20.61 61.44
CA VAL A 447 24.06 20.51 60.39
C VAL A 447 22.81 21.29 60.79
N LYS A 448 22.40 21.15 62.04
CA LYS A 448 21.23 21.86 62.53
C LYS A 448 21.47 23.36 62.51
N GLU A 449 22.69 23.77 62.85
CA GLU A 449 23.05 25.18 62.86
C GLU A 449 22.97 25.78 61.46
N ALA A 450 23.28 24.95 60.46
CA ALA A 450 23.25 25.41 59.06
C ALA A 450 21.83 25.71 58.60
N LEU A 451 20.85 25.27 59.39
CA LEU A 451 19.44 25.48 59.05
C LEU A 451 18.85 26.70 59.77
N SER A 452 19.71 27.46 60.43
CA SER A 452 19.24 28.65 61.14
C SER A 452 18.67 29.62 60.09
N PRO A 453 17.58 30.32 60.43
CA PRO A 453 16.87 30.29 61.71
C PRO A 453 15.52 29.59 61.69
N ILE A 454 15.34 28.57 60.85
CA ILE A 454 14.03 27.91 60.81
C ILE A 454 13.65 27.25 62.14
N LYS A 455 12.35 27.22 62.41
CA LYS A 455 11.85 26.62 63.65
C LYS A 455 11.91 25.10 63.64
N PHE A 456 12.28 24.52 64.77
CA PHE A 456 12.35 23.07 64.94
C PHE A 456 11.27 22.71 65.96
N ASN A 457 10.60 21.59 65.77
CA ASN A 457 9.56 21.16 66.68
C ASN A 457 10.13 20.44 67.90
N ARG A 458 9.25 19.95 68.77
CA ARG A 458 9.67 19.26 69.98
C ARG A 458 10.40 17.95 69.68
N TRP A 459 10.27 17.48 68.45
CA TRP A 459 10.93 16.26 68.02
C TRP A 459 12.33 16.59 67.51
N ASP A 460 12.65 17.87 67.56
CA ASP A 460 13.95 18.37 67.11
C ASP A 460 14.13 18.18 65.61
N LEU A 461 13.04 18.36 64.87
CA LEU A 461 13.08 18.25 63.41
C LEU A 461 12.53 19.53 62.82
N PRO A 462 12.93 19.87 61.59
CA PRO A 462 12.44 21.09 60.95
C PRO A 462 10.93 21.06 60.89
N GLU A 463 10.29 22.14 61.34
CA GLU A 463 8.84 22.21 61.32
C GLU A 463 8.33 22.77 59.99
N VAL A 464 7.32 22.13 59.43
CA VAL A 464 6.74 22.58 58.16
C VAL A 464 5.23 22.54 58.19
N ASP A 465 4.61 23.32 57.32
CA ASP A 465 3.17 23.32 57.20
C ASP A 465 2.89 22.02 56.42
N PRO A 466 2.05 21.13 56.97
CA PRO A 466 1.75 19.85 56.31
C PRO A 466 1.15 19.91 54.91
N GLU A 467 0.60 21.07 54.54
CA GLU A 467 0.02 21.22 53.21
C GLU A 467 0.99 21.81 52.19
N THR A 468 1.79 22.78 52.61
CA THR A 468 2.72 23.45 51.71
C THR A 468 4.17 22.99 51.81
N MET A 469 4.50 22.27 52.88
CA MET A 469 5.85 21.79 53.13
C MET A 469 6.81 22.96 53.37
N GLN A 470 6.24 24.13 53.64
CA GLN A 470 7.02 25.34 53.90
C GLN A 470 7.48 25.42 55.36
N THR A 471 8.72 25.85 55.58
CA THR A 471 9.25 25.99 56.95
C THR A 471 8.87 27.39 57.45
N SER A 472 9.39 27.78 58.61
CA SER A 472 9.09 29.10 59.16
C SER A 472 9.69 30.21 58.30
N GLU A 473 10.63 29.84 57.43
CA GLU A 473 11.23 30.80 56.51
C GLU A 473 10.55 30.53 55.17
N PRO A 474 9.83 31.53 54.62
CA PRO A 474 9.10 31.45 53.36
C PRO A 474 9.82 30.82 52.17
N TRP A 475 11.11 31.10 52.01
CA TRP A 475 11.87 30.57 50.88
C TRP A 475 12.45 29.19 51.11
N VAL A 476 12.23 28.62 52.29
CA VAL A 476 12.76 27.32 52.62
C VAL A 476 11.66 26.28 52.84
N PHE A 477 11.80 25.14 52.17
CA PHE A 477 10.83 24.06 52.29
C PHE A 477 11.57 22.78 52.69
N ALA A 478 10.82 21.77 53.14
CA ALA A 478 11.44 20.51 53.56
C ALA A 478 10.48 19.34 53.35
N GLY A 479 11.05 18.15 53.16
CA GLY A 479 10.22 16.98 52.96
C GLY A 479 11.02 15.69 53.12
N GLY A 480 10.31 14.57 53.23
CA GLY A 480 11.00 13.29 53.38
C GLY A 480 11.25 12.95 54.83
N ASP A 481 12.19 12.04 55.07
CA ASP A 481 12.52 11.60 56.42
C ASP A 481 12.82 12.73 57.40
N ILE A 482 13.44 13.80 56.91
CA ILE A 482 13.78 14.92 57.80
C ILE A 482 12.57 15.57 58.45
N VAL A 483 11.42 15.49 57.80
CA VAL A 483 10.20 16.08 58.36
C VAL A 483 9.62 15.17 59.44
N GLY A 484 9.98 13.89 59.39
CA GLY A 484 9.50 12.95 60.39
C GLY A 484 8.11 12.38 60.24
N MET A 485 7.47 12.59 59.09
CA MET A 485 6.12 12.05 58.89
C MET A 485 6.19 10.85 57.95
N ALA A 486 6.92 10.99 56.85
CA ALA A 486 7.08 9.94 55.87
C ALA A 486 7.67 8.65 56.46
N ASN A 487 7.11 7.51 56.07
CA ASN A 487 7.58 6.21 56.54
C ASN A 487 8.15 5.44 55.36
N THR A 488 7.95 5.99 54.17
CA THR A 488 8.33 5.28 52.96
C THR A 488 8.95 6.12 51.88
N THR A 489 9.42 5.44 50.84
CA THR A 489 10.01 6.09 49.68
C THR A 489 8.90 6.89 48.99
N VAL A 490 7.74 6.26 48.80
CA VAL A 490 6.63 6.93 48.12
C VAL A 490 6.14 8.18 48.84
N GLU A 491 6.11 8.16 50.18
CA GLU A 491 5.67 9.33 50.92
C GLU A 491 6.72 10.43 50.84
N SER A 492 7.99 10.05 50.76
CA SER A 492 9.06 11.02 50.65
C SER A 492 8.98 11.65 49.27
N VAL A 493 8.66 10.83 48.28
CA VAL A 493 8.49 11.32 46.92
C VAL A 493 7.32 12.30 46.90
N ASN A 494 6.24 11.94 47.59
CA ASN A 494 5.06 12.80 47.62
C ASN A 494 5.37 14.13 48.32
N ASP A 495 6.22 14.09 49.35
CA ASP A 495 6.58 15.32 50.06
C ASP A 495 7.25 16.30 49.09
N GLY A 496 8.14 15.78 48.24
CA GLY A 496 8.82 16.63 47.29
C GLY A 496 7.87 17.16 46.25
N LYS A 497 6.96 16.29 45.83
CA LYS A 497 5.95 16.62 44.84
C LYS A 497 5.07 17.75 45.38
N GLN A 498 4.59 17.57 46.61
CA GLN A 498 3.75 18.56 47.26
C GLN A 498 4.48 19.89 47.36
N ALA A 499 5.73 19.83 47.81
CA ALA A 499 6.55 21.02 47.97
C ALA A 499 6.82 21.79 46.68
N SER A 500 7.03 21.06 45.58
CA SER A 500 7.32 21.69 44.30
C SER A 500 6.25 22.71 43.90
N TRP A 501 4.99 22.39 44.12
CA TRP A 501 3.93 23.32 43.73
C TRP A 501 3.97 24.62 44.52
N TYR A 502 4.20 24.53 45.82
CA TYR A 502 4.24 25.75 46.62
C TYR A 502 5.55 26.50 46.48
N ILE A 503 6.62 25.80 46.10
CA ILE A 503 7.90 26.46 45.87
C ILE A 503 7.68 27.32 44.63
N HIS A 504 6.98 26.72 43.66
CA HIS A 504 6.65 27.38 42.39
C HIS A 504 5.81 28.62 42.70
N LYS A 505 4.78 28.44 43.51
CA LYS A 505 3.90 29.54 43.90
C LYS A 505 4.70 30.66 44.56
N TYR A 506 5.59 30.28 45.48
CA TYR A 506 6.42 31.26 46.18
C TYR A 506 7.35 32.03 45.24
N ILE A 507 8.10 31.31 44.41
CA ILE A 507 9.02 31.96 43.47
C ILE A 507 8.27 32.92 42.54
N GLN A 508 7.19 32.43 41.94
CA GLN A 508 6.40 33.26 41.03
C GLN A 508 5.98 34.56 41.72
N ALA A 509 5.50 34.44 42.94
CA ALA A 509 5.08 35.61 43.71
C ALA A 509 6.23 36.58 43.90
N GLN A 510 7.43 36.05 44.17
CA GLN A 510 8.60 36.88 44.36
C GLN A 510 8.90 37.70 43.12
N TYR A 511 8.50 37.19 41.95
CA TYR A 511 8.72 37.91 40.70
C TYR A 511 7.44 38.65 40.27
N GLY A 512 6.52 38.81 41.21
CA GLY A 512 5.29 39.53 40.93
C GLY A 512 4.30 38.83 40.02
N ALA A 513 4.35 37.50 40.00
CA ALA A 513 3.44 36.73 39.16
C ALA A 513 2.57 35.82 40.01
N SER A 514 1.34 35.60 39.58
CA SER A 514 0.43 34.74 40.33
C SER A 514 0.34 33.38 39.65
N VAL A 515 -0.17 32.39 40.36
CA VAL A 515 -0.32 31.06 39.81
C VAL A 515 -1.77 30.60 40.01
N SER A 516 -2.15 29.61 39.22
CA SER A 516 -3.49 29.04 39.28
C SER A 516 -3.84 28.66 40.71
N ALA A 517 -5.09 28.93 41.11
CA ALA A 517 -5.55 28.61 42.45
C ALA A 517 -5.57 27.09 42.58
N LYS A 518 -5.82 26.42 41.47
CA LYS A 518 -5.86 24.97 41.44
C LYS A 518 -4.51 24.42 40.99
N PRO A 519 -3.89 23.56 41.81
CA PRO A 519 -2.58 22.95 41.51
C PRO A 519 -2.53 22.32 40.12
N GLU A 520 -1.48 22.62 39.38
CA GLU A 520 -1.34 22.08 38.03
C GLU A 520 0.06 21.53 37.73
N LEU A 521 0.47 20.50 38.45
CA LEU A 521 1.77 19.90 38.19
C LEU A 521 1.67 19.17 36.86
N PRO A 522 2.69 19.33 35.99
CA PRO A 522 2.68 18.67 34.68
C PRO A 522 2.87 17.15 34.74
N LEU A 523 2.41 16.49 33.68
CA LEU A 523 2.54 15.05 33.56
C LEU A 523 3.98 14.75 33.10
N PHE A 524 4.26 13.47 32.88
CA PHE A 524 5.56 12.98 32.43
C PHE A 524 5.49 12.83 30.90
N TYR A 525 6.49 13.35 30.19
CA TYR A 525 6.52 13.27 28.73
C TYR A 525 7.82 12.71 28.16
N THR A 526 7.72 12.10 26.98
CA THR A 526 8.87 11.54 26.26
C THR A 526 8.62 11.83 24.78
N PRO A 527 9.61 11.54 23.90
CA PRO A 527 9.47 11.79 22.46
C PRO A 527 8.30 11.03 21.83
N VAL A 528 7.90 9.92 22.47
CA VAL A 528 6.78 9.11 21.97
C VAL A 528 5.51 9.94 21.87
N ASP A 529 5.32 10.84 22.82
CA ASP A 529 4.14 11.68 22.87
C ASP A 529 4.02 12.63 21.68
N LEU A 530 5.12 12.85 20.98
CA LEU A 530 5.13 13.76 19.83
C LEU A 530 4.75 13.05 18.53
N VAL A 531 4.60 11.73 18.59
CA VAL A 531 4.25 10.95 17.41
C VAL A 531 2.86 11.30 16.88
N ASP A 532 2.78 11.54 15.58
CA ASP A 532 1.54 11.90 14.92
C ASP A 532 0.72 10.66 14.56
N ILE A 533 -0.49 10.56 15.09
CA ILE A 533 -1.33 9.41 14.78
C ILE A 533 -2.61 9.83 14.05
N SER A 534 -2.55 10.94 13.33
CA SER A 534 -3.69 11.40 12.57
C SER A 534 -3.75 10.58 11.28
N VAL A 535 -4.91 10.54 10.65
CA VAL A 535 -5.07 9.80 9.40
C VAL A 535 -6.18 10.44 8.58
N GLU A 536 -6.04 10.39 7.27
CA GLU A 536 -7.06 10.96 6.39
C GLU A 536 -7.74 9.82 5.65
N MET A 537 -9.06 9.89 5.54
CA MET A 537 -9.81 8.85 4.84
C MET A 537 -11.05 9.43 4.17
N ALA A 538 -11.22 9.12 2.89
CA ALA A 538 -12.36 9.59 2.12
C ALA A 538 -12.53 11.11 2.23
N GLY A 539 -11.40 11.81 2.24
CA GLY A 539 -11.43 13.26 2.32
C GLY A 539 -11.66 13.82 3.72
N LEU A 540 -11.74 12.95 4.71
CA LEU A 540 -11.96 13.37 6.09
C LEU A 540 -10.67 13.28 6.90
N LYS A 541 -10.45 14.25 7.78
CA LYS A 541 -9.26 14.26 8.63
C LYS A 541 -9.59 13.80 10.05
N PHE A 542 -8.98 12.70 10.48
CA PHE A 542 -9.21 12.19 11.83
C PHE A 542 -7.99 12.53 12.70
N ILE A 543 -8.20 13.11 13.87
CA ILE A 543 -7.07 13.46 14.74
C ILE A 543 -6.39 12.18 15.26
N ASN A 544 -7.16 11.11 15.34
CA ASN A 544 -6.63 9.80 15.72
C ASN A 544 -7.60 8.80 15.09
N PRO A 545 -7.15 7.57 14.84
CA PRO A 545 -8.00 6.56 14.22
C PRO A 545 -9.06 5.86 15.05
N PHE A 546 -9.21 6.24 16.31
CA PHE A 546 -10.18 5.58 17.18
C PHE A 546 -11.51 6.30 17.30
N GLY A 547 -12.59 5.55 17.15
CA GLY A 547 -13.91 6.13 17.26
C GLY A 547 -14.93 5.19 17.87
N LEU A 548 -16.05 5.75 18.32
CA LEU A 548 -17.11 4.94 18.92
C LEU A 548 -18.02 4.43 17.82
N ALA A 549 -18.27 3.12 17.81
CA ALA A 549 -19.14 2.52 16.82
C ALA A 549 -20.57 2.90 17.18
N SER A 550 -21.48 2.74 16.22
CA SER A 550 -22.88 3.03 16.45
C SER A 550 -23.37 1.91 17.37
N ALA A 551 -23.52 2.20 18.66
CA ALA A 551 -23.94 1.18 19.62
C ALA A 551 -24.33 1.76 20.97
N ALA A 552 -24.37 0.90 21.99
CA ALA A 552 -24.74 1.32 23.35
C ALA A 552 -23.94 2.53 23.83
N PRO A 553 -22.61 2.55 23.57
CA PRO A 553 -21.82 3.70 24.03
C PRO A 553 -22.23 5.02 23.37
N THR A 554 -23.03 4.96 22.31
CA THR A 554 -23.51 6.18 21.67
C THR A 554 -25.03 6.23 21.76
N THR A 555 -25.56 5.72 22.87
CA THR A 555 -27.00 5.71 23.11
C THR A 555 -27.55 7.14 23.15
N SER A 556 -26.76 8.06 23.69
CA SER A 556 -27.17 9.46 23.79
C SER A 556 -26.05 10.39 23.31
N SER A 557 -26.41 11.52 22.71
CA SER A 557 -25.41 12.46 22.22
C SER A 557 -24.55 13.04 23.34
N SER A 558 -25.09 13.07 24.55
CA SER A 558 -24.35 13.59 25.70
C SER A 558 -23.14 12.68 25.97
N MET A 559 -23.29 11.40 25.66
CA MET A 559 -22.22 10.44 25.85
C MET A 559 -21.12 10.69 24.82
N ILE A 560 -21.53 11.00 23.59
CA ILE A 560 -20.56 11.30 22.54
C ILE A 560 -19.76 12.54 22.92
N ARG A 561 -20.45 13.52 23.53
CA ARG A 561 -19.77 14.74 23.95
C ARG A 561 -18.65 14.41 24.92
N ARG A 562 -18.96 13.58 25.92
CA ARG A 562 -17.95 13.19 26.91
C ARG A 562 -16.83 12.38 26.27
N ALA A 563 -17.17 11.59 25.25
CA ALA A 563 -16.17 10.78 24.57
C ALA A 563 -15.19 11.72 23.84
N PHE A 564 -15.72 12.74 23.18
CA PHE A 564 -14.86 13.70 22.49
C PHE A 564 -14.02 14.46 23.51
N GLU A 565 -14.60 14.76 24.66
CA GLU A 565 -13.87 15.45 25.70
C GLU A 565 -12.73 14.58 26.20
N ALA A 566 -12.94 13.26 26.19
CA ALA A 566 -11.91 12.33 26.64
C ALA A 566 -10.80 12.18 25.58
N GLY A 567 -11.12 12.48 24.32
CA GLY A 567 -10.13 12.39 23.27
C GLY A 567 -10.41 11.50 22.08
N TRP A 568 -11.58 10.87 22.01
CA TRP A 568 -11.90 10.02 20.87
C TRP A 568 -11.86 10.79 19.56
N GLY A 569 -11.26 10.19 18.54
CA GLY A 569 -11.15 10.84 17.24
C GLY A 569 -12.45 11.07 16.52
N PHE A 570 -13.36 10.09 16.59
CA PHE A 570 -14.65 10.23 15.94
C PHE A 570 -15.71 9.39 16.64
N ALA A 571 -16.94 9.52 16.19
CA ALA A 571 -18.03 8.77 16.80
C ALA A 571 -19.21 8.65 15.85
N LEU A 572 -19.91 7.52 15.97
CA LEU A 572 -21.09 7.24 15.18
C LEU A 572 -22.28 7.47 16.07
N THR A 573 -23.37 8.00 15.52
CA THR A 573 -24.56 8.17 16.33
C THR A 573 -25.17 6.78 16.36
N LYS A 574 -26.04 6.52 17.33
CA LYS A 574 -26.72 5.23 17.38
C LYS A 574 -27.56 5.31 16.09
N THR A 575 -27.82 4.18 15.44
CA THR A 575 -28.60 4.20 14.20
C THR A 575 -30.00 4.77 14.42
N PHE A 576 -30.39 5.76 13.61
CA PHE A 576 -31.73 6.33 13.74
C PHE A 576 -32.50 6.30 12.43
N SER A 577 -33.81 6.51 12.50
CA SER A 577 -34.64 6.44 11.32
C SER A 577 -35.74 7.50 11.30
N LEU A 578 -36.58 7.43 10.27
CA LEU A 578 -37.70 8.35 10.13
C LEU A 578 -38.71 8.01 11.22
N ASP A 579 -39.52 8.99 11.62
CA ASP A 579 -40.52 8.80 12.66
C ASP A 579 -41.43 7.58 12.47
N LYS A 580 -41.84 7.33 11.23
CA LYS A 580 -42.71 6.19 10.96
C LYS A 580 -42.07 4.84 11.25
N ASP A 581 -40.74 4.81 11.37
CA ASP A 581 -40.05 3.55 11.65
C ASP A 581 -39.57 3.45 13.10
N ILE A 582 -40.10 4.30 13.96
CA ILE A 582 -39.74 4.33 15.37
C ILE A 582 -39.81 2.93 16.00
N VAL A 583 -38.80 2.57 16.77
CA VAL A 583 -38.77 1.25 17.42
C VAL A 583 -38.88 1.32 18.94
N THR A 584 -39.13 0.17 19.55
CA THR A 584 -39.25 0.07 21.00
C THR A 584 -38.49 -1.18 21.44
N ASN A 585 -37.47 -1.00 22.27
CA ASN A 585 -36.66 -2.12 22.75
C ASN A 585 -37.36 -2.96 23.80
N VAL A 586 -36.82 -4.16 24.02
CA VAL A 586 -37.34 -5.08 25.02
C VAL A 586 -36.22 -5.20 26.05
N SER A 587 -36.49 -5.87 27.16
CA SER A 587 -35.48 -6.07 28.20
C SER A 587 -35.76 -7.41 28.88
N PRO A 588 -34.71 -8.16 29.23
CA PRO A 588 -33.28 -7.89 29.06
C PRO A 588 -32.89 -7.96 27.58
N ARG A 589 -31.80 -7.31 27.19
CA ARG A 589 -31.40 -7.34 25.78
C ARG A 589 -29.89 -7.38 25.49
N ILE A 590 -29.06 -7.24 26.51
CA ILE A 590 -27.62 -7.30 26.32
C ILE A 590 -27.06 -8.24 27.39
N VAL A 591 -26.43 -9.33 26.97
CA VAL A 591 -25.87 -10.28 27.92
C VAL A 591 -24.39 -10.55 27.67
N ARG A 592 -23.71 -11.04 28.70
CA ARG A 592 -22.29 -11.35 28.61
C ARG A 592 -22.08 -12.59 27.77
N GLY A 593 -20.93 -12.69 27.13
CA GLY A 593 -20.63 -13.85 26.32
C GLY A 593 -20.19 -15.02 27.17
N THR A 594 -20.43 -16.22 26.65
CA THR A 594 -20.04 -17.46 27.33
C THR A 594 -18.89 -18.06 26.54
N THR A 595 -18.35 -17.27 25.62
CA THR A 595 -17.27 -17.68 24.73
C THR A 595 -15.91 -17.97 25.37
N SER A 596 -15.74 -17.65 26.65
CA SER A 596 -14.47 -17.94 27.31
C SER A 596 -14.69 -18.55 28.70
N GLY A 597 -15.83 -19.22 28.87
CA GLY A 597 -16.13 -19.87 30.14
C GLY A 597 -16.73 -19.01 31.22
N PRO A 598 -16.94 -19.58 32.42
CA PRO A 598 -17.51 -18.86 33.57
C PRO A 598 -16.56 -17.89 34.25
N MET A 599 -16.09 -16.91 33.48
CA MET A 599 -15.19 -15.87 33.96
C MET A 599 -16.02 -14.59 33.96
N TYR A 600 -16.24 -14.01 35.14
CA TYR A 600 -17.05 -12.80 35.23
C TYR A 600 -16.23 -11.56 35.56
N GLY A 601 -16.79 -10.39 35.25
CA GLY A 601 -16.10 -9.16 35.53
C GLY A 601 -15.42 -8.55 34.34
N PRO A 602 -14.21 -7.99 34.52
CA PRO A 602 -13.45 -7.37 33.43
C PRO A 602 -13.13 -8.26 32.23
N GLY A 603 -12.96 -7.62 31.08
CA GLY A 603 -12.61 -8.32 29.86
C GLY A 603 -13.50 -9.44 29.36
N GLN A 604 -14.81 -9.21 29.30
CA GLN A 604 -15.70 -10.24 28.78
C GLN A 604 -15.28 -10.44 27.33
N SER A 605 -15.10 -11.70 26.92
CA SER A 605 -14.67 -12.02 25.55
C SER A 605 -15.71 -11.73 24.46
N SER A 606 -16.92 -11.39 24.87
CA SER A 606 -17.98 -11.05 23.91
C SER A 606 -19.27 -10.70 24.63
N PHE A 607 -20.20 -10.16 23.85
CA PHE A 607 -21.53 -9.81 24.34
C PHE A 607 -22.51 -10.22 23.25
N LEU A 608 -23.75 -10.44 23.63
CA LEU A 608 -24.79 -10.75 22.65
C LEU A 608 -25.89 -9.74 22.92
N ASN A 609 -26.46 -9.17 21.87
CA ASN A 609 -27.52 -8.19 22.06
C ASN A 609 -28.68 -8.40 21.10
N ILE A 610 -29.89 -8.09 21.57
CA ILE A 610 -31.07 -8.19 20.74
C ILE A 610 -31.67 -6.78 20.76
N GLU A 611 -30.79 -5.78 20.80
CA GLU A 611 -31.22 -4.39 20.81
C GLU A 611 -31.54 -3.95 19.38
N LEU A 612 -32.44 -2.99 19.25
CA LEU A 612 -32.82 -2.49 17.93
C LEU A 612 -32.03 -1.21 17.69
N ILE A 613 -32.45 -0.41 16.72
CA ILE A 613 -31.76 0.85 16.47
C ILE A 613 -32.17 1.83 17.55
N SER A 614 -31.73 3.09 17.43
CA SER A 614 -32.04 4.10 18.44
C SER A 614 -33.54 4.30 18.71
N GLU A 615 -33.88 4.46 19.98
CA GLU A 615 -35.27 4.71 20.34
C GLU A 615 -35.50 6.21 20.32
N LYS A 616 -34.43 6.98 20.10
CA LYS A 616 -34.54 8.43 20.03
C LYS A 616 -34.81 8.88 18.60
N THR A 617 -35.55 9.97 18.47
CA THR A 617 -35.94 10.48 17.15
C THR A 617 -34.86 11.10 16.29
N ALA A 618 -35.13 11.18 15.00
CA ALA A 618 -34.21 11.76 14.04
C ALA A 618 -34.01 13.23 14.36
N ALA A 619 -35.05 13.87 14.89
CA ALA A 619 -34.97 15.28 15.25
C ALA A 619 -33.95 15.44 16.38
N TYR A 620 -33.97 14.53 17.34
CA TYR A 620 -33.04 14.57 18.46
C TYR A 620 -31.62 14.41 17.93
N TRP A 621 -31.42 13.39 17.10
CA TRP A 621 -30.10 13.12 16.57
C TRP A 621 -29.54 14.20 15.65
N CYS A 622 -30.40 14.76 14.79
CA CYS A 622 -29.95 15.81 13.89
C CYS A 622 -29.57 17.07 14.67
N GLN A 623 -30.40 17.48 15.62
CA GLN A 623 -30.07 18.66 16.41
C GLN A 623 -28.79 18.36 17.21
N SER A 624 -28.67 17.15 17.72
CA SER A 624 -27.48 16.76 18.47
C SER A 624 -26.22 16.83 17.63
N VAL A 625 -26.31 16.37 16.38
CA VAL A 625 -25.16 16.42 15.48
C VAL A 625 -24.71 17.85 15.25
N THR A 626 -25.68 18.75 15.09
CA THR A 626 -25.35 20.16 14.87
C THR A 626 -24.60 20.71 16.09
N GLU A 627 -25.07 20.38 17.28
CA GLU A 627 -24.43 20.83 18.52
C GLU A 627 -23.02 20.26 18.65
N LEU A 628 -22.89 18.96 18.43
CA LEU A 628 -21.59 18.31 18.55
C LEU A 628 -20.58 18.87 17.55
N LYS A 629 -20.99 19.06 16.30
CA LYS A 629 -20.08 19.60 15.29
C LYS A 629 -19.72 21.05 15.58
N ALA A 630 -20.63 21.78 16.22
CA ALA A 630 -20.38 23.17 16.55
C ALA A 630 -19.33 23.25 17.66
N ASP A 631 -19.44 22.35 18.63
CA ASP A 631 -18.52 22.35 19.76
C ASP A 631 -17.22 21.57 19.55
N PHE A 632 -17.24 20.60 18.64
CA PHE A 632 -16.06 19.80 18.36
C PHE A 632 -15.81 19.72 16.86
N PRO A 633 -15.44 20.86 16.25
CA PRO A 633 -15.18 20.92 14.80
C PRO A 633 -14.14 19.94 14.26
N ASP A 634 -13.16 19.57 15.08
CA ASP A 634 -12.12 18.65 14.60
C ASP A 634 -12.43 17.18 14.87
N ASN A 635 -13.50 16.90 15.61
CA ASN A 635 -13.86 15.51 15.87
C ASN A 635 -14.89 15.11 14.83
N ILE A 636 -14.66 13.96 14.19
CA ILE A 636 -15.56 13.49 13.14
C ILE A 636 -16.84 12.87 13.68
N VAL A 637 -17.98 13.32 13.15
CA VAL A 637 -19.28 12.80 13.56
C VAL A 637 -19.93 12.19 12.34
N ILE A 638 -20.22 10.89 12.43
CA ILE A 638 -20.85 10.16 11.34
C ILE A 638 -22.25 9.75 11.79
N ALA A 639 -23.25 10.11 11.00
CA ALA A 639 -24.63 9.78 11.33
C ALA A 639 -25.01 8.42 10.77
N SER A 640 -25.42 7.51 11.65
CA SER A 640 -25.82 6.17 11.22
C SER A 640 -27.33 6.21 11.00
N ILE A 641 -27.76 5.81 9.80
CA ILE A 641 -29.19 5.84 9.48
C ILE A 641 -29.69 4.54 8.88
N MET A 642 -30.98 4.31 9.01
CA MET A 642 -31.60 3.11 8.46
C MET A 642 -33.02 3.36 7.98
N CYS A 643 -33.34 2.80 6.81
CA CYS A 643 -34.67 2.88 6.21
C CYS A 643 -35.02 1.51 5.66
N SER A 644 -36.29 1.28 5.37
CA SER A 644 -36.70 0.01 4.78
C SER A 644 -36.27 0.16 3.32
N TYR A 645 -36.47 -0.86 2.51
CA TYR A 645 -36.06 -0.78 1.09
C TYR A 645 -36.98 0.15 0.32
N ASN A 646 -36.81 1.45 0.52
CA ASN A 646 -37.62 2.45 -0.16
C ASN A 646 -36.76 3.67 -0.53
N LYS A 647 -36.74 3.99 -1.82
CA LYS A 647 -35.94 5.09 -2.34
C LYS A 647 -36.21 6.45 -1.69
N ASN A 648 -37.48 6.86 -1.66
CA ASN A 648 -37.82 8.15 -1.08
C ASN A 648 -37.40 8.26 0.38
N ASP A 649 -37.53 7.18 1.13
CA ASP A 649 -37.14 7.19 2.53
C ASP A 649 -35.65 7.40 2.71
N TRP A 650 -34.84 6.57 2.03
CA TRP A 650 -33.39 6.70 2.14
C TRP A 650 -32.93 8.09 1.74
N MET A 651 -33.52 8.64 0.67
CA MET A 651 -33.14 9.96 0.22
C MET A 651 -33.55 11.04 1.22
N GLU A 652 -34.74 10.89 1.81
CA GLU A 652 -35.23 11.86 2.78
C GLU A 652 -34.37 11.86 4.06
N LEU A 653 -34.15 10.67 4.61
CA LEU A 653 -33.36 10.55 5.83
C LEU A 653 -31.89 10.96 5.65
N SER A 654 -31.27 10.52 4.55
CA SER A 654 -29.87 10.88 4.32
C SER A 654 -29.72 12.39 4.17
N ARG A 655 -30.68 13.03 3.51
CA ARG A 655 -30.62 14.48 3.34
C ARG A 655 -30.79 15.21 4.68
N LYS A 656 -31.66 14.67 5.52
CA LYS A 656 -31.89 15.28 6.83
C LYS A 656 -30.61 15.18 7.66
N ALA A 657 -29.96 14.03 7.59
CA ALA A 657 -28.72 13.82 8.35
C ALA A 657 -27.62 14.73 7.81
N GLU A 658 -27.51 14.83 6.50
CA GLU A 658 -26.49 15.70 5.90
C GLU A 658 -26.71 17.16 6.29
N ALA A 659 -27.97 17.59 6.26
CA ALA A 659 -28.30 18.97 6.61
C ALA A 659 -27.97 19.32 8.06
N SER A 660 -27.85 18.31 8.92
CA SER A 660 -27.55 18.56 10.33
C SER A 660 -26.08 18.93 10.51
N GLY A 661 -25.28 18.68 9.48
CA GLY A 661 -23.86 18.99 9.56
C GLY A 661 -22.96 17.79 9.79
N ALA A 662 -23.50 16.59 9.61
CA ALA A 662 -22.72 15.37 9.79
C ALA A 662 -21.55 15.35 8.80
N ASP A 663 -20.40 14.87 9.25
CA ASP A 663 -19.22 14.80 8.37
C ASP A 663 -19.43 13.73 7.31
N ALA A 664 -20.18 12.70 7.66
CA ALA A 664 -20.46 11.60 6.75
C ALA A 664 -21.63 10.79 7.29
N LEU A 665 -22.08 9.82 6.50
CA LEU A 665 -23.18 8.96 6.88
C LEU A 665 -22.74 7.51 6.87
N GLU A 666 -23.38 6.69 7.70
CA GLU A 666 -23.11 5.26 7.73
C GLU A 666 -24.47 4.62 7.52
N LEU A 667 -24.56 3.79 6.49
CA LEU A 667 -25.82 3.12 6.18
C LEU A 667 -25.93 1.77 6.86
N ASN A 668 -26.88 1.65 7.78
CA ASN A 668 -27.10 0.39 8.48
C ASN A 668 -28.00 -0.44 7.57
N LEU A 669 -27.48 -1.57 7.09
CA LEU A 669 -28.24 -2.43 6.19
C LEU A 669 -28.91 -3.62 6.87
N SER A 670 -29.39 -3.42 8.10
CA SER A 670 -30.03 -4.50 8.86
C SER A 670 -31.53 -4.67 8.58
N ALA A 671 -32.12 -3.73 7.84
CA ALA A 671 -33.55 -3.80 7.53
C ALA A 671 -33.94 -4.97 6.62
N PRO A 672 -34.98 -5.71 7.00
CA PRO A 672 -35.47 -6.85 6.23
C PRO A 672 -36.12 -6.53 4.88
N HIS A 673 -36.25 -7.55 4.04
CA HIS A 673 -36.85 -7.45 2.70
C HIS A 673 -36.88 -8.81 1.98
N GLY A 674 -38.06 -9.18 1.47
CA GLY A 674 -38.20 -10.44 0.76
C GLY A 674 -38.75 -11.60 1.55
N MET A 675 -38.60 -12.81 1.02
CA MET A 675 -39.08 -14.02 1.69
C MET A 675 -37.97 -14.70 2.49
N GLY A 676 -36.84 -14.96 1.84
CA GLY A 676 -35.72 -15.57 2.54
C GLY A 676 -35.08 -16.83 2.00
N GLU A 677 -35.45 -17.29 0.81
CA GLU A 677 -34.83 -18.51 0.28
C GLU A 677 -33.88 -18.25 -0.88
N ARG A 678 -33.98 -17.07 -1.48
CA ARG A 678 -33.12 -16.71 -2.61
C ARG A 678 -31.63 -16.79 -2.28
N GLY A 679 -31.30 -17.50 -1.22
CA GLY A 679 -29.91 -17.66 -0.81
C GLY A 679 -29.27 -16.40 -0.29
N MET A 680 -30.02 -15.32 -0.22
CA MET A 680 -29.49 -14.06 0.27
C MET A 680 -30.17 -13.55 1.54
N GLY A 681 -30.45 -14.47 2.45
CA GLY A 681 -31.07 -14.10 3.72
C GLY A 681 -32.32 -13.24 3.67
N LEU A 682 -32.47 -12.41 4.70
CA LEU A 682 -33.64 -11.54 4.82
C LEU A 682 -33.31 -10.06 4.86
N ALA A 683 -32.11 -9.72 5.34
CA ALA A 683 -31.70 -8.33 5.44
C ALA A 683 -31.16 -7.78 4.13
N CYS A 684 -31.37 -6.48 3.90
CA CYS A 684 -30.91 -5.82 2.69
C CYS A 684 -29.41 -6.02 2.52
N GLY A 685 -28.67 -5.93 3.62
CA GLY A 685 -27.23 -6.07 3.58
C GLY A 685 -26.71 -7.43 3.14
N GLN A 686 -27.59 -8.40 2.97
CA GLN A 686 -27.16 -9.73 2.56
C GLN A 686 -27.38 -9.95 1.05
N ASP A 687 -27.91 -8.94 0.37
CA ASP A 687 -28.17 -9.02 -1.06
C ASP A 687 -27.44 -7.92 -1.81
N PRO A 688 -26.44 -8.28 -2.65
CA PRO A 688 -25.66 -7.32 -3.42
C PRO A 688 -26.51 -6.32 -4.20
N GLU A 689 -27.54 -6.82 -4.87
CA GLU A 689 -28.42 -5.97 -5.67
C GLU A 689 -29.11 -4.89 -4.84
N LEU A 690 -29.58 -5.26 -3.66
CA LEU A 690 -30.27 -4.30 -2.79
C LEU A 690 -29.28 -3.26 -2.27
N VAL A 691 -28.10 -3.72 -1.87
CA VAL A 691 -27.07 -2.83 -1.35
C VAL A 691 -26.66 -1.81 -2.42
N ARG A 692 -26.45 -2.28 -3.64
CA ARG A 692 -26.06 -1.41 -4.72
C ARG A 692 -27.09 -0.30 -4.96
N ASN A 693 -28.36 -0.67 -4.98
CA ASN A 693 -29.43 0.29 -5.20
C ASN A 693 -29.56 1.28 -4.05
N ILE A 694 -29.45 0.80 -2.81
CA ILE A 694 -29.54 1.70 -1.67
C ILE A 694 -28.43 2.75 -1.74
N CYS A 695 -27.22 2.32 -2.05
CA CYS A 695 -26.09 3.23 -2.13
C CYS A 695 -26.31 4.24 -3.25
N ARG A 696 -26.89 3.79 -4.35
CA ARG A 696 -27.16 4.69 -5.48
C ARG A 696 -28.13 5.78 -5.07
N TRP A 697 -29.18 5.39 -4.34
CA TRP A 697 -30.17 6.34 -3.88
C TRP A 697 -29.54 7.41 -2.98
N VAL A 698 -28.72 6.98 -2.03
CA VAL A 698 -28.06 7.89 -1.11
C VAL A 698 -27.04 8.78 -1.83
N ARG A 699 -26.28 8.20 -2.74
CA ARG A 699 -25.26 8.97 -3.48
C ARG A 699 -25.90 10.10 -4.27
N GLN A 700 -27.10 9.83 -4.76
CA GLN A 700 -27.89 10.75 -5.56
C GLN A 700 -28.50 11.85 -4.68
N ALA A 701 -28.70 11.55 -3.39
CA ALA A 701 -29.31 12.48 -2.47
C ALA A 701 -28.37 13.40 -1.71
N VAL A 702 -27.16 12.93 -1.42
CA VAL A 702 -26.22 13.75 -0.65
C VAL A 702 -24.86 13.92 -1.30
N GLN A 703 -24.14 14.94 -0.85
CA GLN A 703 -22.81 15.26 -1.36
C GLN A 703 -21.70 14.76 -0.43
N ILE A 704 -22.00 14.68 0.87
CA ILE A 704 -21.01 14.22 1.83
C ILE A 704 -20.70 12.75 1.65
N PRO A 705 -19.56 12.29 2.17
CA PRO A 705 -19.19 10.87 2.03
C PRO A 705 -20.13 9.99 2.86
N PHE A 706 -20.31 8.75 2.43
CA PHE A 706 -21.15 7.83 3.18
C PHE A 706 -20.56 6.43 3.05
N PHE A 707 -20.72 5.64 4.11
CA PHE A 707 -20.18 4.29 4.13
C PHE A 707 -21.27 3.27 4.41
N ALA A 708 -21.18 2.14 3.73
CA ALA A 708 -22.16 1.07 3.91
C ALA A 708 -21.64 0.12 4.99
N LYS A 709 -22.43 -0.09 6.04
CA LYS A 709 -22.00 -1.00 7.10
C LYS A 709 -22.43 -2.40 6.74
N LEU A 710 -21.43 -3.25 6.50
CA LEU A 710 -21.67 -4.63 6.09
C LEU A 710 -21.88 -5.62 7.23
N THR A 711 -22.69 -6.63 6.97
CA THR A 711 -22.94 -7.68 7.94
C THR A 711 -22.00 -8.81 7.58
N PRO A 712 -21.44 -9.52 8.59
CA PRO A 712 -20.53 -10.61 8.31
C PRO A 712 -21.32 -11.89 8.02
N ASN A 713 -22.63 -11.82 8.22
CA ASN A 713 -23.51 -12.97 8.03
C ASN A 713 -23.88 -13.20 6.56
N VAL A 714 -22.86 -13.37 5.73
CA VAL A 714 -23.05 -13.60 4.31
C VAL A 714 -22.00 -14.55 3.80
N THR A 715 -22.31 -15.23 2.69
CA THR A 715 -21.37 -16.17 2.12
C THR A 715 -20.14 -15.47 1.57
N ASP A 716 -20.35 -14.37 0.85
CA ASP A 716 -19.25 -13.62 0.24
C ASP A 716 -19.38 -12.13 0.53
N ILE A 717 -18.72 -11.67 1.60
CA ILE A 717 -18.81 -10.27 1.96
C ILE A 717 -18.20 -9.33 0.91
N VAL A 718 -17.25 -9.85 0.14
CA VAL A 718 -16.62 -9.05 -0.90
C VAL A 718 -17.65 -8.59 -1.95
N SER A 719 -18.59 -9.48 -2.30
CA SER A 719 -19.60 -9.13 -3.30
C SER A 719 -20.49 -7.99 -2.80
N ILE A 720 -20.72 -7.93 -1.49
CA ILE A 720 -21.55 -6.88 -0.93
C ILE A 720 -20.74 -5.57 -0.95
N ALA A 721 -19.47 -5.66 -0.59
CA ALA A 721 -18.60 -4.49 -0.59
C ALA A 721 -18.49 -3.92 -1.99
N ARG A 722 -18.30 -4.80 -2.97
CA ARG A 722 -18.18 -4.37 -4.35
C ARG A 722 -19.48 -3.69 -4.80
N ALA A 723 -20.62 -4.25 -4.41
CA ALA A 723 -21.92 -3.68 -4.76
C ALA A 723 -22.07 -2.26 -4.19
N ALA A 724 -21.61 -2.07 -2.95
CA ALA A 724 -21.70 -0.75 -2.32
C ALA A 724 -20.82 0.22 -3.10
N LYS A 725 -19.64 -0.22 -3.49
CA LYS A 725 -18.71 0.61 -4.24
C LYS A 725 -19.31 0.99 -5.60
N GLU A 726 -19.89 0.01 -6.29
CA GLU A 726 -20.51 0.26 -7.59
C GLU A 726 -21.68 1.21 -7.42
N GLY A 727 -22.34 1.14 -6.27
CA GLY A 727 -23.48 2.01 -6.02
C GLY A 727 -23.09 3.44 -5.70
N GLY A 728 -21.82 3.67 -5.39
CA GLY A 728 -21.37 5.01 -5.09
C GLY A 728 -20.87 5.27 -3.68
N ALA A 729 -20.82 4.24 -2.84
CA ALA A 729 -20.35 4.40 -1.47
C ALA A 729 -18.88 4.82 -1.47
N ASP A 730 -18.50 5.62 -0.48
CA ASP A 730 -17.13 6.11 -0.37
C ASP A 730 -16.26 5.14 0.45
N GLY A 731 -16.90 4.09 0.93
CA GLY A 731 -16.18 3.09 1.71
C GLY A 731 -17.16 2.16 2.40
N VAL A 732 -16.64 1.24 3.20
CA VAL A 732 -17.51 0.32 3.92
C VAL A 732 -17.02 0.13 5.34
N THR A 733 -17.96 -0.20 6.22
CA THR A 733 -17.65 -0.45 7.62
C THR A 733 -17.77 -1.97 7.75
N ALA A 734 -16.68 -2.60 8.17
CA ALA A 734 -16.66 -4.05 8.34
C ALA A 734 -16.18 -4.39 9.75
N THR A 735 -17.03 -5.04 10.56
CA THR A 735 -18.38 -5.44 10.16
C THR A 735 -19.35 -5.29 11.32
N ASN A 736 -20.62 -5.56 11.08
CA ASN A 736 -21.63 -5.48 12.13
C ASN A 736 -21.48 -6.77 12.94
N THR A 737 -22.44 -7.04 13.83
CA THR A 737 -22.38 -8.23 14.67
C THR A 737 -22.63 -9.55 13.95
N VAL A 738 -22.18 -10.63 14.57
CA VAL A 738 -22.35 -11.98 14.04
C VAL A 738 -23.60 -12.57 14.67
N SER A 739 -24.47 -13.14 13.84
CA SER A 739 -25.71 -13.73 14.34
C SER A 739 -25.43 -14.97 15.18
N GLY A 740 -26.06 -15.06 16.34
CA GLY A 740 -25.85 -16.22 17.19
C GLY A 740 -26.81 -16.35 18.36
N LEU A 741 -26.62 -17.42 19.12
CA LEU A 741 -27.42 -17.70 20.31
C LEU A 741 -26.33 -17.94 21.35
N MET A 742 -26.27 -17.10 22.37
CA MET A 742 -25.21 -17.21 23.38
C MET A 742 -25.29 -18.46 24.26
N GLY A 743 -26.49 -18.98 24.49
CA GLY A 743 -26.60 -20.16 25.32
C GLY A 743 -27.96 -20.35 25.96
N LEU A 744 -28.09 -21.46 26.67
CA LEU A 744 -29.32 -21.81 27.36
C LEU A 744 -29.00 -22.27 28.77
N LYS A 745 -29.96 -22.11 29.68
CA LYS A 745 -29.76 -22.56 31.05
C LYS A 745 -30.02 -24.06 31.02
N ALA A 746 -29.68 -24.76 32.10
CA ALA A 746 -29.86 -26.22 32.15
C ALA A 746 -31.30 -26.66 31.94
N ASP A 747 -32.26 -25.79 32.25
CA ASP A 747 -33.66 -26.14 32.08
C ASP A 747 -34.13 -25.89 30.65
N GLY A 748 -33.23 -25.42 29.80
CA GLY A 748 -33.59 -25.17 28.42
C GLY A 748 -34.02 -23.76 28.07
N THR A 749 -34.20 -22.90 29.07
CA THR A 749 -34.61 -21.53 28.80
C THR A 749 -33.40 -20.71 28.33
N PRO A 750 -33.64 -19.72 27.46
CA PRO A 750 -32.55 -18.89 26.93
C PRO A 750 -32.15 -17.69 27.77
N TRP A 751 -31.07 -17.04 27.34
CA TRP A 751 -30.58 -15.84 27.98
C TRP A 751 -29.94 -15.02 26.86
N PRO A 752 -30.46 -13.81 26.62
CA PRO A 752 -31.60 -13.19 27.33
C PRO A 752 -32.95 -13.89 27.18
N ALA A 753 -33.78 -13.79 28.21
CA ALA A 753 -35.12 -14.35 28.21
C ALA A 753 -36.07 -13.19 28.44
N VAL A 754 -37.05 -13.04 27.56
CA VAL A 754 -37.98 -11.92 27.67
C VAL A 754 -39.42 -12.33 28.01
N GLY A 755 -40.01 -11.64 28.98
CA GLY A 755 -41.38 -11.91 29.37
C GLY A 755 -41.63 -13.19 30.16
N ALA A 756 -42.89 -13.40 30.54
CA ALA A 756 -43.29 -14.58 31.29
C ALA A 756 -43.02 -15.83 30.47
N GLY A 757 -43.04 -15.67 29.15
CA GLY A 757 -42.81 -16.79 28.25
C GLY A 757 -41.34 -17.15 28.10
N LYS A 758 -40.47 -16.34 28.69
CA LYS A 758 -39.02 -16.57 28.63
C LYS A 758 -38.56 -16.77 27.19
N ARG A 759 -39.02 -15.90 26.30
CA ARG A 759 -38.68 -16.01 24.89
C ARG A 759 -37.41 -15.25 24.52
N THR A 760 -36.89 -15.55 23.33
CA THR A 760 -35.70 -14.88 22.84
C THR A 760 -35.68 -14.99 21.32
N THR A 761 -34.72 -14.31 20.70
CA THR A 761 -34.56 -14.36 19.26
C THR A 761 -33.06 -14.30 19.02
N TYR A 762 -32.62 -14.64 17.83
CA TYR A 762 -31.20 -14.61 17.52
C TYR A 762 -30.67 -13.20 17.75
N GLY A 763 -29.49 -13.10 18.36
CA GLY A 763 -28.90 -11.81 18.63
C GLY A 763 -27.59 -11.61 17.90
N GLY A 764 -26.97 -10.46 18.11
CA GLY A 764 -25.69 -10.19 17.46
C GLY A 764 -24.55 -10.34 18.45
N VAL A 765 -23.54 -11.10 18.08
CA VAL A 765 -22.38 -11.30 18.94
C VAL A 765 -21.35 -10.23 18.61
N SER A 766 -20.78 -9.62 19.64
CA SER A 766 -19.77 -8.58 19.49
C SER A 766 -18.57 -8.92 20.37
N GLY A 767 -17.47 -8.18 20.23
CA GLY A 767 -16.33 -8.44 21.08
C GLY A 767 -15.16 -9.20 20.48
N THR A 768 -14.15 -9.45 21.30
CA THR A 768 -12.95 -10.14 20.86
C THR A 768 -13.24 -11.52 20.23
N ALA A 769 -14.34 -12.15 20.63
CA ALA A 769 -14.68 -13.46 20.08
C ALA A 769 -14.96 -13.44 18.57
N ILE A 770 -15.36 -12.30 18.03
CA ILE A 770 -15.63 -12.19 16.59
C ILE A 770 -14.51 -11.50 15.83
N ARG A 771 -13.43 -11.14 16.52
CA ARG A 771 -12.32 -10.46 15.86
C ARG A 771 -11.74 -11.24 14.67
N PRO A 772 -11.63 -12.57 14.78
CA PRO A 772 -11.08 -13.36 13.67
C PRO A 772 -11.94 -13.23 12.42
N ILE A 773 -13.24 -13.09 12.63
CA ILE A 773 -14.21 -12.96 11.54
C ILE A 773 -14.08 -11.56 10.92
N ALA A 774 -14.00 -10.55 11.77
CA ALA A 774 -13.88 -9.18 11.30
C ALA A 774 -12.53 -8.96 10.60
N LEU A 775 -11.49 -9.54 11.16
CA LEU A 775 -10.15 -9.40 10.60
C LEU A 775 -10.10 -10.04 9.21
N ARG A 776 -10.80 -11.16 9.06
CA ARG A 776 -10.83 -11.85 7.76
C ARG A 776 -11.60 -10.97 6.77
N ALA A 777 -12.73 -10.44 7.22
CA ALA A 777 -13.57 -9.58 6.38
C ALA A 777 -12.78 -8.37 5.87
N VAL A 778 -12.10 -7.69 6.79
CA VAL A 778 -11.31 -6.51 6.41
C VAL A 778 -10.22 -6.86 5.40
N THR A 779 -9.48 -7.92 5.67
CA THR A 779 -8.39 -8.31 4.77
C THR A 779 -8.88 -8.75 3.38
N THR A 780 -9.99 -9.49 3.31
CA THR A 780 -10.48 -9.95 2.01
C THR A 780 -10.98 -8.79 1.17
N ILE A 781 -11.62 -7.82 1.80
CA ILE A 781 -12.13 -6.64 1.10
C ILE A 781 -10.95 -5.79 0.64
N ALA A 782 -9.98 -5.59 1.53
CA ALA A 782 -8.80 -4.79 1.23
C ALA A 782 -8.03 -5.36 0.04
N ARG A 783 -8.00 -6.69 -0.06
CA ARG A 783 -7.30 -7.33 -1.15
C ARG A 783 -8.09 -7.30 -2.46
N ALA A 784 -9.41 -7.42 -2.37
CA ALA A 784 -10.25 -7.41 -3.56
C ALA A 784 -10.51 -6.01 -4.10
N LEU A 785 -10.61 -5.04 -3.20
CA LEU A 785 -10.87 -3.66 -3.58
C LEU A 785 -9.80 -2.75 -3.01
N PRO A 786 -8.57 -2.83 -3.54
CA PRO A 786 -7.44 -2.02 -3.08
C PRO A 786 -7.73 -0.52 -3.08
N GLY A 787 -7.44 0.12 -1.95
CA GLY A 787 -7.65 1.55 -1.83
C GLY A 787 -9.05 1.99 -1.43
N PHE A 788 -9.99 1.05 -1.40
CA PHE A 788 -11.36 1.38 -1.02
C PHE A 788 -11.39 1.54 0.51
N PRO A 789 -11.72 2.75 1.00
CA PRO A 789 -11.76 3.00 2.45
C PRO A 789 -12.55 1.98 3.28
N ILE A 790 -11.93 1.54 4.38
CA ILE A 790 -12.57 0.58 5.28
C ILE A 790 -12.51 1.07 6.73
N LEU A 791 -13.66 1.08 7.39
CA LEU A 791 -13.73 1.45 8.79
C LEU A 791 -13.92 0.10 9.48
N ALA A 792 -12.96 -0.28 10.30
CA ALA A 792 -13.02 -1.58 10.98
C ALA A 792 -13.78 -1.59 12.29
N THR A 793 -14.45 -2.70 12.55
CA THR A 793 -15.18 -2.89 13.79
C THR A 793 -15.32 -4.39 14.05
N GLY A 794 -15.02 -4.79 15.28
CA GLY A 794 -15.11 -6.19 15.63
C GLY A 794 -13.99 -6.65 16.54
N GLY A 795 -14.15 -6.43 17.85
CA GLY A 795 -13.15 -6.85 18.81
C GLY A 795 -11.91 -6.00 18.98
N ILE A 796 -11.97 -4.72 18.60
CA ILE A 796 -10.82 -3.85 18.79
C ILE A 796 -10.85 -3.38 20.24
N ASP A 797 -9.81 -3.72 21.01
CA ASP A 797 -9.77 -3.38 22.42
C ASP A 797 -8.41 -2.90 22.91
N SER A 798 -7.59 -2.39 22.01
CA SER A 798 -6.25 -1.92 22.37
C SER A 798 -5.57 -1.35 21.13
N ALA A 799 -4.47 -0.64 21.33
CA ALA A 799 -3.74 -0.08 20.20
C ALA A 799 -3.17 -1.23 19.37
N GLU A 800 -2.70 -2.27 20.06
CA GLU A 800 -2.13 -3.42 19.38
C GLU A 800 -3.13 -4.09 18.43
N SER A 801 -4.34 -4.37 18.92
CA SER A 801 -5.33 -4.99 18.06
C SER A 801 -5.75 -4.00 16.99
N GLY A 802 -5.75 -2.72 17.34
CA GLY A 802 -6.11 -1.70 16.37
C GLY A 802 -5.11 -1.68 15.23
N LEU A 803 -3.83 -1.79 15.56
CA LEU A 803 -2.78 -1.80 14.55
C LEU A 803 -2.91 -3.01 13.64
N GLN A 804 -3.45 -4.11 14.17
CA GLN A 804 -3.64 -5.31 13.36
C GLN A 804 -4.65 -5.01 12.25
N PHE A 805 -5.70 -4.27 12.56
CA PHE A 805 -6.70 -3.93 11.56
C PHE A 805 -6.15 -2.92 10.56
N LEU A 806 -5.33 -1.98 11.02
CA LEU A 806 -4.74 -1.00 10.11
C LEU A 806 -3.85 -1.75 9.11
N HIS A 807 -3.03 -2.64 9.65
CA HIS A 807 -2.13 -3.46 8.83
C HIS A 807 -2.94 -4.29 7.82
N SER A 808 -4.18 -4.62 8.19
CA SER A 808 -5.05 -5.40 7.34
C SER A 808 -5.80 -4.60 6.28
N GLY A 809 -5.63 -3.28 6.26
CA GLY A 809 -6.33 -2.50 5.25
C GLY A 809 -7.31 -1.44 5.72
N ALA A 810 -7.62 -1.41 7.01
CA ALA A 810 -8.57 -0.41 7.52
C ALA A 810 -7.86 0.92 7.78
N SER A 811 -8.60 2.02 7.66
CA SER A 811 -8.03 3.35 7.89
C SER A 811 -8.36 3.86 9.29
N VAL A 812 -9.57 3.54 9.76
CA VAL A 812 -9.99 3.98 11.09
C VAL A 812 -10.57 2.79 11.85
N LEU A 813 -10.67 2.94 13.16
CA LEU A 813 -11.10 1.84 14.02
C LEU A 813 -12.29 2.17 14.94
N GLN A 814 -13.39 1.43 14.78
CA GLN A 814 -14.58 1.64 15.59
C GLN A 814 -14.56 0.68 16.78
N VAL A 815 -15.02 1.17 17.93
CA VAL A 815 -15.03 0.38 19.15
C VAL A 815 -16.37 0.43 19.89
N CYS A 816 -16.80 -0.72 20.41
CA CYS A 816 -18.02 -0.79 21.21
C CYS A 816 -17.80 -1.62 22.47
N SER A 817 -17.64 -2.92 22.30
CA SER A 817 -17.45 -3.84 23.40
C SER A 817 -16.36 -3.47 24.40
N ALA A 818 -15.22 -3.01 23.91
CA ALA A 818 -14.12 -2.63 24.82
C ALA A 818 -14.58 -1.52 25.76
N VAL A 819 -15.47 -0.66 25.30
CA VAL A 819 -15.98 0.43 26.14
C VAL A 819 -17.04 -0.14 27.10
N GLN A 820 -17.86 -1.06 26.61
CA GLN A 820 -18.88 -1.67 27.47
C GLN A 820 -18.17 -2.41 28.61
N ASN A 821 -16.98 -2.94 28.31
CA ASN A 821 -16.18 -3.67 29.31
C ASN A 821 -15.47 -2.70 30.26
N GLN A 822 -15.42 -1.43 29.89
CA GLN A 822 -14.71 -0.45 30.70
C GLN A 822 -15.38 0.92 30.72
N ASP A 823 -14.80 1.88 30.02
CA ASP A 823 -15.35 3.22 29.96
C ASP A 823 -14.62 4.02 28.87
N PHE A 824 -15.02 5.28 28.70
CA PHE A 824 -14.42 6.14 27.67
C PHE A 824 -12.94 6.45 27.80
N THR A 825 -12.39 6.36 29.02
CA THR A 825 -10.98 6.68 29.20
C THR A 825 -9.99 5.75 28.51
N VAL A 826 -10.46 4.63 27.97
CA VAL A 826 -9.53 3.72 27.28
C VAL A 826 -8.89 4.42 26.07
N ILE A 827 -9.51 5.49 25.59
CA ILE A 827 -8.96 6.20 24.44
C ILE A 827 -7.53 6.69 24.75
N GLN A 828 -7.29 7.07 26.01
CA GLN A 828 -5.98 7.53 26.44
C GLN A 828 -4.96 6.39 26.24
N ASP A 829 -5.36 5.18 26.58
CA ASP A 829 -4.49 4.01 26.44
C ASP A 829 -4.25 3.69 24.96
N TYR A 830 -5.30 3.78 24.16
CA TYR A 830 -5.20 3.48 22.73
C TYR A 830 -4.27 4.46 22.02
N CYS A 831 -4.37 5.73 22.36
CA CYS A 831 -3.52 6.74 21.72
C CYS A 831 -2.05 6.64 22.11
N THR A 832 -1.75 6.53 23.40
CA THR A 832 -0.34 6.41 23.80
C THR A 832 0.21 5.09 23.29
N GLY A 833 -0.66 4.07 23.28
CA GLY A 833 -0.24 2.76 22.81
C GLY A 833 0.16 2.76 21.34
N LEU A 834 -0.65 3.41 20.51
CA LEU A 834 -0.36 3.46 19.08
C LEU A 834 0.89 4.30 18.81
N LYS A 835 1.02 5.42 19.53
CA LYS A 835 2.20 6.26 19.36
C LYS A 835 3.46 5.44 19.67
N ALA A 836 3.43 4.68 20.76
CA ALA A 836 4.56 3.86 21.15
C ALA A 836 4.92 2.78 20.12
N LEU A 837 3.91 2.11 19.59
CA LEU A 837 4.13 1.08 18.59
C LEU A 837 4.79 1.66 17.34
N LEU A 838 4.35 2.84 16.92
CA LEU A 838 4.93 3.47 15.74
C LEU A 838 6.35 3.95 16.03
N TYR A 839 6.54 4.56 17.19
CA TYR A 839 7.84 5.06 17.61
C TYR A 839 8.89 3.94 17.62
N LEU A 840 8.55 2.83 18.26
CA LEU A 840 9.46 1.70 18.38
C LEU A 840 9.94 1.12 17.04
N LYS A 841 9.17 1.32 15.98
CA LYS A 841 9.55 0.82 14.67
C LYS A 841 10.77 1.56 14.12
N SER A 842 11.09 2.72 14.70
CA SER A 842 12.23 3.51 14.26
C SER A 842 13.50 3.24 15.06
N ILE A 843 13.38 2.42 16.12
CA ILE A 843 14.52 2.10 16.97
C ILE A 843 15.19 0.80 16.53
N GLU A 844 16.36 0.92 15.91
CA GLU A 844 17.07 -0.25 15.40
C GLU A 844 17.46 -1.27 16.46
N GLU A 845 17.92 -0.81 17.62
CA GLU A 845 18.33 -1.75 18.66
C GLU A 845 17.20 -2.54 19.33
N LEU A 846 15.95 -2.25 18.98
CA LEU A 846 14.81 -2.97 19.58
C LEU A 846 14.05 -3.79 18.55
N GLN A 847 14.68 -4.11 17.42
CA GLN A 847 14.02 -4.87 16.37
C GLN A 847 13.59 -6.27 16.79
N GLY A 848 14.25 -6.83 17.80
CA GLY A 848 13.91 -8.17 18.26
C GLY A 848 12.63 -8.24 19.07
N TRP A 849 12.10 -7.08 19.44
CA TRP A 849 10.87 -6.99 20.21
C TRP A 849 9.65 -7.21 19.31
N ASP A 850 8.53 -7.58 19.92
CA ASP A 850 7.28 -7.73 19.18
C ASP A 850 6.42 -6.59 19.71
N GLY A 851 6.43 -5.47 18.99
CA GLY A 851 5.66 -4.33 19.45
C GLY A 851 6.32 -3.85 20.73
N GLN A 852 5.55 -3.73 21.80
CA GLN A 852 6.12 -3.27 23.07
C GLN A 852 6.64 -4.40 23.96
N SER A 853 6.61 -5.63 23.45
CA SER A 853 7.08 -6.78 24.23
C SER A 853 8.53 -7.15 23.93
N PRO A 854 9.40 -7.07 24.95
CA PRO A 854 10.82 -7.42 24.76
C PRO A 854 10.90 -8.89 24.38
N GLY A 855 11.97 -9.30 23.70
CA GLY A 855 12.10 -10.70 23.36
C GLY A 855 12.06 -11.48 24.66
N THR A 856 11.34 -12.59 24.69
CA THR A 856 11.24 -13.38 25.93
C THR A 856 12.52 -14.12 26.27
N GLU A 857 13.02 -13.89 27.48
CA GLU A 857 14.25 -14.54 27.95
C GLU A 857 13.92 -15.65 28.95
N SER A 858 14.74 -16.70 28.93
CA SER A 858 14.53 -17.83 29.83
C SER A 858 14.32 -17.36 31.27
N HIS A 859 13.25 -17.82 31.89
CA HIS A 859 12.94 -17.42 33.27
C HIS A 859 12.08 -18.44 34.01
N GLN A 860 11.94 -18.22 35.31
CA GLN A 860 11.11 -19.03 36.19
C GLN A 860 10.46 -18.00 37.11
N LYS A 861 9.14 -17.97 37.15
CA LYS A 861 8.43 -16.99 37.97
C LYS A 861 8.79 -15.57 37.54
N GLY A 862 9.12 -15.41 36.26
CA GLY A 862 9.47 -14.09 35.75
C GLY A 862 10.87 -13.62 36.08
N LYS A 863 11.60 -14.40 36.86
CA LYS A 863 12.97 -14.03 37.22
C LYS A 863 13.95 -14.75 36.29
N PRO A 864 14.91 -14.01 35.73
CA PRO A 864 15.93 -14.54 34.81
C PRO A 864 16.67 -15.77 35.35
N VAL A 865 16.75 -16.80 34.51
CA VAL A 865 17.43 -18.03 34.88
C VAL A 865 18.94 -17.86 34.80
N PRO A 866 19.67 -18.30 35.82
CA PRO A 866 21.14 -18.19 35.85
C PRO A 866 21.77 -18.95 34.68
N ARG A 867 22.48 -18.23 33.81
CA ARG A 867 23.14 -18.86 32.68
C ARG A 867 24.52 -19.36 33.11
N ILE A 868 24.53 -20.32 34.02
CA ILE A 868 25.76 -20.90 34.53
C ILE A 868 26.02 -22.23 33.85
N ALA A 869 27.21 -22.39 33.30
CA ALA A 869 27.59 -23.63 32.62
C ALA A 869 27.28 -24.84 33.48
N GLU A 870 27.36 -24.64 34.79
CA GLU A 870 27.09 -25.70 35.76
C GLU A 870 25.64 -26.16 35.81
N LEU A 871 24.73 -25.38 35.23
CA LEU A 871 23.31 -25.73 35.23
C LEU A 871 22.75 -26.17 33.89
N MET A 872 23.34 -25.68 32.80
CA MET A 872 22.86 -25.97 31.47
C MET A 872 22.90 -27.41 30.98
N GLY A 873 21.73 -27.92 30.60
CA GLY A 873 21.61 -29.26 30.09
C GLY A 873 21.74 -30.36 31.13
N LYS A 874 21.76 -29.98 32.40
CA LYS A 874 21.89 -30.99 33.45
C LYS A 874 20.57 -31.61 33.85
N LYS A 875 19.51 -31.22 33.14
CA LYS A 875 18.18 -31.75 33.37
C LYS A 875 17.78 -31.68 34.85
N LEU A 876 17.84 -30.47 35.40
CA LEU A 876 17.48 -30.27 36.79
C LEU A 876 16.22 -29.41 36.89
N PRO A 877 15.06 -30.06 37.08
CA PRO A 877 13.79 -29.36 37.20
C PRO A 877 13.80 -28.55 38.49
N ASN A 878 12.86 -27.62 38.62
CA ASN A 878 12.79 -26.79 39.81
C ASN A 878 11.95 -27.38 40.94
N PHE A 879 12.22 -28.63 41.28
CA PHE A 879 11.50 -29.28 42.37
C PHE A 879 12.27 -30.47 42.94
N GLY A 880 11.85 -30.91 44.12
CA GLY A 880 12.48 -32.05 44.78
C GLY A 880 14.00 -31.99 44.90
N PRO A 881 14.67 -33.14 44.81
CA PRO A 881 16.13 -33.19 44.92
C PRO A 881 16.85 -32.39 43.85
N TYR A 882 16.20 -32.20 42.70
CA TYR A 882 16.81 -31.44 41.60
C TYR A 882 16.97 -29.99 42.00
N LEU A 883 15.96 -29.46 42.69
CA LEU A 883 16.00 -28.07 43.13
C LEU A 883 17.15 -27.89 44.11
N GLU A 884 17.34 -28.87 45.00
CA GLU A 884 18.43 -28.81 45.97
C GLU A 884 19.76 -28.69 45.23
N GLN A 885 19.91 -29.48 44.18
CA GLN A 885 21.13 -29.49 43.39
C GLN A 885 21.35 -28.12 42.70
N ARG A 886 20.28 -27.56 42.14
CA ARG A 886 20.37 -26.26 41.48
C ARG A 886 20.86 -25.22 42.48
N LYS A 887 20.29 -25.25 43.68
CA LYS A 887 20.65 -24.31 44.73
C LYS A 887 22.11 -24.44 45.13
N LYS A 888 22.60 -25.68 45.19
CA LYS A 888 23.99 -25.94 45.54
C LYS A 888 24.90 -25.35 44.47
N ILE A 889 24.56 -25.59 43.22
CA ILE A 889 25.33 -25.08 42.09
C ILE A 889 25.37 -23.56 42.05
N ILE A 890 24.22 -22.94 42.29
CA ILE A 890 24.14 -21.48 42.28
C ILE A 890 24.99 -20.90 43.42
N ALA A 891 24.90 -21.52 44.60
CA ALA A 891 25.66 -21.06 45.75
C ALA A 891 27.17 -21.10 45.45
N GLU A 892 27.61 -22.21 44.86
CA GLU A 892 29.02 -22.36 44.52
C GLU A 892 29.44 -21.30 43.50
N GLU A 893 28.55 -20.98 42.58
CA GLU A 893 28.83 -19.95 41.58
C GLU A 893 29.02 -18.58 42.24
N LYS A 894 28.16 -18.28 43.23
CA LYS A 894 28.25 -17.00 43.93
C LYS A 894 29.58 -16.88 44.68
N MET A 895 30.03 -17.99 45.24
CA MET A 895 31.30 -18.00 45.98
C MET A 895 32.47 -17.79 45.05
N ARG A 896 32.34 -18.31 43.83
CA ARG A 896 33.41 -18.17 42.85
C ARG A 896 33.46 -16.73 42.36
N LEU A 897 32.30 -16.11 42.21
CA LEU A 897 32.23 -14.72 41.77
C LEU A 897 32.85 -13.84 42.84
N LYS A 898 32.77 -14.30 44.08
CA LYS A 898 33.30 -13.57 45.22
C LYS A 898 34.83 -13.63 45.28
N GLU A 899 35.39 -14.80 44.98
CA GLU A 899 36.83 -14.97 45.01
C GLU A 899 37.45 -14.06 43.97
N GLN A 900 37.00 -14.20 42.74
CA GLN A 900 37.52 -13.39 41.65
C GLN A 900 36.79 -12.06 41.61
N ASN A 901 37.18 -11.17 42.51
CA ASN A 901 36.61 -9.83 42.61
C ASN A 901 36.84 -9.15 41.27
N ALA A 902 35.77 -8.86 40.54
CA ALA A 902 35.89 -8.20 39.24
C ALA A 902 34.52 -7.82 38.67
N ALA A 903 34.46 -6.63 38.05
CA ALA A 903 33.25 -6.08 37.41
C ALA A 903 32.91 -4.67 37.90
N PHE A 904 32.06 -3.99 37.14
CA PHE A 904 31.63 -2.62 37.42
C PHE A 904 31.17 -1.83 36.19
N PRO A 905 31.17 -2.45 34.99
CA PRO A 905 30.73 -1.76 33.77
C PRO A 905 29.27 -1.47 33.38
N PRO A 906 28.46 -0.89 34.27
CA PRO A 906 27.09 -0.63 33.83
C PRO A 906 26.99 0.14 32.51
N LEU A 907 28.12 0.39 31.87
CA LEU A 907 28.14 1.12 30.60
C LEU A 907 27.05 2.16 30.63
N GLU A 908 27.37 3.30 31.22
CA GLU A 908 26.45 4.42 31.38
C GLU A 908 25.24 4.38 30.45
N ARG A 909 24.08 4.64 31.04
CA ARG A 909 22.81 4.65 30.33
C ARG A 909 22.84 5.67 29.19
N LYS A 910 22.41 5.26 28.01
CA LYS A 910 22.39 6.14 26.84
C LYS A 910 21.13 5.89 25.98
N PRO A 911 20.31 6.93 25.76
CA PRO A 911 19.07 6.82 24.98
C PRO A 911 19.22 6.39 23.53
N PHE A 912 18.29 5.54 23.09
CA PHE A 912 18.28 5.08 21.71
C PHE A 912 17.70 6.20 20.87
N ILE A 913 18.21 6.38 19.65
CA ILE A 913 17.74 7.43 18.77
C ILE A 913 17.14 6.84 17.50
N PRO A 914 15.98 7.35 17.08
CA PRO A 914 15.36 6.82 15.85
C PRO A 914 16.37 6.88 14.71
N LYS A 915 16.49 5.80 13.96
CA LYS A 915 17.43 5.74 12.84
C LYS A 915 16.71 5.80 11.49
N LYS A 916 15.41 6.09 11.54
CA LYS A 916 14.59 6.20 10.34
C LYS A 916 13.37 7.01 10.74
N PRO A 917 12.64 7.55 9.76
CA PRO A 917 11.43 8.33 10.08
C PRO A 917 10.40 7.48 10.80
N ILE A 918 9.67 8.09 11.72
CA ILE A 918 8.64 7.37 12.45
C ILE A 918 7.47 7.24 11.49
N PRO A 919 6.99 6.01 11.26
CA PRO A 919 5.88 5.78 10.35
C PRO A 919 4.60 6.51 10.73
N ALA A 920 3.87 6.99 9.74
CA ALA A 920 2.60 7.66 9.97
C ALA A 920 1.58 6.53 9.77
N ILE A 921 0.33 6.77 10.14
CA ILE A 921 -0.69 5.73 9.96
C ILE A 921 -0.75 5.30 8.49
N LYS A 922 -0.70 6.26 7.58
CA LYS A 922 -0.78 5.97 6.15
C LYS A 922 0.32 5.02 5.70
N ASP A 923 1.44 5.03 6.42
CA ASP A 923 2.56 4.16 6.06
C ASP A 923 2.41 2.70 6.47
N VAL A 924 1.49 2.41 7.38
CA VAL A 924 1.31 1.04 7.83
C VAL A 924 0.06 0.35 7.27
N ILE A 925 -0.89 1.13 6.78
CA ILE A 925 -2.13 0.58 6.26
C ILE A 925 -1.91 -0.44 5.16
N GLY A 926 -2.46 -1.63 5.33
CA GLY A 926 -2.35 -2.70 4.34
C GLY A 926 -1.02 -3.43 4.23
N LYS A 927 -0.06 -3.10 5.10
CA LYS A 927 1.24 -3.74 5.05
C LYS A 927 1.26 -5.25 5.28
N ALA A 928 0.20 -5.78 5.91
CA ALA A 928 0.13 -7.21 6.19
C ALA A 928 -0.42 -8.02 5.02
N LEU A 929 -1.11 -7.36 4.09
CA LEU A 929 -1.71 -8.04 2.96
C LEU A 929 -0.70 -8.82 2.11
N GLN A 930 0.55 -8.35 2.08
CA GLN A 930 1.59 -9.01 1.30
C GLN A 930 1.83 -10.46 1.73
N TYR A 931 1.49 -10.77 2.98
CA TYR A 931 1.68 -12.12 3.49
C TYR A 931 0.49 -13.05 3.27
N LEU A 932 -0.67 -12.48 2.93
CA LEU A 932 -1.86 -13.28 2.71
C LEU A 932 -1.96 -13.81 1.29
N GLY A 933 -2.48 -15.03 1.16
CA GLY A 933 -2.63 -15.63 -0.14
C GLY A 933 -3.41 -16.93 -0.06
N THR A 934 -3.35 -17.73 -1.12
CA THR A 934 -4.04 -19.01 -1.18
C THR A 934 -3.22 -20.05 -0.44
N PHE A 935 -3.80 -21.21 -0.18
CA PHE A 935 -3.08 -22.27 0.50
C PHE A 935 -1.93 -22.73 -0.39
N GLY A 936 -2.20 -22.79 -1.70
CA GLY A 936 -1.20 -23.23 -2.65
C GLY A 936 0.07 -22.40 -2.66
N GLU A 937 -0.04 -21.16 -2.18
CA GLU A 937 1.12 -20.28 -2.15
C GLU A 937 1.98 -20.52 -0.92
N LEU A 938 1.52 -21.41 -0.04
CA LEU A 938 2.27 -21.74 1.16
C LEU A 938 3.23 -22.88 0.84
N SER A 939 4.46 -22.77 1.30
CA SER A 939 5.48 -23.79 1.07
C SER A 939 5.27 -25.02 1.94
N ASN A 940 5.22 -26.19 1.32
CA ASN A 940 5.08 -27.43 2.08
C ASN A 940 6.44 -28.10 2.19
N ILE A 941 7.48 -27.38 1.77
CA ILE A 941 8.85 -27.87 1.81
C ILE A 941 9.54 -27.28 3.05
N GLU A 942 9.22 -26.03 3.35
CA GLU A 942 9.80 -25.35 4.51
C GLU A 942 8.97 -25.67 5.75
N GLN A 943 9.24 -26.84 6.33
CA GLN A 943 8.53 -27.31 7.52
C GLN A 943 9.28 -26.95 8.80
N VAL A 944 8.57 -27.03 9.92
CA VAL A 944 9.19 -26.74 11.22
C VAL A 944 8.89 -27.85 12.22
N VAL A 945 9.61 -27.81 13.34
CA VAL A 945 9.41 -28.77 14.42
C VAL A 945 9.43 -27.95 15.71
N ALA A 946 8.84 -28.50 16.76
CA ALA A 946 8.79 -27.82 18.04
C ALA A 946 10.09 -28.05 18.82
N VAL A 947 10.51 -27.04 19.56
CA VAL A 947 11.71 -27.12 20.38
C VAL A 947 11.38 -26.51 21.73
N ILE A 948 11.64 -27.26 22.80
CA ILE A 948 11.34 -26.80 24.15
C ILE A 948 12.54 -26.30 24.95
N ASP A 949 12.37 -25.16 25.62
CA ASP A 949 13.43 -24.60 26.45
C ASP A 949 13.23 -25.17 27.85
N GLU A 950 14.01 -26.19 28.19
CA GLU A 950 13.91 -26.86 29.49
C GLU A 950 13.93 -25.91 30.68
N GLU A 951 14.66 -24.81 30.56
CA GLU A 951 14.78 -23.85 31.64
C GLU A 951 13.51 -23.06 31.96
N MET A 952 12.60 -22.97 30.99
CA MET A 952 11.35 -22.23 31.17
C MET A 952 10.16 -23.12 31.50
N CYS A 953 10.32 -24.42 31.29
CA CYS A 953 9.28 -25.40 31.51
C CYS A 953 8.82 -25.53 32.97
N ILE A 954 7.51 -25.62 33.19
CA ILE A 954 7.01 -25.81 34.54
C ILE A 954 6.43 -27.21 34.74
N ASN A 955 6.89 -28.13 33.89
CA ASN A 955 6.58 -29.56 33.96
C ASN A 955 5.13 -30.04 34.05
N CYS A 956 4.20 -29.35 33.40
CA CYS A 956 2.80 -29.74 33.47
C CYS A 956 2.41 -30.87 32.52
N GLY A 957 3.19 -31.07 31.46
CA GLY A 957 2.88 -32.13 30.52
C GLY A 957 1.74 -31.87 29.55
N LYS A 958 1.27 -30.63 29.45
CA LYS A 958 0.19 -30.33 28.51
C LYS A 958 0.62 -30.53 27.05
N CYS A 959 1.88 -30.20 26.74
CA CYS A 959 2.38 -30.39 25.38
C CYS A 959 2.31 -31.89 25.05
N TYR A 960 2.71 -32.70 26.03
CA TYR A 960 2.71 -34.15 25.93
C TYR A 960 1.28 -34.69 25.72
N MET A 961 0.33 -34.23 26.52
CA MET A 961 -1.07 -34.67 26.41
C MET A 961 -1.73 -34.24 25.09
N THR A 962 -1.43 -33.04 24.64
CA THR A 962 -1.99 -32.54 23.40
C THR A 962 -1.45 -33.33 22.21
N CYS A 963 -0.15 -33.63 22.22
CA CYS A 963 0.45 -34.38 21.13
C CYS A 963 -0.03 -35.83 21.16
N ASN A 964 -0.31 -36.35 22.37
CA ASN A 964 -0.77 -37.73 22.50
C ASN A 964 -2.19 -37.96 22.00
N ASP A 965 -3.13 -37.13 22.44
CA ASP A 965 -4.52 -37.31 22.05
C ASP A 965 -5.01 -36.36 20.96
N SER A 966 -4.13 -35.51 20.46
CA SER A 966 -4.51 -34.57 19.39
C SER A 966 -3.37 -34.41 18.39
N GLY A 967 -2.34 -35.24 18.52
CA GLY A 967 -1.21 -35.10 17.61
C GLY A 967 -0.55 -36.36 17.06
N TYR A 968 0.78 -36.41 17.21
CA TYR A 968 1.55 -37.51 16.66
C TYR A 968 2.39 -38.30 17.68
N GLN A 969 2.03 -38.18 18.96
CA GLN A 969 2.74 -38.91 20.01
C GLN A 969 4.26 -38.76 19.84
N ALA A 970 4.72 -37.53 19.61
CA ALA A 970 6.14 -37.26 19.37
C ALA A 970 6.92 -36.71 20.55
N ILE A 971 6.27 -36.57 21.71
CA ILE A 971 6.95 -36.04 22.87
C ILE A 971 7.17 -37.07 23.97
N GLN A 972 8.39 -37.11 24.49
CA GLN A 972 8.73 -38.01 25.59
C GLN A 972 8.60 -37.16 26.85
N PHE A 973 7.91 -37.68 27.85
CA PHE A 973 7.73 -36.95 29.12
C PHE A 973 8.42 -37.79 30.19
N ASP A 974 9.55 -37.30 30.69
CA ASP A 974 10.31 -38.05 31.69
C ASP A 974 9.56 -38.32 32.97
N PRO A 975 9.50 -39.58 33.39
CA PRO A 975 8.79 -39.96 34.61
C PRO A 975 9.38 -39.46 35.92
N GLU A 976 10.64 -39.05 35.91
CA GLU A 976 11.28 -38.56 37.13
C GLU A 976 11.40 -37.05 37.21
N THR A 977 11.77 -36.43 36.09
CA THR A 977 11.97 -34.98 36.05
C THR A 977 10.76 -34.22 35.50
N HIS A 978 9.85 -34.96 34.87
CA HIS A 978 8.68 -34.33 34.26
C HIS A 978 9.10 -33.27 33.25
N LEU A 979 10.16 -33.57 32.51
CA LEU A 979 10.66 -32.67 31.46
C LEU A 979 10.32 -33.33 30.13
N PRO A 980 9.75 -32.55 29.20
CA PRO A 980 9.38 -33.07 27.88
C PRO A 980 10.49 -32.89 26.86
N THR A 981 10.56 -33.81 25.90
CA THR A 981 11.55 -33.74 24.84
C THR A 981 10.84 -34.06 23.53
N VAL A 982 10.90 -33.14 22.58
CA VAL A 982 10.27 -33.35 21.27
C VAL A 982 11.17 -34.28 20.47
N THR A 983 10.62 -35.35 19.91
CA THR A 983 11.41 -36.28 19.13
C THR A 983 11.32 -35.99 17.63
N ASP A 984 12.01 -36.81 16.84
CA ASP A 984 12.05 -36.64 15.39
C ASP A 984 10.75 -36.93 14.64
N THR A 985 9.73 -37.42 15.36
CA THR A 985 8.45 -37.73 14.73
C THR A 985 7.52 -36.52 14.69
N CYS A 986 8.01 -35.39 15.22
CA CYS A 986 7.25 -34.15 15.25
C CYS A 986 6.93 -33.71 13.80
N THR A 987 5.71 -33.23 13.57
CA THR A 987 5.30 -32.78 12.24
C THR A 987 5.14 -31.26 12.20
N GLY A 988 5.37 -30.61 13.33
CA GLY A 988 5.24 -29.17 13.41
C GLY A 988 3.82 -28.64 13.37
N CYS A 989 2.84 -29.47 13.72
CA CYS A 989 1.45 -29.02 13.70
C CYS A 989 1.30 -27.76 14.55
N THR A 990 2.11 -27.66 15.61
CA THR A 990 2.15 -26.50 16.51
C THR A 990 1.14 -26.46 17.66
N LEU A 991 0.42 -27.57 17.86
CA LEU A 991 -0.55 -27.63 18.95
C LEU A 991 0.09 -27.53 20.33
N CYS A 992 1.23 -28.19 20.54
CA CYS A 992 1.89 -28.14 21.83
C CYS A 992 2.23 -26.70 22.21
N LEU A 993 2.83 -25.96 21.29
CA LEU A 993 3.18 -24.56 21.54
C LEU A 993 1.92 -23.78 21.89
N SER A 994 0.83 -24.09 21.19
CA SER A 994 -0.44 -23.40 21.40
C SER A 994 -1.11 -23.64 22.76
N VAL A 995 -0.79 -24.76 23.42
CA VAL A 995 -1.39 -25.03 24.73
C VAL A 995 -0.45 -24.79 25.91
N CYS A 996 0.83 -24.52 25.62
CA CYS A 996 1.81 -24.29 26.69
C CYS A 996 1.49 -23.05 27.52
N PRO A 997 1.49 -23.18 28.86
CA PRO A 997 1.20 -22.02 29.71
C PRO A 997 2.31 -20.97 29.79
N ILE A 998 3.52 -21.35 29.41
CA ILE A 998 4.65 -20.41 29.47
C ILE A 998 4.96 -19.82 28.11
N ILE A 999 4.82 -18.50 28.00
CA ILE A 999 5.06 -17.80 26.74
C ILE A 999 6.48 -18.03 26.24
N ASP A 1000 6.57 -18.53 25.01
CA ASP A 1000 7.85 -18.78 24.36
C ASP A 1000 8.71 -19.89 24.94
N CYS A 1001 8.10 -20.76 25.75
CA CYS A 1001 8.87 -21.88 26.29
C CYS A 1001 9.12 -22.83 25.12
N ILE A 1002 8.10 -22.95 24.26
CA ILE A 1002 8.20 -23.78 23.07
C ILE A 1002 8.27 -22.84 21.87
N ARG A 1003 9.14 -23.16 20.92
CA ARG A 1003 9.30 -22.36 19.70
C ARG A 1003 9.37 -23.29 18.51
N MET A 1004 8.89 -22.81 17.37
CA MET A 1004 8.93 -23.61 16.15
C MET A 1004 10.19 -23.20 15.38
N VAL A 1005 11.00 -24.19 15.02
CA VAL A 1005 12.23 -23.91 14.27
C VAL A 1005 12.27 -24.74 12.98
N SER A 1006 13.02 -24.25 12.00
CA SER A 1006 13.15 -24.93 10.72
C SER A 1006 13.61 -26.38 10.88
N ARG A 1007 12.96 -27.29 10.16
CA ARG A 1007 13.32 -28.70 10.18
C ARG A 1007 14.72 -28.86 9.60
N THR A 1008 15.53 -29.75 10.17
CA THR A 1008 16.89 -29.99 9.67
C THR A 1008 16.99 -31.18 8.73
N THR A 1009 15.85 -31.74 8.33
CA THR A 1009 15.85 -32.88 7.42
C THR A 1009 14.59 -32.90 6.55
N PRO A 1010 14.73 -33.35 5.29
CA PRO A 1010 13.57 -33.40 4.39
C PRO A 1010 12.39 -34.08 5.10
N TYR A 1011 11.26 -33.41 5.09
CA TYR A 1011 10.04 -33.88 5.72
C TYR A 1011 9.33 -34.97 4.90
N GLU A 1012 8.75 -35.95 5.58
CA GLU A 1012 8.05 -37.03 4.91
C GLU A 1012 6.70 -37.32 5.55
N PRO A 1013 5.60 -36.97 4.86
CA PRO A 1013 4.24 -37.18 5.38
C PRO A 1013 3.96 -38.63 5.75
N LYS A 1014 3.31 -38.83 6.89
CA LYS A 1014 2.95 -40.18 7.33
C LYS A 1014 1.68 -40.56 6.58
N ARG A 1015 1.78 -41.59 5.74
CA ARG A 1015 0.61 -42.03 4.97
C ARG A 1015 -0.12 -43.20 5.61
N GLY A 1016 0.43 -43.74 6.69
CA GLY A 1016 -0.16 -44.90 7.37
C GLY A 1016 0.01 -46.09 6.46
N LEU A 1017 -0.08 -45.71 5.19
CA LEU A 1017 0.04 -46.43 3.95
C LEU A 1017 -0.95 -47.37 3.45
N ALA B 2 -34.91 23.97 21.54
CA ALA B 2 -34.87 23.18 22.80
C ALA B 2 -33.49 23.29 23.43
N PRO B 3 -33.37 22.93 24.73
CA PRO B 3 -32.07 23.02 25.42
C PRO B 3 -30.98 22.30 24.65
N VAL B 4 -29.76 22.32 25.18
CA VAL B 4 -28.66 21.65 24.51
C VAL B 4 -28.85 20.15 24.73
N LEU B 5 -29.32 19.46 23.70
CA LEU B 5 -29.58 18.02 23.79
C LEU B 5 -28.35 17.16 24.09
N SER B 6 -27.20 17.53 23.54
CA SER B 6 -25.97 16.77 23.71
C SER B 6 -25.19 17.09 24.99
N LYS B 7 -25.87 17.67 25.97
CA LYS B 7 -25.23 18.02 27.24
C LYS B 7 -25.99 17.40 28.41
N ASP B 8 -25.26 16.95 29.41
CA ASP B 8 -25.89 16.37 30.59
C ASP B 8 -26.44 17.50 31.47
N VAL B 9 -27.66 17.33 31.95
CA VAL B 9 -28.25 18.33 32.82
C VAL B 9 -27.58 18.18 34.18
N ALA B 10 -27.79 19.15 35.07
CA ALA B 10 -27.18 19.14 36.40
C ALA B 10 -27.28 17.81 37.15
N ASP B 11 -28.48 17.24 37.23
CA ASP B 11 -28.67 15.98 37.95
C ASP B 11 -27.86 14.81 37.40
N ILE B 12 -27.64 14.80 36.08
CA ILE B 12 -26.86 13.72 35.48
C ILE B 12 -25.38 13.99 35.71
N GLU B 13 -24.97 15.26 35.59
CA GLU B 13 -23.58 15.61 35.83
C GLU B 13 -23.23 15.17 37.23
N SER B 14 -24.19 15.35 38.14
CA SER B 14 -23.99 14.98 39.53
C SER B 14 -23.85 13.46 39.67
N ILE B 15 -24.73 12.72 39.00
CA ILE B 15 -24.66 11.27 39.09
C ILE B 15 -23.36 10.73 38.50
N LEU B 16 -22.78 11.49 37.56
CA LEU B 16 -21.52 11.11 36.90
C LEU B 16 -20.26 11.59 37.63
N ALA B 17 -20.45 12.18 38.81
CA ALA B 17 -19.33 12.72 39.59
C ALA B 17 -18.11 11.80 39.75
N LEU B 18 -18.34 10.52 40.03
CA LEU B 18 -17.24 9.58 40.22
C LEU B 18 -16.87 8.76 38.97
N ASN B 19 -17.45 9.14 37.82
CA ASN B 19 -17.16 8.43 36.58
C ASN B 19 -15.72 8.74 36.16
N PRO B 20 -14.97 7.72 35.70
CA PRO B 20 -13.58 7.86 35.27
C PRO B 20 -13.37 8.94 34.20
N ARG B 21 -12.37 9.77 34.41
CA ARG B 21 -12.02 10.82 33.47
C ARG B 21 -10.49 10.97 33.53
N THR B 22 -9.86 11.06 32.37
CA THR B 22 -8.40 11.20 32.34
C THR B 22 -7.95 12.56 32.83
N GLN B 23 -6.95 12.56 33.70
CA GLN B 23 -6.42 13.80 34.25
C GLN B 23 -5.35 14.35 33.33
N SER B 24 -5.32 15.68 33.21
CA SER B 24 -4.34 16.35 32.36
C SER B 24 -3.14 16.86 33.16
N HIS B 25 -3.18 16.68 34.47
CA HIS B 25 -2.08 17.10 35.34
C HIS B 25 -1.87 16.07 36.44
N ALA B 26 -0.72 16.15 37.09
CA ALA B 26 -0.42 15.24 38.18
C ALA B 26 -1.30 15.70 39.35
N ALA B 27 -1.64 14.78 40.24
CA ALA B 27 -2.50 15.11 41.38
C ALA B 27 -1.70 15.68 42.55
N LEU B 28 -2.36 16.49 43.37
CA LEU B 28 -1.70 17.08 44.53
C LEU B 28 -2.49 16.71 45.80
N HIS B 29 -1.86 15.93 46.66
CA HIS B 29 -2.48 15.51 47.92
C HIS B 29 -1.33 15.38 48.91
N SER B 30 -1.39 16.11 50.02
CA SER B 30 -0.32 16.06 51.01
C SER B 30 -0.21 14.70 51.66
N THR B 31 0.98 14.39 52.16
CA THR B 31 1.23 13.12 52.83
C THR B 31 0.32 12.96 54.04
N LEU B 32 0.07 14.07 54.75
CA LEU B 32 -0.80 14.05 55.92
C LEU B 32 -2.24 13.71 55.50
N ALA B 33 -2.71 14.36 54.44
CA ALA B 33 -4.06 14.12 53.94
C ALA B 33 -4.20 12.65 53.55
N LYS B 34 -3.17 12.10 52.93
CA LYS B 34 -3.18 10.70 52.53
C LYS B 34 -3.23 9.77 53.73
N LYS B 35 -2.45 10.07 54.77
CA LYS B 35 -2.45 9.25 55.97
C LYS B 35 -3.85 9.21 56.59
N LEU B 36 -4.53 10.36 56.58
CA LEU B 36 -5.86 10.48 57.14
C LEU B 36 -6.96 9.83 56.31
N ASP B 37 -6.74 9.71 55.01
CA ASP B 37 -7.73 9.13 54.12
C ASP B 37 -7.62 7.60 53.96
N LYS B 38 -6.41 7.09 54.17
CA LYS B 38 -6.14 5.66 54.02
C LYS B 38 -7.04 4.72 54.83
N LYS B 39 -7.29 5.08 56.09
CA LYS B 39 -8.12 4.24 56.96
C LYS B 39 -9.55 4.05 56.48
N HIS B 40 -10.07 4.99 55.71
CA HIS B 40 -11.45 4.87 55.24
C HIS B 40 -11.67 3.71 54.28
N TRP B 41 -10.64 3.36 53.51
CA TRP B 41 -10.75 2.30 52.51
C TRP B 41 -10.11 0.96 52.85
N LYS B 42 -9.47 0.88 54.02
CA LYS B 42 -8.78 -0.32 54.46
C LYS B 42 -9.60 -1.62 54.40
N ARG B 43 -9.07 -2.60 53.67
CA ARG B 43 -9.72 -3.90 53.49
C ARG B 43 -9.09 -5.00 54.36
N ASN B 44 -7.76 -5.07 54.32
CA ASN B 44 -6.99 -6.09 55.02
C ASN B 44 -6.63 -5.71 56.46
N PRO B 45 -6.01 -6.65 57.19
CA PRO B 45 -5.64 -6.35 58.58
C PRO B 45 -4.68 -5.15 58.67
N ASP B 46 -4.82 -4.37 59.73
CA ASP B 46 -3.97 -3.21 59.95
C ASP B 46 -2.76 -3.65 60.79
N LYS B 47 -1.57 -3.53 60.20
CA LYS B 47 -0.33 -3.93 60.87
C LYS B 47 -0.11 -3.23 62.21
N ASN B 48 -0.69 -2.04 62.37
CA ASN B 48 -0.52 -1.31 63.61
C ASN B 48 -1.58 -1.65 64.66
N CYS B 49 -2.45 -2.60 64.33
CA CYS B 49 -3.49 -3.03 65.26
C CYS B 49 -2.97 -4.23 66.05
N PHE B 50 -2.87 -4.06 67.36
CA PHE B 50 -2.37 -5.12 68.23
C PHE B 50 -3.48 -5.80 69.01
N HIS B 51 -4.73 -5.36 68.81
CA HIS B 51 -5.86 -5.93 69.54
C HIS B 51 -6.67 -6.99 68.80
N CYS B 52 -7.16 -7.96 69.57
CA CYS B 52 -7.95 -9.07 69.06
C CYS B 52 -9.47 -8.78 69.05
N GLU B 53 -10.02 -8.71 67.85
CA GLU B 53 -11.45 -8.47 67.65
C GLU B 53 -12.24 -9.55 68.41
N LYS B 54 -13.30 -9.14 69.11
CA LYS B 54 -14.10 -10.07 69.89
C LYS B 54 -14.51 -11.33 69.11
N LEU B 55 -14.21 -12.50 69.68
CA LEU B 55 -14.56 -13.77 69.04
C LEU B 55 -15.27 -14.70 70.03
N GLU B 56 -15.75 -14.15 71.14
CA GLU B 56 -16.43 -14.98 72.12
C GLU B 56 -17.69 -15.59 71.51
N ASN B 57 -17.78 -16.92 71.63
CA ASN B 57 -18.91 -17.69 71.11
C ASN B 57 -19.11 -17.51 69.60
N ASN B 58 -18.03 -17.16 68.90
CA ASN B 58 -18.12 -16.99 67.45
C ASN B 58 -17.48 -18.21 66.78
N PHE B 59 -18.30 -19.10 66.24
CA PHE B 59 -17.76 -20.28 65.57
C PHE B 59 -17.93 -20.26 64.05
N ASP B 60 -17.99 -19.05 63.47
CA ASP B 60 -18.12 -18.91 62.03
C ASP B 60 -16.84 -19.43 61.38
N ASP B 61 -16.97 -19.95 60.16
CA ASP B 61 -15.85 -20.50 59.40
C ASP B 61 -14.72 -19.48 59.22
N ILE B 62 -13.51 -19.84 59.64
CA ILE B 62 -12.35 -18.95 59.49
C ILE B 62 -11.33 -19.44 58.48
N LYS B 63 -11.64 -20.53 57.78
CA LYS B 63 -10.70 -21.05 56.79
C LYS B 63 -10.48 -20.05 55.64
N HIS B 64 -9.22 -19.86 55.25
CA HIS B 64 -8.89 -18.95 54.16
C HIS B 64 -9.11 -19.66 52.81
N THR B 65 -9.23 -20.98 52.85
CA THR B 65 -9.39 -21.77 51.64
C THR B 65 -10.81 -22.02 51.16
N THR B 66 -11.80 -21.66 51.97
CA THR B 66 -13.20 -21.86 51.58
C THR B 66 -13.51 -21.10 50.29
N LEU B 67 -14.21 -21.76 49.38
CA LEU B 67 -14.59 -21.16 48.10
C LEU B 67 -16.08 -21.21 47.81
N GLY B 68 -16.56 -20.19 47.09
CA GLY B 68 -17.94 -20.12 46.66
C GLY B 68 -17.89 -20.56 45.21
N GLU B 69 -19.03 -20.69 44.53
CA GLU B 69 -19.00 -21.14 43.13
C GLU B 69 -18.18 -20.23 42.21
N ARG B 70 -18.37 -18.93 42.33
CA ARG B 70 -17.63 -17.97 41.50
C ARG B 70 -16.13 -18.19 41.65
N GLY B 71 -15.66 -18.22 42.90
CA GLY B 71 -14.25 -18.42 43.16
C GLY B 71 -13.73 -19.79 42.76
N ALA B 72 -14.56 -20.81 42.96
CA ALA B 72 -14.17 -22.19 42.61
C ALA B 72 -14.01 -22.34 41.11
N LEU B 73 -14.92 -21.75 40.34
CA LEU B 73 -14.84 -21.85 38.89
C LEU B 73 -13.56 -21.19 38.38
N ARG B 74 -13.23 -20.02 38.92
CA ARG B 74 -12.01 -19.33 38.48
C ARG B 74 -10.76 -20.15 38.79
N GLU B 75 -10.69 -20.69 40.01
CA GLU B 75 -9.52 -21.47 40.40
C GLU B 75 -9.42 -22.78 39.63
N ALA B 76 -10.57 -23.42 39.38
CA ALA B 76 -10.59 -24.67 38.64
C ALA B 76 -10.13 -24.48 37.20
N MET B 77 -10.47 -23.32 36.62
CA MET B 77 -10.06 -23.03 35.25
C MET B 77 -8.57 -22.72 35.18
N ARG B 78 -8.02 -22.20 36.28
CA ARG B 78 -6.61 -21.84 36.36
C ARG B 78 -5.71 -23.07 36.40
N CYS B 79 -6.19 -24.13 37.05
CA CYS B 79 -5.44 -25.37 37.16
C CYS B 79 -5.00 -25.90 35.78
N LEU B 80 -3.75 -26.32 35.67
CA LEU B 80 -3.21 -26.84 34.41
C LEU B 80 -3.69 -28.25 34.09
N LYS B 81 -4.28 -28.94 35.07
CA LYS B 81 -4.80 -30.29 34.86
C LYS B 81 -3.69 -31.12 34.21
N CYS B 82 -2.57 -31.17 34.94
CA CYS B 82 -1.34 -31.85 34.54
C CYS B 82 -1.33 -33.35 34.39
N ALA B 83 -0.44 -33.83 33.52
CA ALA B 83 -0.26 -35.26 33.31
C ALA B 83 0.58 -35.79 34.46
N ASP B 84 0.32 -37.04 34.86
CA ASP B 84 1.07 -37.67 35.95
C ASP B 84 1.26 -36.66 37.08
N ALA B 85 0.19 -35.91 37.35
CA ALA B 85 0.17 -34.84 38.35
C ALA B 85 0.91 -35.07 39.67
N PRO B 86 1.84 -34.16 40.00
CA PRO B 86 2.63 -34.25 41.23
C PRO B 86 1.77 -34.01 42.46
N CYS B 87 0.69 -33.24 42.30
CA CYS B 87 -0.22 -32.97 43.41
C CYS B 87 -0.85 -34.30 43.85
N GLN B 88 -1.26 -35.11 42.89
CA GLN B 88 -1.86 -36.42 43.18
C GLN B 88 -0.83 -37.35 43.83
N LYS B 89 0.40 -37.29 43.33
CA LYS B 89 1.45 -38.12 43.90
C LYS B 89 1.69 -37.73 45.34
N SER B 90 1.45 -36.45 45.66
CA SER B 90 1.64 -35.93 47.01
C SER B 90 0.41 -36.04 47.92
N CYS B 91 -0.66 -36.64 47.42
CA CYS B 91 -1.89 -36.84 48.20
C CYS B 91 -1.88 -38.25 48.78
N PRO B 92 -1.97 -38.39 50.12
CA PRO B 92 -1.96 -39.71 50.76
C PRO B 92 -3.02 -40.69 50.24
N THR B 93 -4.14 -40.19 49.74
CA THR B 93 -5.17 -41.09 49.21
C THR B 93 -5.18 -41.14 47.68
N HIS B 94 -4.14 -40.58 47.08
CA HIS B 94 -3.95 -40.59 45.64
C HIS B 94 -5.17 -40.10 44.84
N LEU B 95 -5.81 -39.04 45.32
CA LEU B 95 -6.97 -38.49 44.62
C LEU B 95 -6.57 -38.04 43.21
N ASP B 96 -7.43 -38.30 42.24
CA ASP B 96 -7.18 -37.87 40.87
C ASP B 96 -7.60 -36.40 40.80
N ILE B 97 -6.72 -35.54 41.30
CA ILE B 97 -6.95 -34.10 41.35
C ILE B 97 -7.18 -33.50 39.98
N LYS B 98 -6.38 -33.90 39.00
CA LYS B 98 -6.54 -33.42 37.64
C LYS B 98 -7.99 -33.61 37.16
N SER B 99 -8.51 -34.83 37.35
CA SER B 99 -9.86 -35.13 36.91
C SER B 99 -10.95 -34.41 37.69
N PHE B 100 -10.87 -34.37 39.02
CA PHE B 100 -11.94 -33.71 39.75
C PHE B 100 -11.94 -32.20 39.55
N ILE B 101 -10.76 -31.61 39.37
CA ILE B 101 -10.71 -30.17 39.13
C ILE B 101 -11.22 -29.86 37.73
N THR B 102 -10.94 -30.76 36.78
CA THR B 102 -11.42 -30.58 35.42
C THR B 102 -12.96 -30.57 35.45
N SER B 103 -13.54 -31.50 36.22
CA SER B 103 -15.00 -31.58 36.34
C SER B 103 -15.57 -30.29 36.92
N ILE B 104 -14.91 -29.74 37.94
CA ILE B 104 -15.39 -28.48 38.53
C ILE B 104 -15.35 -27.36 37.48
N SER B 105 -14.27 -27.29 36.69
CA SER B 105 -14.17 -26.25 35.68
C SER B 105 -15.28 -26.39 34.63
N ASN B 106 -15.79 -27.61 34.47
CA ASN B 106 -16.86 -27.87 33.51
C ASN B 106 -18.24 -27.81 34.16
N LYS B 107 -18.29 -27.35 35.41
CA LYS B 107 -19.52 -27.22 36.19
C LYS B 107 -20.15 -28.56 36.57
N ASN B 108 -19.38 -29.64 36.47
CA ASN B 108 -19.85 -30.97 36.81
C ASN B 108 -19.40 -31.29 38.23
N TYR B 109 -20.09 -30.70 39.19
CA TYR B 109 -19.77 -30.87 40.59
C TYR B 109 -20.00 -32.30 41.07
N TYR B 110 -21.00 -32.96 40.50
CA TYR B 110 -21.28 -34.35 40.88
C TYR B 110 -20.10 -35.23 40.47
N GLY B 111 -19.66 -35.09 39.22
CA GLY B 111 -18.54 -35.88 38.75
C GLY B 111 -17.30 -35.66 39.59
N ALA B 112 -17.09 -34.41 39.99
CA ALA B 112 -15.93 -34.05 40.81
C ALA B 112 -16.04 -34.75 42.17
N ALA B 113 -17.20 -34.65 42.81
CA ALA B 113 -17.40 -35.26 44.11
C ALA B 113 -17.26 -36.78 44.04
N LYS B 114 -17.79 -37.37 42.98
CA LYS B 114 -17.71 -38.82 42.80
C LYS B 114 -16.25 -39.27 42.73
N MET B 115 -15.43 -38.50 42.01
CA MET B 115 -14.01 -38.80 41.86
C MET B 115 -13.32 -38.67 43.22
N ILE B 116 -13.68 -37.62 43.94
CA ILE B 116 -13.11 -37.36 45.26
C ILE B 116 -13.45 -38.50 46.22
N PHE B 117 -14.74 -38.79 46.37
CA PHE B 117 -15.15 -39.85 47.28
C PHE B 117 -14.73 -41.26 46.88
N SER B 118 -14.46 -41.48 45.61
CA SER B 118 -14.03 -42.80 45.17
C SER B 118 -12.72 -43.19 45.88
N ASP B 119 -11.83 -42.22 46.03
CA ASP B 119 -10.55 -42.48 46.69
C ASP B 119 -10.48 -42.01 48.15
N ASN B 120 -11.43 -41.19 48.57
CA ASN B 120 -11.42 -40.67 49.95
C ASN B 120 -12.85 -40.52 50.48
N PRO B 121 -13.32 -41.50 51.27
CA PRO B 121 -14.67 -41.52 51.87
C PRO B 121 -14.95 -40.31 52.77
N LEU B 122 -13.90 -39.61 53.16
CA LEU B 122 -14.05 -38.41 54.00
C LEU B 122 -13.57 -37.20 53.19
N GLY B 123 -13.92 -37.20 51.91
CA GLY B 123 -13.52 -36.14 51.01
C GLY B 123 -13.84 -34.72 51.45
N LEU B 124 -14.99 -34.50 52.07
CA LEU B 124 -15.35 -33.16 52.50
C LEU B 124 -14.53 -32.75 53.71
N THR B 125 -14.41 -33.62 54.70
CA THR B 125 -13.61 -33.31 55.88
C THR B 125 -12.19 -32.95 55.47
N CYS B 126 -11.59 -33.79 54.63
CA CYS B 126 -10.22 -33.56 54.19
C CYS B 126 -10.07 -32.27 53.38
N GLY B 127 -11.04 -31.97 52.52
CA GLY B 127 -10.94 -30.74 51.75
C GLY B 127 -10.83 -29.57 52.71
N MET B 128 -11.51 -29.67 53.84
CA MET B 128 -11.49 -28.62 54.84
C MET B 128 -10.30 -28.59 55.78
N VAL B 129 -9.77 -29.76 56.15
CA VAL B 129 -8.67 -29.80 57.12
C VAL B 129 -7.28 -30.25 56.68
N CYS B 130 -7.16 -30.82 55.48
CA CYS B 130 -5.85 -31.27 55.04
C CYS B 130 -4.80 -30.15 55.06
N PRO B 131 -3.60 -30.43 55.59
CA PRO B 131 -2.53 -29.43 55.64
C PRO B 131 -1.88 -29.50 54.25
N THR B 132 -2.63 -29.04 53.25
CA THR B 132 -2.19 -29.10 51.85
C THR B 132 -0.78 -28.61 51.53
N SER B 133 -0.31 -27.57 52.22
CA SER B 133 1.03 -27.07 51.94
C SER B 133 2.10 -28.14 52.18
N ASP B 134 1.78 -29.14 53.00
CA ASP B 134 2.73 -30.21 53.28
C ASP B 134 2.30 -31.49 52.55
N LEU B 135 1.28 -31.37 51.71
CA LEU B 135 0.77 -32.50 50.95
C LEU B 135 0.60 -32.19 49.45
N CYS B 136 -0.62 -32.36 48.94
CA CYS B 136 -0.90 -32.13 47.52
C CYS B 136 -0.42 -30.77 46.97
N VAL B 137 -0.82 -29.69 47.63
CA VAL B 137 -0.42 -28.36 47.18
C VAL B 137 1.09 -28.15 47.18
N GLY B 138 1.77 -28.82 48.10
CA GLY B 138 3.22 -28.69 48.17
C GLY B 138 3.94 -29.16 46.92
N GLY B 139 3.27 -29.97 46.10
CA GLY B 139 3.88 -30.45 44.88
C GLY B 139 3.29 -29.87 43.60
N CYS B 140 2.37 -28.91 43.75
CA CYS B 140 1.70 -28.28 42.60
C CYS B 140 2.65 -27.55 41.66
N ASN B 141 2.57 -27.88 40.37
CA ASN B 141 3.42 -27.26 39.37
C ASN B 141 3.24 -25.74 39.28
N LEU B 142 2.03 -25.26 39.54
CA LEU B 142 1.80 -23.83 39.45
C LEU B 142 2.53 -23.03 40.51
N TYR B 143 3.21 -23.72 41.43
CA TYR B 143 3.99 -23.01 42.43
C TYR B 143 5.09 -22.28 41.65
N ALA B 144 5.39 -22.81 40.46
CA ALA B 144 6.43 -22.24 39.60
C ALA B 144 5.97 -20.98 38.86
N THR B 145 4.82 -20.45 39.24
CA THR B 145 4.32 -19.22 38.62
C THR B 145 4.11 -18.17 39.71
N GLU B 146 4.15 -16.90 39.33
CA GLU B 146 3.96 -15.82 40.30
C GLU B 146 2.63 -15.93 41.04
N GLU B 147 1.57 -16.30 40.32
CA GLU B 147 0.25 -16.42 40.94
C GLU B 147 0.16 -17.58 41.94
N GLY B 148 1.10 -18.51 41.86
CA GLY B 148 1.13 -19.61 42.82
C GLY B 148 0.28 -20.86 42.62
N SER B 149 0.49 -21.81 43.53
CA SER B 149 -0.21 -23.08 43.53
C SER B 149 -1.73 -22.99 43.62
N ILE B 150 -2.39 -24.06 43.19
CA ILE B 150 -3.84 -24.16 43.20
C ILE B 150 -4.38 -24.46 44.60
N ASN B 151 -5.52 -23.87 44.94
CA ASN B 151 -6.16 -24.11 46.23
C ASN B 151 -6.95 -25.42 46.07
N ILE B 152 -6.23 -26.53 46.10
CA ILE B 152 -6.82 -27.85 45.92
C ILE B 152 -7.84 -28.21 47.01
N GLY B 153 -7.50 -27.90 48.26
CA GLY B 153 -8.39 -28.19 49.37
C GLY B 153 -9.74 -27.50 49.24
N GLY B 154 -9.71 -26.21 48.90
CA GLY B 154 -10.93 -25.44 48.75
C GLY B 154 -11.79 -25.94 47.61
N LEU B 155 -11.15 -26.39 46.53
CA LEU B 155 -11.89 -26.91 45.39
C LEU B 155 -12.56 -28.22 45.78
N GLN B 156 -11.83 -29.06 46.49
CA GLN B 156 -12.38 -30.35 46.94
C GLN B 156 -13.57 -30.10 47.86
N GLN B 157 -13.41 -29.14 48.75
CA GLN B 157 -14.47 -28.75 49.69
C GLN B 157 -15.71 -28.30 48.94
N PHE B 158 -15.52 -27.41 47.96
CA PHE B 158 -16.65 -26.90 47.19
C PHE B 158 -17.46 -27.98 46.47
N ALA B 159 -16.79 -28.82 45.70
CA ALA B 159 -17.49 -29.88 44.97
C ALA B 159 -18.24 -30.81 45.94
N SER B 160 -17.57 -31.17 47.04
CA SER B 160 -18.17 -32.05 48.03
C SER B 160 -19.37 -31.41 48.71
N GLU B 161 -19.31 -30.09 48.94
CA GLU B 161 -20.41 -29.37 49.58
C GLU B 161 -21.62 -29.34 48.65
N VAL B 162 -21.39 -29.16 47.36
CA VAL B 162 -22.51 -29.15 46.41
C VAL B 162 -23.16 -30.53 46.40
N PHE B 163 -22.34 -31.57 46.36
CA PHE B 163 -22.86 -32.93 46.36
C PHE B 163 -23.68 -33.17 47.64
N LYS B 164 -23.15 -32.71 48.77
CA LYS B 164 -23.85 -32.86 50.03
C LYS B 164 -25.23 -32.20 49.94
N ALA B 165 -25.27 -31.03 49.32
CA ALA B 165 -26.54 -30.30 49.17
C ALA B 165 -27.52 -31.02 48.24
N MET B 166 -27.01 -31.84 47.34
CA MET B 166 -27.87 -32.57 46.41
C MET B 166 -28.66 -33.64 47.16
N ASN B 167 -28.16 -34.04 48.31
CA ASN B 167 -28.81 -35.05 49.13
C ASN B 167 -29.04 -36.33 48.35
N ILE B 168 -27.98 -36.87 47.78
CA ILE B 168 -28.02 -38.09 47.01
C ILE B 168 -27.30 -39.15 47.85
N PRO B 169 -27.89 -40.35 47.98
CA PRO B 169 -27.25 -41.41 48.77
C PRO B 169 -26.22 -42.21 47.99
N GLN B 170 -25.38 -42.93 48.72
CA GLN B 170 -24.38 -43.77 48.11
C GLN B 170 -25.11 -45.09 47.90
N ILE B 171 -24.74 -45.84 46.87
CA ILE B 171 -25.38 -47.13 46.65
C ILE B 171 -24.34 -48.22 46.51
N ARG B 172 -24.82 -49.44 46.65
CA ARG B 172 -24.00 -50.64 46.54
C ARG B 172 -23.44 -50.68 45.12
N ASN B 173 -22.26 -51.28 44.99
CA ASN B 173 -21.57 -51.42 43.71
C ASN B 173 -22.51 -52.09 42.69
N PRO B 174 -22.96 -51.34 41.68
CA PRO B 174 -23.84 -51.84 40.62
C PRO B 174 -23.40 -53.11 39.87
N CYS B 175 -22.09 -53.32 39.75
CA CYS B 175 -21.59 -54.51 39.06
C CYS B 175 -21.39 -55.70 39.97
N LEU B 176 -21.82 -55.56 41.22
CA LEU B 176 -21.71 -56.65 42.19
C LEU B 176 -22.93 -57.56 42.06
N PRO B 177 -22.75 -58.87 42.33
CA PRO B 177 -23.88 -59.78 42.24
C PRO B 177 -24.90 -59.34 43.28
N SER B 178 -26.15 -59.77 43.14
CA SER B 178 -27.17 -59.41 44.11
C SER B 178 -26.72 -59.92 45.48
N GLN B 179 -27.21 -59.29 46.54
CA GLN B 179 -26.85 -59.66 47.90
C GLN B 179 -26.97 -61.16 48.16
N GLU B 180 -28.04 -61.74 47.64
CA GLU B 180 -28.32 -63.16 47.81
C GLU B 180 -27.37 -64.09 47.08
N LYS B 181 -26.79 -63.61 45.98
CA LYS B 181 -25.87 -64.42 45.18
C LYS B 181 -24.41 -64.25 45.61
N MET B 182 -24.19 -63.47 46.65
CA MET B 182 -22.84 -63.24 47.14
C MET B 182 -22.28 -64.47 47.83
N PRO B 183 -21.00 -64.80 47.58
CA PRO B 183 -20.41 -65.98 48.23
C PRO B 183 -20.52 -65.85 49.75
N GLU B 184 -20.54 -66.99 50.42
CA GLU B 184 -20.64 -67.05 51.88
C GLU B 184 -19.63 -66.17 52.60
N ALA B 185 -18.40 -66.11 52.07
CA ALA B 185 -17.33 -65.32 52.67
C ALA B 185 -17.71 -63.87 52.97
N TYR B 186 -18.52 -63.27 52.12
CA TYR B 186 -18.90 -61.88 52.34
C TYR B 186 -19.84 -61.63 53.51
N SER B 187 -20.28 -62.70 54.16
CA SER B 187 -21.15 -62.55 55.32
C SER B 187 -20.33 -62.67 56.60
N ALA B 188 -19.02 -62.81 56.45
CA ALA B 188 -18.12 -62.92 57.60
C ALA B 188 -18.29 -61.73 58.54
N LYS B 189 -18.45 -62.01 59.83
CA LYS B 189 -18.61 -60.94 60.81
C LYS B 189 -17.31 -60.17 60.98
N ILE B 190 -17.36 -58.86 60.71
CA ILE B 190 -16.20 -58.00 60.80
C ILE B 190 -16.41 -56.95 61.88
N ALA B 191 -15.38 -56.72 62.68
CA ALA B 191 -15.45 -55.73 63.74
C ALA B 191 -14.37 -54.68 63.60
N LEU B 192 -14.73 -53.43 63.87
CA LEU B 192 -13.78 -52.33 63.84
C LEU B 192 -13.94 -51.61 65.17
N LEU B 193 -12.82 -51.21 65.76
CA LEU B 193 -12.86 -50.53 67.05
C LEU B 193 -12.52 -49.06 66.84
N GLY B 194 -13.42 -48.19 67.31
CA GLY B 194 -13.22 -46.77 67.16
C GLY B 194 -13.90 -46.26 65.91
N ALA B 195 -14.73 -45.24 66.04
CA ALA B 195 -15.44 -44.68 64.89
C ALA B 195 -14.81 -43.39 64.40
N GLY B 196 -13.52 -43.45 64.08
CA GLY B 196 -12.83 -42.28 63.59
C GLY B 196 -12.54 -42.44 62.11
N PRO B 197 -11.80 -41.51 61.51
CA PRO B 197 -11.46 -41.56 60.08
C PRO B 197 -10.95 -42.90 59.59
N ALA B 198 -10.03 -43.51 60.32
CA ALA B 198 -9.46 -44.79 59.93
C ALA B 198 -10.52 -45.90 59.78
N SER B 199 -11.31 -46.12 60.82
CA SER B 199 -12.33 -47.15 60.77
C SER B 199 -13.45 -46.82 59.78
N ILE B 200 -13.85 -45.55 59.72
CA ILE B 200 -14.90 -45.16 58.79
C ILE B 200 -14.46 -45.47 57.37
N SER B 201 -13.20 -45.18 57.07
CA SER B 201 -12.67 -45.46 55.74
C SER B 201 -12.60 -46.96 55.49
N CYS B 202 -12.03 -47.70 56.44
CA CYS B 202 -11.91 -49.14 56.31
C CYS B 202 -13.26 -49.81 56.12
N ALA B 203 -14.21 -49.47 56.98
CA ALA B 203 -15.56 -50.04 56.89
C ALA B 203 -16.19 -49.72 55.55
N SER B 204 -15.99 -48.49 55.07
CA SER B 204 -16.56 -48.06 53.81
C SER B 204 -16.07 -48.91 52.64
N PHE B 205 -14.77 -49.07 52.52
CA PHE B 205 -14.23 -49.87 51.42
C PHE B 205 -14.60 -51.35 51.51
N LEU B 206 -14.69 -51.88 52.72
CA LEU B 206 -15.07 -53.28 52.88
C LEU B 206 -16.52 -53.43 52.42
N ALA B 207 -17.34 -52.44 52.76
CA ALA B 207 -18.74 -52.47 52.35
C ALA B 207 -18.84 -52.39 50.83
N ARG B 208 -17.99 -51.58 50.19
CA ARG B 208 -18.01 -51.48 48.74
C ARG B 208 -17.71 -52.83 48.11
N LEU B 209 -16.80 -53.57 48.73
CA LEU B 209 -16.40 -54.88 48.24
C LEU B 209 -17.50 -55.93 48.38
N GLY B 210 -18.55 -55.60 49.11
CA GLY B 210 -19.66 -56.53 49.25
C GLY B 210 -19.88 -57.14 50.64
N TYR B 211 -19.02 -56.84 51.61
CA TYR B 211 -19.22 -57.41 52.94
C TYR B 211 -20.49 -56.86 53.57
N SER B 212 -21.34 -57.77 54.05
CA SER B 212 -22.63 -57.40 54.62
C SER B 212 -22.79 -57.39 56.13
N ASP B 213 -21.74 -57.73 56.87
CA ASP B 213 -21.86 -57.74 58.34
C ASP B 213 -20.67 -57.02 58.93
N ILE B 214 -20.74 -55.69 58.90
CA ILE B 214 -19.67 -54.83 59.39
C ILE B 214 -20.16 -54.01 60.57
N THR B 215 -19.47 -54.08 61.69
CA THR B 215 -19.87 -53.31 62.86
C THR B 215 -18.71 -52.53 63.46
N ILE B 216 -18.93 -51.25 63.70
CA ILE B 216 -17.93 -50.39 64.33
C ILE B 216 -18.35 -50.20 65.77
N PHE B 217 -17.46 -50.52 66.71
CA PHE B 217 -17.77 -50.34 68.12
C PHE B 217 -17.05 -49.09 68.60
N GLU B 218 -17.83 -48.09 69.01
CA GLU B 218 -17.30 -46.81 69.47
C GLU B 218 -17.49 -46.61 70.96
N LYS B 219 -16.42 -46.22 71.64
CA LYS B 219 -16.45 -46.01 73.08
C LYS B 219 -17.40 -44.90 73.50
N GLN B 220 -17.32 -43.76 72.83
CA GLN B 220 -18.15 -42.61 73.17
C GLN B 220 -19.58 -42.72 72.64
N GLU B 221 -20.39 -41.72 72.98
CA GLU B 221 -21.78 -41.66 72.54
C GLU B 221 -21.88 -40.94 71.20
N TYR B 222 -20.77 -40.36 70.77
CA TYR B 222 -20.73 -39.63 69.50
C TYR B 222 -19.75 -40.33 68.55
N VAL B 223 -19.90 -40.08 67.25
CA VAL B 223 -19.02 -40.69 66.25
C VAL B 223 -18.22 -39.65 65.48
N GLY B 224 -17.18 -40.10 64.78
CA GLY B 224 -16.36 -39.19 64.00
C GLY B 224 -14.93 -39.02 64.51
N GLY B 225 -14.66 -39.51 65.72
CA GLY B 225 -13.33 -39.38 66.28
C GLY B 225 -12.93 -37.93 66.55
N LEU B 226 -11.65 -37.64 66.35
CA LEU B 226 -11.13 -36.29 66.57
C LEU B 226 -11.83 -35.24 65.71
N SER B 227 -12.29 -35.63 64.53
CA SER B 227 -12.99 -34.71 63.64
C SER B 227 -14.17 -34.12 64.39
N THR B 228 -14.75 -34.93 65.28
CA THR B 228 -15.89 -34.49 66.07
C THR B 228 -15.54 -33.93 67.44
N SER B 229 -14.72 -34.66 68.18
CA SER B 229 -14.35 -34.28 69.55
C SER B 229 -13.34 -33.17 69.76
N GLU B 230 -12.47 -32.90 68.79
CA GLU B 230 -11.47 -31.86 69.00
C GLU B 230 -11.29 -30.79 67.92
N ILE B 231 -11.34 -31.16 66.64
CA ILE B 231 -11.18 -30.16 65.60
C ILE B 231 -12.32 -29.15 65.76
N PRO B 232 -11.98 -27.87 65.91
CA PRO B 232 -12.97 -26.79 66.08
C PRO B 232 -14.05 -26.66 65.01
N GLN B 233 -15.26 -26.35 65.47
CA GLN B 233 -16.40 -26.14 64.59
C GLN B 233 -16.11 -25.04 63.57
N PHE B 234 -15.25 -24.08 63.93
CA PHE B 234 -14.92 -23.00 63.00
C PHE B 234 -13.94 -23.38 61.89
N ARG B 235 -13.52 -24.65 61.90
CA ARG B 235 -12.63 -25.17 60.86
C ARG B 235 -13.35 -26.32 60.16
N LEU B 236 -14.01 -27.16 60.96
CA LEU B 236 -14.74 -28.32 60.46
C LEU B 236 -16.14 -28.43 61.07
N PRO B 237 -17.18 -27.98 60.36
CA PRO B 237 -18.55 -28.06 60.87
C PRO B 237 -18.96 -29.51 61.13
N TYR B 238 -19.63 -29.72 62.25
CA TYR B 238 -20.05 -31.07 62.60
C TYR B 238 -20.95 -31.73 61.56
N ASP B 239 -21.76 -30.92 60.88
CA ASP B 239 -22.68 -31.49 59.87
C ASP B 239 -21.92 -32.18 58.73
N VAL B 240 -20.65 -31.81 58.56
CA VAL B 240 -19.82 -32.44 57.53
C VAL B 240 -19.54 -33.90 57.93
N VAL B 241 -19.19 -34.09 59.20
CA VAL B 241 -18.90 -35.42 59.72
C VAL B 241 -20.13 -36.32 59.62
N ASN B 242 -21.27 -35.78 60.03
CA ASN B 242 -22.53 -36.53 59.99
C ASN B 242 -22.84 -36.96 58.56
N PHE B 243 -22.55 -36.07 57.62
CA PHE B 243 -22.78 -36.34 56.20
C PHE B 243 -21.99 -37.55 55.72
N GLU B 244 -20.70 -37.58 56.04
CA GLU B 244 -19.87 -38.69 55.59
C GLU B 244 -20.21 -39.99 56.31
N ILE B 245 -20.66 -39.89 57.56
CA ILE B 245 -21.06 -41.07 58.32
C ILE B 245 -22.31 -41.69 57.70
N GLU B 246 -23.27 -40.84 57.34
CA GLU B 246 -24.52 -41.32 56.73
C GLU B 246 -24.26 -41.97 55.37
N LEU B 247 -23.29 -41.45 54.62
CA LEU B 247 -22.96 -42.05 53.33
C LEU B 247 -22.47 -43.47 53.55
N MET B 248 -21.68 -43.65 54.61
CA MET B 248 -21.15 -44.97 54.93
C MET B 248 -22.29 -45.89 55.35
N LYS B 249 -23.19 -45.37 56.17
CA LYS B 249 -24.31 -46.18 56.63
C LYS B 249 -25.22 -46.61 55.47
N ASP B 250 -25.18 -45.87 54.36
CA ASP B 250 -25.98 -46.23 53.19
C ASP B 250 -25.54 -47.60 52.67
N LEU B 251 -24.30 -47.99 52.98
CA LEU B 251 -23.77 -49.28 52.52
C LEU B 251 -24.03 -50.40 53.53
N GLY B 252 -24.75 -50.10 54.60
CA GLY B 252 -25.06 -51.12 55.59
C GLY B 252 -24.16 -51.24 56.80
N VAL B 253 -23.15 -50.38 56.89
CA VAL B 253 -22.25 -50.43 58.03
C VAL B 253 -23.00 -50.06 59.30
N LYS B 254 -22.83 -50.86 60.34
CA LYS B 254 -23.49 -50.61 61.61
C LYS B 254 -22.50 -49.99 62.61
N ILE B 255 -23.01 -49.11 63.45
CA ILE B 255 -22.19 -48.46 64.47
C ILE B 255 -22.87 -48.62 65.82
N ILE B 256 -22.11 -49.12 66.80
CA ILE B 256 -22.65 -49.30 68.14
C ILE B 256 -21.82 -48.48 69.10
N CYS B 257 -22.44 -47.45 69.68
CA CYS B 257 -21.76 -46.58 70.62
C CYS B 257 -21.84 -47.10 72.04
N GLY B 258 -20.96 -46.60 72.91
CA GLY B 258 -20.96 -47.05 74.30
C GLY B 258 -20.28 -48.39 74.48
N LYS B 259 -19.50 -48.81 73.49
CA LYS B 259 -18.79 -50.09 73.55
C LYS B 259 -17.29 -49.84 73.45
N SER B 260 -16.54 -50.27 74.46
CA SER B 260 -15.11 -50.05 74.46
C SER B 260 -14.24 -51.29 74.35
N LEU B 261 -13.11 -51.12 73.68
CA LEU B 261 -12.12 -52.18 73.54
C LEU B 261 -11.37 -52.00 74.87
N SER B 262 -11.60 -52.92 75.81
CA SER B 262 -10.96 -52.84 77.12
C SER B 262 -11.10 -54.19 77.80
N GLU B 263 -10.10 -54.55 78.61
CA GLU B 263 -10.06 -55.84 79.29
C GLU B 263 -11.36 -56.35 79.89
N ASN B 264 -12.14 -55.47 80.51
CA ASN B 264 -13.40 -55.89 81.14
C ASN B 264 -14.62 -55.76 80.22
N GLU B 265 -14.37 -55.47 78.95
CA GLU B 265 -15.43 -55.30 77.96
C GLU B 265 -15.09 -56.04 76.67
N ILE B 266 -14.91 -55.31 75.57
CA ILE B 266 -14.57 -55.96 74.31
C ILE B 266 -13.07 -56.17 74.22
N THR B 267 -12.65 -57.39 73.89
CA THR B 267 -11.23 -57.72 73.73
C THR B 267 -11.12 -58.55 72.47
N LEU B 268 -9.91 -58.74 71.97
CA LEU B 268 -9.73 -59.55 70.77
C LEU B 268 -10.21 -60.96 71.04
N ASN B 269 -10.01 -61.42 72.27
CA ASN B 269 -10.44 -62.77 72.62
C ASN B 269 -11.96 -62.92 72.64
N THR B 270 -12.68 -61.93 73.17
CA THR B 270 -14.13 -62.04 73.19
C THR B 270 -14.69 -61.96 71.78
N LEU B 271 -14.07 -61.15 70.92
CA LEU B 271 -14.53 -61.01 69.54
C LEU B 271 -14.33 -62.34 68.80
N LYS B 272 -13.14 -62.92 68.94
CA LYS B 272 -12.83 -64.18 68.29
C LYS B 272 -13.79 -65.25 68.78
N GLU B 273 -14.05 -65.22 70.09
CA GLU B 273 -14.95 -66.19 70.69
C GLU B 273 -16.38 -66.01 70.18
N GLU B 274 -16.74 -64.78 69.85
CA GLU B 274 -18.07 -64.47 69.35
C GLU B 274 -18.23 -64.73 67.86
N GLY B 275 -17.18 -65.23 67.21
CA GLY B 275 -17.28 -65.54 65.80
C GLY B 275 -16.83 -64.49 64.79
N TYR B 276 -16.29 -63.37 65.26
CA TYR B 276 -15.82 -62.36 64.31
C TYR B 276 -14.61 -62.94 63.59
N LYS B 277 -14.56 -62.73 62.28
CA LYS B 277 -13.49 -63.26 61.44
C LYS B 277 -12.31 -62.32 61.23
N ALA B 278 -12.52 -61.02 61.44
CA ALA B 278 -11.46 -60.04 61.27
C ALA B 278 -11.76 -58.82 62.11
N ALA B 279 -10.71 -58.12 62.54
CA ALA B 279 -10.88 -56.93 63.35
C ALA B 279 -9.91 -55.85 62.93
N PHE B 280 -10.39 -54.60 62.92
CA PHE B 280 -9.55 -53.46 62.58
C PHE B 280 -9.50 -52.56 63.79
N ILE B 281 -8.29 -52.26 64.25
CA ILE B 281 -8.13 -51.38 65.41
C ILE B 281 -7.90 -49.94 64.95
N GLY B 282 -8.87 -49.08 65.23
CA GLY B 282 -8.74 -47.69 64.85
C GLY B 282 -9.16 -46.79 66.01
N ILE B 283 -8.66 -47.08 67.20
CA ILE B 283 -9.02 -46.28 68.37
C ILE B 283 -8.17 -45.04 68.61
N GLY B 284 -7.23 -44.77 67.71
CA GLY B 284 -6.38 -43.59 67.87
C GLY B 284 -5.57 -43.59 69.15
N LEU B 285 -5.25 -42.40 69.64
CA LEU B 285 -4.46 -42.22 70.87
C LEU B 285 -5.40 -41.51 71.85
N PRO B 286 -6.16 -42.29 72.64
CA PRO B 286 -7.16 -41.89 73.64
C PRO B 286 -6.77 -40.97 74.79
N GLU B 287 -5.52 -40.99 75.21
CA GLU B 287 -5.11 -40.19 76.35
C GLU B 287 -4.11 -39.08 76.07
N PRO B 288 -4.12 -38.03 76.91
CA PRO B 288 -3.21 -36.90 76.73
C PRO B 288 -1.83 -37.19 77.27
N LYS B 289 -0.81 -36.61 76.65
CA LYS B 289 0.54 -36.78 77.14
C LYS B 289 0.58 -35.86 78.34
N THR B 290 0.94 -36.40 79.49
CA THR B 290 0.98 -35.61 80.71
C THR B 290 2.40 -35.22 81.14
N ASP B 291 2.48 -34.29 82.08
CA ASP B 291 3.76 -33.85 82.60
C ASP B 291 3.64 -33.76 84.12
N ASP B 292 4.67 -34.23 84.80
CA ASP B 292 4.71 -34.24 86.25
C ASP B 292 4.43 -32.91 86.94
N ILE B 293 4.83 -31.80 86.30
CA ILE B 293 4.61 -30.49 86.91
C ILE B 293 3.14 -30.09 87.01
N PHE B 294 2.26 -30.78 86.30
CA PHE B 294 0.82 -30.47 86.32
C PHE B 294 0.02 -31.42 87.22
N GLN B 295 0.73 -32.32 87.88
CA GLN B 295 0.10 -33.30 88.77
C GLN B 295 -0.83 -32.66 89.80
N GLY B 296 -2.05 -33.18 89.89
CA GLY B 296 -3.01 -32.68 90.86
C GLY B 296 -3.80 -31.42 90.50
N LEU B 297 -3.37 -30.70 89.47
CA LEU B 297 -4.08 -29.48 89.07
C LEU B 297 -5.44 -29.84 88.48
N THR B 298 -6.45 -29.08 88.86
CA THR B 298 -7.82 -29.33 88.41
C THR B 298 -8.28 -28.24 87.45
N GLN B 299 -9.40 -28.48 86.79
CA GLN B 299 -9.95 -27.50 85.87
C GLN B 299 -10.44 -26.29 86.65
N ASP B 300 -10.92 -26.49 87.87
CA ASP B 300 -11.39 -25.39 88.69
C ASP B 300 -10.24 -24.44 88.99
N GLN B 301 -9.03 -25.01 89.12
CA GLN B 301 -7.85 -24.19 89.39
C GLN B 301 -7.40 -23.49 88.11
N GLY B 302 -7.86 -24.01 86.97
CA GLY B 302 -7.51 -23.41 85.70
C GLY B 302 -6.63 -24.24 84.78
N PHE B 303 -6.43 -25.51 85.12
CA PHE B 303 -5.60 -26.37 84.27
C PHE B 303 -6.38 -27.37 83.43
N TYR B 304 -5.97 -27.51 82.16
CA TYR B 304 -6.58 -28.44 81.22
C TYR B 304 -5.52 -29.06 80.33
N THR B 305 -5.75 -30.28 79.88
CA THR B 305 -4.85 -30.88 78.90
C THR B 305 -5.74 -30.67 77.67
N SER B 306 -5.17 -30.75 76.48
CA SER B 306 -5.98 -30.55 75.27
C SER B 306 -7.14 -31.54 75.21
N LYS B 307 -6.94 -32.73 75.79
CA LYS B 307 -7.97 -33.77 75.82
C LYS B 307 -9.16 -33.42 76.73
N ASP B 308 -8.95 -32.49 77.65
CA ASP B 308 -10.01 -32.07 78.57
C ASP B 308 -10.75 -30.87 77.94
N PHE B 309 -9.96 -29.92 77.47
CA PHE B 309 -10.47 -28.67 76.90
C PHE B 309 -11.22 -28.72 75.57
N LEU B 310 -10.57 -29.19 74.52
CA LEU B 310 -11.22 -29.20 73.21
C LEU B 310 -12.56 -29.92 73.16
N PRO B 311 -12.67 -31.10 73.80
CA PRO B 311 -13.97 -31.79 73.75
C PRO B 311 -15.07 -30.99 74.42
N LEU B 312 -14.72 -30.21 75.45
CA LEU B 312 -15.69 -29.39 76.14
C LEU B 312 -16.22 -28.32 75.18
N VAL B 313 -15.32 -27.69 74.45
CA VAL B 313 -15.72 -26.65 73.50
C VAL B 313 -16.53 -27.26 72.36
N ALA B 314 -16.09 -28.42 71.88
CA ALA B 314 -16.79 -29.10 70.80
C ALA B 314 -18.22 -29.47 71.19
N LYS B 315 -18.38 -30.04 72.38
CA LYS B 315 -19.70 -30.44 72.85
C LYS B 315 -20.66 -29.27 72.97
N SER B 316 -20.15 -28.09 73.29
CA SER B 316 -21.03 -26.95 73.42
C SER B 316 -21.29 -26.20 72.11
N SER B 317 -20.37 -26.31 71.16
CA SER B 317 -20.50 -25.61 69.88
C SER B 317 -20.99 -26.47 68.72
N LYS B 318 -21.00 -27.78 68.90
CA LYS B 318 -21.43 -28.68 67.82
C LYS B 318 -22.81 -29.28 68.08
N ALA B 319 -23.83 -28.67 67.49
CA ALA B 319 -25.20 -29.13 67.64
C ALA B 319 -25.34 -30.53 67.06
N GLY B 320 -25.82 -31.45 67.89
CA GLY B 320 -26.01 -32.81 67.43
C GLY B 320 -24.99 -33.78 68.00
N MET B 321 -23.80 -33.27 68.33
CA MET B 321 -22.75 -34.11 68.87
C MET B 321 -23.23 -34.91 70.07
N CYS B 322 -23.77 -34.21 71.05
CA CYS B 322 -24.28 -34.84 72.26
C CYS B 322 -25.79 -34.64 72.40
N ALA B 323 -26.39 -35.40 73.30
CA ALA B 323 -27.83 -35.31 73.55
C ALA B 323 -28.12 -34.19 74.55
N CYS B 324 -27.14 -33.89 75.40
CA CYS B 324 -27.30 -32.85 76.39
C CYS B 324 -26.61 -31.58 75.91
N HIS B 325 -27.22 -30.42 76.16
CA HIS B 325 -26.60 -29.17 75.75
C HIS B 325 -25.50 -28.85 76.75
N SER B 326 -24.30 -28.62 76.25
CA SER B 326 -23.15 -28.32 77.09
C SER B 326 -22.83 -26.83 77.09
N PRO B 327 -22.45 -26.30 78.26
CA PRO B 327 -22.10 -24.90 78.43
C PRO B 327 -20.72 -24.65 77.86
N LEU B 328 -20.45 -23.42 77.45
CA LEU B 328 -19.14 -23.10 76.92
C LEU B 328 -18.23 -22.87 78.13
N PRO B 329 -17.05 -23.52 78.16
CA PRO B 329 -16.15 -23.33 79.29
C PRO B 329 -15.90 -21.86 79.56
N SER B 330 -15.91 -21.47 80.83
CA SER B 330 -15.67 -20.08 81.18
C SER B 330 -14.18 -19.82 81.32
N ILE B 331 -13.58 -19.31 80.25
CA ILE B 331 -12.16 -19.00 80.25
C ILE B 331 -12.00 -17.48 80.28
N ARG B 332 -11.57 -16.97 81.42
CA ARG B 332 -11.40 -15.53 81.59
C ARG B 332 -9.96 -15.20 81.97
N GLY B 333 -9.44 -14.10 81.43
CA GLY B 333 -8.09 -13.71 81.75
C GLY B 333 -7.05 -14.15 80.75
N ALA B 334 -5.81 -14.28 81.21
CA ALA B 334 -4.71 -14.69 80.35
C ALA B 334 -4.62 -16.20 80.28
N VAL B 335 -4.48 -16.72 79.07
CA VAL B 335 -4.38 -18.16 78.86
C VAL B 335 -3.02 -18.54 78.28
N ILE B 336 -2.40 -19.55 78.86
CA ILE B 336 -1.13 -20.04 78.37
C ILE B 336 -1.35 -21.43 77.76
N VAL B 337 -0.98 -21.56 76.49
CA VAL B 337 -1.10 -22.82 75.78
C VAL B 337 0.32 -23.31 75.57
N LEU B 338 0.60 -24.51 76.07
CA LEU B 338 1.94 -25.09 75.96
C LEU B 338 2.04 -26.09 74.81
N GLY B 339 2.94 -25.82 73.87
CA GLY B 339 3.11 -26.72 72.75
C GLY B 339 3.10 -25.97 71.43
N ALA B 340 3.49 -26.64 70.36
CA ALA B 340 3.53 -26.02 69.04
C ALA B 340 3.03 -26.91 67.90
N GLY B 341 2.18 -27.88 68.23
CA GLY B 341 1.64 -28.76 67.21
C GLY B 341 0.25 -28.28 66.80
N ASP B 342 -0.45 -29.05 65.98
CA ASP B 342 -1.80 -28.69 65.54
C ASP B 342 -2.72 -28.39 66.70
N THR B 343 -2.65 -29.23 67.73
CA THR B 343 -3.49 -29.09 68.90
C THR B 343 -3.32 -27.76 69.62
N ALA B 344 -2.07 -27.36 69.83
CA ALA B 344 -1.80 -26.10 70.52
C ALA B 344 -2.51 -24.92 69.85
N PHE B 345 -2.44 -24.85 68.53
CA PHE B 345 -3.08 -23.74 67.85
C PHE B 345 -4.61 -23.77 67.91
N ASP B 346 -5.20 -24.97 67.93
CA ASP B 346 -6.66 -25.06 68.03
C ASP B 346 -7.09 -24.72 69.45
N CYS B 347 -6.23 -25.01 70.42
CA CYS B 347 -6.54 -24.69 71.81
C CYS B 347 -6.51 -23.16 71.96
N ALA B 348 -5.53 -22.52 71.33
CA ALA B 348 -5.39 -21.07 71.39
C ALA B 348 -6.59 -20.35 70.78
N THR B 349 -6.98 -20.75 69.57
CA THR B 349 -8.12 -20.12 68.91
C THR B 349 -9.43 -20.42 69.63
N SER B 350 -9.58 -21.65 70.12
CA SER B 350 -10.79 -22.04 70.84
C SER B 350 -10.90 -21.28 72.17
N ALA B 351 -9.75 -20.97 72.78
CA ALA B 351 -9.77 -20.25 74.05
C ALA B 351 -10.41 -18.88 73.88
N LEU B 352 -10.16 -18.26 72.73
CA LEU B 352 -10.74 -16.95 72.45
C LEU B 352 -12.27 -17.04 72.37
N ARG B 353 -12.79 -18.14 71.84
CA ARG B 353 -14.23 -18.32 71.74
C ARG B 353 -14.85 -18.47 73.13
N CYS B 354 -14.05 -18.92 74.09
CA CYS B 354 -14.52 -19.10 75.46
C CYS B 354 -14.44 -17.83 76.28
N GLY B 355 -13.94 -16.74 75.68
CA GLY B 355 -13.86 -15.48 76.38
C GLY B 355 -12.50 -15.05 76.88
N ALA B 356 -11.45 -15.77 76.51
CA ALA B 356 -10.10 -15.42 76.95
C ALA B 356 -9.75 -13.97 76.56
N ARG B 357 -9.12 -13.27 77.49
CA ARG B 357 -8.71 -11.88 77.25
C ARG B 357 -7.44 -11.86 76.42
N ARG B 358 -6.55 -12.79 76.70
CA ARG B 358 -5.29 -12.88 75.99
C ARG B 358 -4.78 -14.31 75.96
N VAL B 359 -4.11 -14.67 74.87
CA VAL B 359 -3.60 -16.03 74.74
C VAL B 359 -2.12 -16.06 74.36
N PHE B 360 -1.34 -16.82 75.13
CA PHE B 360 0.08 -16.97 74.86
C PHE B 360 0.39 -18.40 74.45
N LEU B 361 1.04 -18.55 73.30
CA LEU B 361 1.44 -19.86 72.83
C LEU B 361 2.92 -19.94 73.23
N VAL B 362 3.24 -20.84 74.14
CA VAL B 362 4.61 -20.97 74.60
C VAL B 362 5.22 -22.32 74.24
N PHE B 363 6.33 -22.28 73.51
CA PHE B 363 7.00 -23.51 73.09
C PHE B 363 8.46 -23.56 73.54
N ARG B 364 8.96 -24.77 73.73
CA ARG B 364 10.33 -24.97 74.21
C ARG B 364 11.41 -24.83 73.15
N LYS B 365 11.02 -24.70 71.89
CA LYS B 365 11.99 -24.51 70.83
C LYS B 365 11.75 -23.16 70.15
N GLY B 366 12.33 -22.98 68.96
CA GLY B 366 12.17 -21.72 68.27
C GLY B 366 11.03 -21.67 67.27
N PHE B 367 10.80 -20.49 66.70
CA PHE B 367 9.75 -20.31 65.71
C PHE B 367 9.91 -21.26 64.53
N VAL B 368 11.14 -21.41 64.08
CA VAL B 368 11.39 -22.30 62.94
C VAL B 368 11.03 -23.74 63.26
N ASN B 369 10.98 -24.10 64.53
CA ASN B 369 10.67 -25.46 64.92
C ASN B 369 9.20 -25.78 65.13
N ILE B 370 8.32 -24.81 64.88
CA ILE B 370 6.89 -25.06 65.04
C ILE B 370 6.50 -26.26 64.17
N ARG B 371 5.70 -27.15 64.72
CA ARG B 371 5.30 -28.35 64.00
C ARG B 371 4.12 -28.19 63.04
N ALA B 372 3.11 -27.43 63.45
CA ALA B 372 1.93 -27.23 62.60
C ALA B 372 2.30 -26.51 61.30
N VAL B 373 1.53 -26.77 60.25
CA VAL B 373 1.78 -26.12 58.96
C VAL B 373 1.49 -24.63 59.12
N PRO B 374 2.15 -23.79 58.29
CA PRO B 374 1.98 -22.34 58.32
C PRO B 374 0.53 -21.86 58.30
N GLU B 375 -0.31 -22.51 57.51
CA GLU B 375 -1.71 -22.13 57.40
C GLU B 375 -2.45 -22.22 58.73
N GLU B 376 -2.10 -23.21 59.54
CA GLU B 376 -2.72 -23.38 60.86
C GLU B 376 -2.20 -22.32 61.80
N VAL B 377 -0.89 -22.09 61.75
CA VAL B 377 -0.24 -21.08 62.59
C VAL B 377 -0.84 -19.70 62.30
N GLU B 378 -1.10 -19.44 61.02
CA GLU B 378 -1.65 -18.17 60.58
C GLU B 378 -2.97 -17.79 61.26
N LEU B 379 -3.81 -18.79 61.51
CA LEU B 379 -5.10 -18.53 62.15
C LEU B 379 -4.94 -17.97 63.56
N ALA B 380 -3.99 -18.51 64.31
CA ALA B 380 -3.74 -18.04 65.67
C ALA B 380 -3.07 -16.67 65.62
N LYS B 381 -2.17 -16.51 64.65
CA LYS B 381 -1.44 -15.28 64.46
C LYS B 381 -2.38 -14.12 64.09
N GLU B 382 -3.28 -14.35 63.14
CA GLU B 382 -4.20 -13.30 62.72
C GLU B 382 -5.19 -12.93 63.84
N GLU B 383 -5.38 -13.84 64.79
CA GLU B 383 -6.28 -13.56 65.90
C GLU B 383 -5.52 -12.98 67.10
N LYS B 384 -4.31 -12.51 66.83
CA LYS B 384 -3.45 -11.87 67.81
C LYS B 384 -2.94 -12.69 68.99
N CYS B 385 -2.71 -13.97 68.79
CA CYS B 385 -2.16 -14.79 69.87
C CYS B 385 -0.68 -14.42 69.94
N GLU B 386 -0.14 -14.36 71.14
CA GLU B 386 1.27 -14.00 71.30
C GLU B 386 2.10 -15.29 71.33
N PHE B 387 3.26 -15.27 70.68
CA PHE B 387 4.14 -16.44 70.63
C PHE B 387 5.41 -16.24 71.45
N LEU B 388 5.69 -17.17 72.36
CA LEU B 388 6.87 -17.09 73.22
C LEU B 388 7.75 -18.32 73.02
N PRO B 389 8.84 -18.17 72.25
CA PRO B 389 9.79 -19.25 71.96
C PRO B 389 10.84 -19.53 73.05
N PHE B 390 11.50 -20.67 72.90
CA PHE B 390 12.56 -21.13 73.81
C PHE B 390 12.26 -21.08 75.31
N LEU B 391 11.10 -21.61 75.70
CA LEU B 391 10.71 -21.64 77.09
C LEU B 391 10.16 -23.01 77.48
N SER B 392 10.68 -23.55 78.57
CA SER B 392 10.25 -24.86 79.06
C SER B 392 9.61 -24.69 80.44
N PRO B 393 8.35 -25.16 80.60
CA PRO B 393 7.62 -25.06 81.87
C PRO B 393 8.33 -25.76 83.02
N ARG B 394 8.29 -25.13 84.19
CA ARG B 394 8.93 -25.69 85.37
C ARG B 394 7.99 -25.80 86.55
N LYS B 395 7.14 -24.79 86.74
CA LYS B 395 6.20 -24.79 87.84
C LYS B 395 4.98 -23.95 87.59
N VAL B 396 3.86 -24.41 88.11
CA VAL B 396 2.61 -23.69 88.01
C VAL B 396 2.45 -23.12 89.39
N ILE B 397 2.54 -21.80 89.49
CA ILE B 397 2.40 -21.13 90.76
C ILE B 397 0.92 -21.08 91.08
N VAL B 398 0.54 -21.63 92.23
CA VAL B 398 -0.84 -21.65 92.66
C VAL B 398 -1.00 -20.88 93.97
N LYS B 399 -1.93 -19.94 93.98
CA LYS B 399 -2.20 -19.16 95.18
C LYS B 399 -3.70 -18.97 95.28
N GLY B 400 -4.22 -19.09 96.50
CA GLY B 400 -5.65 -18.93 96.70
C GLY B 400 -6.42 -19.97 95.93
N GLY B 401 -5.82 -21.15 95.77
CA GLY B 401 -6.47 -22.22 95.07
C GLY B 401 -6.57 -22.05 93.56
N ARG B 402 -5.83 -21.09 93.02
CA ARG B 402 -5.86 -20.83 91.58
C ARG B 402 -4.48 -20.62 91.00
N ILE B 403 -4.34 -20.93 89.71
CA ILE B 403 -3.08 -20.72 89.03
C ILE B 403 -2.97 -19.21 88.86
N VAL B 404 -1.80 -18.65 89.14
CA VAL B 404 -1.62 -17.21 89.00
C VAL B 404 -0.45 -16.98 88.06
N ALA B 405 0.30 -18.05 87.83
CA ALA B 405 1.44 -17.91 86.96
C ALA B 405 2.12 -19.23 86.68
N VAL B 406 2.98 -19.21 85.68
CA VAL B 406 3.75 -20.38 85.32
C VAL B 406 5.20 -19.94 85.21
N GLN B 407 6.08 -20.69 85.84
CA GLN B 407 7.51 -20.37 85.80
C GLN B 407 8.19 -21.24 84.76
N PHE B 408 8.97 -20.61 83.90
CA PHE B 408 9.68 -21.34 82.85
C PHE B 408 11.18 -21.12 82.97
N VAL B 409 11.93 -21.98 82.28
CA VAL B 409 13.37 -21.86 82.23
C VAL B 409 13.67 -21.72 80.75
N ARG B 410 14.77 -21.06 80.45
CA ARG B 410 15.15 -20.85 79.08
C ARG B 410 15.78 -22.08 78.42
N THR B 411 15.59 -22.20 77.11
CA THR B 411 16.15 -23.33 76.35
C THR B 411 17.00 -22.82 75.19
N GLU B 412 17.78 -23.73 74.59
CA GLU B 412 18.64 -23.37 73.45
C GLU B 412 19.30 -24.58 72.80
N GLN B 413 19.68 -24.43 71.53
CA GLN B 413 20.32 -25.48 70.74
C GLN B 413 21.83 -25.25 70.72
N ASP B 414 22.60 -26.30 70.98
CA ASP B 414 24.07 -26.17 71.02
C ASP B 414 24.83 -26.54 69.75
N GLU B 415 26.14 -26.78 69.91
CA GLU B 415 27.02 -27.11 68.79
C GLU B 415 26.98 -28.61 68.48
N THR B 416 25.85 -29.07 67.95
CA THR B 416 25.63 -30.46 67.57
C THR B 416 24.16 -30.60 67.24
N GLY B 417 23.39 -29.62 67.73
CA GLY B 417 21.96 -29.62 67.48
C GLY B 417 21.11 -29.86 68.72
N LYS B 418 21.70 -30.48 69.73
CA LYS B 418 21.01 -30.80 70.98
C LYS B 418 20.44 -29.58 71.72
N TRP B 419 19.39 -29.81 72.50
CA TRP B 419 18.72 -28.75 73.25
C TRP B 419 18.96 -28.82 74.75
N ASN B 420 19.25 -27.67 75.35
CA ASN B 420 19.52 -27.61 76.78
C ASN B 420 18.67 -26.57 77.49
N GLU B 421 18.54 -26.70 78.81
CA GLU B 421 17.76 -25.77 79.61
C GLU B 421 18.68 -25.00 80.55
N ASP B 422 18.51 -23.69 80.60
CA ASP B 422 19.35 -22.84 81.45
C ASP B 422 18.61 -22.46 82.74
N GLU B 423 18.97 -23.15 83.82
CA GLU B 423 18.36 -22.95 85.13
C GLU B 423 18.40 -21.53 85.67
N ASP B 424 19.49 -20.82 85.39
CA ASP B 424 19.67 -19.46 85.88
C ASP B 424 18.89 -18.39 85.11
N GLN B 425 18.32 -18.79 83.97
CA GLN B 425 17.54 -17.87 83.14
C GLN B 425 16.07 -18.28 83.17
N ILE B 426 15.30 -17.64 84.05
CA ILE B 426 13.89 -17.97 84.21
C ILE B 426 12.91 -16.89 83.77
N VAL B 427 11.65 -17.30 83.65
CA VAL B 427 10.56 -16.41 83.27
C VAL B 427 9.36 -16.70 84.14
N HIS B 428 8.75 -15.64 84.66
CA HIS B 428 7.58 -15.74 85.50
C HIS B 428 6.44 -15.09 84.73
N LEU B 429 5.63 -15.92 84.08
CA LEU B 429 4.52 -15.43 83.28
C LEU B 429 3.17 -15.55 83.99
N LYS B 430 2.47 -14.44 84.12
CA LYS B 430 1.16 -14.42 84.77
C LYS B 430 0.15 -15.11 83.87
N ALA B 431 -0.75 -15.87 84.47
CA ALA B 431 -1.77 -16.57 83.71
C ALA B 431 -2.87 -17.04 84.64
N ASP B 432 -4.07 -17.17 84.10
CA ASP B 432 -5.23 -17.62 84.86
C ASP B 432 -5.61 -19.03 84.43
N VAL B 433 -5.26 -19.37 83.20
CA VAL B 433 -5.56 -20.69 82.66
C VAL B 433 -4.35 -21.26 81.93
N VAL B 434 -4.13 -22.56 82.11
CA VAL B 434 -3.02 -23.23 81.45
C VAL B 434 -3.56 -24.46 80.73
N ILE B 435 -3.21 -24.60 79.46
CA ILE B 435 -3.67 -25.73 78.65
C ILE B 435 -2.46 -26.42 78.05
N SER B 436 -2.22 -27.67 78.41
CA SER B 436 -1.09 -28.37 77.85
C SER B 436 -1.52 -29.09 76.57
N ALA B 437 -0.74 -28.90 75.51
CA ALA B 437 -1.03 -29.51 74.21
C ALA B 437 0.24 -30.29 73.82
N PHE B 438 0.63 -31.22 74.68
CA PHE B 438 1.83 -32.03 74.48
C PHE B 438 1.63 -33.27 73.61
N GLY B 439 0.42 -33.45 73.09
CA GLY B 439 0.16 -34.62 72.26
C GLY B 439 -0.71 -35.64 72.96
N SER B 440 -0.84 -36.82 72.35
CA SER B 440 -1.66 -37.88 72.92
C SER B 440 -0.94 -39.22 72.88
N VAL B 441 -1.42 -40.16 73.66
CA VAL B 441 -0.82 -41.50 73.74
C VAL B 441 -1.83 -42.55 74.12
N LEU B 442 -1.38 -43.80 74.10
CA LEU B 442 -2.19 -44.94 74.51
C LEU B 442 -1.47 -45.45 75.75
N ARG B 443 -2.11 -45.27 76.91
CA ARG B 443 -1.50 -45.67 78.17
C ARG B 443 -2.34 -46.62 79.04
N ASP B 444 -3.66 -46.51 78.96
CA ASP B 444 -4.55 -47.35 79.74
C ASP B 444 -4.15 -48.83 79.64
N PRO B 445 -3.66 -49.42 80.74
CA PRO B 445 -3.26 -50.84 80.73
C PRO B 445 -4.41 -51.78 80.33
N LYS B 446 -5.63 -51.42 80.69
CA LYS B 446 -6.80 -52.24 80.38
C LYS B 446 -7.08 -52.29 78.88
N VAL B 447 -6.80 -51.19 78.18
CA VAL B 447 -7.02 -51.15 76.74
C VAL B 447 -5.94 -51.93 76.03
N LYS B 448 -4.70 -51.79 76.49
CA LYS B 448 -3.58 -52.51 75.90
C LYS B 448 -3.75 -54.01 76.09
N GLU B 449 -4.20 -54.40 77.28
CA GLU B 449 -4.39 -55.81 77.58
C GLU B 449 -5.47 -56.41 76.69
N ALA B 450 -6.45 -55.60 76.30
CA ALA B 450 -7.53 -56.07 75.45
C ALA B 450 -7.03 -56.41 74.05
N LEU B 451 -5.81 -55.99 73.74
CA LEU B 451 -5.21 -56.25 72.43
C LEU B 451 -4.29 -57.46 72.42
N SER B 452 -4.22 -58.15 73.55
CA SER B 452 -3.38 -59.34 73.66
C SER B 452 -3.86 -60.34 72.61
N PRO B 453 -2.93 -61.08 71.98
CA PRO B 453 -1.48 -61.03 72.20
C PRO B 453 -0.67 -60.35 71.09
N ILE B 454 -1.25 -59.36 70.40
CA ILE B 454 -0.51 -58.71 69.32
C ILE B 454 0.77 -58.03 69.81
N LYS B 455 1.79 -58.04 68.96
CA LYS B 455 3.07 -57.42 69.28
C LYS B 455 3.03 -55.90 69.27
N PHE B 456 3.69 -55.28 70.24
CA PHE B 456 3.79 -53.82 70.33
C PHE B 456 5.26 -53.48 70.07
N ASN B 457 5.50 -52.36 69.39
CA ASN B 457 6.88 -51.95 69.12
C ASN B 457 7.48 -51.17 70.29
N ARG B 458 8.72 -50.69 70.13
CA ARG B 458 9.39 -49.95 71.19
C ARG B 458 8.72 -48.62 71.52
N TRP B 459 7.82 -48.18 70.64
CA TRP B 459 7.07 -46.94 70.83
C TRP B 459 5.84 -47.24 71.66
N ASP B 460 5.66 -48.51 71.97
CA ASP B 460 4.53 -48.98 72.75
C ASP B 460 3.22 -48.83 71.98
N LEU B 461 3.28 -49.10 70.68
CA LEU B 461 2.10 -49.02 69.83
C LEU B 461 1.98 -50.34 69.08
N PRO B 462 0.76 -50.71 68.66
CA PRO B 462 0.57 -51.96 67.93
C PRO B 462 1.44 -51.95 66.68
N GLU B 463 2.19 -53.02 66.48
CA GLU B 463 3.07 -53.12 65.32
C GLU B 463 2.32 -53.71 64.13
N VAL B 464 2.49 -53.11 62.96
CA VAL B 464 1.84 -53.61 61.75
C VAL B 464 2.77 -53.56 60.56
N ASP B 465 2.48 -54.36 59.55
CA ASP B 465 3.26 -54.38 58.33
C ASP B 465 2.81 -53.10 57.62
N PRO B 466 3.75 -52.21 57.28
CA PRO B 466 3.40 -50.96 56.61
C PRO B 466 2.66 -51.08 55.28
N GLU B 467 2.71 -52.25 54.66
CA GLU B 467 2.03 -52.45 53.39
C GLU B 467 0.63 -53.04 53.54
N THR B 468 0.48 -54.00 54.45
CA THR B 468 -0.81 -54.65 54.63
C THR B 468 -1.62 -54.16 55.84
N MET B 469 -0.97 -53.45 56.75
CA MET B 469 -1.63 -52.95 57.96
C MET B 469 -2.00 -54.10 58.89
N GLN B 470 -1.42 -55.27 58.66
CA GLN B 470 -1.71 -56.45 59.48
C GLN B 470 -0.81 -56.51 60.72
N THR B 471 -1.40 -56.87 61.87
CA THR B 471 -0.64 -56.99 63.12
C THR B 471 -0.01 -58.38 63.15
N SER B 472 0.60 -58.71 64.28
CA SER B 472 1.25 -60.03 64.44
C SER B 472 0.21 -61.14 64.37
N GLU B 473 -1.05 -60.79 64.63
CA GLU B 473 -2.15 -61.75 64.55
C GLU B 473 -2.80 -61.54 63.19
N PRO B 474 -2.77 -62.56 62.32
CA PRO B 474 -3.34 -62.53 60.96
C PRO B 474 -4.72 -61.92 60.78
N TRP B 475 -5.63 -62.17 61.73
CA TRP B 475 -6.99 -61.66 61.60
C TRP B 475 -7.19 -60.25 62.17
N VAL B 476 -6.13 -59.66 62.71
CA VAL B 476 -6.24 -58.32 63.29
C VAL B 476 -5.39 -57.31 62.53
N PHE B 477 -6.01 -56.20 62.16
CA PHE B 477 -5.34 -55.12 61.43
C PHE B 477 -5.48 -53.83 62.23
N ALA B 478 -4.69 -52.81 61.87
CA ALA B 478 -4.73 -51.53 62.56
C ALA B 478 -4.32 -50.38 61.65
N GLY B 479 -4.80 -49.18 61.96
CA GLY B 479 -4.47 -48.03 61.17
C GLY B 479 -4.85 -46.73 61.84
N GLY B 480 -4.30 -45.62 61.34
CA GLY B 480 -4.60 -44.33 61.93
C GLY B 480 -3.60 -43.95 63.02
N ASP B 481 -4.01 -43.03 63.88
CA ASP B 481 -3.15 -42.56 64.97
C ASP B 481 -2.57 -43.68 65.84
N ILE B 482 -3.33 -44.75 66.06
CA ILE B 482 -2.86 -45.85 66.90
C ILE B 482 -1.59 -46.51 66.37
N VAL B 483 -1.39 -46.43 65.05
CA VAL B 483 -0.20 -47.02 64.44
C VAL B 483 1.01 -46.10 64.58
N GLY B 484 0.75 -44.80 64.79
CA GLY B 484 1.82 -43.85 64.99
C GLY B 484 2.55 -43.29 63.79
N MET B 485 2.05 -43.56 62.59
CA MET B 485 2.70 -43.06 61.38
C MET B 485 1.92 -41.87 60.83
N ALA B 486 0.60 -42.00 60.77
CA ALA B 486 -0.27 -40.94 60.26
C ALA B 486 -0.18 -39.67 61.08
N ASN B 487 -0.19 -38.53 60.39
CA ASN B 487 -0.12 -37.23 61.05
C ASN B 487 -1.39 -36.47 60.69
N THR B 488 -2.20 -37.05 59.83
CA THR B 488 -3.39 -36.37 59.34
C THR B 488 -4.62 -37.24 59.16
N THR B 489 -5.74 -36.57 58.92
CA THR B 489 -7.01 -37.23 58.69
C THR B 489 -6.87 -38.06 57.41
N VAL B 490 -6.32 -37.45 56.37
CA VAL B 490 -6.17 -38.13 55.09
C VAL B 490 -5.29 -39.38 55.17
N GLU B 491 -4.22 -39.32 55.96
CA GLU B 491 -3.35 -40.49 56.12
C GLU B 491 -4.05 -41.58 56.92
N SER B 492 -4.88 -41.17 57.88
CA SER B 492 -5.61 -42.15 58.68
C SER B 492 -6.64 -42.80 57.77
N VAL B 493 -7.24 -42.01 56.89
CA VAL B 493 -8.22 -42.54 55.95
C VAL B 493 -7.52 -43.53 55.03
N ASN B 494 -6.32 -43.18 54.57
CA ASN B 494 -5.58 -44.07 53.69
C ASN B 494 -5.18 -45.38 54.39
N ASP B 495 -4.89 -45.30 55.69
CA ASP B 495 -4.53 -46.51 56.43
C ASP B 495 -5.71 -47.49 56.39
N GLY B 496 -6.92 -46.98 56.62
CA GLY B 496 -8.09 -47.84 56.61
C GLY B 496 -8.36 -48.40 55.22
N LYS B 497 -8.09 -47.58 54.22
CA LYS B 497 -8.27 -47.95 52.82
C LYS B 497 -7.32 -49.08 52.47
N GLN B 498 -6.05 -48.89 52.85
CA GLN B 498 -4.99 -49.86 52.60
C GLN B 498 -5.35 -51.18 53.29
N ALA B 499 -5.78 -51.08 54.54
CA ALA B 499 -6.12 -52.27 55.32
C ALA B 499 -7.32 -53.05 54.77
N SER B 500 -8.30 -52.34 54.22
CA SER B 500 -9.48 -53.01 53.70
C SER B 500 -9.15 -54.04 52.64
N TRP B 501 -8.21 -53.73 51.76
CA TRP B 501 -7.85 -54.68 50.73
C TRP B 501 -7.25 -55.97 51.28
N TYR B 502 -6.36 -55.85 52.27
CA TYR B 502 -5.74 -57.03 52.84
C TYR B 502 -6.65 -57.76 53.81
N ILE B 503 -7.60 -57.05 54.40
CA ILE B 503 -8.56 -57.68 55.28
C ILE B 503 -9.41 -58.57 54.36
N HIS B 504 -9.76 -58.02 53.21
CA HIS B 504 -10.54 -58.71 52.17
C HIS B 504 -9.78 -59.97 51.73
N LYS B 505 -8.50 -59.80 51.41
CA LYS B 505 -7.65 -60.91 50.99
C LYS B 505 -7.63 -62.00 52.06
N TYR B 506 -7.44 -61.57 53.30
CA TYR B 506 -7.38 -62.51 54.43
C TYR B 506 -8.68 -63.30 54.60
N ILE B 507 -9.80 -62.59 54.65
CA ILE B 507 -11.10 -63.25 54.83
C ILE B 507 -11.38 -64.23 53.70
N GLN B 508 -11.18 -63.80 52.46
CA GLN B 508 -11.42 -64.68 51.32
C GLN B 508 -10.59 -65.95 51.44
N ALA B 509 -9.32 -65.81 51.81
CA ALA B 509 -8.44 -66.97 51.97
C ALA B 509 -8.99 -67.91 53.03
N GLN B 510 -9.52 -67.35 54.12
CA GLN B 510 -10.07 -68.16 55.19
C GLN B 510 -11.23 -69.01 54.66
N TYR B 511 -11.91 -68.52 53.63
CA TYR B 511 -13.02 -69.27 53.05
C TYR B 511 -12.58 -70.05 51.81
N GLY B 512 -11.28 -70.21 51.64
CA GLY B 512 -10.75 -70.95 50.51
C GLY B 512 -10.86 -70.28 49.16
N ALA B 513 -10.90 -68.95 49.13
CA ALA B 513 -10.99 -68.23 47.87
C ALA B 513 -9.80 -67.29 47.71
N SER B 514 -9.36 -67.11 46.47
CA SER B 514 -8.24 -66.24 46.18
C SER B 514 -8.76 -64.89 45.67
N VAL B 515 -7.89 -63.88 45.66
CA VAL B 515 -8.26 -62.56 45.17
C VAL B 515 -7.23 -62.15 44.12
N SER B 516 -7.58 -61.17 43.30
CA SER B 516 -6.67 -60.70 42.26
C SER B 516 -5.34 -60.25 42.86
N ALA B 517 -4.25 -60.52 42.16
CA ALA B 517 -2.92 -60.13 42.62
C ALA B 517 -2.84 -58.61 42.63
N LYS B 518 -3.59 -57.99 41.72
CA LYS B 518 -3.63 -56.54 41.60
C LYS B 518 -4.81 -55.98 42.39
N PRO B 519 -4.55 -55.09 43.35
CA PRO B 519 -5.59 -54.48 44.19
C PRO B 519 -6.72 -53.87 43.37
N GLU B 520 -7.96 -54.18 43.76
CA GLU B 520 -9.13 -53.67 43.05
C GLU B 520 -10.23 -53.11 43.94
N LEU B 521 -9.92 -52.04 44.67
CA LEU B 521 -10.93 -51.42 45.52
C LEU B 521 -11.95 -50.73 44.62
N PRO B 522 -13.25 -50.90 44.90
CA PRO B 522 -14.29 -50.27 44.07
C PRO B 522 -14.37 -48.76 44.19
N LEU B 523 -14.97 -48.14 43.19
CA LEU B 523 -15.15 -46.70 43.18
C LEU B 523 -16.38 -46.36 44.01
N PHE B 524 -16.73 -45.08 44.07
CA PHE B 524 -17.88 -44.59 44.82
C PHE B 524 -19.05 -44.46 43.85
N TYR B 525 -20.22 -44.99 44.22
CA TYR B 525 -21.40 -44.94 43.34
C TYR B 525 -22.66 -44.36 43.98
N THR B 526 -23.53 -43.81 43.14
CA THR B 526 -24.81 -43.25 43.58
C THR B 526 -25.85 -43.58 42.49
N PRO B 527 -27.13 -43.29 42.74
CA PRO B 527 -28.17 -43.59 41.75
C PRO B 527 -27.95 -42.85 40.42
N VAL B 528 -27.23 -41.73 40.48
CA VAL B 528 -26.95 -40.95 39.28
C VAL B 528 -26.23 -41.80 38.23
N ASP B 529 -25.37 -42.70 38.70
CA ASP B 529 -24.59 -43.56 37.82
C ASP B 529 -25.43 -44.55 37.03
N LEU B 530 -26.67 -44.75 37.47
CA LEU B 530 -27.58 -45.68 36.79
C LEU B 530 -28.36 -45.00 35.66
N VAL B 531 -28.25 -43.68 35.57
CA VAL B 531 -28.97 -42.93 34.54
C VAL B 531 -28.54 -43.32 33.13
N ASP B 532 -29.52 -43.61 32.28
CA ASP B 532 -29.28 -44.02 30.90
C ASP B 532 -29.08 -42.81 30.01
N ILE B 533 -27.91 -42.71 29.37
CA ILE B 533 -27.66 -41.60 28.47
C ILE B 533 -27.45 -42.03 27.02
N SER B 534 -28.02 -43.18 26.66
CA SER B 534 -27.90 -43.66 25.30
C SER B 534 -28.89 -42.88 24.44
N VAL B 535 -28.69 -42.90 23.13
CA VAL B 535 -29.58 -42.19 22.22
C VAL B 535 -29.54 -42.86 20.86
N GLU B 536 -30.68 -42.86 20.17
CA GLU B 536 -30.75 -43.45 18.85
C GLU B 536 -30.94 -42.33 17.83
N MET B 537 -30.20 -42.41 16.72
CA MET B 537 -30.30 -41.40 15.68
C MET B 537 -30.05 -42.01 14.31
N ALA B 538 -30.95 -41.73 13.37
CA ALA B 538 -30.81 -42.24 12.01
C ALA B 538 -30.64 -43.75 11.98
N GLY B 539 -31.31 -44.45 12.89
CA GLY B 539 -31.21 -45.89 12.95
C GLY B 539 -29.98 -46.43 13.66
N LEU B 540 -29.14 -45.53 14.16
CA LEU B 540 -27.91 -45.94 14.85
C LEU B 540 -28.07 -45.80 16.36
N LYS B 541 -27.52 -46.74 17.11
CA LYS B 541 -27.58 -46.71 18.57
C LYS B 541 -26.26 -46.21 19.16
N PHE B 542 -26.32 -45.10 19.88
CA PHE B 542 -25.11 -44.55 20.52
C PHE B 542 -25.19 -44.84 22.02
N ILE B 543 -24.12 -45.41 22.57
CA ILE B 543 -24.13 -45.72 24.01
C ILE B 543 -24.15 -44.44 24.83
N ASN B 544 -23.62 -43.37 24.25
CA ASN B 544 -23.66 -42.04 24.87
C ASN B 544 -23.56 -41.08 23.68
N PRO B 545 -24.07 -39.86 23.84
CA PRO B 545 -24.04 -38.87 22.74
C PRO B 545 -22.74 -38.15 22.41
N PHE B 546 -21.65 -38.49 23.10
CA PHE B 546 -20.38 -37.82 22.84
C PHE B 546 -19.44 -38.56 21.91
N GLY B 547 -18.90 -37.84 20.94
CA GLY B 547 -17.98 -38.44 19.99
C GLY B 547 -16.90 -37.49 19.52
N LEU B 548 -15.84 -38.04 18.96
CA LEU B 548 -14.74 -37.23 18.45
C LEU B 548 -15.05 -36.74 17.04
N ALA B 549 -14.91 -35.44 16.82
CA ALA B 549 -15.15 -34.87 15.51
C ALA B 549 -14.00 -35.27 14.59
N SER B 550 -14.20 -35.14 13.28
CA SER B 550 -13.16 -35.45 12.32
C SER B 550 -12.15 -34.33 12.48
N ALA B 551 -11.03 -34.59 13.14
CA ALA B 551 -10.04 -33.55 13.36
C ALA B 551 -8.72 -34.08 13.91
N ALA B 552 -7.91 -33.20 14.49
CA ALA B 552 -6.61 -33.59 15.03
C ALA B 552 -6.69 -34.79 15.99
N PRO B 553 -7.68 -34.79 16.90
CA PRO B 553 -7.79 -35.92 17.83
C PRO B 553 -8.04 -37.25 17.15
N THR B 554 -8.38 -37.23 15.86
CA THR B 554 -8.59 -38.46 15.11
C THR B 554 -7.60 -38.57 13.95
N THR B 555 -6.42 -38.01 14.18
CA THR B 555 -5.33 -38.03 13.21
C THR B 555 -4.95 -39.47 12.84
N SER B 556 -5.00 -40.37 13.81
CA SER B 556 -4.66 -41.77 13.60
C SER B 556 -5.72 -42.69 14.21
N SER B 557 -5.94 -43.84 13.59
CA SER B 557 -6.92 -44.79 14.08
C SER B 557 -6.56 -45.31 15.48
N SER B 558 -5.27 -45.35 15.79
CA SER B 558 -4.83 -45.81 17.10
C SER B 558 -5.37 -44.90 18.18
N MET B 559 -5.55 -43.63 17.84
CA MET B 559 -6.05 -42.64 18.77
C MET B 559 -7.54 -42.89 19.02
N ILE B 560 -8.26 -43.23 17.97
CA ILE B 560 -9.68 -43.54 18.10
C ILE B 560 -9.85 -44.76 19.00
N ARG B 561 -8.95 -45.73 18.86
CA ARG B 561 -9.01 -46.94 19.68
C ARG B 561 -8.93 -46.55 21.16
N ARG B 562 -7.95 -45.72 21.52
CA ARG B 562 -7.80 -45.30 22.89
C ARG B 562 -9.01 -44.48 23.36
N ALA B 563 -9.60 -43.71 22.44
CA ALA B 563 -10.76 -42.91 22.77
C ALA B 563 -11.93 -43.84 23.13
N PHE B 564 -12.10 -44.90 22.35
CA PHE B 564 -13.18 -45.85 22.64
C PHE B 564 -12.88 -46.58 23.95
N GLU B 565 -11.60 -46.87 24.18
CA GLU B 565 -11.23 -47.54 25.43
C GLU B 565 -11.54 -46.62 26.59
N ALA B 566 -11.44 -45.31 26.38
CA ALA B 566 -11.74 -44.34 27.44
C ALA B 566 -13.25 -44.21 27.68
N GLY B 567 -14.05 -44.55 26.67
CA GLY B 567 -15.50 -44.48 26.82
C GLY B 567 -16.28 -43.62 25.84
N TRP B 568 -15.61 -43.00 24.86
CA TRP B 568 -16.34 -42.16 23.91
C TRP B 568 -17.38 -42.98 23.14
N GLY B 569 -18.56 -42.40 22.97
CA GLY B 569 -19.64 -43.09 22.28
C GLY B 569 -19.40 -43.34 20.80
N PHE B 570 -18.78 -42.39 20.12
CA PHE B 570 -18.51 -42.56 18.70
C PHE B 570 -17.33 -41.71 18.27
N ALA B 571 -16.91 -41.85 17.01
CA ALA B 571 -15.79 -41.09 16.51
C ALA B 571 -15.82 -41.02 15.01
N LEU B 572 -15.31 -39.91 14.48
CA LEU B 572 -15.22 -39.67 13.05
C LEU B 572 -13.77 -39.91 12.69
N THR B 573 -13.53 -40.44 11.50
CA THR B 573 -12.15 -40.61 11.08
C THR B 573 -11.78 -39.23 10.58
N LYS B 574 -10.48 -38.97 10.48
CA LYS B 574 -10.03 -37.70 9.92
C LYS B 574 -10.54 -37.83 8.47
N THR B 575 -10.91 -36.73 7.83
CA THR B 575 -11.42 -36.79 6.47
C THR B 575 -10.36 -37.36 5.52
N PHE B 576 -10.74 -38.38 4.74
CA PHE B 576 -9.80 -38.96 3.79
C PHE B 576 -10.37 -38.95 2.37
N SER B 577 -9.51 -39.18 1.38
CA SER B 577 -9.94 -39.16 0.00
C SER B 577 -9.28 -40.23 -0.85
N LEU B 578 -9.57 -40.20 -2.15
CA LEU B 578 -8.99 -41.14 -3.09
C LEU B 578 -7.52 -40.79 -3.24
N ASP B 579 -6.70 -41.78 -3.61
CA ASP B 579 -5.26 -41.56 -3.77
C ASP B 579 -4.89 -40.37 -4.64
N LYS B 580 -5.62 -40.16 -5.73
CA LYS B 580 -5.31 -39.04 -6.63
C LYS B 580 -5.47 -37.68 -5.98
N ASP B 581 -6.19 -37.61 -4.87
CA ASP B 581 -6.40 -36.33 -4.18
C ASP B 581 -5.55 -36.18 -2.93
N ILE B 582 -4.54 -37.04 -2.80
CA ILE B 582 -3.65 -37.01 -1.65
C ILE B 582 -3.11 -35.61 -1.36
N VAL B 583 -3.13 -35.21 -0.08
CA VAL B 583 -2.66 -33.88 0.30
C VAL B 583 -1.39 -33.90 1.14
N THR B 584 -0.78 -32.73 1.28
CA THR B 584 0.43 -32.57 2.06
C THR B 584 0.30 -31.30 2.91
N ASN B 585 0.34 -31.48 4.24
CA ASN B 585 0.21 -30.36 5.15
C ASN B 585 1.45 -29.49 5.23
N VAL B 586 1.27 -28.26 5.72
CA VAL B 586 2.37 -27.33 5.91
C VAL B 586 2.50 -27.19 7.43
N SER B 587 3.51 -26.46 7.88
CA SER B 587 3.71 -26.24 9.31
C SER B 587 4.40 -24.88 9.46
N PRO B 588 4.04 -24.11 10.50
CA PRO B 588 3.02 -24.39 11.53
C PRO B 588 1.62 -24.34 10.92
N ARG B 589 0.65 -25.00 11.56
CA ARG B 589 -0.70 -24.99 11.03
C ARG B 589 -1.86 -24.92 12.03
N ILE B 590 -1.56 -25.04 13.32
CA ILE B 590 -2.61 -24.94 14.35
C ILE B 590 -2.11 -23.98 15.42
N VAL B 591 -2.86 -22.90 15.65
CA VAL B 591 -2.46 -21.92 16.65
C VAL B 591 -3.55 -21.62 17.67
N ARG B 592 -3.15 -21.09 18.81
CA ARG B 592 -4.11 -20.77 19.86
C ARG B 592 -4.93 -19.55 19.47
N GLY B 593 -6.13 -19.47 20.02
CA GLY B 593 -6.98 -18.33 19.72
C GLY B 593 -6.57 -17.12 20.55
N THR B 594 -6.86 -15.94 20.02
CA THR B 594 -6.54 -14.70 20.70
C THR B 594 -7.89 -14.07 21.08
N THR B 595 -8.94 -14.90 20.99
CA THR B 595 -10.30 -14.48 21.28
C THR B 595 -10.62 -14.13 22.73
N SER B 596 -9.72 -14.44 23.66
CA SER B 596 -9.98 -14.09 25.06
C SER B 596 -8.75 -13.47 25.72
N GLY B 597 -7.93 -12.80 24.91
CA GLY B 597 -6.75 -12.13 25.42
C GLY B 597 -5.50 -12.98 25.63
N PRO B 598 -4.44 -12.39 26.20
CA PRO B 598 -3.17 -13.07 26.46
C PRO B 598 -3.22 -14.03 27.66
N MET B 599 -4.10 -15.02 27.57
CA MET B 599 -4.24 -16.03 28.62
C MET B 599 -3.74 -17.33 27.99
N TYR B 600 -2.66 -17.87 28.55
CA TYR B 600 -2.07 -19.08 28.00
C TYR B 600 -2.31 -20.30 28.90
N GLY B 601 -2.17 -21.48 28.30
CA GLY B 601 -2.38 -22.69 29.06
C GLY B 601 -3.75 -23.31 28.87
N PRO B 602 -4.34 -23.85 29.95
CA PRO B 602 -5.66 -24.49 29.90
C PRO B 602 -6.81 -23.63 29.39
N GLY B 603 -7.80 -24.30 28.81
CA GLY B 603 -8.98 -23.61 28.33
C GLY B 603 -8.85 -22.51 27.29
N GLN B 604 -8.10 -22.76 26.22
CA GLN B 604 -7.98 -21.77 25.17
C GLN B 604 -9.39 -21.58 24.62
N SER B 605 -9.83 -20.33 24.46
CA SER B 605 -11.18 -20.05 23.97
C SER B 605 -11.41 -20.40 22.51
N SER B 606 -10.33 -20.72 21.79
CA SER B 606 -10.44 -21.12 20.40
C SER B 606 -9.08 -21.49 19.84
N PHE B 607 -9.10 -22.02 18.63
CA PHE B 607 -7.91 -22.41 17.89
C PHE B 607 -8.18 -22.05 16.43
N LEU B 608 -7.13 -21.84 15.66
CA LEU B 608 -7.28 -21.57 14.24
C LEU B 608 -6.36 -22.57 13.57
N ASN B 609 -6.83 -23.18 12.49
CA ASN B 609 -6.01 -24.15 11.81
C ASN B 609 -6.07 -23.97 10.30
N ILE B 610 -4.97 -24.29 9.64
CA ILE B 610 -4.89 -24.23 8.19
C ILE B 610 -4.46 -25.64 7.77
N GLU B 611 -4.98 -26.63 8.50
CA GLU B 611 -4.69 -28.03 8.21
C GLU B 611 -5.62 -28.50 7.10
N LEU B 612 -5.16 -29.46 6.31
CA LEU B 612 -5.97 -30.01 5.23
C LEU B 612 -6.63 -31.29 5.74
N ILE B 613 -7.12 -32.14 4.84
CA ILE B 613 -7.73 -33.39 5.27
C ILE B 613 -6.61 -34.35 5.64
N SER B 614 -6.95 -35.60 5.93
CA SER B 614 -5.94 -36.59 6.32
C SER B 614 -4.83 -36.81 5.32
N GLU B 615 -3.60 -36.95 5.82
CA GLU B 615 -2.46 -37.21 4.97
C GLU B 615 -2.32 -38.72 4.80
N LYS B 616 -3.13 -39.48 5.54
CA LYS B 616 -3.10 -40.93 5.45
C LYS B 616 -4.06 -41.42 4.37
N THR B 617 -3.71 -42.52 3.71
CA THR B 617 -4.49 -43.07 2.61
C THR B 617 -5.83 -43.69 2.97
N ALA B 618 -6.69 -43.82 1.96
CA ALA B 618 -8.01 -44.41 2.14
C ALA B 618 -7.83 -45.87 2.54
N ALA B 619 -6.78 -46.49 2.03
CA ALA B 619 -6.50 -47.90 2.36
C ALA B 619 -6.24 -48.02 3.86
N TYR B 620 -5.47 -47.07 4.40
CA TYR B 620 -5.17 -47.07 5.83
C TYR B 620 -6.45 -46.92 6.63
N TRP B 621 -7.24 -45.91 6.28
CA TRP B 621 -8.48 -45.64 7.00
C TRP B 621 -9.53 -46.75 6.88
N CYS B 622 -9.69 -47.32 5.69
CA CYS B 622 -10.66 -48.38 5.52
C CYS B 622 -10.28 -49.63 6.32
N GLN B 623 -9.00 -49.99 6.30
CA GLN B 623 -8.57 -51.15 7.07
C GLN B 623 -8.73 -50.83 8.55
N SER B 624 -8.43 -49.60 8.93
CA SER B 624 -8.57 -49.17 10.32
C SER B 624 -10.01 -49.27 10.79
N VAL B 625 -10.94 -48.84 9.95
CA VAL B 625 -12.36 -48.89 10.30
C VAL B 625 -12.76 -50.33 10.55
N THR B 626 -12.32 -51.23 9.68
CA THR B 626 -12.64 -52.65 9.83
C THR B 626 -12.16 -53.16 11.20
N GLU B 627 -10.92 -52.80 11.54
CA GLU B 627 -10.34 -53.21 12.82
C GLU B 627 -11.13 -52.62 14.00
N LEU B 628 -11.39 -51.32 13.95
CA LEU B 628 -12.11 -50.66 15.02
C LEU B 628 -13.52 -51.22 15.25
N LYS B 629 -14.25 -51.48 14.17
CA LYS B 629 -15.59 -52.03 14.29
C LYS B 629 -15.56 -53.47 14.77
N ALA B 630 -14.49 -54.18 14.47
CA ALA B 630 -14.35 -55.56 14.90
C ALA B 630 -14.12 -55.60 16.40
N ASP B 631 -13.29 -54.69 16.90
CA ASP B 631 -12.98 -54.64 18.32
C ASP B 631 -13.96 -53.83 19.19
N PHE B 632 -14.69 -52.90 18.57
CA PHE B 632 -15.65 -52.08 19.31
C PHE B 632 -16.98 -52.02 18.57
N PRO B 633 -17.71 -53.15 18.54
CA PRO B 633 -19.01 -53.30 17.88
C PRO B 633 -20.07 -52.30 18.32
N ASP B 634 -20.04 -51.91 19.59
CA ASP B 634 -21.04 -50.99 20.11
C ASP B 634 -20.68 -49.51 19.99
N ASN B 635 -19.44 -49.21 19.60
CA ASN B 635 -19.03 -47.83 19.43
C ASN B 635 -19.22 -47.46 17.96
N ILE B 636 -19.88 -46.35 17.71
CA ILE B 636 -20.15 -45.93 16.34
C ILE B 636 -18.94 -45.30 15.65
N VAL B 637 -18.64 -45.78 14.44
CA VAL B 637 -17.53 -45.27 13.67
C VAL B 637 -18.08 -44.68 12.37
N ILE B 638 -17.82 -43.39 12.17
CA ILE B 638 -18.29 -42.69 10.98
C ILE B 638 -17.10 -42.28 10.13
N ALA B 639 -17.09 -42.70 8.87
CA ALA B 639 -15.99 -42.37 7.98
C ALA B 639 -16.24 -41.03 7.28
N SER B 640 -15.32 -40.09 7.48
CA SER B 640 -15.43 -38.78 6.87
C SER B 640 -14.67 -38.83 5.56
N ILE B 641 -15.34 -38.47 4.47
CA ILE B 641 -14.71 -38.53 3.16
C ILE B 641 -14.91 -37.27 2.34
N MET B 642 -14.04 -37.07 1.37
CA MET B 642 -14.12 -35.88 0.52
C MET B 642 -13.58 -36.13 -0.89
N CYS B 643 -14.31 -35.59 -1.87
CA CYS B 643 -13.94 -35.71 -3.27
C CYS B 643 -14.19 -34.35 -3.92
N SER B 644 -13.67 -34.16 -5.11
CA SER B 644 -13.91 -32.93 -5.85
C SER B 644 -15.32 -33.12 -6.40
N TYR B 645 -15.85 -32.12 -7.09
CA TYR B 645 -17.20 -32.22 -7.63
C TYR B 645 -17.23 -33.19 -8.81
N ASN B 646 -17.18 -34.48 -8.52
CA ASN B 646 -17.17 -35.52 -9.54
C ASN B 646 -18.00 -36.71 -9.06
N LYS B 647 -19.03 -37.07 -9.84
CA LYS B 647 -19.92 -38.17 -9.49
C LYS B 647 -19.23 -39.51 -9.26
N ASN B 648 -18.45 -39.96 -10.24
CA ASN B 648 -17.78 -41.25 -10.11
C ASN B 648 -16.87 -41.30 -8.88
N ASP B 649 -16.20 -40.20 -8.57
CA ASP B 649 -15.31 -40.18 -7.42
C ASP B 649 -16.08 -40.34 -6.10
N TRP B 650 -17.11 -39.54 -5.90
CA TRP B 650 -17.90 -39.65 -4.68
C TRP B 650 -18.50 -41.04 -4.51
N MET B 651 -18.98 -41.61 -5.61
CA MET B 651 -19.57 -42.95 -5.55
C MET B 651 -18.52 -44.00 -5.22
N GLU B 652 -17.33 -43.85 -5.79
CA GLU B 652 -16.24 -44.77 -5.56
C GLU B 652 -15.75 -44.73 -4.11
N LEU B 653 -15.47 -43.53 -3.61
CA LEU B 653 -14.98 -43.39 -2.25
C LEU B 653 -16.02 -43.79 -1.20
N SER B 654 -17.27 -43.39 -1.38
CA SER B 654 -18.31 -43.72 -0.42
C SER B 654 -18.51 -45.24 -0.34
N ARG B 655 -18.46 -45.91 -1.49
CA ARG B 655 -18.62 -47.36 -1.52
C ARG B 655 -17.45 -48.04 -0.83
N LYS B 656 -16.26 -47.50 -1.04
CA LYS B 656 -15.07 -48.07 -0.41
C LYS B 656 -15.17 -47.94 1.11
N ALA B 657 -15.64 -46.79 1.57
CA ALA B 657 -15.80 -46.54 3.01
C ALA B 657 -16.88 -47.47 3.60
N GLU B 658 -18.00 -47.61 2.88
CA GLU B 658 -19.09 -48.46 3.34
C GLU B 658 -18.61 -49.91 3.45
N ALA B 659 -17.86 -50.35 2.44
CA ALA B 659 -17.35 -51.72 2.42
C ALA B 659 -16.45 -52.03 3.60
N SER B 660 -15.81 -51.01 4.17
CA SER B 660 -14.92 -51.22 5.30
C SER B 660 -15.67 -51.56 6.59
N GLY B 661 -16.98 -51.31 6.59
CA GLY B 661 -17.76 -51.61 7.77
C GLY B 661 -18.17 -50.38 8.58
N ALA B 662 -17.97 -49.19 8.02
CA ALA B 662 -18.34 -47.97 8.72
C ALA B 662 -19.83 -47.97 9.02
N ASP B 663 -20.22 -47.46 10.19
CA ASP B 663 -21.63 -47.40 10.56
C ASP B 663 -22.36 -46.36 9.73
N ALA B 664 -21.63 -45.33 9.33
CA ALA B 664 -22.19 -44.25 8.53
C ALA B 664 -21.06 -43.45 7.91
N LEU B 665 -21.41 -42.51 7.04
CA LEU B 665 -20.42 -41.65 6.40
C LEU B 665 -20.73 -40.20 6.72
N GLU B 666 -19.71 -39.35 6.66
CA GLU B 666 -19.88 -37.92 6.87
C GLU B 666 -19.23 -37.29 5.65
N LEU B 667 -19.98 -36.50 4.90
CA LEU B 667 -19.42 -35.87 3.71
C LEU B 667 -18.85 -34.50 4.03
N ASN B 668 -17.55 -34.34 3.81
CA ASN B 668 -16.88 -33.07 4.05
C ASN B 668 -17.05 -32.26 2.76
N LEU B 669 -17.77 -31.16 2.84
CA LEU B 669 -18.03 -30.34 1.66
C LEU B 669 -17.10 -29.13 1.52
N SER B 670 -15.83 -29.30 1.89
CA SER B 670 -14.85 -28.21 1.82
C SER B 670 -14.14 -28.08 0.47
N ALA B 671 -14.37 -29.02 -0.44
CA ALA B 671 -13.72 -28.99 -1.75
C ALA B 671 -14.24 -27.87 -2.67
N PRO B 672 -13.32 -27.12 -3.30
CA PRO B 672 -13.67 -26.02 -4.21
C PRO B 672 -14.36 -26.50 -5.50
N HIS B 673 -15.00 -25.58 -6.22
CA HIS B 673 -15.71 -25.95 -7.46
C HIS B 673 -14.98 -25.58 -8.77
N GLY B 674 -15.59 -24.75 -9.61
CA GLY B 674 -14.95 -24.41 -10.87
C GLY B 674 -14.94 -23.04 -11.51
N MET B 675 -15.03 -21.95 -10.74
CA MET B 675 -14.97 -20.58 -11.28
C MET B 675 -15.87 -19.51 -10.67
N GLY B 676 -16.75 -19.88 -9.74
CA GLY B 676 -17.61 -18.90 -9.11
C GLY B 676 -18.82 -18.49 -9.93
N GLU B 677 -19.03 -17.18 -10.05
CA GLU B 677 -20.15 -16.60 -10.81
C GLU B 677 -21.25 -16.04 -9.93
N ARG B 678 -21.05 -15.97 -8.61
CA ARG B 678 -22.14 -15.46 -7.78
C ARG B 678 -22.00 -15.59 -6.27
N GLY B 679 -21.17 -14.74 -5.65
CA GLY B 679 -20.98 -14.81 -4.20
C GLY B 679 -21.49 -16.13 -3.63
N MET B 680 -21.08 -17.20 -4.29
CA MET B 680 -21.46 -18.57 -3.94
C MET B 680 -20.21 -19.16 -3.30
N GLY B 681 -19.45 -18.30 -2.65
CA GLY B 681 -18.23 -18.75 -2.02
C GLY B 681 -17.41 -19.42 -3.09
N LEU B 682 -16.80 -20.55 -2.74
CA LEU B 682 -15.97 -21.29 -3.68
C LEU B 682 -16.04 -22.78 -3.37
N ALA B 683 -16.44 -23.11 -2.15
CA ALA B 683 -16.55 -24.49 -1.72
C ALA B 683 -17.92 -25.05 -2.11
N CYS B 684 -17.96 -26.36 -2.36
CA CYS B 684 -19.19 -27.03 -2.73
C CYS B 684 -20.24 -26.84 -1.65
N GLY B 685 -19.81 -26.88 -0.38
CA GLY B 685 -20.73 -26.74 0.74
C GLY B 685 -21.43 -25.40 0.84
N GLN B 686 -21.03 -24.44 0.01
CA GLN B 686 -21.64 -23.11 0.05
C GLN B 686 -22.72 -22.93 -1.03
N ASP B 687 -22.91 -23.96 -1.86
CA ASP B 687 -23.89 -23.91 -2.93
C ASP B 687 -24.92 -25.02 -2.78
N PRO B 688 -26.19 -24.67 -2.53
CA PRO B 688 -27.28 -25.66 -2.35
C PRO B 688 -27.34 -26.69 -3.49
N GLU B 689 -27.21 -26.21 -4.72
CA GLU B 689 -27.29 -27.08 -5.88
C GLU B 689 -26.20 -28.14 -5.89
N LEU B 690 -24.98 -27.75 -5.55
CA LEU B 690 -23.87 -28.70 -5.52
C LEU B 690 -24.05 -29.70 -4.38
N VAL B 691 -24.47 -29.21 -3.22
CA VAL B 691 -24.69 -30.07 -2.06
C VAL B 691 -25.75 -31.13 -2.36
N ARG B 692 -26.85 -30.71 -2.97
CA ARG B 692 -27.93 -31.64 -3.31
C ARG B 692 -27.43 -32.74 -4.24
N ASN B 693 -26.65 -32.36 -5.25
CA ASN B 693 -26.13 -33.34 -6.20
C ASN B 693 -25.16 -34.31 -5.57
N ILE B 694 -24.25 -33.78 -4.75
CA ILE B 694 -23.29 -34.64 -4.08
C ILE B 694 -24.00 -35.68 -3.21
N CYS B 695 -24.98 -35.25 -2.44
CA CYS B 695 -25.71 -36.17 -1.59
C CYS B 695 -26.47 -37.19 -2.43
N ARG B 696 -27.01 -36.76 -3.56
CA ARG B 696 -27.75 -37.68 -4.43
C ARG B 696 -26.82 -38.79 -4.95
N TRP B 697 -25.60 -38.41 -5.31
CA TRP B 697 -24.64 -39.38 -5.82
C TRP B 697 -24.30 -40.42 -4.75
N VAL B 698 -24.07 -39.96 -3.53
CA VAL B 698 -23.72 -40.86 -2.43
C VAL B 698 -24.92 -41.73 -2.04
N ARG B 699 -26.11 -41.14 -2.04
CA ARG B 699 -27.32 -41.88 -1.69
C ARG B 699 -27.52 -43.07 -2.62
N GLN B 700 -27.23 -42.87 -3.90
CA GLN B 700 -27.38 -43.93 -4.90
C GLN B 700 -26.26 -44.94 -4.80
N ALA B 701 -25.16 -44.56 -4.17
CA ALA B 701 -24.01 -45.44 -4.07
C ALA B 701 -23.98 -46.36 -2.86
N VAL B 702 -24.47 -45.90 -1.71
CA VAL B 702 -24.44 -46.72 -0.51
C VAL B 702 -25.79 -46.85 0.16
N GLN B 703 -25.90 -47.82 1.05
CA GLN B 703 -27.14 -48.06 1.77
C GLN B 703 -27.07 -47.61 3.22
N ILE B 704 -25.87 -47.46 3.76
CA ILE B 704 -25.70 -47.01 5.13
C ILE B 704 -26.03 -45.53 5.21
N PRO B 705 -26.34 -45.02 6.42
CA PRO B 705 -26.67 -43.61 6.58
C PRO B 705 -25.47 -42.71 6.30
N PHE B 706 -25.71 -41.49 5.87
CA PHE B 706 -24.61 -40.55 5.67
C PHE B 706 -25.08 -39.15 6.03
N PHE B 707 -24.17 -38.35 6.53
CA PHE B 707 -24.48 -37.00 6.96
C PHE B 707 -23.62 -35.97 6.23
N ALA B 708 -24.23 -34.86 5.83
CA ALA B 708 -23.49 -33.81 5.16
C ALA B 708 -22.97 -32.83 6.20
N LYS B 709 -21.66 -32.60 6.22
CA LYS B 709 -21.09 -31.67 7.19
C LYS B 709 -21.15 -30.28 6.58
N LEU B 710 -21.95 -29.41 7.20
CA LEU B 710 -22.15 -28.06 6.70
C LEU B 710 -21.15 -27.03 7.23
N THR B 711 -20.88 -26.03 6.41
CA THR B 711 -19.99 -24.95 6.79
C THR B 711 -20.87 -23.82 7.31
N PRO B 712 -20.41 -23.09 8.32
CA PRO B 712 -21.22 -21.98 8.84
C PRO B 712 -20.98 -20.73 8.01
N ASN B 713 -20.02 -20.82 7.08
CA ASN B 713 -19.64 -19.70 6.24
C ASN B 713 -20.58 -19.51 5.05
N VAL B 714 -21.86 -19.33 5.34
CA VAL B 714 -22.88 -19.14 4.31
C VAL B 714 -23.93 -18.18 4.82
N THR B 715 -24.62 -17.52 3.88
CA THR B 715 -25.67 -16.59 4.25
C THR B 715 -26.84 -17.30 4.92
N ASP B 716 -27.27 -18.42 4.34
CA ASP B 716 -28.41 -19.17 4.88
C ASP B 716 -28.08 -20.65 4.98
N ILE B 717 -27.65 -21.08 6.17
CA ILE B 717 -27.28 -22.48 6.35
C ILE B 717 -28.46 -23.43 6.18
N VAL B 718 -29.67 -22.94 6.41
CA VAL B 718 -30.85 -23.78 6.26
C VAL B 718 -31.01 -24.24 4.81
N SER B 719 -30.70 -23.36 3.85
CA SER B 719 -30.82 -23.73 2.45
C SER B 719 -29.88 -24.88 2.09
N ILE B 720 -28.72 -24.92 2.74
CA ILE B 720 -27.76 -25.98 2.47
C ILE B 720 -28.23 -27.27 3.14
N ALA B 721 -28.76 -27.14 4.35
CA ALA B 721 -29.26 -28.30 5.08
C ALA B 721 -30.43 -28.91 4.29
N ARG B 722 -31.33 -28.07 3.81
CA ARG B 722 -32.48 -28.57 3.05
C ARG B 722 -32.02 -29.25 1.77
N ALA B 723 -31.00 -28.70 1.12
CA ALA B 723 -30.48 -29.28 -0.11
C ALA B 723 -29.93 -30.68 0.17
N ALA B 724 -29.23 -30.82 1.29
CA ALA B 724 -28.66 -32.12 1.65
C ALA B 724 -29.80 -33.12 1.89
N LYS B 725 -30.84 -32.68 2.57
CA LYS B 725 -31.99 -33.54 2.86
C LYS B 725 -32.67 -33.96 1.55
N GLU B 726 -32.91 -32.99 0.66
CA GLU B 726 -33.55 -33.28 -0.62
C GLU B 726 -32.67 -34.22 -1.42
N GLY B 727 -31.37 -34.15 -1.18
CA GLY B 727 -30.43 -35.00 -1.88
C GLY B 727 -30.39 -36.43 -1.35
N GLY B 728 -30.93 -36.65 -0.17
CA GLY B 728 -30.94 -37.99 0.38
C GLY B 728 -30.13 -38.19 1.65
N ALA B 729 -29.54 -37.12 2.17
CA ALA B 729 -28.76 -37.25 3.41
C ALA B 729 -29.67 -37.67 4.56
N ASP B 730 -29.13 -38.46 5.48
CA ASP B 730 -29.87 -38.94 6.64
C ASP B 730 -29.81 -37.93 7.78
N GLY B 731 -29.03 -36.88 7.58
CA GLY B 731 -28.90 -35.84 8.58
C GLY B 731 -27.76 -34.92 8.21
N VAL B 732 -27.46 -33.97 9.08
CA VAL B 732 -26.37 -33.03 8.81
C VAL B 732 -25.55 -32.75 10.05
N THR B 733 -24.27 -32.46 9.85
CA THR B 733 -23.38 -32.14 10.94
C THR B 733 -23.23 -30.62 10.89
N ALA B 734 -23.58 -29.96 11.99
CA ALA B 734 -23.48 -28.50 12.05
C ALA B 734 -22.68 -28.12 13.29
N THR B 735 -21.52 -27.47 13.10
CA THR B 735 -21.01 -27.08 11.78
C THR B 735 -19.49 -27.22 11.75
N ASN B 736 -18.91 -26.98 10.58
CA ASN B 736 -17.46 -27.05 10.42
C ASN B 736 -16.91 -25.74 11.02
N THR B 737 -15.62 -25.48 10.81
CA THR B 737 -15.02 -24.27 11.35
C THR B 737 -15.42 -22.96 10.66
N VAL B 738 -15.26 -21.85 11.39
CA VAL B 738 -15.57 -20.53 10.90
C VAL B 738 -14.33 -19.92 10.26
N SER B 739 -14.46 -19.39 9.06
CA SER B 739 -13.32 -18.79 8.37
C SER B 739 -12.84 -17.53 9.07
N GLY B 740 -11.53 -17.41 9.27
CA GLY B 740 -11.00 -16.24 9.93
C GLY B 740 -9.49 -16.11 9.89
N LEU B 741 -9.01 -15.04 10.52
CA LEU B 741 -7.59 -14.74 10.62
C LEU B 741 -7.42 -14.47 12.12
N MET B 742 -6.61 -15.28 12.78
CA MET B 742 -6.46 -15.11 14.23
C MET B 742 -5.71 -13.88 14.67
N GLY B 743 -4.84 -13.34 13.81
CA GLY B 743 -4.12 -12.15 14.20
C GLY B 743 -2.76 -11.95 13.56
N LEU B 744 -2.15 -10.81 13.84
CA LEU B 744 -0.85 -10.48 13.28
C LEU B 744 0.04 -9.97 14.40
N LYS B 745 1.35 -10.11 14.20
CA LYS B 745 2.30 -9.60 15.18
C LYS B 745 2.40 -8.11 14.92
N ALA B 746 3.05 -7.38 15.82
CA ALA B 746 3.19 -5.93 15.65
C ALA B 746 3.92 -5.51 14.38
N ASP B 747 4.76 -6.40 13.83
CA ASP B 747 5.48 -6.06 12.61
C ASP B 747 4.65 -6.37 11.37
N GLY B 748 3.43 -6.85 11.58
CA GLY B 748 2.55 -7.13 10.46
C GLY B 748 2.56 -8.56 9.94
N THR B 749 3.47 -9.40 10.43
CA THR B 749 3.52 -10.78 9.98
C THR B 749 2.41 -11.59 10.67
N PRO B 750 1.88 -12.60 10.00
CA PRO B 750 0.81 -13.42 10.58
C PRO B 750 1.25 -14.61 11.43
N TRP B 751 0.27 -15.24 12.05
CA TRP B 751 0.50 -16.43 12.85
C TRP B 751 -0.77 -17.26 12.69
N PRO B 752 -0.64 -18.48 12.13
CA PRO B 752 0.61 -19.10 11.67
C PRO B 752 1.31 -18.40 10.50
N ALA B 753 2.63 -18.52 10.47
CA ALA B 753 3.45 -17.95 9.41
C ALA B 753 4.23 -19.12 8.83
N VAL B 754 4.10 -19.34 7.53
CA VAL B 754 4.76 -20.46 6.88
C VAL B 754 5.89 -20.08 5.94
N GLY B 755 7.00 -20.80 6.02
CA GLY B 755 8.13 -20.56 5.14
C GLY B 755 8.91 -19.28 5.35
N ALA B 756 9.92 -19.08 4.52
CA ALA B 756 10.77 -17.89 4.59
C ALA B 756 9.95 -16.64 4.31
N GLY B 757 8.89 -16.78 3.52
CA GLY B 757 8.05 -15.65 3.20
C GLY B 757 7.07 -15.29 4.31
N LYS B 758 7.06 -16.07 5.38
CA LYS B 758 6.17 -15.82 6.51
C LYS B 758 4.74 -15.62 6.02
N ARG B 759 4.31 -16.53 5.13
CA ARG B 759 2.97 -16.44 4.55
C ARG B 759 1.91 -17.21 5.33
N THR B 760 0.65 -16.92 5.03
CA THR B 760 -0.46 -17.60 5.67
C THR B 760 -1.67 -17.49 4.76
N THR B 761 -2.75 -18.17 5.14
CA THR B 761 -3.98 -18.14 4.38
C THR B 761 -5.10 -18.19 5.41
N TYR B 762 -6.32 -17.90 5.00
CA TYR B 762 -7.43 -17.93 5.94
C TYR B 762 -7.57 -19.31 6.53
N GLY B 763 -7.79 -19.38 7.84
CA GLY B 763 -7.95 -20.67 8.49
C GLY B 763 -9.33 -20.85 9.10
N GLY B 764 -9.53 -21.99 9.75
CA GLY B 764 -10.82 -22.24 10.37
C GLY B 764 -10.74 -22.07 11.87
N VAL B 765 -11.66 -21.27 12.41
CA VAL B 765 -11.70 -21.03 13.85
C VAL B 765 -12.59 -22.10 14.50
N SER B 766 -12.10 -22.67 15.61
CA SER B 766 -12.84 -23.70 16.34
C SER B 766 -12.86 -23.36 17.81
N GLY B 767 -13.63 -24.09 18.61
CA GLY B 767 -13.66 -23.83 20.03
C GLY B 767 -14.86 -23.04 20.55
N THR B 768 -14.82 -22.74 21.84
CA THR B 768 -15.91 -22.03 22.49
C THR B 768 -16.26 -20.68 21.84
N ALA B 769 -15.29 -20.05 21.19
CA ALA B 769 -15.53 -18.77 20.54
C ALA B 769 -16.57 -18.85 19.42
N ILE B 770 -16.74 -20.02 18.81
CA ILE B 770 -17.72 -20.14 17.73
C ILE B 770 -19.00 -20.85 18.17
N ARG B 771 -19.10 -21.16 19.46
CA ARG B 771 -20.30 -21.84 19.94
C ARG B 771 -21.61 -21.09 19.63
N PRO B 772 -21.63 -19.75 19.78
CA PRO B 772 -22.86 -19.00 19.49
C PRO B 772 -23.28 -19.19 18.03
N ILE B 773 -22.30 -19.31 17.15
CA ILE B 773 -22.58 -19.50 15.73
C ILE B 773 -23.13 -20.91 15.47
N ALA B 774 -22.53 -21.89 16.13
CA ALA B 774 -22.95 -23.28 15.98
C ALA B 774 -24.32 -23.48 16.61
N LEU B 775 -24.55 -22.87 17.78
CA LEU B 775 -25.85 -23.01 18.44
C LEU B 775 -26.94 -22.42 17.57
N ARG B 776 -26.65 -21.29 16.92
CA ARG B 776 -27.64 -20.66 16.06
C ARG B 776 -27.92 -21.59 14.89
N ALA B 777 -26.86 -22.13 14.30
CA ALA B 777 -27.00 -23.02 13.16
C ALA B 777 -27.86 -24.24 13.49
N VAL B 778 -27.57 -24.87 14.62
CA VAL B 778 -28.33 -26.06 15.04
C VAL B 778 -29.81 -25.74 15.28
N THR B 779 -30.08 -24.65 16.01
CA THR B 779 -31.46 -24.29 16.30
C THR B 779 -32.25 -23.90 15.05
N THR B 780 -31.64 -23.15 14.14
CA THR B 780 -32.36 -22.74 12.94
C THR B 780 -32.68 -23.92 12.04
N ILE B 781 -31.77 -24.87 11.95
CA ILE B 781 -31.99 -26.06 11.14
C ILE B 781 -33.08 -26.92 11.77
N ALA B 782 -33.00 -27.09 13.09
CA ALA B 782 -33.97 -27.89 13.82
C ALA B 782 -35.39 -27.33 13.69
N ARG B 783 -35.50 -26.00 13.65
CA ARG B 783 -36.81 -25.38 13.52
C ARG B 783 -37.33 -25.48 12.09
N ALA B 784 -36.42 -25.34 11.12
CA ALA B 784 -36.81 -25.40 9.71
C ALA B 784 -37.08 -26.82 9.23
N LEU B 785 -36.33 -27.78 9.75
CA LEU B 785 -36.49 -29.18 9.35
C LEU B 785 -36.72 -30.07 10.57
N PRO B 786 -37.90 -29.96 11.20
CA PRO B 786 -38.20 -30.77 12.39
C PRO B 786 -37.99 -32.27 12.20
N GLY B 787 -37.27 -32.87 13.15
CA GLY B 787 -37.02 -34.29 13.10
C GLY B 787 -35.81 -34.72 12.28
N PHE B 788 -35.25 -33.81 11.50
CA PHE B 788 -34.08 -34.13 10.67
C PHE B 788 -32.87 -34.24 11.60
N PRO B 789 -32.23 -35.43 11.65
CA PRO B 789 -31.07 -35.66 12.51
C PRO B 789 -29.95 -34.62 12.38
N ILE B 790 -29.46 -34.15 13.52
CA ILE B 790 -28.39 -33.18 13.54
C ILE B 790 -27.29 -33.62 14.49
N LEU B 791 -26.05 -33.62 14.00
CA LEU B 791 -24.88 -33.94 14.81
C LEU B 791 -24.25 -32.58 15.05
N ALA B 792 -24.19 -32.17 16.31
CA ALA B 792 -23.63 -30.87 16.65
C ALA B 792 -22.12 -30.83 16.82
N THR B 793 -21.53 -29.71 16.45
CA THR B 793 -20.08 -29.51 16.60
C THR B 793 -19.83 -28.00 16.62
N GLY B 794 -19.03 -27.57 17.59
CA GLY B 794 -18.71 -26.16 17.72
C GLY B 794 -18.69 -25.67 19.15
N GLY B 795 -17.54 -25.85 19.82
CA GLY B 795 -17.42 -25.37 21.19
C GLY B 795 -18.02 -26.21 22.30
N ILE B 796 -18.25 -27.50 22.05
CA ILE B 796 -18.81 -28.36 23.08
C ILE B 796 -17.63 -28.80 23.96
N ASP B 797 -17.67 -28.45 25.25
CA ASP B 797 -16.57 -28.76 26.15
C ASP B 797 -17.01 -29.21 27.55
N SER B 798 -18.24 -29.69 27.66
CA SER B 798 -18.78 -30.12 28.94
C SER B 798 -20.17 -30.71 28.76
N ALA B 799 -20.66 -31.40 29.78
CA ALA B 799 -21.99 -31.98 29.70
C ALA B 799 -23.00 -30.84 29.58
N GLU B 800 -22.77 -29.78 30.33
CA GLU B 800 -23.67 -28.62 30.32
C GLU B 800 -23.81 -28.01 28.93
N SER B 801 -22.68 -27.73 28.28
CA SER B 801 -22.75 -27.14 26.95
C SER B 801 -23.32 -28.17 25.97
N GLY B 802 -23.04 -29.45 26.23
CA GLY B 802 -23.56 -30.50 25.38
C GLY B 802 -25.07 -30.54 25.46
N LEU B 803 -25.61 -30.38 26.67
CA LEU B 803 -27.06 -30.41 26.88
C LEU B 803 -27.71 -29.21 26.18
N GLN B 804 -26.98 -28.11 26.04
CA GLN B 804 -27.51 -26.94 25.36
C GLN B 804 -27.77 -27.30 23.90
N PHE B 805 -26.85 -28.02 23.28
CA PHE B 805 -27.03 -28.44 21.89
C PHE B 805 -28.16 -29.46 21.75
N LEU B 806 -28.28 -30.37 22.72
CA LEU B 806 -29.34 -31.36 22.67
C LEU B 806 -30.68 -30.62 22.72
N HIS B 807 -30.78 -29.67 23.63
CA HIS B 807 -31.98 -28.86 23.80
C HIS B 807 -32.29 -28.08 22.52
N SER B 808 -31.25 -27.75 21.77
CA SER B 808 -31.39 -27.00 20.54
C SER B 808 -31.80 -27.85 19.34
N GLY B 809 -31.85 -29.17 19.50
CA GLY B 809 -32.25 -30.02 18.39
C GLY B 809 -31.27 -31.08 17.92
N ALA B 810 -30.06 -31.06 18.45
CA ALA B 810 -29.06 -32.06 18.04
C ALA B 810 -29.29 -33.37 18.81
N SER B 811 -28.90 -34.49 18.20
CA SER B 811 -29.05 -35.80 18.85
C SER B 811 -27.73 -36.30 19.43
N VAL B 812 -26.63 -35.97 18.76
CA VAL B 812 -25.31 -36.38 19.23
C VAL B 812 -24.37 -35.18 19.20
N LEU B 813 -23.26 -35.29 19.92
CA LEU B 813 -22.33 -34.18 20.08
C LEU B 813 -20.88 -34.49 19.73
N GLN B 814 -20.36 -33.79 18.74
CA GLN B 814 -18.98 -33.98 18.31
C GLN B 814 -18.05 -33.00 19.02
N VAL B 815 -16.86 -33.46 19.37
CA VAL B 815 -15.89 -32.65 20.09
C VAL B 815 -14.49 -32.69 19.49
N CYS B 816 -13.82 -31.54 19.45
CA CYS B 816 -12.45 -31.46 18.96
C CYS B 816 -11.60 -30.61 19.90
N SER B 817 -11.83 -29.29 19.88
CA SER B 817 -11.06 -28.35 20.68
C SER B 817 -10.94 -28.67 22.17
N ALA B 818 -12.03 -29.15 22.78
CA ALA B 818 -12.00 -29.50 24.19
C ALA B 818 -10.95 -30.58 24.47
N VAL B 819 -10.75 -31.47 23.50
CA VAL B 819 -9.76 -32.53 23.64
C VAL B 819 -8.37 -31.94 23.37
N GLN B 820 -8.29 -31.03 22.41
CA GLN B 820 -7.00 -30.40 22.10
C GLN B 820 -6.52 -29.63 23.34
N ASN B 821 -7.48 -29.10 24.10
CA ASN B 821 -7.18 -28.36 25.32
C ASN B 821 -6.87 -29.29 26.49
N GLN B 822 -7.19 -30.57 26.34
CA GLN B 822 -6.96 -31.51 27.42
C GLN B 822 -6.52 -32.89 26.91
N ASP B 823 -7.42 -33.86 27.00
CA ASP B 823 -7.12 -35.22 26.55
C ASP B 823 -8.41 -36.03 26.49
N PHE B 824 -8.30 -37.29 26.09
CA PHE B 824 -9.46 -38.17 25.94
C PHE B 824 -10.27 -38.44 27.20
N THR B 825 -9.64 -38.33 28.38
CA THR B 825 -10.35 -38.63 29.61
C THR B 825 -11.52 -37.70 29.94
N VAL B 826 -11.68 -36.61 29.19
CA VAL B 826 -12.79 -35.70 29.47
C VAL B 826 -14.14 -36.41 29.27
N ILE B 827 -14.14 -37.50 28.52
CA ILE B 827 -15.38 -38.24 28.28
C ILE B 827 -15.99 -38.69 29.61
N GLN B 828 -15.13 -39.02 30.59
CA GLN B 828 -15.62 -39.44 31.90
C GLN B 828 -16.39 -38.30 32.56
N ASP B 829 -15.90 -37.08 32.42
CA ASP B 829 -16.56 -35.92 32.99
C ASP B 829 -17.88 -35.65 32.25
N TYR B 830 -17.84 -35.77 30.93
CA TYR B 830 -19.02 -35.52 30.12
C TYR B 830 -20.16 -36.49 30.43
N CYS B 831 -19.83 -37.76 30.62
CA CYS B 831 -20.85 -38.76 30.92
C CYS B 831 -21.45 -38.63 32.32
N THR B 832 -20.62 -38.50 33.35
CA THR B 832 -21.16 -38.35 34.70
C THR B 832 -21.91 -37.03 34.78
N GLY B 833 -21.42 -36.03 34.05
CA GLY B 833 -22.06 -34.73 34.08
C GLY B 833 -23.46 -34.74 33.48
N LEU B 834 -23.62 -35.43 32.36
CA LEU B 834 -24.92 -35.50 31.71
C LEU B 834 -25.88 -36.34 32.55
N LYS B 835 -25.38 -37.43 33.15
CA LYS B 835 -26.23 -38.26 33.99
C LYS B 835 -26.77 -37.42 35.14
N ALA B 836 -25.88 -36.63 35.75
CA ALA B 836 -26.27 -35.78 36.87
C ALA B 836 -27.31 -34.73 36.47
N LEU B 837 -27.12 -34.10 35.31
CA LEU B 837 -28.07 -33.09 34.85
C LEU B 837 -29.47 -33.67 34.63
N LEU B 838 -29.52 -34.87 34.07
CA LEU B 838 -30.81 -35.52 33.82
C LEU B 838 -31.44 -35.98 35.14
N TYR B 839 -30.62 -36.54 36.02
CA TYR B 839 -31.10 -37.02 37.32
C TYR B 839 -31.72 -35.89 38.13
N LEU B 840 -31.02 -34.77 38.22
CA LEU B 840 -31.49 -33.61 39.00
C LEU B 840 -32.84 -33.07 38.55
N LYS B 841 -33.21 -33.31 37.30
CA LYS B 841 -34.49 -32.84 36.78
C LYS B 841 -35.66 -33.58 37.42
N SER B 842 -35.38 -34.71 38.06
CA SER B 842 -36.42 -35.51 38.72
C SER B 842 -36.55 -35.19 40.20
N ILE B 843 -35.66 -34.35 40.72
CA ILE B 843 -35.68 -34.00 42.14
C ILE B 843 -36.44 -32.70 42.36
N GLU B 844 -37.66 -32.83 42.87
CA GLU B 844 -38.52 -31.67 43.11
C GLU B 844 -37.95 -30.59 44.05
N GLU B 845 -37.29 -31.02 45.11
CA GLU B 845 -36.73 -30.06 46.07
C GLU B 845 -35.52 -29.27 45.58
N LEU B 846 -35.02 -29.58 44.39
CA LEU B 846 -33.86 -28.86 43.83
C LEU B 846 -34.22 -28.09 42.56
N GLN B 847 -35.49 -27.75 42.40
CA GLN B 847 -35.93 -27.03 41.22
C GLN B 847 -35.37 -25.61 41.09
N GLY B 848 -34.96 -25.01 42.20
CA GLY B 848 -34.41 -23.66 42.16
C GLY B 848 -32.99 -23.61 41.64
N TRP B 849 -32.37 -24.78 41.48
CA TRP B 849 -31.02 -24.88 40.99
C TRP B 849 -30.97 -24.71 39.47
N ASP B 850 -29.81 -24.33 38.96
CA ASP B 850 -29.65 -24.21 37.51
C ASP B 850 -28.68 -25.33 37.20
N GLY B 851 -29.22 -26.47 36.76
CA GLY B 851 -28.37 -27.61 36.48
C GLY B 851 -27.78 -28.05 37.80
N GLN B 852 -26.46 -28.16 37.87
CA GLN B 852 -25.81 -28.59 39.11
C GLN B 852 -25.43 -27.44 40.04
N SER B 853 -25.82 -26.22 39.68
CA SER B 853 -25.51 -25.04 40.48
C SER B 853 -26.63 -24.66 41.45
N PRO B 854 -26.34 -24.67 42.75
CA PRO B 854 -27.36 -24.32 43.73
C PRO B 854 -27.72 -22.84 43.54
N GLY B 855 -28.92 -22.45 43.97
CA GLY B 855 -29.29 -21.05 43.84
C GLY B 855 -28.25 -20.24 44.59
N THR B 856 -27.78 -19.14 44.01
CA THR B 856 -26.76 -18.32 44.64
C THR B 856 -27.30 -17.54 45.84
N GLU B 857 -26.63 -17.67 46.99
CA GLU B 857 -27.05 -16.97 48.20
C GLU B 857 -26.09 -15.84 48.51
N SER B 858 -26.53 -14.86 49.29
CA SER B 858 -25.69 -13.73 49.65
C SER B 858 -24.41 -14.22 50.30
N HIS B 859 -23.28 -13.88 49.69
CA HIS B 859 -21.98 -14.30 50.17
C HIS B 859 -20.94 -13.19 50.03
N GLN B 860 -19.86 -13.33 50.79
CA GLN B 860 -18.72 -12.43 50.74
C GLN B 860 -17.56 -13.42 50.84
N LYS B 861 -16.72 -13.45 49.81
CA LYS B 861 -15.59 -14.38 49.75
C LYS B 861 -16.10 -15.82 49.79
N GLY B 862 -17.32 -16.03 49.33
CA GLY B 862 -17.89 -17.38 49.32
C GLY B 862 -18.48 -17.83 50.64
N LYS B 863 -18.41 -16.97 51.65
CA LYS B 863 -18.96 -17.31 52.96
C LYS B 863 -20.30 -16.63 53.15
N PRO B 864 -21.30 -17.37 53.65
CA PRO B 864 -22.65 -16.86 53.89
C PRO B 864 -22.68 -15.55 54.67
N VAL B 865 -23.43 -14.58 54.15
CA VAL B 865 -23.54 -13.30 54.83
C VAL B 865 -24.52 -13.46 55.99
N PRO B 866 -24.12 -13.04 57.20
CA PRO B 866 -25.00 -13.17 58.37
C PRO B 866 -26.30 -12.41 58.18
N ARG B 867 -27.42 -13.12 58.25
CA ARG B 867 -28.73 -12.48 58.11
C ARG B 867 -29.16 -11.95 59.47
N ILE B 868 -28.44 -10.94 59.96
CA ILE B 868 -28.74 -10.32 61.24
C ILE B 868 -29.58 -9.08 61.01
N ALA B 869 -30.65 -8.94 61.77
CA ALA B 869 -31.55 -7.78 61.65
C ALA B 869 -30.78 -6.46 61.75
N GLU B 870 -29.79 -6.43 62.64
CA GLU B 870 -28.98 -5.24 62.85
C GLU B 870 -27.93 -5.01 61.76
N LEU B 871 -28.08 -5.67 60.62
CA LEU B 871 -27.13 -5.53 59.53
C LEU B 871 -27.82 -5.27 58.19
N MET B 872 -28.95 -5.93 57.97
CA MET B 872 -29.67 -5.78 56.70
C MET B 872 -30.27 -4.40 56.48
N GLY B 873 -29.62 -3.63 55.59
CA GLY B 873 -30.10 -2.29 55.27
C GLY B 873 -29.35 -1.16 55.94
N LYS B 874 -28.21 -1.48 56.55
CA LYS B 874 -27.41 -0.49 57.26
C LYS B 874 -26.38 0.19 56.36
N LYS B 875 -26.28 -0.26 55.11
CA LYS B 875 -25.33 0.31 54.17
C LYS B 875 -23.93 0.28 54.77
N LEU B 876 -23.49 -0.93 55.16
CA LEU B 876 -22.19 -1.10 55.75
C LEU B 876 -21.30 -1.98 54.85
N PRO B 877 -20.46 -1.34 54.03
CA PRO B 877 -19.56 -2.04 53.11
C PRO B 877 -18.52 -2.81 53.93
N ASN B 878 -17.87 -3.77 53.31
CA ASN B 878 -16.86 -4.58 54.01
C ASN B 878 -15.46 -3.97 54.01
N PHE B 879 -15.36 -2.71 54.41
CA PHE B 879 -14.06 -2.04 54.47
C PHE B 879 -14.11 -0.83 55.40
N GLY B 880 -12.93 -0.35 55.78
CA GLY B 880 -12.83 0.81 56.63
C GLY B 880 -13.64 0.78 57.91
N PRO B 881 -14.15 1.94 58.37
CA PRO B 881 -14.95 2.03 59.59
C PRO B 881 -16.23 1.20 59.53
N TYR B 882 -16.73 0.98 58.32
CA TYR B 882 -17.96 0.21 58.14
C TYR B 882 -17.71 -1.24 58.55
N LEU B 883 -16.55 -1.78 58.17
CA LEU B 883 -16.19 -3.14 58.52
C LEU B 883 -16.13 -3.28 60.04
N GLU B 884 -15.57 -2.27 60.69
CA GLU B 884 -15.46 -2.27 62.15
C GLU B 884 -16.84 -2.40 62.77
N GLN B 885 -17.80 -1.64 62.23
CA GLN B 885 -19.16 -1.69 62.75
C GLN B 885 -19.79 -3.05 62.52
N ARG B 886 -19.58 -3.63 61.34
CA ARG B 886 -20.14 -4.93 61.03
C ARG B 886 -19.64 -5.96 62.05
N LYS B 887 -18.34 -5.91 62.34
CA LYS B 887 -17.74 -6.84 63.29
C LYS B 887 -18.31 -6.65 64.70
N LYS B 888 -18.56 -5.40 65.08
CA LYS B 888 -19.11 -5.11 66.39
C LYS B 888 -20.52 -5.69 66.48
N ILE B 889 -21.30 -5.50 65.43
CA ILE B 889 -22.67 -6.01 65.37
C ILE B 889 -22.70 -7.53 65.43
N ILE B 890 -21.81 -8.16 64.66
CA ILE B 890 -21.72 -9.62 64.64
C ILE B 890 -21.33 -10.17 66.01
N ALA B 891 -20.37 -9.52 66.66
CA ALA B 891 -19.92 -9.96 67.98
C ALA B 891 -21.08 -9.90 68.98
N GLU B 892 -21.84 -8.81 68.95
CA GLU B 892 -22.97 -8.64 69.84
C GLU B 892 -24.02 -9.72 69.59
N GLU B 893 -24.19 -10.09 68.31
CA GLU B 893 -25.15 -11.12 67.93
C GLU B 893 -24.74 -12.46 68.53
N LYS B 894 -23.44 -12.76 68.48
CA LYS B 894 -22.91 -14.01 69.02
C LYS B 894 -23.16 -14.10 70.52
N MET B 895 -22.96 -12.97 71.21
CA MET B 895 -23.16 -12.92 72.66
C MET B 895 -24.63 -13.12 72.99
N ARG B 896 -25.50 -12.63 72.12
CA ARG B 896 -26.92 -12.75 72.34
C ARG B 896 -27.36 -14.21 72.12
N LEU B 897 -26.75 -14.87 71.15
CA LEU B 897 -27.07 -16.26 70.86
C LEU B 897 -26.61 -17.13 72.03
N LYS B 898 -25.56 -16.68 72.71
CA LYS B 898 -25.02 -17.41 73.85
C LYS B 898 -25.94 -17.23 75.05
N GLU B 899 -26.58 -16.07 75.10
CA GLU B 899 -27.49 -15.70 76.18
C GLU B 899 -28.95 -16.03 75.86
N GLN B 900 -29.32 -15.93 74.58
CA GLN B 900 -30.69 -16.23 74.17
C GLN B 900 -30.71 -17.69 73.73
N ASN B 901 -30.04 -18.50 74.54
CA ASN B 901 -29.85 -19.94 74.39
C ASN B 901 -30.90 -20.76 73.61
N ALA B 902 -30.43 -21.90 73.10
CA ALA B 902 -31.21 -22.86 72.32
C ALA B 902 -30.23 -23.63 71.43
N ALA B 903 -30.76 -24.42 70.50
CA ALA B 903 -29.95 -25.19 69.53
C ALA B 903 -30.04 -26.71 69.55
N PHE B 904 -31.23 -27.26 69.74
CA PHE B 904 -31.42 -28.72 69.70
C PHE B 904 -31.98 -29.17 68.35
N PRO B 905 -32.37 -28.22 67.48
CA PRO B 905 -32.93 -28.56 66.16
C PRO B 905 -32.14 -29.36 65.10
N PRO B 906 -30.97 -29.95 65.43
CA PRO B 906 -30.31 -30.70 64.37
C PRO B 906 -31.28 -31.50 63.50
N LEU B 907 -30.93 -31.64 62.23
CA LEU B 907 -31.78 -32.34 61.27
C LEU B 907 -31.61 -33.85 61.21
N GLU B 908 -32.51 -34.48 60.47
CA GLU B 908 -32.51 -35.93 60.29
C GLU B 908 -32.15 -36.29 58.85
N ARG B 909 -30.93 -35.94 58.43
CA ARG B 909 -30.42 -36.21 57.09
C ARG B 909 -31.25 -37.26 56.34
N LYS B 910 -31.99 -36.83 55.31
CA LYS B 910 -32.81 -37.74 54.52
C LYS B 910 -32.69 -37.49 53.02
N PRO B 911 -32.23 -38.50 52.25
CA PRO B 911 -32.07 -38.38 50.80
C PRO B 911 -33.32 -38.00 50.00
N PHE B 912 -33.13 -37.17 48.99
CA PHE B 912 -34.24 -36.77 48.12
C PHE B 912 -34.49 -37.95 47.19
N ILE B 913 -35.75 -38.15 46.83
CA ILE B 913 -36.12 -39.26 45.96
C ILE B 913 -36.80 -38.72 44.70
N PRO B 914 -36.40 -39.22 43.52
CA PRO B 914 -37.02 -38.74 42.28
C PRO B 914 -38.54 -38.81 42.38
N LYS B 915 -39.22 -37.73 42.01
CA LYS B 915 -40.68 -37.71 42.05
C LYS B 915 -41.30 -37.74 40.66
N LYS B 916 -40.49 -38.09 39.67
CA LYS B 916 -40.92 -38.19 38.29
C LYS B 916 -39.85 -38.99 37.56
N PRO B 917 -40.19 -39.59 36.41
CA PRO B 917 -39.21 -40.38 35.66
C PRO B 917 -38.02 -39.52 35.26
N ILE B 918 -36.84 -40.13 35.25
CA ILE B 918 -35.64 -39.41 34.85
C ILE B 918 -35.70 -39.34 33.33
N PRO B 919 -35.57 -38.13 32.77
CA PRO B 919 -35.61 -37.93 31.32
C PRO B 919 -34.52 -38.67 30.56
N ALA B 920 -34.87 -39.20 29.40
CA ALA B 920 -33.91 -39.87 28.54
C ALA B 920 -33.46 -38.80 27.56
N ILE B 921 -32.37 -39.04 26.82
CA ILE B 921 -31.89 -38.04 25.88
C ILE B 921 -33.01 -37.65 24.92
N LYS B 922 -33.76 -38.64 24.43
CA LYS B 922 -34.84 -38.36 23.50
C LYS B 922 -35.89 -37.40 24.07
N ASP B 923 -36.02 -37.37 25.39
CA ASP B 923 -37.00 -36.51 26.01
C ASP B 923 -36.58 -35.05 26.11
N VAL B 924 -35.28 -34.75 25.96
CA VAL B 924 -34.83 -33.38 26.07
C VAL B 924 -34.52 -32.71 24.73
N ILE B 925 -34.29 -33.51 23.70
CA ILE B 925 -33.96 -32.98 22.39
C ILE B 925 -34.99 -32.00 21.84
N GLY B 926 -34.52 -30.80 21.49
CA GLY B 926 -35.40 -29.77 20.95
C GLY B 926 -36.31 -29.02 21.90
N LYS B 927 -36.20 -29.29 23.19
CA LYS B 927 -37.06 -28.63 24.17
C LYS B 927 -36.89 -27.10 24.27
N ALA B 928 -35.75 -26.59 23.81
CA ALA B 928 -35.49 -25.16 23.88
C ALA B 928 -36.13 -24.39 22.72
N LEU B 929 -36.42 -25.08 21.64
CA LEU B 929 -36.98 -24.45 20.44
C LEU B 929 -38.26 -23.65 20.71
N GLN B 930 -39.06 -24.11 21.66
CA GLN B 930 -40.32 -23.44 21.99
C GLN B 930 -40.13 -21.99 22.42
N TYR B 931 -38.93 -21.65 22.89
CA TYR B 931 -38.66 -20.29 23.35
C TYR B 931 -38.10 -19.38 22.26
N LEU B 932 -37.67 -19.97 21.15
CA LEU B 932 -37.10 -19.19 20.05
C LEU B 932 -38.15 -18.71 19.07
N GLY B 933 -37.96 -17.48 18.58
CA GLY B 933 -38.89 -16.93 17.62
C GLY B 933 -38.37 -15.63 17.02
N THR B 934 -39.25 -14.86 16.41
CA THR B 934 -38.90 -13.59 15.80
C THR B 934 -38.82 -12.52 16.88
N PHE B 935 -38.28 -11.35 16.55
CA PHE B 935 -38.20 -10.27 17.52
C PHE B 935 -39.60 -9.81 17.86
N GLY B 936 -40.47 -9.80 16.86
CA GLY B 936 -41.84 -9.36 17.05
C GLY B 936 -42.62 -10.19 18.06
N GLU B 937 -42.17 -11.42 18.29
CA GLU B 937 -42.85 -12.29 19.25
C GLU B 937 -42.41 -12.00 20.68
N LEU B 938 -41.45 -11.09 20.84
CA LEU B 938 -40.98 -10.72 22.17
C LEU B 938 -41.83 -9.57 22.71
N SER B 939 -42.20 -9.65 23.98
CA SER B 939 -43.01 -8.61 24.60
C SER B 939 -42.21 -7.36 24.94
N ASN B 940 -42.67 -6.21 24.47
CA ASN B 940 -41.99 -4.95 24.79
C ASN B 940 -42.76 -4.27 25.92
N ILE B 941 -43.70 -5.01 26.50
CA ILE B 941 -44.52 -4.52 27.61
C ILE B 941 -43.95 -5.04 28.92
N GLU B 942 -43.51 -6.29 28.89
CA GLU B 942 -42.93 -6.93 30.08
C GLU B 942 -41.46 -6.59 30.16
N GLN B 943 -41.18 -5.39 30.68
CA GLN B 943 -39.83 -4.88 30.82
C GLN B 943 -39.26 -5.21 32.20
N VAL B 944 -37.95 -5.08 32.36
CA VAL B 944 -37.30 -5.35 33.64
C VAL B 944 -36.33 -4.24 33.99
N VAL B 945 -35.89 -4.22 35.24
CA VAL B 945 -34.91 -3.26 35.72
C VAL B 945 -33.90 -4.03 36.56
N ALA B 946 -32.70 -3.49 36.69
CA ALA B 946 -31.66 -4.16 37.48
C ALA B 946 -31.85 -3.86 38.96
N VAL B 947 -31.49 -4.84 39.80
CA VAL B 947 -31.57 -4.70 41.26
C VAL B 947 -30.30 -5.30 41.83
N ILE B 948 -29.62 -4.53 42.68
CA ILE B 948 -28.36 -4.95 43.27
C ILE B 948 -28.46 -5.41 44.72
N ASP B 949 -27.84 -6.55 45.03
CA ASP B 949 -27.83 -7.05 46.39
C ASP B 949 -26.59 -6.47 47.09
N GLU B 950 -26.80 -5.42 47.87
CA GLU B 950 -25.74 -4.73 48.60
C GLU B 950 -24.78 -5.67 49.33
N GLU B 951 -25.33 -6.73 49.91
CA GLU B 951 -24.53 -7.68 50.68
C GLU B 951 -23.50 -8.47 49.88
N MET B 952 -23.72 -8.60 48.57
CA MET B 952 -22.81 -9.36 47.71
C MET B 952 -21.83 -8.48 46.94
N CYS B 953 -22.11 -7.19 46.92
CA CYS B 953 -21.31 -6.21 46.20
C CYS B 953 -19.88 -6.05 46.73
N ILE B 954 -18.91 -5.94 45.81
CA ILE B 954 -17.52 -5.74 46.22
C ILE B 954 -17.00 -4.35 45.87
N ASN B 955 -17.96 -3.44 45.70
CA ASN B 955 -17.71 -2.02 45.46
C ASN B 955 -16.77 -1.54 44.35
N CYS B 956 -16.69 -2.30 43.25
CA CYS B 956 -15.81 -1.93 42.14
C CYS B 956 -16.33 -0.81 41.25
N GLY B 957 -17.65 -0.64 41.20
CA GLY B 957 -18.23 0.40 40.37
C GLY B 957 -18.30 0.10 38.88
N LYS B 958 -18.10 -1.16 38.49
CA LYS B 958 -18.16 -1.49 37.06
C LYS B 958 -19.57 -1.32 36.48
N CYS B 959 -20.57 -1.64 37.29
CA CYS B 959 -21.96 -1.49 36.86
C CYS B 959 -22.20 -0.02 36.54
N TYR B 960 -21.67 0.83 37.43
CA TYR B 960 -21.76 2.28 37.34
C TYR B 960 -21.09 2.81 36.07
N MET B 961 -19.86 2.36 35.81
CA MET B 961 -19.11 2.79 34.64
C MET B 961 -19.74 2.33 33.33
N THR B 962 -20.27 1.11 33.33
CA THR B 962 -20.89 0.57 32.12
C THR B 962 -22.17 1.34 31.80
N CYS B 963 -22.95 1.65 32.82
CA CYS B 963 -24.19 2.40 32.59
C CYS B 963 -23.89 3.84 32.18
N ASN B 964 -22.77 4.38 32.69
CA ASN B 964 -22.39 5.75 32.37
C ASN B 964 -21.91 5.96 30.94
N ASP B 965 -20.98 5.12 30.49
CA ASP B 965 -20.44 5.28 29.15
C ASP B 965 -20.99 4.30 28.11
N SER B 966 -21.91 3.44 28.52
CA SER B 966 -22.51 2.47 27.61
C SER B 966 -24.00 2.29 27.91
N GLY B 967 -24.55 3.14 28.76
CA GLY B 967 -25.94 3.00 29.11
C GLY B 967 -26.80 4.24 29.27
N TYR B 968 -27.50 4.30 30.41
CA TYR B 968 -28.41 5.40 30.67
C TYR B 968 -28.14 6.22 31.93
N GLN B 969 -26.91 6.17 32.43
CA GLN B 969 -26.53 6.95 33.61
C GLN B 969 -27.59 6.79 34.70
N ALA B 970 -28.03 5.56 34.94
CA ALA B 970 -29.07 5.30 35.92
C ALA B 970 -28.62 4.78 37.29
N ILE B 971 -27.31 4.66 37.49
CA ILE B 971 -26.80 4.17 38.75
C ILE B 971 -26.09 5.23 39.58
N GLN B 972 -26.42 5.28 40.87
CA GLN B 972 -25.77 6.21 41.79
C GLN B 972 -24.69 5.40 42.48
N PHE B 973 -23.48 5.94 42.56
CA PHE B 973 -22.37 5.25 43.20
C PHE B 973 -21.93 6.13 44.38
N ASP B 974 -22.24 5.68 45.60
CA ASP B 974 -21.91 6.46 46.79
C ASP B 974 -20.43 6.74 46.96
N PRO B 975 -20.07 8.01 47.14
CA PRO B 975 -18.66 8.41 47.31
C PRO B 975 -18.00 7.97 48.60
N GLU B 976 -18.79 7.56 49.59
CA GLU B 976 -18.23 7.12 50.87
C GLU B 976 -18.20 5.61 51.04
N THR B 977 -19.30 4.96 50.69
CA THR B 977 -19.40 3.51 50.85
C THR B 977 -19.11 2.74 49.56
N HIS B 978 -19.06 3.43 48.44
CA HIS B 978 -18.83 2.80 47.15
C HIS B 978 -19.89 1.72 46.90
N LEU B 979 -21.13 2.02 47.28
CA LEU B 979 -22.25 1.11 47.07
C LEU B 979 -23.11 1.69 45.96
N PRO B 980 -23.46 0.87 44.96
CA PRO B 980 -24.29 1.35 43.85
C PRO B 980 -25.78 1.16 44.09
N THR B 981 -26.58 2.08 43.55
CA THR B 981 -28.02 1.99 43.65
C THR B 981 -28.63 2.28 42.30
N VAL B 982 -29.42 1.34 41.79
CA VAL B 982 -30.07 1.50 40.48
C VAL B 982 -31.28 2.42 40.68
N THR B 983 -31.38 3.47 39.88
CA THR B 983 -32.52 4.40 40.00
C THR B 983 -33.64 4.06 39.03
N ASP B 984 -34.69 4.86 39.06
CA ASP B 984 -35.86 4.64 38.21
C ASP B 984 -35.63 4.92 36.72
N THR B 985 -34.46 5.42 36.35
CA THR B 985 -34.18 5.69 34.94
C THR B 985 -33.65 4.46 34.20
N CYS B 986 -33.48 3.37 34.94
CA CYS B 986 -32.99 2.10 34.37
C CYS B 986 -33.94 1.65 33.25
N THR B 987 -33.37 1.13 32.18
CA THR B 987 -34.18 0.64 31.05
C THR B 987 -34.11 -0.88 30.94
N GLY B 988 -33.31 -1.50 31.82
CA GLY B 988 -33.18 -2.95 31.80
C GLY B 988 -32.32 -3.49 30.67
N CYS B 989 -31.45 -2.67 30.09
CA CYS B 989 -30.61 -3.14 29.00
C CYS B 989 -29.83 -4.38 29.43
N THR B 990 -29.53 -4.45 30.73
CA THR B 990 -28.83 -5.59 31.35
C THR B 990 -27.29 -5.62 31.25
N LEU B 991 -26.69 -4.52 30.80
CA LEU B 991 -25.23 -4.45 30.68
C LEU B 991 -24.53 -4.51 32.04
N CYS B 992 -25.08 -3.83 33.04
CA CYS B 992 -24.47 -3.83 34.37
C CYS B 992 -24.34 -5.25 34.92
N LEU B 993 -25.43 -6.00 34.82
CA LEU B 993 -25.42 -7.38 35.30
C LEU B 993 -24.38 -8.18 34.52
N SER B 994 -24.27 -7.90 33.23
CA SER B 994 -23.33 -8.62 32.39
C SER B 994 -21.85 -8.37 32.68
N VAL B 995 -21.52 -7.24 33.32
CA VAL B 995 -20.12 -6.94 33.62
C VAL B 995 -19.75 -7.10 35.10
N CYS B 996 -20.75 -7.36 35.93
CA CYS B 996 -20.51 -7.52 37.37
C CYS B 996 -19.67 -8.77 37.65
N PRO B 997 -18.59 -8.63 38.44
CA PRO B 997 -17.72 -9.77 38.78
C PRO B 997 -18.33 -10.79 39.74
N ILE B 998 -19.37 -10.39 40.46
CA ILE B 998 -20.01 -11.30 41.41
C ILE B 998 -21.26 -11.93 40.81
N ILE B 999 -21.24 -13.25 40.68
CA ILE B 999 -22.37 -13.98 40.12
C ILE B 999 -23.65 -13.73 40.92
N ASP B 1000 -24.69 -13.27 40.23
CA ASP B 1000 -25.99 -13.02 40.85
C ASP B 1000 -26.05 -11.89 41.86
N CYS B 1001 -25.06 -11.00 41.85
CA CYS B 1001 -25.09 -9.86 42.76
C CYS B 1001 -26.20 -8.95 42.22
N ILE B 1002 -26.26 -8.86 40.89
CA ILE B 1002 -27.27 -8.07 40.22
C ILE B 1002 -28.26 -9.03 39.56
N ARG B 1003 -29.55 -8.72 39.67
CA ARG B 1003 -30.59 -9.54 39.07
C ARG B 1003 -31.60 -8.64 38.37
N MET B 1004 -32.20 -9.14 37.29
CA MET B 1004 -33.20 -8.36 36.57
C MET B 1004 -34.57 -8.76 37.10
N VAL B 1005 -35.36 -7.77 37.49
CA VAL B 1005 -36.70 -8.04 38.01
C VAL B 1005 -37.75 -7.27 37.23
N SER B 1006 -38.98 -7.78 37.25
CA SER B 1006 -40.07 -7.14 36.54
C SER B 1006 -40.23 -5.70 36.98
N ARG B 1007 -40.38 -4.82 36.00
CA ARG B 1007 -40.55 -3.40 36.27
C ARG B 1007 -41.90 -3.23 36.97
N THR B 1008 -41.94 -2.46 38.06
CA THR B 1008 -43.18 -2.23 38.80
C THR B 1008 -43.93 -1.04 38.23
N THR B 1009 -43.34 -0.39 37.23
CA THR B 1009 -43.94 0.77 36.59
C THR B 1009 -43.88 0.61 35.07
N PRO B 1010 -44.94 1.04 34.37
CA PRO B 1010 -44.97 0.94 32.91
C PRO B 1010 -43.74 1.62 32.28
N TYR B 1011 -43.24 1.02 31.21
CA TYR B 1011 -42.06 1.54 30.52
C TYR B 1011 -42.32 2.63 29.47
N GLU B 1012 -41.55 3.72 29.54
CA GLU B 1012 -41.68 4.80 28.57
C GLU B 1012 -40.32 5.05 27.91
N PRO B 1013 -40.19 4.67 26.63
CA PRO B 1013 -38.94 4.86 25.88
C PRO B 1013 -38.49 6.32 25.85
N LYS B 1014 -37.21 6.56 26.03
CA LYS B 1014 -36.67 7.91 25.99
C LYS B 1014 -36.50 8.25 24.51
N ARG B 1015 -37.26 9.24 24.03
CA ARG B 1015 -37.19 9.63 22.64
C ARG B 1015 -36.25 10.81 22.38
N GLY B 1016 -35.73 11.39 23.45
CA GLY B 1016 -34.82 12.52 23.33
C GLY B 1016 -35.54 13.79 22.93
N LEU B 1017 -36.42 13.67 21.95
CA LEU B 1017 -37.18 14.81 21.45
C LEU B 1017 -38.57 14.43 21.04
N PRO B 1018 -39.59 14.91 21.78
CA PRO B 1018 -41.01 14.61 21.51
C PRO B 1018 -41.26 14.21 20.06
N LEU B 1019 -42.06 13.17 19.86
CA LEU B 1019 -42.35 12.70 18.53
C LEU B 1019 -43.52 13.48 17.93
N ALA B 1020 -43.30 14.06 16.76
CA ALA B 1020 -44.33 14.86 16.09
C ALA B 1020 -44.89 14.13 14.87
N ALA C 2 24.22 60.22 -18.62
CA ALA C 2 24.30 59.73 -20.03
C ALA C 2 22.91 59.41 -20.54
N PRO C 3 22.76 59.15 -21.86
CA PRO C 3 21.48 58.83 -22.47
C PRO C 3 20.68 57.79 -21.70
N VAL C 4 19.46 57.52 -22.14
CA VAL C 4 18.62 56.52 -21.48
C VAL C 4 19.17 55.16 -21.88
N LEU C 5 19.91 54.54 -20.97
CA LEU C 5 20.53 53.23 -21.23
C LEU C 5 19.56 52.10 -21.57
N SER C 6 18.40 52.09 -20.90
CA SER C 6 17.42 51.03 -21.11
C SER C 6 16.47 51.25 -22.29
N LYS C 7 16.85 52.11 -23.22
CA LYS C 7 16.04 52.37 -24.41
C LYS C 7 16.85 52.12 -25.67
N ASP C 8 16.18 51.56 -26.69
CA ASP C 8 16.83 51.29 -27.97
C ASP C 8 16.98 52.61 -28.73
N VAL C 9 18.16 52.85 -29.30
CA VAL C 9 18.37 54.05 -30.07
C VAL C 9 17.62 53.84 -31.39
N ALA C 10 17.49 54.91 -32.18
CA ALA C 10 16.77 54.86 -33.45
C ALA C 10 17.17 53.70 -34.36
N ASP C 11 18.46 53.50 -34.57
CA ASP C 11 18.95 52.43 -35.43
C ASP C 11 18.51 51.03 -34.99
N ILE C 12 18.45 50.81 -33.69
CA ILE C 12 18.04 49.51 -33.17
C ILE C 12 16.54 49.37 -33.26
N GLU C 13 15.83 50.46 -32.99
CA GLU C 13 14.38 50.46 -33.07
C GLU C 13 14.01 50.09 -34.51
N SER C 14 14.81 50.57 -35.45
CA SER C 14 14.58 50.30 -36.86
C SER C 14 14.86 48.83 -37.18
N ILE C 15 15.95 48.29 -36.64
CA ILE C 15 16.28 46.90 -36.91
C ILE C 15 15.22 45.97 -36.31
N LEU C 16 14.55 46.42 -35.25
CA LEU C 16 13.52 45.64 -34.57
C LEU C 16 12.11 45.82 -35.17
N ALA C 17 12.03 46.54 -36.29
CA ALA C 17 10.75 46.82 -36.94
C ALA C 17 9.81 45.61 -37.11
N LEU C 18 10.36 44.49 -37.57
CA LEU C 18 9.55 43.30 -37.80
C LEU C 18 9.53 42.31 -36.63
N ASN C 19 10.08 42.70 -35.49
CA ASN C 19 10.11 41.84 -34.32
C ASN C 19 8.67 41.67 -33.79
N PRO C 20 8.31 40.43 -33.40
CA PRO C 20 6.99 40.11 -32.87
C PRO C 20 6.60 40.98 -31.67
N ARG C 21 5.39 41.53 -31.72
CA ARG C 21 4.85 42.33 -30.64
C ARG C 21 3.36 42.06 -30.59
N THR C 22 2.82 41.85 -29.38
CA THR C 22 1.40 41.57 -29.25
C THR C 22 0.55 42.79 -29.54
N GLN C 23 -0.49 42.59 -30.34
CA GLN C 23 -1.39 43.66 -30.71
C GLN C 23 -2.50 43.81 -29.67
N SER C 24 -2.88 45.06 -29.41
CA SER C 24 -3.92 45.34 -28.42
C SER C 24 -5.28 45.53 -29.07
N HIS C 25 -5.30 45.50 -30.40
CA HIS C 25 -6.55 45.67 -31.14
C HIS C 25 -6.58 44.74 -32.34
N ALA C 26 -7.77 44.54 -32.90
CA ALA C 26 -7.92 43.70 -34.08
C ALA C 26 -7.32 44.51 -35.23
N ALA C 27 -6.79 43.82 -36.23
CA ALA C 27 -6.17 44.49 -37.37
C ALA C 27 -7.19 44.92 -38.42
N LEU C 28 -6.86 45.95 -39.19
CA LEU C 28 -7.75 46.44 -40.23
C LEU C 28 -7.01 46.43 -41.57
N HIS C 29 -7.48 45.60 -42.49
CA HIS C 29 -6.89 45.49 -43.82
C HIS C 29 -8.04 45.13 -44.76
N SER C 30 -8.28 45.96 -45.77
CA SER C 30 -9.37 45.71 -46.71
C SER C 30 -9.17 44.44 -47.52
N THR C 31 -10.27 43.88 -47.98
CA THR C 31 -10.23 42.67 -48.79
C THR C 31 -9.42 42.91 -50.06
N LEU C 32 -9.55 44.09 -50.64
CA LEU C 32 -8.82 44.43 -51.86
C LEU C 32 -7.31 44.46 -51.56
N ALA C 33 -6.95 45.10 -50.46
CA ALA C 33 -5.56 45.21 -50.05
C ALA C 33 -4.97 43.81 -49.88
N LYS C 34 -5.74 42.93 -49.24
CA LYS C 34 -5.30 41.56 -49.01
C LYS C 34 -5.10 40.82 -50.33
N LYS C 35 -6.03 40.96 -51.27
CA LYS C 35 -5.90 40.29 -52.56
C LYS C 35 -4.62 40.76 -53.26
N LEU C 36 -4.29 42.04 -53.12
CA LEU C 36 -3.10 42.60 -53.75
C LEU C 36 -1.79 42.19 -53.08
N ASP C 37 -1.85 41.87 -51.79
CA ASP C 37 -0.65 41.51 -51.05
C ASP C 37 -0.33 40.01 -51.09
N LYS C 38 -1.37 39.20 -51.28
CA LYS C 38 -1.23 37.74 -51.31
C LYS C 38 -0.18 37.20 -52.27
N LYS C 39 -0.15 37.72 -53.49
CA LYS C 39 0.78 37.26 -54.50
C LYS C 39 2.26 37.42 -54.12
N HIS C 40 2.56 38.40 -53.28
CA HIS C 40 3.94 38.63 -52.90
C HIS C 40 4.58 37.49 -52.11
N TRP C 41 3.78 36.79 -51.30
CA TRP C 41 4.29 35.71 -50.47
C TRP C 41 4.03 34.28 -50.94
N LYS C 42 3.30 34.14 -52.05
CA LYS C 42 2.93 32.85 -52.60
C LYS C 42 4.06 31.82 -52.74
N ARG C 43 3.90 30.67 -52.10
CA ARG C 43 4.90 29.60 -52.13
C ARG C 43 4.51 28.44 -53.06
N ASN C 44 3.27 28.00 -52.93
CA ASN C 44 2.76 26.87 -53.70
C ASN C 44 2.19 27.27 -55.05
N PRO C 45 1.76 26.28 -55.86
CA PRO C 45 1.19 26.58 -57.17
C PRO C 45 -0.05 27.46 -57.06
N ASP C 46 -0.23 28.34 -58.04
CA ASP C 46 -1.37 29.24 -58.07
C ASP C 46 -2.48 28.53 -58.86
N LYS C 47 -3.62 28.29 -58.22
CA LYS C 47 -4.72 27.60 -58.90
C LYS C 47 -5.22 28.39 -60.11
N ASN C 48 -4.87 29.67 -60.18
CA ASN C 48 -5.30 30.50 -61.30
C ASN C 48 -4.27 30.60 -62.43
N CYS C 49 -3.17 29.87 -62.30
CA CYS C 49 -2.16 29.88 -63.34
C CYS C 49 -2.37 28.63 -64.21
N PHE C 50 -2.70 28.84 -65.47
CA PHE C 50 -2.96 27.78 -66.39
C PHE C 50 -1.81 27.46 -67.31
N HIS C 51 -0.76 28.34 -67.30
CA HIS C 51 0.36 28.12 -68.20
C HIS C 51 1.51 27.40 -67.43
N CYS C 52 2.08 26.39 -68.05
CA CYS C 52 3.16 25.61 -67.46
C CYS C 52 4.50 26.29 -67.53
N GLU C 53 5.34 25.94 -66.56
CA GLU C 53 6.67 26.48 -66.48
C GLU C 53 7.48 25.90 -67.64
N LYS C 54 8.30 26.74 -68.29
CA LYS C 54 9.15 26.27 -69.39
C LYS C 54 10.00 25.20 -68.78
N LEU C 55 10.05 24.07 -69.45
CA LEU C 55 10.81 22.90 -68.97
C LEU C 55 11.79 22.39 -70.02
N GLU C 56 11.87 23.09 -71.15
CA GLU C 56 12.74 22.73 -72.26
C GLU C 56 14.14 22.44 -71.78
N ASN C 57 14.57 21.22 -72.08
CA ASN C 57 15.89 20.73 -71.71
C ASN C 57 16.16 20.81 -70.21
N ASN C 58 15.09 20.77 -69.41
CA ASN C 58 15.25 20.83 -67.96
C ASN C 58 15.03 19.43 -67.38
N PHE C 59 16.10 18.74 -67.01
CA PHE C 59 15.94 17.40 -66.45
C PHE C 59 16.23 17.34 -64.96
N ASP C 60 16.05 18.44 -64.24
CA ASP C 60 16.28 18.46 -62.81
C ASP C 60 15.24 17.56 -62.15
N ASP C 61 15.62 16.98 -61.02
CA ASP C 61 14.77 16.08 -60.24
C ASP C 61 13.42 16.71 -59.88
N ILE C 62 12.32 16.04 -60.25
CA ILE C 62 10.99 16.56 -59.93
C ILE C 62 10.23 15.70 -58.93
N LYS C 63 10.87 14.67 -58.40
CA LYS C 63 10.20 13.81 -57.44
C LYS C 63 9.85 14.58 -56.16
N HIS C 64 8.64 14.38 -55.66
CA HIS C 64 8.20 15.05 -54.45
C HIS C 64 8.72 14.29 -53.22
N THR C 65 9.19 13.08 -53.43
CA THR C 65 9.66 12.26 -52.33
C THR C 65 11.14 12.38 -51.97
N THR C 66 11.92 13.06 -52.81
CA THR C 66 13.34 13.24 -52.54
C THR C 66 13.55 13.92 -51.18
N LEU C 67 14.48 13.41 -50.40
CA LEU C 67 14.78 13.97 -49.08
C LEU C 67 16.25 14.32 -48.90
N GLY C 68 16.50 15.35 -48.09
CA GLY C 68 17.84 15.76 -47.76
C GLY C 68 18.06 15.18 -46.37
N GLU C 69 19.24 15.34 -45.78
CA GLU C 69 19.46 14.76 -44.45
C GLU C 69 18.52 15.30 -43.38
N ARG C 70 18.34 16.63 -43.34
CA ARG C 70 17.45 17.25 -42.35
C ARG C 70 16.06 16.61 -42.42
N GLY C 71 15.50 16.55 -43.63
CA GLY C 71 14.18 15.97 -43.82
C GLY C 71 14.11 14.48 -43.57
N ALA C 72 15.16 13.76 -43.94
CA ALA C 72 15.20 12.32 -43.74
C ALA C 72 15.22 11.98 -42.25
N LEU C 73 16.03 12.70 -41.49
CA LEU C 73 16.09 12.45 -40.05
C LEU C 73 14.73 12.68 -39.40
N ARG C 74 14.04 13.76 -39.78
CA ARG C 74 12.72 14.03 -39.20
C ARG C 74 11.72 12.93 -39.53
N GLU C 75 11.68 12.50 -40.79
CA GLU C 75 10.73 11.48 -41.20
C GLU C 75 11.07 10.12 -40.58
N ALA C 76 12.37 9.81 -40.47
CA ALA C 76 12.80 8.55 -39.89
C ALA C 76 12.43 8.48 -38.41
N MET C 77 12.51 9.61 -37.73
CA MET C 77 12.17 9.66 -36.31
C MET C 77 10.67 9.51 -36.11
N ARG C 78 9.90 9.95 -37.10
CA ARG C 78 8.44 9.89 -37.04
C ARG C 78 7.92 8.46 -37.19
N CYS C 79 8.63 7.65 -37.97
CA CYS C 79 8.26 6.26 -38.20
C CYS C 79 8.09 5.50 -36.88
N LEU C 80 7.01 4.75 -36.75
CA LEU C 80 6.75 3.98 -35.53
C LEU C 80 7.63 2.75 -35.40
N LYS C 81 8.29 2.36 -36.49
CA LYS C 81 9.17 1.20 -36.47
C LYS C 81 8.39 0.01 -35.87
N CYS C 82 7.28 -0.29 -36.53
CA CYS C 82 6.31 -1.32 -36.14
C CYS C 82 6.74 -2.78 -36.16
N ALA C 83 6.09 -3.57 -35.31
CA ALA C 83 6.34 -5.00 -35.24
C ALA C 83 5.59 -5.64 -36.40
N ASP C 84 6.14 -6.72 -36.97
CA ASP C 84 5.51 -7.43 -38.07
C ASP C 84 4.94 -6.41 -39.05
N ALA C 85 5.72 -5.36 -39.30
CA ALA C 85 5.34 -4.22 -40.16
C ALA C 85 4.58 -4.50 -41.45
N PRO C 86 3.41 -3.86 -41.62
CA PRO C 86 2.56 -4.03 -42.80
C PRO C 86 3.22 -3.46 -44.06
N CYS C 87 4.06 -2.45 -43.88
CA CYS C 87 4.77 -1.86 -45.01
C CYS C 87 5.69 -2.90 -45.63
N GLN C 88 6.40 -3.66 -44.78
CA GLN C 88 7.31 -4.70 -45.25
C GLN C 88 6.52 -5.81 -45.94
N LYS C 89 5.36 -6.16 -45.38
CA LYS C 89 4.52 -7.19 -45.98
C LYS C 89 4.04 -6.74 -47.36
N SER C 90 3.92 -5.42 -47.53
CA SER C 90 3.45 -4.84 -48.78
C SER C 90 4.56 -4.50 -49.79
N CYS C 91 5.80 -4.79 -49.41
CA CYS C 91 6.96 -4.55 -50.28
C CYS C 91 7.28 -5.86 -51.02
N PRO C 92 7.26 -5.85 -52.36
CA PRO C 92 7.55 -7.07 -53.11
C PRO C 92 8.88 -7.76 -52.81
N THR C 93 9.88 -7.00 -52.35
CA THR C 93 11.17 -7.62 -52.01
C THR C 93 11.33 -7.83 -50.50
N HIS C 94 10.24 -7.63 -49.78
CA HIS C 94 10.21 -7.83 -48.33
C HIS C 94 11.29 -7.09 -47.54
N LEU C 95 11.59 -5.86 -47.93
CA LEU C 95 12.59 -5.06 -47.23
C LEU C 95 12.23 -4.88 -45.76
N ASP C 96 13.23 -4.99 -44.87
CA ASP C 96 12.99 -4.79 -43.45
C ASP C 96 12.99 -3.27 -43.23
N ILE C 97 11.87 -2.65 -43.58
CA ILE C 97 11.70 -1.21 -43.48
C ILE C 97 11.88 -0.71 -42.05
N LYS C 98 11.32 -1.43 -41.08
CA LYS C 98 11.46 -1.06 -39.67
C LYS C 98 12.94 -0.89 -39.33
N SER C 99 13.75 -1.86 -39.72
CA SER C 99 15.18 -1.79 -39.42
C SER C 99 15.94 -0.70 -40.16
N PHE C 100 15.73 -0.55 -41.47
CA PHE C 100 16.50 0.46 -42.17
C PHE C 100 16.13 1.87 -41.77
N ILE C 101 14.85 2.10 -41.48
CA ILE C 101 14.43 3.43 -41.06
C ILE C 101 14.96 3.71 -39.65
N THR C 102 15.02 2.69 -38.81
CA THR C 102 15.56 2.85 -37.46
C THR C 102 17.01 3.31 -37.59
N SER C 103 17.76 2.67 -38.49
CA SER C 103 19.15 3.02 -38.70
C SER C 103 19.29 4.47 -39.14
N ILE C 104 18.42 4.90 -40.06
CA ILE C 104 18.46 6.29 -40.53
C ILE C 104 18.20 7.23 -39.35
N SER C 105 17.22 6.90 -38.49
CA SER C 105 16.92 7.76 -37.36
C SER C 105 18.12 7.85 -36.42
N ASN C 106 18.95 6.82 -36.41
CA ASN C 106 20.14 6.80 -35.55
C ASN C 106 21.40 7.30 -36.29
N LYS C 107 21.20 7.89 -37.46
CA LYS C 107 22.28 8.42 -38.28
C LYS C 107 23.21 7.35 -38.86
N ASN C 108 22.76 6.10 -38.86
CA ASN C 108 23.55 5.01 -39.39
C ASN C 108 23.10 4.73 -40.82
N TYR C 109 23.54 5.57 -41.75
CA TYR C 109 23.15 5.45 -43.14
C TYR C 109 23.71 4.19 -43.77
N TYR C 110 24.90 3.78 -43.35
CA TYR C 110 25.51 2.56 -43.90
C TYR C 110 24.64 1.36 -43.54
N GLY C 111 24.29 1.25 -42.26
CA GLY C 111 23.46 0.14 -41.81
C GLY C 111 22.13 0.09 -42.54
N ALA C 112 21.55 1.26 -42.79
CA ALA C 112 20.28 1.32 -43.50
C ALA C 112 20.47 0.83 -44.94
N ALA C 113 21.50 1.32 -45.61
CA ALA C 113 21.77 0.92 -46.99
C ALA C 113 22.05 -0.58 -47.09
N LYS C 114 22.79 -1.11 -46.14
CA LYS C 114 23.13 -2.53 -46.13
C LYS C 114 21.86 -3.37 -46.01
N MET C 115 20.94 -2.92 -45.15
CA MET C 115 19.68 -3.63 -44.94
C MET C 115 18.84 -3.56 -46.23
N ILE C 116 18.83 -2.39 -46.85
CA ILE C 116 18.09 -2.19 -48.10
C ILE C 116 18.63 -3.09 -49.21
N PHE C 117 19.92 -2.98 -49.49
CA PHE C 117 20.52 -3.78 -50.56
C PHE C 117 20.56 -5.28 -50.29
N SER C 118 20.48 -5.70 -49.03
CA SER C 118 20.48 -7.12 -48.72
C SER C 118 19.27 -7.79 -49.36
N ASP C 119 18.13 -7.11 -49.35
CA ASP C 119 16.92 -7.66 -49.95
C ASP C 119 16.57 -7.10 -51.33
N ASN C 120 17.23 -6.02 -51.74
CA ASN C 120 16.95 -5.41 -53.04
C ASN C 120 18.22 -4.78 -53.63
N PRO C 121 18.88 -5.49 -54.57
CA PRO C 121 20.11 -5.08 -55.26
C PRO C 121 19.97 -3.76 -56.02
N LEU C 122 18.73 -3.33 -56.25
CA LEU C 122 18.48 -2.06 -56.94
C LEU C 122 17.76 -1.14 -55.97
N GLY C 123 18.22 -1.15 -54.73
CA GLY C 123 17.62 -0.34 -53.69
C GLY C 123 17.50 1.15 -53.97
N LEU C 124 18.48 1.75 -54.62
CA LEU C 124 18.43 3.17 -54.91
C LEU C 124 17.42 3.45 -56.02
N THR C 125 17.46 2.67 -57.08
CA THR C 125 16.52 2.85 -58.18
C THR C 125 15.10 2.75 -57.64
N CYS C 126 14.82 1.70 -56.87
CA CYS C 126 13.49 1.50 -56.33
C CYS C 126 13.04 2.60 -55.38
N GLY C 127 13.95 3.08 -54.53
CA GLY C 127 13.57 4.15 -53.63
C GLY C 127 13.05 5.33 -54.44
N MET C 128 13.65 5.55 -55.60
CA MET C 128 13.24 6.65 -56.47
C MET C 128 12.01 6.41 -57.34
N VAL C 129 11.79 5.18 -57.81
CA VAL C 129 10.67 4.94 -58.70
C VAL C 129 9.51 4.06 -58.24
N CYS C 130 9.66 3.37 -57.11
CA CYS C 130 8.56 2.52 -56.65
C CYS C 130 7.26 3.29 -56.46
N PRO C 131 6.15 2.72 -56.96
CA PRO C 131 4.84 3.38 -56.81
C PRO C 131 4.38 3.00 -55.41
N THR C 132 5.06 3.56 -54.41
CA THR C 132 4.78 3.24 -53.01
C THR C 132 3.33 3.28 -52.55
N SER C 133 2.52 4.19 -53.08
CA SER C 133 1.13 4.28 -52.66
C SER C 133 0.39 2.97 -52.95
N ASP C 134 0.88 2.23 -53.94
CA ASP C 134 0.28 0.95 -54.30
C ASP C 134 1.09 -0.20 -53.73
N LEU C 135 2.11 0.13 -52.94
CA LEU C 135 2.96 -0.89 -52.35
C LEU C 135 3.17 -0.71 -50.84
N CYS C 136 4.42 -0.59 -50.41
CA CYS C 136 4.77 -0.44 -49.00
C CYS C 136 4.00 0.66 -48.26
N VAL C 137 4.01 1.87 -48.81
CA VAL C 137 3.31 2.99 -48.17
C VAL C 137 1.80 2.76 -48.06
N GLY C 138 1.24 2.02 -49.02
CA GLY C 138 -0.18 1.73 -48.98
C GLY C 138 -0.62 0.95 -47.76
N GLY C 139 0.32 0.30 -47.09
CA GLY C 139 -0.02 -0.48 -45.90
C GLY C 139 0.52 0.12 -44.61
N CYS C 140 1.09 1.31 -44.68
CA CYS C 140 1.68 1.97 -43.52
C CYS C 140 0.66 2.33 -42.43
N ASN C 141 0.93 1.89 -41.20
CA ASN C 141 0.03 2.17 -40.08
C ASN C 141 -0.19 3.66 -39.81
N LEU C 142 0.80 4.49 -40.10
CA LEU C 142 0.66 5.92 -39.86
C LEU C 142 -0.35 6.57 -40.80
N TYR C 143 -0.92 5.79 -41.71
CA TYR C 143 -1.94 6.33 -42.59
C TYR C 143 -3.13 6.64 -41.69
N ALA C 144 -3.17 5.97 -40.54
CA ALA C 144 -4.26 6.16 -39.57
C ALA C 144 -4.09 7.41 -38.69
N THR C 145 -3.16 8.29 -39.06
CA THR C 145 -2.97 9.53 -38.32
C THR C 145 -3.17 10.69 -39.30
N GLU C 146 -3.49 11.86 -38.78
CA GLU C 146 -3.69 13.03 -39.62
C GLU C 146 -2.45 13.38 -40.45
N GLU C 147 -1.27 13.26 -39.85
CA GLU C 147 -0.02 13.58 -40.54
C GLU C 147 0.27 12.60 -41.68
N GLY C 148 -0.34 11.42 -41.64
CA GLY C 148 -0.17 10.46 -42.72
C GLY C 148 0.99 9.49 -42.73
N SER C 149 0.99 8.63 -43.75
CA SER C 149 2.00 7.60 -43.94
C SER C 149 3.42 8.13 -44.11
N ILE C 150 4.39 7.27 -43.83
CA ILE C 150 5.81 7.60 -43.94
C ILE C 150 6.27 7.60 -45.39
N ASN C 151 7.18 8.51 -45.72
CA ASN C 151 7.74 8.59 -47.06
C ASN C 151 8.86 7.54 -47.11
N ILE C 152 8.45 6.28 -47.23
CA ILE C 152 9.41 5.18 -47.25
C ILE C 152 10.38 5.24 -48.43
N GLY C 153 9.85 5.54 -49.62
CA GLY C 153 10.70 5.62 -50.80
C GLY C 153 11.80 6.65 -50.67
N GLY C 154 11.46 7.83 -50.18
CA GLY C 154 12.42 8.90 -50.01
C GLY C 154 13.50 8.56 -49.00
N LEU C 155 13.12 7.85 -47.94
CA LEU C 155 14.08 7.46 -46.92
C LEU C 155 15.03 6.42 -47.50
N GLN C 156 14.48 5.48 -48.26
CA GLN C 156 15.31 4.45 -48.90
C GLN C 156 16.30 5.12 -49.85
N GLN C 157 15.80 6.09 -50.61
CA GLN C 157 16.62 6.85 -51.56
C GLN C 157 17.75 7.57 -50.85
N PHE C 158 17.43 8.25 -49.75
CA PHE C 158 18.44 8.99 -48.99
C PHE C 158 19.58 8.11 -48.46
N ALA C 159 19.25 7.05 -47.74
CA ALA C 159 20.28 6.17 -47.20
C ALA C 159 21.15 5.58 -48.31
N SER C 160 20.51 5.17 -49.41
CA SER C 160 21.25 4.59 -50.52
C SER C 160 22.16 5.62 -51.21
N GLU C 161 21.69 6.86 -51.29
CA GLU C 161 22.47 7.94 -51.89
C GLU C 161 23.72 8.21 -51.07
N VAL C 162 23.58 8.21 -49.74
CA VAL C 162 24.74 8.44 -48.89
C VAL C 162 25.72 7.29 -49.08
N PHE C 163 25.21 6.06 -49.11
CA PHE C 163 26.08 4.90 -49.29
C PHE C 163 26.83 5.03 -50.62
N LYS C 164 26.13 5.45 -51.66
CA LYS C 164 26.74 5.62 -52.97
C LYS C 164 27.88 6.63 -52.87
N ALA C 165 27.66 7.71 -52.13
CA ALA C 165 28.66 8.75 -51.94
C ALA C 165 29.89 8.23 -51.19
N MET C 166 29.69 7.22 -50.34
CA MET C 166 30.79 6.63 -49.59
C MET C 166 31.77 5.91 -50.51
N ASN C 167 31.29 5.52 -51.68
CA ASN C 167 32.14 4.86 -52.67
C ASN C 167 32.81 3.63 -52.06
N ILE C 168 31.98 2.76 -51.50
CA ILE C 168 32.42 1.51 -50.87
C ILE C 168 31.95 0.38 -51.78
N PRO C 169 32.82 -0.61 -52.03
CA PRO C 169 32.44 -1.72 -52.91
C PRO C 169 31.73 -2.85 -52.19
N GLN C 170 31.04 -3.69 -52.95
CA GLN C 170 30.38 -4.85 -52.38
C GLN C 170 31.45 -5.94 -52.41
N ILE C 171 31.43 -6.83 -51.43
CA ILE C 171 32.40 -7.92 -51.42
C ILE C 171 31.69 -9.25 -51.31
N ARG C 172 32.43 -10.31 -51.61
CA ARG C 172 31.95 -11.68 -51.55
C ARG C 172 31.60 -11.97 -50.07
N ASN C 173 30.63 -12.86 -49.83
CA ASN C 173 30.24 -13.20 -48.45
C ASN C 173 31.46 -13.65 -47.65
N PRO C 174 31.62 -13.13 -46.43
CA PRO C 174 32.77 -13.50 -45.59
C PRO C 174 32.71 -14.97 -45.16
N CYS C 175 31.49 -15.46 -44.92
CA CYS C 175 31.28 -16.84 -44.49
C CYS C 175 31.42 -17.89 -45.59
N LEU C 176 31.81 -17.45 -46.78
CA LEU C 176 31.98 -18.37 -47.89
C LEU C 176 33.39 -18.93 -47.93
N PRO C 177 33.53 -20.19 -48.36
CA PRO C 177 34.87 -20.78 -48.44
C PRO C 177 35.63 -19.97 -49.48
N SER C 178 36.95 -20.05 -49.46
CA SER C 178 37.74 -19.31 -50.45
C SER C 178 37.32 -19.80 -51.83
N GLN C 179 37.49 -18.94 -52.82
CA GLN C 179 37.14 -19.24 -54.20
C GLN C 179 37.67 -20.60 -54.67
N GLU C 180 38.90 -20.92 -54.29
CA GLU C 180 39.53 -22.18 -54.68
C GLU C 180 38.96 -23.41 -53.96
N LYS C 181 38.35 -23.21 -52.81
CA LYS C 181 37.79 -24.33 -52.05
C LYS C 181 36.32 -24.56 -52.35
N MET C 182 35.75 -23.78 -53.26
CA MET C 182 34.35 -23.92 -53.61
C MET C 182 34.11 -25.18 -54.43
N PRO C 183 33.01 -25.89 -54.15
CA PRO C 183 32.71 -27.11 -54.90
C PRO C 183 32.63 -26.81 -56.40
N GLU C 184 32.90 -27.81 -57.22
CA GLU C 184 32.87 -27.71 -58.66
C GLU C 184 31.58 -27.08 -59.22
N ALA C 185 30.45 -27.44 -58.63
CA ALA C 185 29.16 -26.93 -59.08
C ALA C 185 29.08 -25.41 -59.21
N TYR C 186 29.81 -24.69 -58.35
CA TYR C 186 29.77 -23.24 -58.41
C TYR C 186 30.47 -22.62 -59.60
N SER C 187 31.14 -23.43 -60.40
CA SER C 187 31.82 -22.93 -61.59
C SER C 187 30.92 -23.15 -62.81
N ALA C 188 29.73 -23.68 -62.59
CA ALA C 188 28.79 -23.93 -63.69
C ALA C 188 28.54 -22.65 -64.48
N LYS C 189 28.63 -22.75 -65.81
CA LYS C 189 28.41 -21.59 -66.66
C LYS C 189 26.94 -21.20 -66.64
N ILE C 190 26.66 -19.98 -66.21
CA ILE C 190 25.31 -19.47 -66.13
C ILE C 190 25.11 -18.30 -67.09
N ALA C 191 23.98 -18.31 -67.81
CA ALA C 191 23.68 -17.25 -68.75
C ALA C 191 22.36 -16.55 -68.41
N LEU C 192 22.35 -15.24 -68.58
CA LEU C 192 21.13 -14.46 -68.34
C LEU C 192 20.96 -13.59 -69.59
N LEU C 193 19.72 -13.47 -70.06
CA LEU C 193 19.43 -12.68 -71.25
C LEU C 193 18.71 -11.39 -70.87
N GLY C 194 19.30 -10.27 -71.27
CA GLY C 194 18.74 -8.96 -70.96
C GLY C 194 19.36 -8.41 -69.70
N ALA C 195 19.88 -7.19 -69.76
CA ALA C 195 20.52 -6.57 -68.60
C ALA C 195 19.60 -5.56 -67.90
N GLY C 196 18.39 -6.01 -67.56
CA GLY C 196 17.46 -5.15 -66.86
C GLY C 196 17.38 -5.55 -65.40
N PRO C 197 16.49 -4.93 -64.61
CA PRO C 197 16.30 -5.21 -63.19
C PRO C 197 16.22 -6.70 -62.83
N ALA C 198 15.43 -7.45 -63.59
CA ALA C 198 15.26 -8.88 -63.33
C ALA C 198 16.58 -9.65 -63.38
N SER C 199 17.33 -9.52 -64.47
CA SER C 199 18.61 -10.22 -64.59
C SER C 199 19.68 -9.70 -63.63
N ILE C 200 19.72 -8.39 -63.43
CA ILE C 200 20.70 -7.81 -62.54
C ILE C 200 20.50 -8.39 -61.14
N SER C 201 19.23 -8.46 -60.72
CA SER C 201 18.91 -9.01 -59.41
C SER C 201 19.29 -10.49 -59.34
N CYS C 202 18.85 -11.25 -60.34
CA CYS C 202 19.15 -12.68 -60.38
C CYS C 202 20.66 -12.95 -60.35
N ALA C 203 21.39 -12.28 -61.23
CA ALA C 203 22.83 -12.45 -61.30
C ALA C 203 23.49 -12.09 -59.96
N SER C 204 23.00 -11.03 -59.33
CA SER C 204 23.55 -10.58 -58.05
C SER C 204 23.42 -11.65 -56.97
N PHE C 205 22.22 -12.19 -56.80
CA PHE C 205 22.01 -13.20 -55.79
C PHE C 205 22.78 -14.48 -56.07
N LEU C 206 22.90 -14.85 -57.34
CA LEU C 206 23.65 -16.06 -57.68
C LEU C 206 25.11 -15.82 -57.32
N ALA C 207 25.60 -14.61 -57.61
CA ALA C 207 26.97 -14.26 -57.30
C ALA C 207 27.20 -14.31 -55.78
N ARG C 208 26.22 -13.87 -55.00
CA ARG C 208 26.33 -13.90 -53.54
C ARG C 208 26.47 -15.34 -53.05
N LEU C 209 25.75 -16.25 -53.70
CA LEU C 209 25.77 -17.66 -53.35
C LEU C 209 27.11 -18.32 -53.66
N GLY C 210 27.95 -17.64 -54.43
CA GLY C 210 29.25 -18.19 -54.75
C GLY C 210 29.52 -18.59 -56.19
N TYR C 211 28.52 -18.47 -57.07
CA TYR C 211 28.74 -18.84 -58.47
C TYR C 211 29.74 -17.88 -59.09
N SER C 212 30.75 -18.44 -59.76
CA SER C 212 31.83 -17.66 -60.34
C SER C 212 31.85 -17.46 -61.84
N ASP C 213 30.88 -18.02 -62.56
CA ASP C 213 30.87 -17.86 -64.01
C ASP C 213 29.48 -17.44 -64.45
N ILE C 214 29.17 -16.17 -64.26
CA ILE C 214 27.86 -15.62 -64.59
C ILE C 214 28.01 -14.57 -65.68
N THR C 215 27.25 -14.73 -66.76
CA THR C 215 27.31 -13.76 -67.85
C THR C 215 25.93 -13.29 -68.29
N ILE C 216 25.78 -11.98 -68.38
CA ILE C 216 24.54 -11.39 -68.84
C ILE C 216 24.74 -10.93 -70.27
N PHE C 217 23.91 -11.41 -71.19
CA PHE C 217 24.01 -11.01 -72.59
C PHE C 217 22.93 -9.98 -72.85
N GLU C 218 23.35 -8.76 -73.20
CA GLU C 218 22.44 -7.67 -73.47
C GLU C 218 22.44 -7.29 -74.94
N LYS C 219 21.24 -7.14 -75.50
CA LYS C 219 21.08 -6.79 -76.91
C LYS C 219 21.62 -5.41 -77.27
N GLN C 220 21.29 -4.42 -76.46
CA GLN C 220 21.73 -3.05 -76.70
C GLN C 220 23.17 -2.81 -76.28
N GLU C 221 23.65 -1.59 -76.51
CA GLU C 221 25.01 -1.21 -76.16
C GLU C 221 25.05 -0.56 -74.80
N TYR C 222 23.87 -0.39 -74.20
CA TYR C 222 23.77 0.20 -72.86
C TYR C 222 23.12 -0.83 -71.94
N VAL C 223 23.31 -0.67 -70.64
CA VAL C 223 22.75 -1.61 -69.66
C VAL C 223 21.76 -0.93 -68.73
N GLY C 224 20.95 -1.73 -68.04
CA GLY C 224 19.97 -1.18 -67.11
C GLY C 224 18.52 -1.36 -67.52
N GLY C 225 18.30 -1.80 -68.76
CA GLY C 225 16.93 -1.99 -69.23
C GLY C 225 16.12 -0.71 -69.29
N LEU C 226 14.84 -0.81 -68.95
CA LEU C 226 13.95 0.35 -68.97
C LEU C 226 14.40 1.48 -68.04
N SER C 227 15.04 1.12 -66.93
CA SER C 227 15.54 2.12 -65.99
C SER C 227 16.45 3.09 -66.74
N THR C 228 17.12 2.57 -67.76
CA THR C 228 18.02 3.38 -68.57
C THR C 228 17.38 3.96 -69.83
N SER C 229 16.76 3.09 -70.62
CA SER C 229 16.17 3.50 -71.90
C SER C 229 14.89 4.31 -71.88
N GLU C 230 14.06 4.18 -70.85
CA GLU C 230 12.80 4.91 -70.85
C GLU C 230 12.43 5.78 -69.64
N ILE C 231 12.70 5.32 -68.42
CA ILE C 231 12.37 6.13 -67.25
C ILE C 231 13.18 7.43 -67.37
N PRO C 232 12.49 8.58 -67.33
CA PRO C 232 13.12 9.90 -67.44
C PRO C 232 14.20 10.23 -66.43
N GLN C 233 15.21 10.94 -66.91
CA GLN C 233 16.34 11.38 -66.09
C GLN C 233 15.84 12.24 -64.92
N PHE C 234 14.73 12.95 -65.12
CA PHE C 234 14.20 13.80 -64.06
C PHE C 234 13.48 13.03 -62.96
N ARG C 235 13.41 11.71 -63.09
CA ARG C 235 12.82 10.85 -62.06
C ARG C 235 13.89 9.88 -61.58
N LEU C 236 14.70 9.38 -62.51
CA LEU C 236 15.77 8.43 -62.18
C LEU C 236 17.07 8.75 -62.88
N PRO C 237 18.01 9.41 -62.17
CA PRO C 237 19.31 9.77 -62.74
C PRO C 237 20.06 8.53 -63.21
N TYR C 238 20.64 8.61 -64.41
CA TYR C 238 21.36 7.48 -64.96
C TYR C 238 22.51 7.02 -64.05
N ASP C 239 23.13 7.95 -63.33
CA ASP C 239 24.26 7.58 -62.45
C ASP C 239 23.84 6.59 -61.37
N VAL C 240 22.55 6.55 -61.06
CA VAL C 240 22.04 5.62 -60.05
C VAL C 240 22.10 4.20 -60.62
N VAL C 241 21.69 4.05 -61.87
CA VAL C 241 21.70 2.75 -62.54
C VAL C 241 23.13 2.21 -62.64
N ASN C 242 24.06 3.07 -63.04
CA ASN C 242 25.47 2.71 -63.16
C ASN C 242 26.01 2.23 -61.82
N PHE C 243 25.63 2.92 -60.77
CA PHE C 243 26.06 2.60 -59.41
C PHE C 243 25.67 1.16 -59.03
N GLU C 244 24.42 0.82 -59.26
CA GLU C 244 23.95 -0.52 -58.90
C GLU C 244 24.57 -1.60 -59.77
N ILE C 245 24.87 -1.28 -61.02
CA ILE C 245 25.48 -2.27 -61.90
C ILE C 245 26.92 -2.51 -61.50
N GLU C 246 27.62 -1.46 -61.10
CA GLU C 246 29.01 -1.61 -60.67
C GLU C 246 29.07 -2.44 -59.38
N LEU C 247 28.08 -2.29 -58.51
CA LEU C 247 28.06 -3.07 -57.27
C LEU C 247 27.97 -4.55 -57.63
N MET C 248 27.13 -4.86 -58.62
CA MET C 248 26.96 -6.24 -59.07
C MET C 248 28.26 -6.74 -59.68
N LYS C 249 28.92 -5.90 -60.47
CA LYS C 249 30.18 -6.29 -61.09
C LYS C 249 31.27 -6.56 -60.05
N ASP C 250 31.12 -5.98 -58.86
CA ASP C 250 32.11 -6.22 -57.80
C ASP C 250 32.12 -7.70 -57.42
N LEU C 251 31.02 -8.39 -57.71
CA LEU C 251 30.92 -9.82 -57.40
C LEU C 251 31.39 -10.71 -58.54
N GLY C 252 31.88 -10.09 -59.62
CA GLY C 252 32.37 -10.88 -60.73
C GLY C 252 31.43 -11.13 -61.88
N VAL C 253 30.20 -10.62 -61.79
CA VAL C 253 29.24 -10.81 -62.87
C VAL C 253 29.74 -10.11 -64.13
N LYS C 254 29.69 -10.82 -65.26
CA LYS C 254 30.15 -10.28 -66.53
C LYS C 254 28.96 -9.86 -67.39
N ILE C 255 29.14 -8.78 -68.16
CA ILE C 255 28.08 -8.30 -69.04
C ILE C 255 28.64 -8.14 -70.45
N ILE C 256 27.96 -8.73 -71.41
CA ILE C 256 28.38 -8.64 -72.80
C ILE C 256 27.27 -7.98 -73.60
N CYS C 257 27.52 -6.77 -74.09
CA CYS C 257 26.54 -6.04 -74.87
C CYS C 257 26.65 -6.38 -76.35
N GLY C 258 25.59 -6.06 -77.10
CA GLY C 258 25.57 -6.35 -78.52
C GLY C 258 25.29 -7.81 -78.82
N LYS C 259 24.74 -8.52 -77.84
CA LYS C 259 24.40 -9.93 -78.00
C LYS C 259 22.93 -10.14 -77.76
N SER C 260 22.23 -10.67 -78.77
CA SER C 260 20.79 -10.88 -78.63
C SER C 260 20.33 -12.33 -78.62
N LEU C 261 19.27 -12.56 -77.88
CA LEU C 261 18.62 -13.87 -77.82
C LEU C 261 17.76 -13.80 -79.08
N SER C 262 18.15 -14.51 -80.14
CA SER C 262 17.41 -14.51 -81.40
C SER C 262 17.90 -15.69 -82.23
N GLU C 263 17.04 -16.21 -83.10
CA GLU C 263 17.36 -17.38 -83.92
C GLU C 263 18.78 -17.58 -84.47
N ASN C 264 19.32 -16.61 -85.20
CA ASN C 264 20.66 -16.79 -85.74
C ASN C 264 21.76 -16.24 -84.86
N GLU C 265 21.38 -15.93 -83.63
CA GLU C 265 22.34 -15.40 -82.67
C GLU C 265 22.33 -16.36 -81.49
N ILE C 266 21.99 -15.86 -80.31
CA ILE C 266 21.94 -16.72 -79.14
C ILE C 266 20.57 -17.35 -78.99
N THR C 267 20.54 -18.66 -78.78
CA THR C 267 19.29 -19.37 -78.56
C THR C 267 19.52 -20.32 -77.40
N LEU C 268 18.45 -20.88 -76.86
CA LEU C 268 18.60 -21.82 -75.75
C LEU C 268 19.41 -23.01 -76.22
N ASN C 269 19.24 -23.39 -77.48
CA ASN C 269 19.98 -24.52 -78.02
C ASN C 269 21.47 -24.25 -78.14
N THR C 270 21.84 -23.06 -78.59
CA THR C 270 23.26 -22.76 -78.73
C THR C 270 23.90 -22.66 -77.35
N LEU C 271 23.18 -22.11 -76.38
CA LEU C 271 23.70 -22.00 -75.02
C LEU C 271 23.94 -23.40 -74.45
N LYS C 272 22.95 -24.27 -74.61
CA LYS C 272 23.07 -25.63 -74.11
C LYS C 272 24.26 -26.31 -74.79
N GLU C 273 24.39 -26.09 -76.08
CA GLU C 273 25.50 -26.67 -76.84
C GLU C 273 26.84 -26.17 -76.35
N GLU C 274 26.87 -24.90 -75.95
CA GLU C 274 28.09 -24.29 -75.48
C GLU C 274 28.46 -24.65 -74.04
N GLY C 275 27.65 -25.48 -73.41
CA GLY C 275 27.94 -25.88 -72.06
C GLY C 275 27.31 -25.11 -70.92
N TYR C 276 26.43 -24.14 -71.21
CA TYR C 276 25.80 -23.40 -70.14
C TYR C 276 24.87 -24.35 -69.38
N LYS C 277 24.90 -24.28 -68.06
CA LYS C 277 24.09 -25.18 -67.22
C LYS C 277 22.73 -24.64 -66.81
N ALA C 278 22.55 -23.32 -66.90
CA ALA C 278 21.28 -22.72 -66.54
C ALA C 278 21.15 -21.38 -67.25
N ALA C 279 19.92 -20.98 -67.53
CA ALA C 279 19.69 -19.70 -68.20
C ALA C 279 18.49 -18.99 -67.60
N PHE C 280 18.59 -17.67 -67.49
CA PHE C 280 17.51 -16.85 -66.96
C PHE C 280 17.09 -15.88 -68.06
N ILE C 281 15.80 -15.90 -68.40
CA ILE C 281 15.27 -15.01 -69.43
C ILE C 281 14.71 -13.74 -68.80
N GLY C 282 15.40 -12.62 -69.04
CA GLY C 282 14.95 -11.36 -68.48
C GLY C 282 14.97 -10.25 -69.53
N ILE C 283 14.47 -10.56 -70.73
CA ILE C 283 14.48 -9.60 -71.83
C ILE C 283 13.28 -8.65 -71.87
N GLY C 284 12.41 -8.74 -70.88
CA GLY C 284 11.24 -7.88 -70.84
C GLY C 284 10.33 -7.97 -72.08
N LEU C 285 9.66 -6.86 -72.39
CA LEU C 285 8.77 -6.78 -73.56
C LEU C 285 9.41 -5.73 -74.48
N PRO C 286 10.26 -6.18 -75.41
CA PRO C 286 11.01 -5.38 -76.38
C PRO C 286 10.29 -4.51 -77.39
N GLU C 287 9.07 -4.86 -77.73
CA GLU C 287 8.35 -4.10 -78.75
C GLU C 287 7.12 -3.33 -78.30
N PRO C 288 6.78 -2.27 -79.05
CA PRO C 288 5.61 -1.43 -78.72
C PRO C 288 4.30 -2.06 -79.16
N LYS C 289 3.24 -1.84 -78.40
CA LYS C 289 1.94 -2.35 -78.80
C LYS C 289 1.51 -1.37 -79.90
N THR C 290 1.24 -1.90 -81.08
CA THR C 290 0.84 -1.05 -82.21
C THR C 290 -0.66 -0.98 -82.43
N ASP C 291 -1.06 -0.08 -83.33
CA ASP C 291 -2.47 0.10 -83.69
C ASP C 291 -2.52 0.35 -85.18
N ASP C 292 -3.46 -0.32 -85.85
CA ASP C 292 -3.63 -0.19 -87.29
C ASP C 292 -3.73 1.23 -87.83
N ILE C 293 -4.38 2.11 -87.09
CA ILE C 293 -4.55 3.47 -87.56
C ILE C 293 -3.26 4.27 -87.67
N PHE C 294 -2.17 3.74 -87.11
CA PHE C 294 -0.89 4.43 -87.18
C PHE C 294 0.04 3.85 -88.23
N GLN C 295 -0.43 2.84 -88.95
CA GLN C 295 0.39 2.20 -89.97
C GLN C 295 1.00 3.18 -90.98
N GLY C 296 2.31 3.04 -91.21
CA GLY C 296 2.99 3.89 -92.17
C GLY C 296 3.43 5.27 -91.69
N LEU C 297 2.92 5.73 -90.56
CA LEU C 297 3.30 7.04 -90.05
C LEU C 297 4.75 7.03 -89.59
N THR C 298 5.47 8.10 -89.91
CA THR C 298 6.89 8.21 -89.55
C THR C 298 7.16 9.31 -88.53
N GLN C 299 8.37 9.29 -87.98
CA GLN C 299 8.77 10.30 -87.02
C GLN C 299 8.83 11.67 -87.68
N ASP C 300 9.20 11.71 -88.95
CA ASP C 300 9.25 12.98 -89.65
C ASP C 300 7.88 13.62 -89.76
N GLN C 301 6.84 12.78 -89.84
CA GLN C 301 5.48 13.29 -89.93
C GLN C 301 5.01 13.69 -88.53
N GLY C 302 5.68 13.18 -87.51
CA GLY C 302 5.33 13.52 -86.15
C GLY C 302 4.82 12.39 -85.28
N PHE C 303 4.89 11.15 -85.75
CA PHE C 303 4.41 10.02 -84.98
C PHE C 303 5.50 9.19 -84.30
N TYR C 304 5.24 8.81 -83.06
CA TYR C 304 6.16 8.00 -82.28
C TYR C 304 5.38 7.03 -81.40
N THR C 305 5.99 5.88 -81.09
CA THR C 305 5.36 4.96 -80.15
C THR C 305 6.25 5.31 -78.95
N SER C 306 5.84 4.95 -77.75
CA SER C 306 6.66 5.26 -76.59
C SER C 306 8.05 4.62 -76.73
N LYS C 307 8.12 3.50 -77.44
CA LYS C 307 9.39 2.78 -77.64
C LYS C 307 10.36 3.53 -78.55
N ASP C 308 9.86 4.48 -79.32
CA ASP C 308 10.70 5.29 -80.21
C ASP C 308 11.09 6.57 -79.50
N PHE C 309 10.08 7.22 -78.92
CA PHE C 309 10.25 8.49 -78.24
C PHE C 309 11.11 8.53 -76.98
N LEU C 310 10.71 7.79 -75.95
CA LEU C 310 11.45 7.81 -74.69
C LEU C 310 12.95 7.50 -74.81
N PRO C 311 13.31 6.48 -75.60
CA PRO C 311 14.75 6.19 -75.70
C PRO C 311 15.52 7.36 -76.33
N LEU C 312 14.86 8.08 -77.24
CA LEU C 312 15.50 9.22 -77.89
C LEU C 312 15.79 10.31 -76.86
N VAL C 313 14.80 10.59 -76.01
CA VAL C 313 14.99 11.61 -74.98
C VAL C 313 16.03 11.15 -73.97
N ALA C 314 16.01 9.87 -73.62
CA ALA C 314 16.96 9.33 -72.65
C ALA C 314 18.40 9.42 -73.19
N LYS C 315 18.60 9.04 -74.44
CA LYS C 315 19.94 9.08 -75.04
C LYS C 315 20.51 10.49 -75.06
N SER C 316 19.63 11.47 -75.18
CA SER C 316 20.04 12.87 -75.20
C SER C 316 20.29 13.45 -73.82
N SER C 317 19.53 13.00 -72.83
CA SER C 317 19.64 13.54 -71.48
C SER C 317 20.45 12.75 -70.46
N LYS C 318 20.82 11.52 -70.81
CA LYS C 318 21.58 10.71 -69.87
C LYS C 318 23.03 10.54 -70.31
N ALA C 319 23.91 11.37 -69.75
CA ALA C 319 25.32 11.32 -70.07
C ALA C 319 25.88 9.98 -69.63
N GLY C 320 26.47 9.26 -70.59
CA GLY C 320 27.03 7.96 -70.28
C GLY C 320 26.15 6.83 -70.75
N MET C 321 24.98 7.16 -71.30
CA MET C 321 24.06 6.13 -71.79
C MET C 321 24.34 5.77 -73.24
N CYS C 322 24.42 6.80 -74.08
CA CYS C 322 24.68 6.61 -75.50
C CYS C 322 25.59 7.72 -76.00
N ALA C 323 26.88 7.43 -76.09
CA ALA C 323 27.87 8.39 -76.53
C ALA C 323 27.42 9.18 -77.76
N CYS C 324 27.00 8.48 -78.81
CA CYS C 324 26.54 9.16 -80.01
C CYS C 324 25.02 9.08 -80.11
N HIS C 325 24.37 10.16 -79.69
CA HIS C 325 22.92 10.23 -79.71
C HIS C 325 22.47 11.50 -80.42
N SER C 326 21.38 11.40 -81.18
CA SER C 326 20.85 12.55 -81.90
C SER C 326 20.40 13.63 -80.95
N PRO C 327 20.22 14.86 -81.47
CA PRO C 327 19.79 15.99 -80.64
C PRO C 327 18.47 15.68 -79.94
N LEU C 328 18.16 16.45 -78.90
CA LEU C 328 16.92 16.25 -78.17
C LEU C 328 15.84 16.36 -79.24
N PRO C 329 14.94 15.36 -79.31
CA PRO C 329 13.88 15.40 -80.32
C PRO C 329 13.26 16.78 -80.43
N SER C 330 13.09 17.26 -81.66
CA SER C 330 12.49 18.57 -81.87
C SER C 330 10.98 18.42 -81.87
N ILE C 331 10.37 18.64 -80.72
CA ILE C 331 8.93 18.52 -80.62
C ILE C 331 8.33 19.88 -80.37
N ARG C 332 7.65 20.39 -81.38
CA ARG C 332 7.02 21.69 -81.25
C ARG C 332 5.58 21.71 -81.67
N GLY C 333 4.81 22.49 -80.94
CA GLY C 333 3.38 22.58 -81.19
C GLY C 333 2.64 21.77 -80.15
N ALA C 334 1.44 21.34 -80.51
CA ALA C 334 0.62 20.54 -79.60
C ALA C 334 0.98 19.07 -79.74
N VAL C 335 1.09 18.40 -78.60
CA VAL C 335 1.42 16.98 -78.58
C VAL C 335 0.28 16.18 -77.98
N ILE C 336 -0.06 15.08 -78.64
CA ILE C 336 -1.11 14.21 -78.17
C ILE C 336 -0.48 12.90 -77.73
N VAL C 337 -0.64 12.55 -76.46
CA VAL C 337 -0.12 11.29 -75.94
C VAL C 337 -1.35 10.43 -75.71
N LEU C 338 -1.35 9.24 -76.30
CA LEU C 338 -2.48 8.32 -76.18
C LEU C 338 -2.18 7.22 -75.16
N GLY C 339 -3.06 7.08 -74.16
CA GLY C 339 -2.86 6.07 -73.13
C GLY C 339 -2.94 6.68 -71.75
N ALA C 340 -3.05 5.82 -70.73
CA ALA C 340 -3.15 6.27 -69.35
C ALA C 340 -2.32 5.47 -68.36
N GLY C 341 -1.29 4.79 -68.84
CA GLY C 341 -0.43 4.02 -67.95
C GLY C 341 0.80 4.84 -67.58
N ASP C 342 1.75 4.24 -66.87
CA ASP C 342 2.96 4.95 -66.47
C ASP C 342 3.64 5.59 -67.66
N THR C 343 3.72 4.85 -68.75
CA THR C 343 4.39 5.31 -69.95
C THR C 343 3.79 6.60 -70.51
N ALA C 344 2.47 6.67 -70.57
CA ALA C 344 1.80 7.84 -71.11
C ALA C 344 2.22 9.10 -70.38
N PHE C 345 2.26 9.03 -69.06
CA PHE C 345 2.64 10.20 -68.28
C PHE C 345 4.11 10.60 -68.41
N ASP C 346 5.00 9.62 -68.61
CA ASP C 346 6.41 9.96 -68.79
C ASP C 346 6.61 10.55 -70.19
N CYS C 347 5.78 10.14 -71.14
CA CYS C 347 5.88 10.68 -72.49
C CYS C 347 5.43 12.13 -72.45
N ALA C 348 4.37 12.39 -71.68
CA ALA C 348 3.82 13.73 -71.55
C ALA C 348 4.81 14.71 -70.93
N THR C 349 5.41 14.32 -69.80
CA THR C 349 6.38 15.18 -69.14
C THR C 349 7.65 15.33 -69.98
N SER C 350 8.07 14.25 -70.63
CA SER C 350 9.27 14.29 -71.47
C SER C 350 9.07 15.19 -72.69
N ALA C 351 7.85 15.20 -73.23
CA ALA C 351 7.55 16.04 -74.40
C ALA C 351 7.81 17.52 -74.06
N LEU C 352 7.47 17.92 -72.84
CA LEU C 352 7.70 19.29 -72.42
C LEU C 352 9.19 19.64 -72.44
N ARG C 353 10.04 18.67 -72.08
CA ARG C 353 11.48 18.89 -72.09
C ARG C 353 12.00 19.06 -73.52
N CYS C 354 11.23 18.56 -74.49
CA CYS C 354 11.61 18.64 -75.90
C CYS C 354 11.13 19.94 -76.54
N GLY C 355 10.41 20.75 -75.77
CA GLY C 355 9.94 22.02 -76.28
C GLY C 355 8.46 22.09 -76.64
N ALA C 356 7.70 21.05 -76.31
CA ALA C 356 6.28 21.04 -76.62
C ALA C 356 5.57 22.27 -76.08
N ARG C 357 4.71 22.87 -76.90
CA ARG C 357 3.97 24.05 -76.49
C ARG C 357 2.81 23.64 -75.59
N ARG C 358 2.22 22.50 -75.89
CA ARG C 358 1.09 22.00 -75.12
C ARG C 358 1.00 20.48 -75.25
N VAL C 359 0.54 19.83 -74.19
CA VAL C 359 0.43 18.38 -74.19
C VAL C 359 -0.95 17.90 -73.74
N PHE C 360 -1.55 17.02 -74.53
CA PHE C 360 -2.84 16.46 -74.22
C PHE C 360 -2.71 14.95 -73.96
N LEU C 361 -3.19 14.51 -72.82
CA LEU C 361 -3.16 13.09 -72.49
C LEU C 361 -4.59 12.65 -72.80
N VAL C 362 -4.74 11.78 -73.79
CA VAL C 362 -6.05 11.31 -74.23
C VAL C 362 -6.23 9.82 -73.99
N PHE C 363 -7.24 9.47 -73.20
CA PHE C 363 -7.51 8.07 -72.90
C PHE C 363 -8.92 7.67 -73.30
N ARG C 364 -9.11 6.39 -73.58
CA ARG C 364 -10.41 5.88 -74.01
C ARG C 364 -11.40 5.61 -72.89
N LYS C 365 -10.94 5.69 -71.65
CA LYS C 365 -11.84 5.47 -70.51
C LYS C 365 -11.90 6.76 -69.69
N GLY C 366 -12.40 6.68 -68.46
CA GLY C 366 -12.49 7.88 -67.65
C GLY C 366 -11.31 8.12 -66.72
N PHE C 367 -11.38 9.22 -65.97
CA PHE C 367 -10.31 9.55 -65.03
C PHE C 367 -10.13 8.50 -63.97
N VAL C 368 -11.25 7.96 -63.50
CA VAL C 368 -11.25 6.93 -62.47
C VAL C 368 -10.48 5.70 -62.95
N ASN C 369 -10.45 5.52 -64.27
CA ASN C 369 -9.78 4.36 -64.87
C ASN C 369 -8.29 4.52 -65.16
N ILE C 370 -7.71 5.66 -64.81
CA ILE C 370 -6.28 5.84 -65.06
C ILE C 370 -5.50 4.72 -64.36
N ARG C 371 -4.52 4.15 -65.05
CA ARG C 371 -3.72 3.05 -64.51
C ARG C 371 -2.59 3.44 -63.58
N ALA C 372 -1.85 4.48 -63.96
CA ALA C 372 -0.72 4.95 -63.18
C ALA C 372 -1.13 5.38 -61.78
N VAL C 373 -0.22 5.25 -60.82
CA VAL C 373 -0.51 5.66 -59.46
C VAL C 373 -0.67 7.17 -59.45
N PRO C 374 -1.45 7.70 -58.49
CA PRO C 374 -1.71 9.14 -58.37
C PRO C 374 -0.45 10.02 -58.37
N GLU C 375 0.61 9.54 -57.72
CA GLU C 375 1.87 10.29 -57.64
C GLU C 375 2.46 10.56 -59.01
N GLU C 376 2.33 9.60 -59.92
CA GLU C 376 2.85 9.73 -61.28
C GLU C 376 1.95 10.70 -62.05
N VAL C 377 0.64 10.54 -61.89
CA VAL C 377 -0.31 11.41 -62.56
C VAL C 377 -0.12 12.86 -62.13
N GLU C 378 0.18 13.04 -60.84
CA GLU C 378 0.40 14.37 -60.27
C GLU C 378 1.51 15.16 -60.96
N LEU C 379 2.57 14.48 -61.38
CA LEU C 379 3.68 15.15 -62.06
C LEU C 379 3.25 15.79 -63.38
N ALA C 380 2.43 15.07 -64.14
CA ALA C 380 1.94 15.60 -65.43
C ALA C 380 0.92 16.70 -65.16
N LYS C 381 0.11 16.49 -64.13
CA LYS C 381 -0.92 17.44 -63.74
C LYS C 381 -0.33 18.78 -63.32
N GLU C 382 0.69 18.73 -62.46
CA GLU C 382 1.33 19.95 -61.98
C GLU C 382 2.08 20.69 -63.09
N GLU C 383 2.41 19.99 -64.17
CA GLU C 383 3.11 20.63 -65.28
C GLU C 383 2.12 21.09 -66.35
N LYS C 384 0.85 21.15 -65.95
CA LYS C 384 -0.23 21.60 -66.81
C LYS C 384 -0.60 20.81 -68.05
N CYS C 385 -0.46 19.49 -68.00
CA CYS C 385 -0.84 18.68 -69.15
C CYS C 385 -2.37 18.62 -69.09
N GLU C 386 -3.03 18.63 -70.24
CA GLU C 386 -4.48 18.56 -70.27
C GLU C 386 -4.92 17.11 -70.41
N PHE C 387 -6.00 16.74 -69.72
CA PHE C 387 -6.50 15.38 -69.78
C PHE C 387 -7.84 15.30 -70.50
N LEU C 388 -7.93 14.45 -71.50
CA LEU C 388 -9.17 14.29 -72.27
C LEU C 388 -9.66 12.84 -72.18
N PRO C 389 -10.68 12.59 -71.35
CA PRO C 389 -11.26 11.26 -71.14
C PRO C 389 -12.26 10.80 -72.21
N PHE C 390 -12.59 9.52 -72.17
CA PHE C 390 -13.55 8.89 -73.07
C PHE C 390 -13.37 9.17 -74.55
N LEU C 391 -12.15 9.03 -75.05
CA LEU C 391 -11.87 9.25 -76.46
C LEU C 391 -11.02 8.12 -77.05
N SER C 392 -11.49 7.58 -78.17
CA SER C 392 -10.79 6.52 -78.86
C SER C 392 -10.30 7.00 -80.21
N PRO C 393 -8.99 6.86 -80.49
CA PRO C 393 -8.41 7.30 -81.76
C PRO C 393 -8.99 6.56 -82.96
N ARG C 394 -9.24 7.29 -84.05
CA ARG C 394 -9.79 6.69 -85.25
C ARG C 394 -8.96 7.02 -86.49
N LYS C 395 -8.51 8.26 -86.59
CA LYS C 395 -7.72 8.69 -87.74
C LYS C 395 -6.69 9.77 -87.43
N VAL C 396 -5.56 9.69 -88.11
CA VAL C 396 -4.50 10.68 -87.96
C VAL C 396 -4.45 11.44 -89.29
N ILE C 397 -4.48 12.78 -89.24
CA ILE C 397 -4.47 13.60 -90.43
C ILE C 397 -3.10 14.21 -90.74
N VAL C 398 -2.63 14.01 -91.96
CA VAL C 398 -1.33 14.50 -92.39
C VAL C 398 -1.43 15.49 -93.56
N LYS C 399 -0.76 16.63 -93.44
CA LYS C 399 -0.74 17.63 -94.49
C LYS C 399 0.65 18.26 -94.60
N GLY C 400 1.11 18.43 -95.84
CA GLY C 400 2.43 19.02 -96.04
C GLY C 400 3.53 18.14 -95.48
N GLY C 401 3.23 16.84 -95.32
CA GLY C 401 4.20 15.91 -94.79
C GLY C 401 4.29 15.94 -93.28
N ARG C 402 3.32 16.59 -92.63
CA ARG C 402 3.29 16.72 -91.18
C ARG C 402 1.92 16.43 -90.59
N ILE C 403 1.88 15.78 -89.44
CA ILE C 403 0.62 15.50 -88.77
C ILE C 403 0.02 16.85 -88.37
N VAL C 404 -1.29 16.99 -88.52
CA VAL C 404 -1.96 18.23 -88.16
C VAL C 404 -3.17 18.03 -87.23
N ALA C 405 -3.69 16.81 -87.15
CA ALA C 405 -4.84 16.50 -86.29
C ALA C 405 -5.11 15.01 -86.14
N VAL C 406 -5.92 14.66 -85.13
CA VAL C 406 -6.30 13.28 -84.87
C VAL C 406 -7.80 13.29 -84.61
N GLN C 407 -8.53 12.39 -85.26
CA GLN C 407 -9.97 12.29 -85.07
C GLN C 407 -10.28 11.15 -84.12
N PHE C 408 -11.13 11.40 -83.14
CA PHE C 408 -11.51 10.39 -82.17
C PHE C 408 -13.02 10.18 -82.18
N VAL C 409 -13.46 9.10 -81.55
CA VAL C 409 -14.86 8.80 -81.40
C VAL C 409 -15.05 8.70 -79.91
N ARG C 410 -16.25 9.00 -79.45
CA ARG C 410 -16.54 8.96 -78.04
C ARG C 410 -16.76 7.55 -77.51
N THR C 411 -16.43 7.34 -76.25
CA THR C 411 -16.58 6.04 -75.62
C THR C 411 -17.50 6.20 -74.42
N GLU C 412 -18.15 5.13 -74.02
CA GLU C 412 -19.06 5.18 -72.89
C GLU C 412 -19.44 3.77 -72.49
N GLN C 413 -19.77 3.60 -71.21
CA GLN C 413 -20.18 2.30 -70.69
C GLN C 413 -21.69 2.21 -70.60
N ASP C 414 -22.25 1.10 -71.07
CA ASP C 414 -23.69 0.91 -70.96
C ASP C 414 -23.88 0.26 -69.60
N GLU C 415 -25.13 0.13 -69.15
CA GLU C 415 -25.38 -0.46 -67.84
C GLU C 415 -25.07 -1.96 -67.81
N THR C 416 -24.02 -2.37 -68.52
CA THR C 416 -23.62 -3.76 -68.57
C THR C 416 -22.10 -3.86 -68.50
N GLY C 417 -21.47 -2.75 -68.16
CA GLY C 417 -20.02 -2.71 -68.03
C GLY C 417 -19.29 -2.61 -69.36
N LYS C 418 -19.86 -3.18 -70.41
CA LYS C 418 -19.25 -3.18 -71.73
C LYS C 418 -18.96 -1.77 -72.26
N TRP C 419 -17.67 -1.48 -72.46
CA TRP C 419 -17.28 -0.20 -73.00
C TRP C 419 -17.65 -0.17 -74.47
N ASN C 420 -18.34 0.88 -74.89
CA ASN C 420 -18.74 1.01 -76.29
C ASN C 420 -18.25 2.30 -76.92
N GLU C 421 -18.23 2.32 -78.25
CA GLU C 421 -17.79 3.49 -79.01
C GLU C 421 -18.97 4.09 -79.77
N ASP C 422 -19.15 5.40 -79.67
CA ASP C 422 -20.24 6.08 -80.35
C ASP C 422 -19.79 6.74 -81.66
N GLU C 423 -20.08 6.06 -82.77
CA GLU C 423 -19.71 6.54 -84.10
C GLU C 423 -20.15 7.96 -84.42
N ASP C 424 -21.37 8.31 -84.02
CA ASP C 424 -21.91 9.62 -84.31
C ASP C 424 -21.36 10.78 -83.48
N GLN C 425 -20.59 10.46 -82.44
CA GLN C 425 -20.03 11.49 -81.58
C GLN C 425 -18.51 11.52 -81.74
N ILE C 426 -18.05 12.45 -82.58
CA ILE C 426 -16.63 12.55 -82.86
C ILE C 426 -15.94 13.81 -82.38
N VAL C 427 -14.61 13.75 -82.36
CA VAL C 427 -13.78 14.84 -81.92
C VAL C 427 -12.60 15.01 -82.89
N HIS C 428 -12.36 16.26 -83.30
CA HIS C 428 -11.28 16.59 -84.21
C HIS C 428 -10.27 17.43 -83.41
N LEU C 429 -9.21 16.80 -82.95
CA LEU C 429 -8.21 17.50 -82.15
C LEU C 429 -6.95 17.86 -82.93
N LYS C 430 -6.62 19.15 -82.97
CA LYS C 430 -5.43 19.61 -83.66
C LYS C 430 -4.17 19.17 -82.92
N ALA C 431 -3.16 18.75 -83.66
CA ALA C 431 -1.91 18.30 -83.05
C ALA C 431 -0.79 18.24 -84.09
N ASP C 432 0.44 18.40 -83.61
CA ASP C 432 1.61 18.35 -84.49
C ASP C 432 2.41 17.07 -84.25
N VAL C 433 2.28 16.52 -83.05
CA VAL C 433 2.98 15.29 -82.69
C VAL C 433 2.03 14.34 -81.98
N VAL C 434 2.16 13.05 -82.29
CA VAL C 434 1.32 12.02 -81.68
C VAL C 434 2.24 10.92 -81.14
N ILE C 435 2.04 10.56 -79.88
CA ILE C 435 2.86 9.52 -79.24
C ILE C 435 1.92 8.47 -78.66
N SER C 436 2.01 7.24 -79.15
CA SER C 436 1.15 6.19 -78.60
C SER C 436 1.87 5.51 -77.45
N ALA C 437 1.17 5.35 -76.34
CA ALA C 437 1.70 4.71 -75.14
C ALA C 437 0.73 3.60 -74.77
N PHE C 438 0.54 2.68 -75.70
CA PHE C 438 -0.38 1.55 -75.53
C PHE C 438 0.24 0.33 -74.85
N GLY C 439 1.49 0.45 -74.40
CA GLY C 439 2.13 -0.66 -73.74
C GLY C 439 3.19 -1.34 -74.61
N SER C 440 3.70 -2.46 -74.14
CA SER C 440 4.73 -3.19 -74.87
C SER C 440 4.39 -4.66 -74.98
N VAL C 441 5.04 -5.34 -75.92
CA VAL C 441 4.78 -6.76 -76.16
C VAL C 441 6.03 -7.46 -76.69
N LEU C 442 5.92 -8.79 -76.81
CA LEU C 442 6.98 -9.63 -77.37
C LEU C 442 6.35 -10.21 -78.63
N ARG C 443 6.85 -9.81 -79.79
CA ARG C 443 6.30 -10.29 -81.06
C ARG C 443 7.30 -10.89 -82.02
N ASP C 444 8.50 -10.35 -82.04
CA ASP C 444 9.54 -10.83 -82.96
C ASP C 444 9.58 -12.36 -83.02
N PRO C 445 9.16 -12.93 -84.16
CA PRO C 445 9.17 -14.39 -84.32
C PRO C 445 10.55 -15.00 -84.07
N LYS C 446 11.60 -14.30 -84.49
CA LYS C 446 12.96 -14.80 -84.30
C LYS C 446 13.38 -14.88 -82.84
N VAL C 447 12.86 -13.96 -82.02
CA VAL C 447 13.18 -13.97 -80.60
C VAL C 447 12.43 -15.10 -79.90
N LYS C 448 11.17 -15.27 -80.27
CA LYS C 448 10.35 -16.33 -79.69
C LYS C 448 10.88 -17.70 -80.08
N GLU C 449 11.32 -17.83 -81.32
CA GLU C 449 11.86 -19.09 -81.81
C GLU C 449 13.12 -19.46 -81.03
N ALA C 450 13.88 -18.45 -80.62
CA ALA C 450 15.12 -18.66 -79.87
C ALA C 450 14.85 -19.29 -78.50
N LEU C 451 13.60 -19.23 -78.06
CA LEU C 451 13.22 -19.78 -76.77
C LEU C 451 12.67 -21.20 -76.86
N SER C 452 12.75 -21.79 -78.04
CA SER C 452 12.27 -23.16 -78.22
C SER C 452 13.08 -24.08 -77.32
N PRO C 453 12.44 -25.10 -76.73
CA PRO C 453 11.02 -25.42 -76.86
C PRO C 453 10.16 -25.13 -75.64
N ILE C 454 10.49 -24.09 -74.87
CA ILE C 454 9.68 -23.81 -73.68
C ILE C 454 8.24 -23.46 -74.01
N LYS C 455 7.33 -23.83 -73.12
CA LYS C 455 5.91 -23.56 -73.32
C LYS C 455 5.55 -22.09 -73.12
N PHE C 456 4.66 -21.60 -73.97
CA PHE C 456 4.17 -20.22 -73.90
C PHE C 456 2.68 -20.32 -73.54
N ASN C 457 2.19 -19.41 -72.71
CA ASN C 457 0.79 -19.43 -72.31
C ASN C 457 -0.11 -18.75 -73.33
N ARG C 458 -1.39 -18.62 -73.01
CA ARG C 458 -2.34 -18.01 -73.92
C ARG C 458 -2.09 -16.52 -74.17
N TRP C 459 -1.26 -15.89 -73.33
CA TRP C 459 -0.95 -14.48 -73.51
C TRP C 459 0.26 -14.39 -74.42
N ASP C 460 0.75 -15.54 -74.86
CA ASP C 460 1.92 -15.61 -75.73
C ASP C 460 3.20 -15.18 -75.02
N LEU C 461 3.31 -15.53 -73.74
CA LEU C 461 4.49 -15.21 -72.96
C LEU C 461 5.04 -16.50 -72.37
N PRO C 462 6.34 -16.54 -72.07
CA PRO C 462 6.94 -17.75 -71.49
C PRO C 462 6.22 -18.11 -70.20
N GLU C 463 5.81 -19.36 -70.07
CA GLU C 463 5.10 -19.81 -68.88
C GLU C 463 6.08 -20.30 -67.82
N VAL C 464 5.85 -19.89 -66.58
CA VAL C 464 6.72 -20.33 -65.48
C VAL C 464 5.92 -20.66 -64.23
N ASP C 465 6.53 -21.44 -63.35
CA ASP C 465 5.90 -21.79 -62.09
C ASP C 465 6.05 -20.51 -61.26
N PRO C 466 4.94 -19.96 -60.75
CA PRO C 466 4.98 -18.72 -59.94
C PRO C 466 5.84 -18.75 -58.68
N GLU C 467 6.19 -19.94 -58.21
CA GLU C 467 7.01 -20.06 -57.01
C GLU C 467 8.49 -20.21 -57.33
N THR C 468 8.81 -21.00 -58.34
CA THR C 468 10.20 -21.27 -58.71
C THR C 468 10.74 -20.44 -59.89
N MET C 469 9.84 -19.86 -60.68
CA MET C 469 10.22 -19.06 -61.85
C MET C 469 10.79 -19.96 -62.95
N GLN C 470 10.61 -21.27 -62.80
CA GLN C 470 11.12 -22.25 -63.76
C GLN C 470 10.17 -22.43 -64.94
N THR C 471 10.72 -22.49 -66.15
CA THR C 471 9.91 -22.69 -67.35
C THR C 471 9.67 -24.19 -67.51
N SER C 472 9.08 -24.59 -68.64
CA SER C 472 8.82 -26.00 -68.90
C SER C 472 10.13 -26.78 -69.03
N GLU C 473 11.22 -26.07 -69.32
CA GLU C 473 12.54 -26.69 -69.42
C GLU C 473 13.20 -26.43 -68.07
N PRO C 474 13.52 -27.50 -67.33
CA PRO C 474 14.15 -27.36 -66.01
C PRO C 474 15.37 -26.46 -65.85
N TRP C 475 16.22 -26.37 -66.87
CA TRP C 475 17.40 -25.53 -66.77
C TRP C 475 17.16 -24.07 -67.18
N VAL C 476 15.93 -23.74 -67.58
CA VAL C 476 15.61 -22.38 -67.99
C VAL C 476 14.57 -21.72 -67.09
N PHE C 477 14.89 -20.51 -66.63
CA PHE C 477 14.02 -19.75 -65.75
C PHE C 477 13.72 -18.39 -66.40
N ALA C 478 12.72 -17.68 -65.88
CA ALA C 478 12.36 -16.38 -66.43
C ALA C 478 11.72 -15.50 -65.38
N GLY C 479 11.83 -14.19 -65.56
CA GLY C 479 11.26 -13.26 -64.61
C GLY C 479 11.21 -11.85 -65.16
N GLY C 480 10.46 -10.98 -64.49
CA GLY C 480 10.35 -9.61 -64.95
C GLY C 480 9.20 -9.42 -65.90
N ASP C 481 9.24 -8.34 -66.67
CA ASP C 481 8.17 -8.04 -67.63
C ASP C 481 7.84 -9.17 -68.59
N ILE C 482 8.84 -9.95 -68.99
CA ILE C 482 8.60 -11.04 -69.93
C ILE C 482 7.61 -12.07 -69.40
N VAL C 483 7.54 -12.22 -68.09
CA VAL C 483 6.62 -13.18 -67.49
C VAL C 483 5.19 -12.63 -67.47
N GLY C 484 5.07 -11.31 -67.53
CA GLY C 484 3.76 -10.69 -67.56
C GLY C 484 3.01 -10.51 -66.26
N MET C 485 3.68 -10.70 -65.13
CA MET C 485 3.04 -10.52 -63.84
C MET C 485 3.51 -9.23 -63.19
N ALA C 486 4.82 -9.01 -63.21
CA ALA C 486 5.43 -7.81 -62.62
C ALA C 486 4.90 -6.53 -63.27
N ASN C 487 4.65 -5.52 -62.45
CA ASN C 487 4.15 -4.21 -62.89
C ASN C 487 5.22 -3.17 -62.60
N THR C 488 6.22 -3.56 -61.82
CA THR C 488 7.22 -2.62 -61.37
C THR C 488 8.65 -3.13 -61.38
N THR C 489 9.56 -2.19 -61.13
CA THR C 489 10.98 -2.50 -61.06
C THR C 489 11.19 -3.44 -59.88
N VAL C 490 10.58 -3.12 -58.74
CA VAL C 490 10.76 -3.95 -57.55
C VAL C 490 10.24 -5.38 -57.72
N GLU C 491 9.11 -5.55 -58.41
CA GLU C 491 8.59 -6.90 -58.64
C GLU C 491 9.48 -7.66 -59.61
N SER C 492 10.09 -6.93 -60.55
CA SER C 492 10.98 -7.56 -61.50
C SER C 492 12.24 -8.00 -60.75
N VAL C 493 12.70 -7.15 -59.84
CA VAL C 493 13.86 -7.46 -59.02
C VAL C 493 13.53 -8.71 -58.19
N ASN C 494 12.34 -8.73 -57.60
CA ASN C 494 11.94 -9.88 -56.81
C ASN C 494 11.86 -11.17 -57.63
N ASP C 495 11.45 -11.07 -58.90
CA ASP C 495 11.36 -12.25 -59.76
C ASP C 495 12.75 -12.87 -59.92
N GLY C 496 13.75 -12.02 -60.13
CA GLY C 496 15.11 -12.51 -60.29
C GLY C 496 15.64 -13.11 -59.00
N LYS C 497 15.27 -12.47 -57.89
CA LYS C 497 15.67 -12.91 -56.55
C LYS C 497 15.09 -14.30 -56.29
N GLN C 498 13.80 -14.44 -56.56
CA GLN C 498 13.10 -15.69 -56.37
C GLN C 498 13.72 -16.78 -57.25
N ALA C 499 14.00 -16.43 -58.49
CA ALA C 499 14.58 -17.36 -59.45
C ALA C 499 15.97 -17.84 -59.05
N SER C 500 16.78 -16.94 -58.50
CA SER C 500 18.15 -17.29 -58.12
C SER C 500 18.22 -18.49 -57.17
N TRP C 501 17.31 -18.55 -56.20
CA TRP C 501 17.33 -19.66 -55.26
C TRP C 501 17.06 -21.01 -55.92
N TYR C 502 16.07 -21.05 -56.82
CA TYR C 502 15.75 -22.29 -57.49
C TYR C 502 16.73 -22.64 -58.59
N ILE C 503 17.40 -21.63 -59.14
CA ILE C 503 18.41 -21.89 -60.15
C ILE C 503 19.55 -22.58 -59.40
N HIS C 504 19.85 -22.06 -58.21
CA HIS C 504 20.88 -22.61 -57.33
C HIS C 504 20.55 -24.06 -56.99
N LYS C 505 19.31 -24.30 -56.56
CA LYS C 505 18.86 -25.63 -56.21
C LYS C 505 19.01 -26.58 -57.41
N TYR C 506 18.61 -26.11 -58.59
CA TYR C 506 18.71 -26.92 -59.81
C TYR C 506 20.15 -27.28 -60.15
N ILE C 507 21.03 -26.29 -60.20
CA ILE C 507 22.42 -26.52 -60.52
C ILE C 507 23.07 -27.50 -59.52
N GLN C 508 22.87 -27.24 -58.23
CA GLN C 508 23.44 -28.12 -57.21
C GLN C 508 22.99 -29.56 -57.44
N ALA C 509 21.71 -29.74 -57.72
CA ALA C 509 21.17 -31.08 -57.97
C ALA C 509 21.87 -31.73 -59.16
N GLN C 510 22.11 -30.94 -60.20
CA GLN C 510 22.78 -31.44 -61.39
C GLN C 510 24.17 -31.97 -61.04
N TYR C 511 24.78 -31.40 -60.01
CA TYR C 511 26.11 -31.86 -59.60
C TYR C 511 26.02 -32.85 -58.44
N GLY C 512 24.81 -33.37 -58.20
CA GLY C 512 24.62 -34.34 -57.13
C GLY C 512 24.66 -33.81 -55.72
N ALA C 513 24.36 -32.53 -55.55
CA ALA C 513 24.36 -31.94 -54.22
C ALA C 513 22.97 -31.43 -53.87
N SER C 514 22.63 -31.48 -52.59
CA SER C 514 21.33 -31.00 -52.13
C SER C 514 21.50 -29.63 -51.50
N VAL C 515 20.39 -28.90 -51.34
CA VAL C 515 20.43 -27.59 -50.71
C VAL C 515 19.42 -27.58 -49.56
N SER C 516 19.58 -26.63 -48.65
CA SER C 516 18.67 -26.55 -47.51
C SER C 516 17.23 -26.44 -47.98
N ALA C 517 16.33 -27.06 -47.22
CA ALA C 517 14.90 -27.03 -47.56
C ALA C 517 14.39 -25.62 -47.38
N LYS C 518 15.04 -24.87 -46.47
CA LYS C 518 14.65 -23.50 -46.21
C LYS C 518 15.58 -22.56 -46.99
N PRO C 519 15.00 -21.69 -47.82
CA PRO C 519 15.74 -20.72 -48.64
C PRO C 519 16.75 -19.92 -47.82
N GLU C 520 17.97 -19.83 -48.32
CA GLU C 520 19.01 -19.09 -47.61
C GLU C 520 19.81 -18.15 -48.51
N LEU C 521 19.15 -17.15 -49.07
CA LEU C 521 19.85 -16.19 -49.91
C LEU C 521 20.71 -15.33 -48.99
N PRO C 522 21.98 -15.09 -49.36
CA PRO C 522 22.87 -14.27 -48.54
C PRO C 522 22.52 -12.79 -48.50
N LEU C 523 22.98 -12.12 -47.44
CA LEU C 523 22.76 -10.70 -47.28
C LEU C 523 23.80 -9.97 -48.15
N PHE C 524 23.77 -8.65 -48.09
CA PHE C 524 24.68 -7.77 -48.83
C PHE C 524 25.87 -7.44 -47.90
N TYR C 525 27.09 -7.56 -48.41
CA TYR C 525 28.27 -7.25 -47.59
C TYR C 525 29.26 -6.28 -48.25
N THR C 526 30.04 -5.58 -47.42
CA THR C 526 31.06 -4.63 -47.88
C THR C 526 32.23 -4.78 -46.91
N PRO C 527 33.37 -4.13 -47.20
CA PRO C 527 34.54 -4.23 -46.30
C PRO C 527 34.25 -3.70 -44.89
N VAL C 528 33.24 -2.84 -44.77
CA VAL C 528 32.87 -2.28 -43.48
C VAL C 528 32.52 -3.39 -42.49
N ASP C 529 31.88 -4.43 -43.00
CA ASP C 529 31.48 -5.56 -42.16
C ASP C 529 32.64 -6.32 -41.54
N LEU C 530 33.83 -6.15 -42.10
CA LEU C 530 35.01 -6.81 -41.59
C LEU C 530 35.68 -6.06 -40.44
N VAL C 531 35.23 -4.84 -40.18
CA VAL C 531 35.82 -4.04 -39.11
C VAL C 531 35.65 -4.68 -37.73
N ASP C 532 36.75 -4.75 -36.99
CA ASP C 532 36.74 -5.34 -35.66
C ASP C 532 36.30 -4.32 -34.62
N ILE C 533 35.23 -4.61 -33.90
CA ILE C 533 34.76 -3.68 -32.87
C ILE C 533 34.82 -4.31 -31.47
N SER C 534 35.71 -5.27 -31.29
CA SER C 534 35.87 -5.91 -30.00
C SER C 534 36.69 -4.97 -29.12
N VAL C 535 36.61 -5.15 -27.81
CA VAL C 535 37.36 -4.32 -26.89
C VAL C 535 37.63 -5.10 -25.61
N GLU C 536 38.77 -4.82 -24.99
CA GLU C 536 39.13 -5.50 -23.75
C GLU C 536 39.09 -4.48 -22.63
N MET C 537 38.52 -4.87 -21.49
CA MET C 537 38.44 -3.98 -20.34
C MET C 537 38.52 -4.76 -19.04
N ALA C 538 39.39 -4.31 -18.13
CA ALA C 538 39.55 -4.95 -16.84
C ALA C 538 39.78 -6.45 -16.97
N GLY C 539 40.51 -6.85 -18.01
CA GLY C 539 40.81 -8.25 -18.22
C GLY C 539 39.72 -9.05 -18.92
N LEU C 540 38.61 -8.40 -19.25
CA LEU C 540 37.50 -9.06 -19.91
C LEU C 540 37.47 -8.74 -21.40
N LYS C 541 37.12 -9.71 -22.21
CA LYS C 541 37.03 -9.53 -23.65
C LYS C 541 35.57 -9.39 -24.08
N PHE C 542 35.23 -8.26 -24.69
CA PHE C 542 33.87 -8.01 -25.18
C PHE C 542 33.89 -8.13 -26.70
N ILE C 543 32.98 -8.92 -27.27
CA ILE C 543 32.94 -9.07 -28.73
C ILE C 543 32.53 -7.75 -29.39
N ASN C 544 31.78 -6.93 -28.66
CA ASN C 544 31.39 -5.59 -29.11
C ASN C 544 31.15 -4.81 -27.83
N PRO C 545 31.27 -3.48 -27.88
CA PRO C 545 31.07 -2.66 -26.69
C PRO C 545 29.67 -2.37 -26.19
N PHE C 546 28.65 -2.95 -26.83
CA PHE C 546 27.28 -2.67 -26.41
C PHE C 546 26.68 -3.74 -25.49
N GLY C 547 26.06 -3.28 -24.40
CA GLY C 547 25.46 -4.20 -23.47
C GLY C 547 24.17 -3.66 -22.87
N LEU C 548 23.40 -4.54 -22.26
CA LEU C 548 22.14 -4.16 -21.62
C LEU C 548 22.44 -3.74 -20.18
N ALA C 549 21.97 -2.55 -19.80
CA ALA C 549 22.17 -2.08 -18.44
C ALA C 549 21.27 -2.88 -17.51
N SER C 550 21.53 -2.79 -16.22
CA SER C 550 20.73 -3.49 -15.24
C SER C 550 19.42 -2.69 -15.21
N ALA C 551 18.38 -3.21 -15.85
CA ALA C 551 17.11 -2.49 -15.89
C ALA C 551 15.96 -3.35 -16.42
N ALA C 552 14.87 -2.68 -16.81
CA ALA C 552 13.68 -3.36 -17.33
C ALA C 552 14.01 -4.37 -18.42
N PRO C 553 14.89 -4.01 -19.37
CA PRO C 553 15.23 -4.96 -20.44
C PRO C 553 15.91 -6.23 -19.91
N THR C 554 16.35 -6.21 -18.66
CA THR C 554 16.97 -7.41 -18.08
C THR C 554 16.14 -7.90 -16.90
N THR C 555 14.82 -7.70 -16.98
CA THR C 555 13.87 -8.11 -15.95
C THR C 555 13.93 -9.62 -15.73
N SER C 556 14.16 -10.37 -16.80
CA SER C 556 14.23 -11.83 -16.74
C SER C 556 15.42 -12.35 -17.51
N SER C 557 16.01 -13.45 -17.07
CA SER C 557 17.17 -14.02 -17.74
C SER C 557 16.83 -14.49 -19.16
N SER C 558 15.58 -14.88 -19.39
CA SER C 558 15.16 -15.33 -20.71
C SER C 558 15.32 -14.19 -21.71
N MET C 559 15.17 -12.96 -21.21
CA MET C 559 15.31 -11.77 -22.06
C MET C 559 16.78 -11.58 -22.44
N ILE C 560 17.66 -11.80 -21.47
CA ILE C 560 19.08 -11.66 -21.73
C ILE C 560 19.51 -12.70 -22.76
N ARG C 561 18.93 -13.90 -22.68
CA ARG C 561 19.25 -14.96 -23.64
C ARG C 561 18.92 -14.48 -25.05
N ARG C 562 17.73 -13.91 -25.22
CA ARG C 562 17.33 -13.43 -26.54
C ARG C 562 18.21 -12.26 -26.99
N ALA C 563 18.67 -11.45 -26.03
CA ALA C 563 19.52 -10.32 -26.36
C ALA C 563 20.86 -10.86 -26.90
N PHE C 564 21.39 -11.88 -26.24
CA PHE C 564 22.66 -12.46 -26.68
C PHE C 564 22.45 -13.10 -28.05
N GLU C 565 21.29 -13.70 -28.25
CA GLU C 565 20.99 -14.32 -29.54
C GLU C 565 20.95 -13.25 -30.62
N ALA C 566 20.47 -12.05 -30.26
CA ALA C 566 20.41 -10.94 -31.20
C ALA C 566 21.80 -10.39 -31.52
N GLY C 567 22.74 -10.57 -30.60
CA GLY C 567 24.10 -10.10 -30.82
C GLY C 567 24.71 -9.14 -29.81
N TRP C 568 24.00 -8.84 -28.72
CA TRP C 568 24.54 -7.93 -27.72
C TRP C 568 25.83 -8.47 -27.12
N GLY C 569 26.81 -7.59 -26.96
CA GLY C 569 28.11 -7.99 -26.41
C GLY C 569 28.08 -8.45 -24.97
N PHE C 570 27.30 -7.78 -24.14
CA PHE C 570 27.22 -8.15 -22.74
C PHE C 570 25.89 -7.73 -22.14
N ALA C 571 25.67 -8.11 -20.89
CA ALA C 571 24.42 -7.77 -20.22
C ALA C 571 24.57 -7.82 -18.71
N LEU C 572 23.81 -6.95 -18.06
CA LEU C 572 23.79 -6.87 -16.61
C LEU C 572 22.50 -7.55 -16.16
N THR C 573 22.56 -8.26 -15.03
CA THR C 573 21.33 -8.86 -14.52
C THR C 573 20.62 -7.69 -13.85
N LYS C 574 19.32 -7.80 -13.66
CA LYS C 574 18.60 -6.77 -12.95
C LYS C 574 19.25 -6.88 -11.55
N THR C 575 19.36 -5.78 -10.81
CA THR C 575 19.98 -5.83 -9.49
C THR C 575 19.22 -6.77 -8.54
N PHE C 576 19.94 -7.70 -7.92
CA PHE C 576 19.31 -8.61 -6.98
C PHE C 576 19.96 -8.58 -5.61
N SER C 577 19.31 -9.15 -4.62
CA SER C 577 19.83 -9.13 -3.26
C SER C 577 19.57 -10.44 -2.52
N LEU C 578 19.96 -10.45 -1.25
CA LEU C 578 19.75 -11.61 -0.39
C LEU C 578 18.25 -11.70 -0.12
N ASP C 579 17.76 -12.90 0.16
CA ASP C 579 16.34 -13.11 0.42
C ASP C 579 15.74 -12.18 1.47
N LYS C 580 16.49 -11.89 2.53
CA LYS C 580 15.97 -11.02 3.58
C LYS C 580 15.69 -9.60 3.09
N ASP C 581 16.25 -9.22 1.95
CA ASP C 581 16.04 -7.89 1.40
C ASP C 581 15.05 -7.84 0.24
N ILE C 582 14.31 -8.93 0.07
CA ILE C 582 13.27 -9.08 -0.96
C ILE C 582 12.44 -7.81 -1.10
N VAL C 583 12.22 -7.34 -2.33
CA VAL C 583 11.41 -6.14 -2.54
C VAL C 583 10.12 -6.45 -3.30
N THR C 584 9.19 -5.51 -3.28
CA THR C 584 7.92 -5.66 -3.98
C THR C 584 7.59 -4.33 -4.66
N ASN C 585 7.48 -4.37 -5.99
CA ASN C 585 7.19 -3.17 -6.77
C ASN C 585 5.74 -2.69 -6.65
N VAL C 586 5.53 -1.44 -7.02
CA VAL C 586 4.20 -0.84 -7.01
C VAL C 586 3.91 -0.60 -8.49
N SER C 587 2.69 -0.17 -8.79
CA SER C 587 2.33 0.16 -10.16
C SER C 587 1.27 1.25 -10.11
N PRO C 588 1.29 2.19 -11.06
CA PRO C 588 2.24 2.33 -12.16
C PRO C 588 3.63 2.71 -11.66
N ARG C 589 4.68 2.40 -12.43
CA ARG C 589 6.03 2.73 -11.99
C ARG C 589 7.02 3.23 -13.04
N ILE C 590 6.65 3.18 -14.32
CA ILE C 590 7.52 3.66 -15.39
C ILE C 590 6.67 4.54 -16.31
N VAL C 591 7.06 5.80 -16.46
CA VAL C 591 6.31 6.73 -17.29
C VAL C 591 7.18 7.42 -18.34
N ARG C 592 6.55 7.93 -19.38
CA ARG C 592 7.28 8.62 -20.44
C ARG C 592 7.75 9.98 -19.95
N GLY C 593 8.82 10.48 -20.55
CA GLY C 593 9.34 11.77 -20.16
C GLY C 593 8.55 12.89 -20.82
N THR C 594 8.52 14.04 -20.16
CA THR C 594 7.82 15.22 -20.67
C THR C 594 8.90 16.21 -21.09
N THR C 595 10.13 15.71 -21.13
CA THR C 595 11.32 16.50 -21.47
C THR C 595 11.39 17.10 -22.87
N SER C 596 10.55 16.61 -23.79
CA SER C 596 10.55 17.16 -25.14
C SER C 596 9.14 17.50 -25.64
N GLY C 597 8.25 17.80 -24.70
CA GLY C 597 6.89 18.16 -25.06
C GLY C 597 5.93 17.01 -25.29
N PRO C 598 4.69 17.32 -25.72
CA PRO C 598 3.65 16.33 -25.98
C PRO C 598 3.83 15.57 -27.28
N MET C 599 4.96 14.88 -27.39
CA MET C 599 5.28 14.06 -28.55
C MET C 599 5.21 12.62 -28.04
N TYR C 600 4.29 11.83 -28.60
CA TYR C 600 4.10 10.45 -28.17
C TYR C 600 4.58 9.44 -29.20
N GLY C 601 4.84 8.23 -28.74
CA GLY C 601 5.30 7.20 -29.67
C GLY C 601 6.80 6.98 -29.63
N PRO C 602 7.41 6.73 -30.80
CA PRO C 602 8.85 6.49 -30.91
C PRO C 602 9.76 7.58 -30.38
N GLY C 603 10.96 7.18 -29.97
CA GLY C 603 11.95 8.11 -29.47
C GLY C 603 11.61 9.02 -28.32
N GLN C 604 11.04 8.48 -27.24
CA GLN C 604 10.75 9.30 -26.08
C GLN C 604 12.11 9.83 -25.60
N SER C 605 12.19 11.11 -25.27
CA SER C 605 13.44 11.72 -24.85
C SER C 605 13.90 11.32 -23.45
N SER C 606 13.05 10.61 -22.72
CA SER C 606 13.39 10.14 -21.39
C SER C 606 12.25 9.34 -20.79
N PHE C 607 12.53 8.70 -19.66
CA PHE C 607 11.54 7.93 -18.93
C PHE C 607 11.85 8.25 -17.47
N LEU C 608 10.87 8.04 -16.60
CA LEU C 608 11.08 8.22 -15.17
C LEU C 608 10.52 6.94 -14.56
N ASN C 609 11.25 6.38 -13.60
CA ASN C 609 10.79 5.15 -12.98
C ASN C 609 10.93 5.20 -11.46
N ILE C 610 10.02 4.51 -10.78
CA ILE C 610 10.06 4.42 -9.32
C ILE C 610 10.10 2.92 -9.04
N GLU C 611 10.77 2.19 -9.92
CA GLU C 611 10.92 0.75 -9.79
C GLU C 611 12.04 0.45 -8.80
N LEU C 612 11.97 -0.69 -8.13
CA LEU C 612 13.00 -1.07 -7.17
C LEU C 612 13.93 -2.06 -7.86
N ILE C 613 14.73 -2.79 -7.08
CA ILE C 613 15.62 -3.77 -7.70
C ILE C 613 14.77 -4.97 -8.09
N SER C 614 15.41 -6.04 -8.56
CA SER C 614 14.69 -7.22 -8.99
C SER C 614 13.77 -7.85 -7.95
N GLU C 615 12.60 -8.28 -8.41
CA GLU C 615 11.64 -8.94 -7.52
C GLU C 615 11.96 -10.44 -7.53
N LYS C 616 12.89 -10.85 -8.38
CA LYS C 616 13.28 -12.24 -8.48
C LYS C 616 14.44 -12.53 -7.51
N THR C 617 14.47 -13.75 -6.97
CA THR C 617 15.48 -14.13 -5.99
C THR C 617 16.90 -14.31 -6.49
N ALA C 618 17.84 -14.28 -5.56
CA ALA C 618 19.25 -14.47 -5.87
C ALA C 618 19.45 -15.88 -6.43
N ALA C 619 18.65 -16.82 -5.96
CA ALA C 619 18.75 -18.20 -6.43
C ALA C 619 18.41 -18.26 -7.92
N TYR C 620 17.36 -17.53 -8.30
CA TYR C 620 16.94 -17.48 -9.70
C TYR C 620 18.06 -16.88 -10.54
N TRP C 621 18.56 -15.72 -10.13
CA TRP C 621 19.61 -15.04 -10.87
C TRP C 621 20.93 -15.80 -10.95
N CYS C 622 21.32 -16.45 -9.86
CA CYS C 622 22.57 -17.19 -9.88
C CYS C 622 22.46 -18.41 -10.79
N GLN C 623 21.35 -19.13 -10.73
CA GLN C 623 21.17 -20.29 -11.61
C GLN C 623 21.12 -19.79 -13.05
N SER C 624 20.44 -18.67 -13.26
CA SER C 624 20.32 -18.09 -14.60
C SER C 624 21.69 -17.71 -15.16
N VAL C 625 22.54 -17.12 -14.33
CA VAL C 625 23.87 -16.73 -14.78
C VAL C 625 24.65 -17.97 -15.21
N THR C 626 24.56 -19.04 -14.42
CA THR C 626 25.26 -20.29 -14.76
C THR C 626 24.79 -20.78 -16.13
N GLU C 627 23.49 -20.75 -16.37
CA GLU C 627 22.90 -21.19 -17.64
C GLU C 627 23.36 -20.31 -18.80
N LEU C 628 23.29 -18.99 -18.61
CA LEU C 628 23.66 -18.06 -19.66
C LEU C 628 25.13 -18.18 -20.04
N LYS C 629 26.00 -18.32 -19.05
CA LYS C 629 27.43 -18.44 -19.31
C LYS C 629 27.76 -19.78 -19.96
N ALA C 630 26.95 -20.79 -19.65
CA ALA C 630 27.18 -22.10 -20.24
C ALA C 630 26.82 -22.07 -21.72
N ASP C 631 25.74 -21.38 -22.06
CA ASP C 631 25.29 -21.29 -23.45
C ASP C 631 25.92 -20.17 -24.27
N PHE C 632 26.40 -19.13 -23.59
CA PHE C 632 27.01 -17.99 -24.28
C PHE C 632 28.35 -17.63 -23.62
N PRO C 633 29.34 -18.52 -23.75
CA PRO C 633 30.67 -18.31 -23.18
C PRO C 633 31.39 -17.04 -23.60
N ASP C 634 31.12 -16.55 -24.80
CA ASP C 634 31.79 -15.35 -25.27
C ASP C 634 31.05 -14.04 -24.97
N ASN C 635 29.82 -14.16 -24.48
CA ASN C 635 29.06 -12.96 -24.13
C ASN C 635 29.28 -12.69 -22.64
N ILE C 636 29.66 -11.48 -22.30
CA ILE C 636 29.93 -11.13 -20.92
C ILE C 636 28.68 -10.92 -20.07
N VAL C 637 28.64 -11.59 -18.93
CA VAL C 637 27.51 -11.48 -17.99
C VAL C 637 28.00 -10.88 -16.69
N ILE C 638 27.43 -9.73 -16.33
CA ILE C 638 27.80 -9.04 -15.11
C ILE C 638 26.63 -9.08 -14.13
N ALA C 639 26.87 -9.59 -12.94
CA ALA C 639 25.82 -9.70 -11.94
C ALA C 639 25.72 -8.41 -11.12
N SER C 640 24.56 -7.76 -11.15
CA SER C 640 24.36 -6.54 -10.39
C SER C 640 23.77 -6.94 -9.04
N ILE C 641 24.41 -6.50 -7.96
CA ILE C 641 23.95 -6.86 -6.62
C ILE C 641 23.85 -5.68 -5.69
N MET C 642 23.03 -5.83 -4.65
CA MET C 642 22.85 -4.76 -3.68
C MET C 642 22.56 -5.29 -2.27
N CYS C 643 23.23 -4.68 -1.28
CA CYS C 643 23.06 -5.02 0.13
C CYS C 643 22.97 -3.72 0.90
N SER C 644 22.51 -3.81 2.15
CA SER C 644 22.46 -2.61 2.99
C SER C 644 23.90 -2.45 3.43
N TYR C 645 24.21 -1.41 4.18
CA TYR C 645 25.59 -1.18 4.62
C TYR C 645 26.00 -2.20 5.68
N ASN C 646 26.26 -3.43 5.24
CA ASN C 646 26.64 -4.52 6.13
C ASN C 646 27.72 -5.37 5.46
N LYS C 647 28.87 -5.50 6.12
CA LYS C 647 30.00 -6.26 5.58
C LYS C 647 29.69 -7.72 5.26
N ASN C 648 29.14 -8.45 6.22
CA ASN C 648 28.82 -9.86 5.99
C ASN C 648 27.88 -10.05 4.80
N ASP C 649 26.90 -9.16 4.67
CA ASP C 649 25.95 -9.28 3.57
C ASP C 649 26.64 -9.11 2.22
N TRP C 650 27.37 -8.01 2.05
CA TRP C 650 28.05 -7.77 0.79
C TRP C 650 28.99 -8.91 0.42
N MET C 651 29.69 -9.44 1.42
CA MET C 651 30.62 -10.54 1.16
C MET C 651 29.88 -11.82 0.80
N GLU C 652 28.76 -12.06 1.45
CA GLU C 652 27.96 -13.25 1.17
C GLU C 652 27.36 -13.19 -0.23
N LEU C 653 26.72 -12.07 -0.56
CA LEU C 653 26.09 -11.92 -1.86
C LEU C 653 27.09 -11.92 -3.02
N SER C 654 28.17 -11.17 -2.89
CA SER C 654 29.18 -11.12 -3.95
C SER C 654 29.77 -12.51 -4.20
N ARG C 655 30.00 -13.27 -3.14
CA ARG C 655 30.55 -14.61 -3.30
C ARG C 655 29.56 -15.54 -3.99
N LYS C 656 28.28 -15.40 -3.66
CA LYS C 656 27.25 -16.23 -4.28
C LYS C 656 27.18 -15.92 -5.78
N ALA C 657 27.27 -14.63 -6.11
CA ALA C 657 27.23 -14.20 -7.50
C ALA C 657 28.46 -14.71 -8.26
N GLU C 658 29.62 -14.61 -7.63
CA GLU C 658 30.86 -15.07 -8.24
C GLU C 658 30.80 -16.58 -8.49
N ALA C 659 30.30 -17.32 -7.50
CA ALA C 659 30.20 -18.77 -7.62
C ALA C 659 29.29 -19.23 -8.75
N SER C 660 28.36 -18.37 -9.16
CA SER C 660 27.44 -18.72 -10.24
C SER C 660 28.13 -18.70 -11.61
N GLY C 661 29.31 -18.09 -11.67
CA GLY C 661 30.04 -18.02 -12.92
C GLY C 661 30.00 -16.66 -13.61
N ALA C 662 29.55 -15.63 -12.90
CA ALA C 662 29.50 -14.30 -13.48
C ALA C 662 30.89 -13.84 -13.87
N ASP C 663 31.00 -13.15 -15.00
CA ASP C 663 32.29 -12.64 -15.45
C ASP C 663 32.78 -11.52 -14.55
N ALA C 664 31.83 -10.79 -13.98
CA ALA C 664 32.15 -9.68 -13.10
C ALA C 664 30.92 -9.28 -12.31
N LEU C 665 31.09 -8.35 -11.38
CA LEU C 665 29.98 -7.88 -10.57
C LEU C 665 29.83 -6.36 -10.72
N GLU C 666 28.62 -5.87 -10.50
CA GLU C 666 28.36 -4.44 -10.54
C GLU C 666 27.66 -4.17 -9.22
N LEU C 667 28.23 -3.26 -8.44
CA LEU C 667 27.65 -2.94 -7.14
C LEU C 667 26.68 -1.78 -7.25
N ASN C 668 25.42 -2.03 -6.95
CA ASN C 668 24.41 -0.99 -6.99
C ASN C 668 24.46 -0.30 -5.63
N LEU C 669 24.83 0.98 -5.62
CA LEU C 669 24.95 1.73 -4.38
C LEU C 669 23.74 2.60 -4.03
N SER C 670 22.54 2.11 -4.34
CA SER C 670 21.31 2.85 -4.08
C SER C 670 20.74 2.66 -2.67
N ALA C 671 21.29 1.71 -1.92
CA ALA C 671 20.81 1.42 -0.58
C ALA C 671 21.02 2.57 0.40
N PRO C 672 19.98 2.92 1.16
CA PRO C 672 20.05 4.01 2.15
C PRO C 672 20.99 3.68 3.31
N HIS C 673 21.59 4.74 3.86
CA HIS C 673 22.48 4.61 5.00
C HIS C 673 22.43 5.90 5.80
N GLY C 674 22.48 5.76 7.12
CA GLY C 674 22.44 6.93 7.97
C GLY C 674 21.19 7.73 7.73
N MET C 675 20.39 7.92 8.77
CA MET C 675 19.18 8.70 8.59
C MET C 675 19.50 10.17 8.76
N GLY C 676 19.03 10.99 7.84
CA GLY C 676 19.29 12.41 7.93
C GLY C 676 20.44 12.86 7.06
N GLU C 677 21.35 13.64 7.64
CA GLU C 677 22.46 14.14 6.86
C GLU C 677 23.78 14.39 7.58
N ARG C 678 24.72 14.85 6.76
CA ARG C 678 26.08 15.22 7.10
C ARG C 678 26.56 15.68 5.72
N GLY C 679 25.56 15.98 4.89
CA GLY C 679 25.80 16.43 3.53
C GLY C 679 25.53 15.34 2.50
N MET C 680 26.26 14.24 2.63
CA MET C 680 26.17 13.10 1.72
C MET C 680 24.83 12.37 1.62
N GLY C 681 23.77 13.11 1.30
CA GLY C 681 22.44 12.56 1.13
C GLY C 681 21.95 11.43 2.03
N LEU C 682 21.47 10.35 1.40
CA LEU C 682 20.93 9.21 2.12
C LEU C 682 21.45 7.87 1.62
N ALA C 683 21.76 7.78 0.33
CA ALA C 683 22.26 6.55 -0.27
C ALA C 683 23.75 6.36 -0.05
N CYS C 684 24.19 5.11 0.05
CA CYS C 684 25.60 4.79 0.24
C CYS C 684 26.43 5.40 -0.89
N GLY C 685 25.90 5.35 -2.09
CA GLY C 685 26.61 5.88 -3.25
C GLY C 685 26.89 7.37 -3.22
N GLN C 686 26.31 8.10 -2.27
CA GLN C 686 26.55 9.53 -2.18
C GLN C 686 27.62 9.87 -1.14
N ASP C 687 28.17 8.85 -0.49
CA ASP C 687 29.20 9.06 0.54
C ASP C 687 30.48 8.31 0.19
N PRO C 688 31.56 9.04 -0.10
CA PRO C 688 32.86 8.45 -0.46
C PRO C 688 33.34 7.38 0.52
N GLU C 689 33.20 7.67 1.82
CA GLU C 689 33.63 6.73 2.85
C GLU C 689 32.88 5.40 2.80
N LEU C 690 31.58 5.46 2.57
CA LEU C 690 30.77 4.26 2.50
C LEU C 690 31.10 3.46 1.25
N VAL C 691 31.26 4.17 0.13
CA VAL C 691 31.59 3.53 -1.13
C VAL C 691 32.93 2.81 -1.02
N ARG C 692 33.91 3.47 -0.44
CA ARG C 692 35.24 2.88 -0.29
C ARG C 692 35.20 1.60 0.54
N ASN C 693 34.46 1.63 1.65
CA ASN C 693 34.37 0.45 2.51
C ASN C 693 33.63 -0.71 1.86
N ILE C 694 32.57 -0.40 1.11
CA ILE C 694 31.80 -1.43 0.44
C ILE C 694 32.68 -2.13 -0.59
N CYS C 695 33.41 -1.33 -1.36
CA CYS C 695 34.30 -1.89 -2.36
C CYS C 695 35.38 -2.75 -1.73
N ARG C 696 35.88 -2.33 -0.57
CA ARG C 696 36.91 -3.10 0.12
C ARG C 696 36.37 -4.45 0.57
N TRP C 697 35.13 -4.46 1.06
CA TRP C 697 34.52 -5.70 1.51
C TRP C 697 34.39 -6.68 0.34
N VAL C 698 33.92 -6.18 -0.80
CA VAL C 698 33.75 -7.03 -1.97
C VAL C 698 35.10 -7.48 -2.53
N ARG C 699 36.07 -6.59 -2.54
CA ARG C 699 37.41 -6.91 -3.06
C ARG C 699 38.02 -8.08 -2.28
N GLN C 700 37.80 -8.11 -0.97
CA GLN C 700 38.37 -9.20 -0.18
C GLN C 700 37.52 -10.46 -0.22
N ALA C 701 36.31 -10.36 -0.78
CA ALA C 701 35.41 -11.50 -0.85
C ALA C 701 35.50 -12.27 -2.17
N VAL C 702 35.76 -11.57 -3.27
CA VAL C 702 35.84 -12.22 -4.57
C VAL C 702 37.12 -11.93 -5.35
N GLN C 703 37.38 -12.78 -6.34
CA GLN C 703 38.57 -12.64 -7.19
C GLN C 703 38.25 -12.00 -8.52
N ILE C 704 37.01 -12.17 -8.99
CA ILE C 704 36.62 -11.60 -10.28
C ILE C 704 36.52 -10.08 -10.21
N PRO C 705 36.57 -9.41 -11.37
CA PRO C 705 36.47 -7.96 -11.41
C PRO C 705 35.09 -7.48 -10.96
N PHE C 706 35.03 -6.27 -10.41
CA PHE C 706 33.76 -5.73 -9.99
C PHE C 706 33.79 -4.23 -10.21
N PHE C 707 32.64 -3.67 -10.54
CA PHE C 707 32.53 -2.24 -10.80
C PHE C 707 31.47 -1.58 -9.91
N ALA C 708 31.78 -0.38 -9.45
CA ALA C 708 30.84 0.35 -8.60
C ALA C 708 29.97 1.23 -9.48
N LYS C 709 28.65 1.07 -9.38
CA LYS C 709 27.77 1.90 -10.19
C LYS C 709 27.48 3.18 -9.42
N LEU C 710 27.93 4.29 -10.01
CA LEU C 710 27.80 5.60 -9.39
C LEU C 710 26.51 6.34 -9.71
N THR C 711 26.05 7.12 -8.74
CA THR C 711 24.85 7.92 -8.92
C THR C 711 25.33 9.29 -9.34
N PRO C 712 24.59 9.96 -10.24
CA PRO C 712 25.00 11.30 -10.68
C PRO C 712 24.49 12.35 -9.70
N ASN C 713 23.66 11.91 -8.74
CA ASN C 713 23.07 12.81 -7.76
C ASN C 713 24.03 13.13 -6.61
N VAL C 714 25.18 13.68 -6.94
CA VAL C 714 26.19 14.05 -5.96
C VAL C 714 26.90 15.33 -6.40
N THR C 715 27.44 16.04 -5.43
CA THR C 715 28.16 17.27 -5.71
C THR C 715 29.42 16.98 -6.53
N ASP C 716 30.19 15.99 -6.11
CA ASP C 716 31.43 15.64 -6.79
C ASP C 716 31.54 14.15 -7.08
N ILE C 717 31.12 13.74 -8.27
CA ILE C 717 31.16 12.32 -8.61
C ILE C 717 32.58 11.75 -8.66
N VAL C 718 33.57 12.60 -8.95
CA VAL C 718 34.95 12.14 -9.00
C VAL C 718 35.40 11.58 -7.63
N SER C 719 34.97 12.22 -6.56
CA SER C 719 35.36 11.76 -5.21
C SER C 719 34.80 10.37 -4.92
N ILE C 720 33.63 10.06 -5.48
CA ILE C 720 33.03 8.75 -5.26
C ILE C 720 33.78 7.72 -6.10
N ALA C 721 34.12 8.10 -7.33
CA ALA C 721 34.85 7.21 -8.23
C ALA C 721 36.23 6.90 -7.64
N ARG C 722 36.88 7.91 -7.10
CA ARG C 722 38.20 7.71 -6.51
C ARG C 722 38.10 6.79 -5.29
N ALA C 723 37.05 6.97 -4.49
CA ALA C 723 36.84 6.15 -3.30
C ALA C 723 36.66 4.69 -3.71
N ALA C 724 35.93 4.45 -4.80
CA ALA C 724 35.71 3.10 -5.29
C ALA C 724 37.05 2.50 -5.69
N LYS C 725 37.86 3.28 -6.40
CA LYS C 725 39.17 2.81 -6.86
C LYS C 725 40.06 2.50 -5.66
N GLU C 726 40.07 3.39 -4.67
CA GLU C 726 40.88 3.19 -3.47
C GLU C 726 40.40 1.95 -2.72
N GLY C 727 39.10 1.65 -2.85
CA GLY C 727 38.54 0.50 -2.17
C GLY C 727 38.83 -0.82 -2.87
N GLY C 728 39.34 -0.75 -4.11
CA GLY C 728 39.65 -1.98 -4.83
C GLY C 728 38.82 -2.27 -6.06
N ALA C 729 37.90 -1.37 -6.41
CA ALA C 729 37.06 -1.58 -7.59
C ALA C 729 37.92 -1.62 -8.84
N ASP C 730 37.51 -2.41 -9.82
CA ASP C 730 38.25 -2.54 -11.07
C ASP C 730 37.80 -1.50 -12.07
N GLY C 731 36.77 -0.75 -11.70
CA GLY C 731 36.25 0.29 -12.57
C GLY C 731 34.94 0.80 -12.02
N VAL C 732 34.29 1.70 -12.75
CA VAL C 732 33.02 2.24 -12.31
C VAL C 732 32.05 2.38 -13.46
N THR C 733 30.76 2.29 -13.14
CA THR C 733 29.72 2.45 -14.13
C THR C 733 29.15 3.85 -13.88
N ALA C 734 29.17 4.67 -14.90
CA ALA C 734 28.67 6.04 -14.81
C ALA C 734 27.67 6.29 -15.94
N THR C 735 26.40 6.56 -15.61
CA THR C 735 25.92 6.66 -14.24
C THR C 735 24.52 6.08 -14.12
N ASN C 736 23.99 6.04 -12.89
CA ASN C 736 22.64 5.55 -12.66
C ASN C 736 21.71 6.70 -13.04
N THR C 737 20.42 6.58 -12.72
CA THR C 737 19.46 7.62 -13.07
C THR C 737 19.55 8.91 -12.25
N VAL C 738 19.02 9.99 -12.83
CA VAL C 738 19.01 11.30 -12.20
C VAL C 738 17.70 11.45 -11.44
N SER C 739 17.78 11.88 -10.18
CA SER C 739 16.58 12.04 -9.37
C SER C 739 15.70 13.18 -9.89
N GLY C 740 14.40 12.91 -9.99
CA GLY C 740 13.51 13.95 -10.47
C GLY C 740 12.03 13.65 -10.30
N LEU C 741 11.22 14.60 -10.74
CA LEU C 741 9.76 14.50 -10.70
C LEU C 741 9.39 14.88 -12.13
N MET C 742 8.84 13.94 -12.87
CA MET C 742 8.51 14.18 -14.28
C MET C 742 7.41 15.20 -14.52
N GLY C 743 6.48 15.34 -13.59
CA GLY C 743 5.42 16.31 -13.78
C GLY C 743 4.15 16.06 -13.02
N LEU C 744 3.21 16.99 -13.16
CA LEU C 744 1.93 16.91 -12.48
C LEU C 744 0.81 17.24 -13.46
N LYS C 745 -0.37 16.70 -13.20
CA LYS C 745 -1.52 17.00 -14.05
C LYS C 745 -2.00 18.38 -13.61
N ALA C 746 -2.91 18.97 -14.38
CA ALA C 746 -3.43 20.31 -14.04
C ALA C 746 -4.13 20.36 -12.69
N ASP C 747 -4.61 19.23 -12.20
CA ASP C 747 -5.29 19.20 -10.92
C ASP C 747 -4.31 19.03 -9.76
N GLY C 748 -3.01 18.98 -10.09
CA GLY C 748 -2.00 18.84 -9.07
C GLY C 748 -1.55 17.44 -8.72
N THR C 749 -2.20 16.43 -9.30
CA THR C 749 -1.83 15.05 -9.00
C THR C 749 -0.62 14.66 -9.85
N PRO C 750 0.25 13.80 -9.31
CA PRO C 750 1.45 13.38 -10.03
C PRO C 750 1.26 12.21 -10.99
N TRP C 751 2.32 11.94 -11.74
CA TRP C 751 2.36 10.81 -12.67
C TRP C 751 3.80 10.36 -12.71
N PRO C 752 4.07 9.11 -12.30
CA PRO C 752 3.09 8.12 -11.85
C PRO C 752 2.35 8.46 -10.56
N ALA C 753 1.10 8.00 -10.48
CA ALA C 753 0.28 8.19 -9.29
C ALA C 753 -0.10 6.79 -8.83
N VAL C 754 0.21 6.47 -7.58
CA VAL C 754 -0.07 5.15 -7.05
C VAL C 754 -1.21 5.15 -6.04
N GLY C 755 -2.19 4.29 -6.29
CA GLY C 755 -3.33 4.17 -5.40
C GLY C 755 -4.38 5.26 -5.51
N ALA C 756 -5.48 5.05 -4.79
CA ALA C 756 -6.57 6.03 -4.80
C ALA C 756 -6.08 7.34 -4.20
N GLY C 757 -5.04 7.25 -3.38
CA GLY C 757 -4.47 8.45 -2.79
C GLY C 757 -3.66 9.23 -3.81
N LYS C 758 -3.41 8.60 -4.96
CA LYS C 758 -2.65 9.22 -6.05
C LYS C 758 -1.28 9.71 -5.58
N ARG C 759 -0.58 8.88 -4.81
CA ARG C 759 0.72 9.26 -4.30
C ARG C 759 1.87 8.94 -5.24
N THR C 760 3.03 9.51 -4.95
CA THR C 760 4.22 9.27 -5.75
C THR C 760 5.44 9.62 -4.91
N THR C 761 6.62 9.31 -5.44
CA THR C 761 7.86 9.60 -4.76
C THR C 761 8.83 9.98 -5.87
N TYR C 762 9.97 10.57 -5.51
CA TYR C 762 10.94 10.96 -6.53
C TYR C 762 11.43 9.73 -7.29
N GLY C 763 11.51 9.85 -8.61
CA GLY C 763 11.95 8.72 -9.41
C GLY C 763 13.27 9.01 -10.11
N GLY C 764 13.73 8.04 -10.90
CA GLY C 764 14.98 8.21 -11.62
C GLY C 764 14.71 8.50 -13.09
N VAL C 765 15.33 9.57 -13.59
CA VAL C 765 15.15 9.94 -14.99
C VAL C 765 16.25 9.26 -15.80
N SER C 766 15.86 8.66 -16.92
CA SER C 766 16.80 7.97 -17.81
C SER C 766 16.56 8.48 -19.23
N GLY C 767 17.41 8.05 -20.16
CA GLY C 767 17.22 8.47 -21.54
C GLY C 767 18.12 9.58 -22.05
N THR C 768 17.86 10.02 -23.27
CA THR C 768 18.67 11.05 -23.89
C THR C 768 18.68 12.37 -23.12
N ALA C 769 17.63 12.63 -22.35
CA ALA C 769 17.57 13.87 -21.57
C ALA C 769 18.67 13.98 -20.52
N ILE C 770 19.21 12.86 -20.07
CA ILE C 770 20.28 12.89 -19.07
C ILE C 770 21.65 12.63 -19.66
N ARG C 771 21.73 12.50 -20.98
CA ARG C 771 23.03 12.23 -21.61
C ARG C 771 24.09 13.30 -21.29
N PRO C 772 23.71 14.59 -21.26
CA PRO C 772 24.69 15.64 -20.96
C PRO C 772 25.32 15.45 -19.58
N ILE C 773 24.51 14.95 -18.64
CA ILE C 773 24.96 14.72 -17.27
C ILE C 773 25.89 13.52 -17.24
N ALA C 774 25.52 12.45 -17.95
CA ALA C 774 26.33 11.24 -17.98
C ALA C 774 27.63 11.50 -18.73
N LEU C 775 27.56 12.25 -19.82
CA LEU C 775 28.73 12.55 -20.62
C LEU C 775 29.73 13.37 -19.78
N ARG C 776 29.21 14.29 -18.97
CA ARG C 776 30.08 15.08 -18.11
C ARG C 776 30.72 14.18 -17.07
N ALA C 777 29.92 13.29 -16.49
CA ALA C 777 30.40 12.37 -15.47
C ALA C 777 31.54 11.50 -16.01
N VAL C 778 31.31 10.89 -17.18
CA VAL C 778 32.31 10.03 -17.77
C VAL C 778 33.60 10.80 -18.06
N THR C 779 33.49 11.97 -18.66
CA THR C 779 34.68 12.76 -18.99
C THR C 779 35.46 13.26 -17.77
N THR C 780 34.76 13.71 -16.72
CA THR C 780 35.45 14.21 -15.53
C THR C 780 36.19 13.07 -14.83
N ILE C 781 35.58 11.89 -14.78
CA ILE C 781 36.21 10.74 -14.15
C ILE C 781 37.42 10.30 -14.96
N ALA C 782 37.24 10.19 -16.27
CA ALA C 782 38.32 9.78 -17.17
C ALA C 782 39.53 10.70 -17.06
N ARG C 783 39.28 12.01 -16.90
CA ARG C 783 40.35 12.97 -16.77
C ARG C 783 41.04 12.89 -15.41
N ALA C 784 40.24 12.67 -14.36
CA ALA C 784 40.77 12.60 -13.00
C ALA C 784 41.48 11.29 -12.68
N LEU C 785 41.00 10.19 -13.27
CA LEU C 785 41.56 8.86 -13.03
C LEU C 785 41.91 8.21 -14.36
N PRO C 786 42.99 8.66 -15.00
CA PRO C 786 43.45 8.14 -16.29
C PRO C 786 43.61 6.63 -16.32
N GLY C 787 42.98 5.98 -17.30
CA GLY C 787 43.09 4.54 -17.43
C GLY C 787 42.15 3.70 -16.59
N PHE C 788 41.45 4.33 -15.66
CA PHE C 788 40.52 3.59 -14.81
C PHE C 788 39.30 3.22 -15.65
N PRO C 789 39.02 1.90 -15.80
CA PRO C 789 37.88 1.45 -16.60
C PRO C 789 36.54 2.11 -16.27
N ILE C 790 35.80 2.50 -17.31
CA ILE C 790 34.50 3.12 -17.13
C ILE C 790 33.47 2.49 -18.08
N LEU C 791 32.35 2.06 -17.50
CA LEU C 791 31.24 1.51 -18.28
C LEU C 791 30.24 2.67 -18.30
N ALA C 792 29.95 3.17 -19.48
CA ALA C 792 29.04 4.29 -19.60
C ALA C 792 27.57 3.90 -19.71
N THR C 793 26.70 4.74 -19.15
CA THR C 793 25.27 4.54 -19.23
C THR C 793 24.59 5.88 -19.04
N GLY C 794 23.61 6.16 -19.90
CA GLY C 794 22.90 7.42 -19.82
C GLY C 794 22.64 8.04 -21.18
N GLY C 795 21.55 7.62 -21.81
CA GLY C 795 21.18 8.18 -23.10
C GLY C 795 21.87 7.63 -24.35
N ILE C 796 22.48 6.45 -24.26
CA ILE C 796 23.14 5.88 -25.43
C ILE C 796 22.05 5.22 -26.28
N ASP C 797 21.87 5.69 -27.51
CA ASP C 797 20.82 5.17 -28.38
C ASP C 797 21.23 5.02 -29.84
N SER C 798 22.53 4.95 -30.09
CA SER C 798 23.05 4.80 -31.45
C SER C 798 24.56 4.59 -31.41
N ALA C 799 25.14 4.17 -32.52
CA ALA C 799 26.58 3.97 -32.57
C ALA C 799 27.24 5.34 -32.40
N GLU C 800 26.66 6.35 -33.02
CA GLU C 800 27.20 7.71 -32.94
C GLU C 800 27.30 8.20 -31.49
N SER C 801 26.21 8.09 -30.74
CA SER C 801 26.24 8.54 -29.35
C SER C 801 27.16 7.63 -28.54
N GLY C 802 27.24 6.35 -28.93
CA GLY C 802 28.11 5.43 -28.23
C GLY C 802 29.55 5.86 -28.41
N LEU C 803 29.90 6.23 -29.64
CA LEU C 803 31.27 6.67 -29.95
C LEU C 803 31.62 7.92 -29.15
N GLN C 804 30.62 8.76 -28.86
CA GLN C 804 30.85 9.96 -28.07
C GLN C 804 31.34 9.56 -26.68
N PHE C 805 30.73 8.53 -26.10
CA PHE C 805 31.14 8.07 -24.79
C PHE C 805 32.50 7.39 -24.81
N LEU C 806 32.79 6.65 -25.87
CA LEU C 806 34.10 5.99 -25.98
C LEU C 806 35.16 7.08 -26.06
N HIS C 807 34.89 8.12 -26.85
CA HIS C 807 35.80 9.24 -27.02
C HIS C 807 36.02 9.95 -25.70
N SER C 808 35.01 9.88 -24.83
CA SER C 808 35.04 10.53 -23.53
C SER C 808 35.76 9.72 -22.45
N GLY C 809 36.20 8.51 -22.77
CA GLY C 809 36.92 7.71 -21.80
C GLY C 809 36.30 6.37 -21.39
N ALA C 810 35.09 6.08 -21.87
CA ALA C 810 34.45 4.82 -21.51
C ALA C 810 34.94 3.69 -22.42
N SER C 811 34.96 2.47 -21.92
CA SER C 811 35.40 1.32 -22.73
C SER C 811 34.21 0.52 -23.29
N VAL C 812 33.14 0.44 -22.52
CA VAL C 812 31.94 -0.27 -22.95
C VAL C 812 30.72 0.61 -22.72
N LEU C 813 29.62 0.26 -23.38
CA LEU C 813 28.41 1.07 -23.35
C LEU C 813 27.14 0.31 -22.96
N GLN C 814 26.53 0.74 -21.86
CA GLN C 814 25.30 0.12 -21.37
C GLN C 814 24.08 0.87 -21.91
N VAL C 815 23.02 0.12 -22.21
CA VAL C 815 21.80 0.69 -22.78
C VAL C 815 20.54 0.19 -22.11
N CYS C 816 19.60 1.10 -21.86
CA CYS C 816 18.29 0.74 -21.29
C CYS C 816 17.16 1.40 -22.07
N SER C 817 17.03 2.72 -21.93
CA SER C 817 15.97 3.47 -22.57
C SER C 817 15.81 3.27 -24.08
N ALA C 818 16.92 3.20 -24.80
CA ALA C 818 16.84 3.00 -26.25
C ALA C 818 16.12 1.69 -26.59
N VAL C 819 16.25 0.69 -25.71
CA VAL C 819 15.59 -0.58 -25.94
C VAL C 819 14.13 -0.47 -25.51
N GLN C 820 13.87 0.26 -24.42
CA GLN C 820 12.51 0.47 -23.96
C GLN C 820 11.73 1.17 -25.07
N ASN C 821 12.41 2.04 -25.81
CA ASN C 821 11.80 2.79 -26.91
C ASN C 821 11.65 1.93 -28.16
N GLN C 822 12.32 0.79 -28.19
CA GLN C 822 12.27 -0.07 -29.36
C GLN C 822 12.28 -1.57 -29.01
N ASP C 823 13.42 -2.22 -29.25
CA ASP C 823 13.54 -3.65 -28.96
C ASP C 823 15.01 -4.07 -29.06
N PHE C 824 15.29 -5.35 -28.80
CA PHE C 824 16.65 -5.86 -28.84
C PHE C 824 17.38 -5.77 -30.17
N THR C 825 16.66 -5.74 -31.28
CA THR C 825 17.32 -5.69 -32.60
C THR C 825 18.13 -4.43 -32.87
N VAL C 826 18.04 -3.42 -32.02
CA VAL C 826 18.83 -2.21 -32.26
C VAL C 826 20.34 -2.53 -32.22
N ILE C 827 20.70 -3.65 -31.60
CA ILE C 827 22.12 -4.02 -31.54
C ILE C 827 22.71 -4.15 -32.96
N GLN C 828 21.90 -4.60 -33.90
CA GLN C 828 22.36 -4.74 -35.29
C GLN C 828 22.70 -3.37 -35.85
N ASP C 829 21.89 -2.38 -35.51
CA ASP C 829 22.13 -1.01 -35.97
C ASP C 829 23.39 -0.45 -35.31
N TYR C 830 23.52 -0.68 -34.01
CA TYR C 830 24.67 -0.18 -33.26
C TYR C 830 25.98 -0.75 -33.78
N CYS C 831 26.00 -2.05 -34.08
CA CYS C 831 27.22 -2.69 -34.55
C CYS C 831 27.63 -2.27 -35.97
N THR C 832 26.69 -2.26 -36.92
CA THR C 832 27.06 -1.85 -38.27
C THR C 832 27.40 -0.37 -38.25
N GLY C 833 26.72 0.38 -37.38
CA GLY C 833 26.98 1.81 -37.28
C GLY C 833 28.37 2.12 -36.78
N LEU C 834 28.81 1.39 -35.76
CA LEU C 834 30.14 1.63 -35.20
C LEU C 834 31.22 1.20 -36.18
N LYS C 835 30.99 0.08 -36.87
CA LYS C 835 31.95 -0.39 -37.86
C LYS C 835 32.13 0.65 -38.96
N ALA C 836 31.02 1.24 -39.40
CA ALA C 836 31.05 2.26 -40.44
C ALA C 836 31.79 3.51 -40.00
N LEU C 837 31.53 3.97 -38.78
CA LEU C 837 32.19 5.15 -38.25
C LEU C 837 33.72 4.96 -38.20
N LEU C 838 34.15 3.79 -37.77
CA LEU C 838 35.59 3.49 -37.68
C LEU C 838 36.19 3.38 -39.08
N TYR C 839 35.49 2.67 -39.95
CA TYR C 839 35.93 2.49 -41.34
C TYR C 839 36.16 3.81 -42.05
N LEU C 840 35.17 4.71 -41.96
CA LEU C 840 35.26 6.00 -42.62
C LEU C 840 36.44 6.88 -42.17
N LYS C 841 36.97 6.61 -40.98
CA LYS C 841 38.10 7.39 -40.50
C LYS C 841 39.37 7.09 -41.29
N SER C 842 39.35 5.99 -42.04
CA SER C 842 40.51 5.60 -42.84
C SER C 842 40.42 6.07 -44.29
N ILE C 843 39.29 6.67 -44.66
CA ILE C 843 39.09 7.15 -46.02
C ILE C 843 39.41 8.63 -46.14
N GLU C 844 40.56 8.92 -46.75
CA GLU C 844 41.03 10.29 -46.90
C GLU C 844 40.11 11.23 -47.68
N GLU C 845 39.49 10.74 -48.74
CA GLU C 845 38.60 11.58 -49.54
C GLU C 845 37.26 11.95 -48.88
N LEU C 846 36.99 11.40 -47.70
CA LEU C 846 35.74 11.70 -47.00
C LEU C 846 35.96 12.41 -45.67
N GLN C 847 37.12 13.07 -45.55
CA GLN C 847 37.48 13.77 -44.32
C GLN C 847 36.56 14.94 -43.98
N GLY C 848 35.91 15.51 -44.98
CA GLY C 848 35.01 16.63 -44.75
C GLY C 848 33.67 16.24 -44.13
N TRP C 849 33.42 14.93 -44.07
CA TRP C 849 32.18 14.41 -43.50
C TRP C 849 32.23 14.43 -41.97
N ASP C 850 31.06 14.40 -41.34
CA ASP C 850 30.99 14.33 -39.89
C ASP C 850 30.42 12.95 -39.65
N GLY C 851 31.30 11.98 -39.38
CA GLY C 851 30.82 10.62 -39.19
C GLY C 851 30.26 10.15 -40.52
N GLN C 852 29.03 9.68 -40.53
CA GLN C 852 28.42 9.20 -41.77
C GLN C 852 27.66 10.28 -42.51
N SER C 853 27.71 11.52 -42.03
CA SER C 853 27.01 12.63 -42.69
C SER C 853 27.90 13.40 -43.65
N PRO C 854 27.52 13.44 -44.95
CA PRO C 854 28.31 14.17 -45.94
C PRO C 854 28.27 15.66 -45.58
N GLY C 855 29.25 16.43 -46.04
CA GLY C 855 29.23 17.85 -45.76
C GLY C 855 27.93 18.39 -46.30
N THR C 856 27.26 19.25 -45.55
CA THR C 856 25.98 19.80 -46.00
C THR C 856 26.12 20.75 -47.18
N GLU C 857 25.40 20.42 -48.25
CA GLU C 857 25.42 21.20 -49.48
C GLU C 857 24.24 22.15 -49.54
N SER C 858 24.45 23.30 -50.18
CA SER C 858 23.40 24.30 -50.32
C SER C 858 22.21 23.63 -51.00
N HIS C 859 21.04 23.67 -50.36
CA HIS C 859 19.85 23.03 -50.91
C HIS C 859 18.54 23.69 -50.48
N GLN C 860 17.46 23.19 -51.08
CA GLN C 860 16.10 23.63 -50.78
C GLN C 860 15.27 22.35 -50.95
N LYS C 861 14.56 21.95 -49.90
CA LYS C 861 13.75 20.73 -49.96
C LYS C 861 14.62 19.51 -50.21
N GLY C 862 15.88 19.57 -49.80
CA GLY C 862 16.76 18.44 -50.00
C GLY C 862 17.33 18.32 -51.40
N LYS C 863 16.94 19.24 -52.28
CA LYS C 863 17.44 19.24 -53.66
C LYS C 863 18.49 20.34 -53.80
N PRO C 864 19.67 19.99 -54.31
CA PRO C 864 20.78 20.95 -54.50
C PRO C 864 20.39 22.21 -55.27
N VAL C 865 20.86 23.35 -54.77
CA VAL C 865 20.57 24.62 -55.43
C VAL C 865 21.44 24.81 -56.66
N PRO C 866 20.85 25.31 -57.75
CA PRO C 866 21.57 25.54 -59.01
C PRO C 866 22.71 26.54 -58.82
N ARG C 867 23.90 26.15 -59.25
CA ARG C 867 25.06 27.04 -59.14
C ARG C 867 25.21 27.81 -60.45
N ILE C 868 24.43 28.88 -60.59
CA ILE C 868 24.46 29.71 -61.78
C ILE C 868 24.94 31.10 -61.40
N ALA C 869 25.79 31.68 -62.25
CA ALA C 869 26.32 33.02 -62.00
C ALA C 869 25.16 33.99 -61.76
N GLU C 870 24.17 33.93 -62.65
CA GLU C 870 23.00 34.80 -62.58
C GLU C 870 22.07 34.56 -61.41
N LEU C 871 22.26 33.49 -60.65
CA LEU C 871 21.36 33.22 -59.55
C LEU C 871 21.97 33.65 -58.22
N MET C 872 23.29 33.53 -58.12
CA MET C 872 24.01 33.89 -56.90
C MET C 872 23.90 35.37 -56.57
N GLY C 873 23.87 35.65 -55.27
CA GLY C 873 23.80 37.01 -54.78
C GLY C 873 22.80 37.94 -55.46
N LYS C 874 21.61 37.45 -55.78
CA LYS C 874 20.60 38.30 -56.40
C LYS C 874 19.44 38.53 -55.45
N LYS C 875 19.58 38.00 -54.24
CA LYS C 875 18.55 38.14 -53.21
C LYS C 875 17.18 37.74 -53.74
N LEU C 876 17.08 36.52 -54.24
CA LEU C 876 15.84 36.01 -54.77
C LEU C 876 15.33 34.85 -53.93
N PRO C 877 14.44 35.13 -52.97
CA PRO C 877 13.86 34.10 -52.10
C PRO C 877 13.02 33.16 -52.94
N ASN C 878 12.67 32.00 -52.38
CA ASN C 878 11.88 31.03 -53.11
C ASN C 878 10.37 31.21 -52.96
N PHE C 879 9.89 32.43 -53.20
CA PHE C 879 8.46 32.70 -53.11
C PHE C 879 8.08 33.96 -53.89
N GLY C 880 6.78 34.12 -54.14
CA GLY C 880 6.28 35.29 -54.85
C GLY C 880 6.96 35.61 -56.17
N PRO C 881 7.09 36.90 -56.50
CA PRO C 881 7.73 37.32 -57.75
C PRO C 881 9.19 36.90 -57.86
N TYR C 882 9.83 36.69 -56.72
CA TYR C 882 11.23 36.28 -56.71
C TYR C 882 11.36 34.86 -57.26
N LEU C 883 10.42 34.01 -56.91
CA LEU C 883 10.43 32.63 -57.39
C LEU C 883 10.24 32.63 -58.91
N GLU C 884 9.38 33.50 -59.41
CA GLU C 884 9.15 33.60 -60.85
C GLU C 884 10.46 33.96 -61.56
N GLN C 885 11.20 34.88 -60.96
CA GLN C 885 12.48 35.29 -61.54
C GLN C 885 13.49 34.16 -61.52
N ARG C 886 13.53 33.40 -60.43
CA ARG C 886 14.46 32.29 -60.32
C ARG C 886 14.17 31.27 -61.42
N LYS C 887 12.88 30.99 -61.63
CA LYS C 887 12.48 30.04 -62.65
C LYS C 887 12.86 30.50 -64.04
N LYS C 888 12.71 31.80 -64.30
CA LYS C 888 13.07 32.35 -65.60
C LYS C 888 14.57 32.20 -65.83
N ILE C 889 15.36 32.51 -64.81
CA ILE C 889 16.81 32.40 -64.89
C ILE C 889 17.26 30.96 -65.13
N ILE C 890 16.65 30.03 -64.39
CA ILE C 890 16.99 28.62 -64.55
C ILE C 890 16.63 28.14 -65.95
N ALA C 891 15.45 28.53 -66.43
CA ALA C 891 15.01 28.13 -67.76
C ALA C 891 16.01 28.60 -68.82
N GLU C 892 16.46 29.85 -68.70
CA GLU C 892 17.41 30.41 -69.65
C GLU C 892 18.73 29.65 -69.59
N GLU C 893 19.12 29.22 -68.39
CA GLU C 893 20.35 28.46 -68.21
C GLU C 893 20.25 27.11 -68.93
N LYS C 894 19.10 26.46 -68.83
CA LYS C 894 18.89 25.17 -69.47
C LYS C 894 18.98 25.29 -70.98
N MET C 895 18.44 26.38 -71.53
CA MET C 895 18.49 26.60 -72.97
C MET C 895 19.93 26.86 -73.42
N ARG C 896 20.69 27.53 -72.57
CA ARG C 896 22.07 27.82 -72.90
C ARG C 896 22.90 26.54 -72.88
N LEU C 897 22.58 25.65 -71.96
CA LEU C 897 23.29 24.38 -71.85
C LEU C 897 22.95 23.52 -73.07
N LYS C 898 21.78 23.77 -73.65
CA LYS C 898 21.34 23.01 -74.80
C LYS C 898 22.31 23.17 -75.98
N GLU C 899 23.45 23.79 -75.75
CA GLU C 899 24.46 23.92 -76.79
C GLU C 899 25.80 23.60 -76.18
N GLN C 900 25.84 22.50 -75.43
CA GLN C 900 27.04 22.06 -74.75
C GLN C 900 27.32 20.58 -75.03
N ASN C 901 28.49 20.13 -74.61
CA ASN C 901 28.91 18.74 -74.77
C ASN C 901 29.41 18.28 -73.41
N ALA C 902 28.49 17.85 -72.55
CA ALA C 902 28.84 17.40 -71.21
C ALA C 902 29.79 16.20 -71.23
N ALA C 903 30.67 16.14 -70.25
CA ALA C 903 31.65 15.06 -70.15
C ALA C 903 30.97 13.72 -69.91
N PHE C 904 31.72 12.64 -70.13
CA PHE C 904 31.23 11.29 -69.94
C PHE C 904 31.69 10.71 -68.62
N PRO C 905 30.75 10.39 -67.72
CA PRO C 905 31.19 9.82 -66.44
C PRO C 905 31.98 8.54 -66.73
N PRO C 906 32.98 8.23 -65.90
CA PRO C 906 33.82 7.03 -66.06
C PRO C 906 33.06 5.75 -66.38
N LEU C 907 33.70 4.87 -67.15
CA LEU C 907 33.10 3.59 -67.51
C LEU C 907 33.02 2.74 -66.25
N GLU C 908 34.04 2.88 -65.40
CA GLU C 908 34.10 2.14 -64.14
C GLU C 908 34.35 3.12 -63.01
N ARG C 909 33.67 2.92 -61.88
CA ARG C 909 33.88 3.79 -60.73
C ARG C 909 34.97 3.18 -59.87
N LYS C 910 35.85 4.03 -59.36
CA LYS C 910 36.96 3.55 -58.53
C LYS C 910 36.72 3.77 -57.04
N PRO C 911 36.29 2.72 -56.33
CA PRO C 911 36.02 2.77 -54.89
C PRO C 911 37.18 3.39 -54.12
N PHE C 912 36.86 4.05 -53.01
CA PHE C 912 37.88 4.66 -52.18
C PHE C 912 38.56 3.53 -51.40
N ILE C 913 39.85 3.67 -51.16
CA ILE C 913 40.59 2.65 -50.43
C ILE C 913 41.22 3.24 -49.17
N PRO C 914 41.07 2.53 -48.02
CA PRO C 914 41.64 3.02 -46.77
C PRO C 914 43.11 3.39 -46.98
N LYS C 915 43.50 4.56 -46.52
CA LYS C 915 44.88 5.02 -46.67
C LYS C 915 45.66 4.94 -45.35
N LYS C 916 45.04 4.30 -44.37
CA LYS C 916 45.68 4.10 -43.07
C LYS C 916 44.90 3.00 -42.36
N PRO C 917 45.47 2.42 -41.31
CA PRO C 917 44.78 1.35 -40.58
C PRO C 917 43.44 1.81 -40.02
N ILE C 918 42.47 0.91 -40.01
CA ILE C 918 41.16 1.24 -39.46
C ILE C 918 41.31 1.18 -37.94
N PRO C 919 40.97 2.27 -37.25
CA PRO C 919 41.08 2.33 -35.79
C PRO C 919 40.30 1.25 -35.06
N ALA C 920 40.90 0.72 -33.99
CA ALA C 920 40.24 -0.28 -33.15
C ALA C 920 39.59 0.53 -32.04
N ILE C 921 38.70 -0.06 -31.26
CA ILE C 921 38.05 0.68 -30.18
C ILE C 921 39.10 1.27 -29.25
N LYS C 922 40.12 0.49 -28.91
CA LYS C 922 41.18 0.96 -28.02
C LYS C 922 41.86 2.23 -28.53
N ASP C 923 41.86 2.42 -29.84
CA ASP C 923 42.49 3.59 -30.44
C ASP C 923 41.67 4.88 -30.36
N VAL C 924 40.38 4.77 -30.05
CA VAL C 924 39.55 5.97 -29.97
C VAL C 924 39.19 6.38 -28.55
N ILE C 925 39.31 5.44 -27.60
CA ILE C 925 38.96 5.73 -26.22
C ILE C 925 39.74 6.91 -25.62
N GLY C 926 38.99 7.88 -25.10
CA GLY C 926 39.58 9.05 -24.48
C GLY C 926 40.15 10.12 -25.39
N LYS C 927 40.02 9.95 -26.70
CA LYS C 927 40.56 10.92 -27.65
C LYS C 927 39.97 12.33 -27.60
N ALA C 928 38.80 12.49 -27.00
CA ALA C 928 38.17 13.81 -26.91
C ALA C 928 38.63 14.59 -25.69
N LEU C 929 39.20 13.90 -24.70
CA LEU C 929 39.64 14.54 -23.48
C LEU C 929 40.62 15.68 -23.70
N GLN C 930 41.42 15.58 -24.76
CA GLN C 930 42.41 16.60 -25.07
C GLN C 930 41.79 17.98 -25.32
N TYR C 931 40.51 18.02 -25.69
CA TYR C 931 39.85 19.29 -25.95
C TYR C 931 39.15 19.88 -24.72
N LEU C 932 39.02 19.07 -23.67
CA LEU C 932 38.36 19.53 -22.45
C LEU C 932 39.32 20.21 -21.48
N GLY C 933 38.83 21.27 -20.84
CA GLY C 933 39.66 22.00 -19.88
C GLY C 933 38.84 23.00 -19.09
N THR C 934 39.52 23.93 -18.45
CA THR C 934 38.86 24.97 -17.68
C THR C 934 38.42 26.09 -18.60
N PHE C 935 37.60 27.01 -18.10
CA PHE C 935 37.14 28.13 -18.91
C PHE C 935 38.34 29.00 -19.28
N GLY C 936 39.27 29.16 -18.34
CA GLY C 936 40.44 29.98 -18.59
C GLY C 936 41.31 29.51 -19.73
N GLU C 937 41.20 28.23 -20.08
CA GLU C 937 41.99 27.67 -21.18
C GLU C 937 41.35 27.97 -22.54
N LEU C 938 40.16 28.56 -22.52
CA LEU C 938 39.48 28.92 -23.76
C LEU C 938 39.93 30.30 -24.19
N SER C 939 40.24 30.46 -25.47
CA SER C 939 40.67 31.75 -25.98
C SER C 939 39.52 32.72 -26.09
N ASN C 940 39.69 33.92 -25.55
CA ASN C 940 38.64 34.92 -25.66
C ASN C 940 39.00 35.93 -26.75
N ILE C 941 40.06 35.65 -27.51
CA ILE C 941 40.39 36.56 -28.60
C ILE C 941 40.09 35.93 -29.96
N GLU C 942 39.98 34.61 -30.00
CA GLU C 942 39.62 33.94 -31.25
C GLU C 942 38.11 33.81 -31.22
N GLN C 943 37.44 34.91 -31.58
CA GLN C 943 35.98 34.99 -31.59
C GLN C 943 35.40 34.65 -32.96
N VAL C 944 34.10 34.38 -32.99
CA VAL C 944 33.41 34.05 -34.23
C VAL C 944 32.15 34.90 -34.39
N VAL C 945 31.59 34.88 -35.58
CA VAL C 945 30.36 35.60 -35.88
C VAL C 945 29.55 34.66 -36.75
N ALA C 946 28.23 34.87 -36.77
CA ALA C 946 27.35 34.03 -37.57
C ALA C 946 27.29 34.49 -39.03
N VAL C 947 27.20 33.53 -39.94
CA VAL C 947 27.10 33.82 -41.37
C VAL C 947 25.99 32.94 -41.94
N ILE C 948 25.05 33.56 -42.64
CA ILE C 948 23.92 32.83 -43.21
C ILE C 948 24.01 32.57 -44.70
N ASP C 949 23.71 31.33 -45.10
CA ASP C 949 23.72 30.97 -46.52
C ASP C 949 22.32 31.25 -47.04
N GLU C 950 22.18 32.39 -47.70
CA GLU C 950 20.92 32.85 -48.26
C GLU C 950 20.19 31.79 -49.10
N GLU C 951 20.95 30.95 -49.80
CA GLU C 951 20.34 29.92 -50.65
C GLU C 951 19.65 28.79 -49.89
N MET C 952 20.00 28.61 -48.63
CA MET C 952 19.43 27.54 -47.80
C MET C 952 18.31 28.02 -46.88
N CYS C 953 18.23 29.32 -46.70
CA CYS C 953 17.25 29.95 -45.81
C CYS C 953 15.80 29.76 -46.25
N ILE C 954 14.92 29.48 -45.28
CA ILE C 954 13.51 29.33 -45.60
C ILE C 954 12.68 30.49 -45.05
N ASN C 955 13.36 31.61 -44.81
CA ASN C 955 12.75 32.86 -44.39
C ASN C 955 11.82 32.94 -43.17
N CYS C 956 12.06 32.11 -42.17
CA CYS C 956 11.19 32.09 -40.99
C CYS C 956 11.48 33.20 -39.99
N GLY C 957 12.69 33.73 -40.01
CA GLY C 957 13.05 34.80 -39.10
C GLY C 957 13.31 34.40 -37.65
N LYS C 958 13.49 33.10 -37.39
CA LYS C 958 13.74 32.67 -36.02
C LYS C 958 15.09 33.19 -35.52
N CYS C 959 16.07 33.26 -36.42
CA CYS C 959 17.39 33.76 -36.05
C CYS C 959 17.22 35.21 -35.58
N TYR C 960 16.43 35.96 -36.33
CA TYR C 960 16.12 37.35 -36.05
C TYR C 960 15.44 37.53 -34.69
N MET C 961 14.42 36.72 -34.43
CA MET C 961 13.68 36.79 -33.17
C MET C 961 14.53 36.41 -31.95
N THR C 962 15.38 35.40 -32.11
CA THR C 962 16.23 34.97 -31.01
C THR C 962 17.28 36.03 -30.70
N CYS C 963 17.88 36.61 -31.74
CA CYS C 963 18.87 37.65 -31.50
C CYS C 963 18.20 38.90 -30.91
N ASN C 964 16.95 39.14 -31.28
CA ASN C 964 16.24 40.32 -30.79
C ASN C 964 15.85 40.25 -29.31
N ASP C 965 15.25 39.15 -28.89
CA ASP C 965 14.79 39.02 -27.51
C ASP C 965 15.68 38.15 -26.63
N SER C 966 16.77 37.64 -27.18
CA SER C 966 17.70 36.80 -26.43
C SER C 966 19.14 37.08 -26.82
N GLY C 967 19.35 38.11 -27.64
CA GLY C 967 20.70 38.39 -28.09
C GLY C 967 21.16 39.84 -28.15
N TYR C 968 21.70 40.23 -29.30
CA TYR C 968 22.25 41.56 -29.49
C TYR C 968 21.65 42.39 -30.61
N GLN C 969 20.44 42.03 -31.05
CA GLN C 969 19.76 42.77 -32.10
C GLN C 969 20.72 43.06 -33.27
N ALA C 970 21.45 42.02 -33.69
CA ALA C 970 22.44 42.18 -34.75
C ALA C 970 22.03 41.69 -36.14
N ILE C 971 20.80 41.21 -36.27
CA ILE C 971 20.32 40.71 -37.54
C ILE C 971 19.27 41.60 -38.20
N GLN C 972 19.46 41.89 -39.48
CA GLN C 972 18.48 42.68 -40.23
C GLN C 972 17.62 41.66 -40.95
N PHE C 973 16.30 41.83 -40.89
CA PHE C 973 15.36 40.91 -41.55
C PHE C 973 14.62 41.74 -42.60
N ASP C 974 14.93 41.52 -43.88
CA ASP C 974 14.30 42.28 -44.95
C ASP C 974 12.78 42.14 -45.01
N PRO C 975 12.06 43.27 -45.00
CA PRO C 975 10.60 43.26 -45.05
C PRO C 975 9.97 42.77 -46.35
N GLU C 976 10.75 42.72 -47.43
CA GLU C 976 10.22 42.27 -48.71
C GLU C 976 10.62 40.84 -49.06
N THR C 977 11.88 40.50 -48.82
CA THR C 977 12.38 39.16 -49.14
C THR C 977 12.39 38.22 -47.95
N HIS C 978 12.26 38.76 -46.74
CA HIS C 978 12.30 37.94 -45.53
C HIS C 978 13.64 37.20 -45.49
N LEU C 979 14.71 37.88 -45.91
CA LEU C 979 16.05 37.30 -45.87
C LEU C 979 16.80 38.01 -44.75
N PRO C 980 17.48 37.23 -43.89
CA PRO C 980 18.23 37.80 -42.78
C PRO C 980 19.68 38.08 -43.14
N THR C 981 20.25 39.11 -42.52
CA THR C 981 21.63 39.49 -42.73
C THR C 981 22.25 39.77 -41.37
N VAL C 982 23.32 39.06 -41.04
CA VAL C 982 24.00 39.26 -39.77
C VAL C 982 24.91 40.50 -39.93
N THR C 983 24.81 41.45 -39.00
CA THR C 983 25.63 42.65 -39.08
C THR C 983 26.86 42.57 -38.21
N ASP C 984 27.65 43.63 -38.22
CA ASP C 984 28.90 43.69 -37.47
C ASP C 984 28.74 43.71 -35.95
N THR C 985 27.51 43.86 -35.46
CA THR C 985 27.28 43.88 -34.01
C THR C 985 27.16 42.48 -33.41
N CYS C 986 27.26 41.46 -34.25
CA CYS C 986 27.18 40.08 -33.80
C CYS C 986 28.31 39.80 -32.80
N THR C 987 28.00 39.02 -31.75
CA THR C 987 29.01 38.68 -30.74
C THR C 987 29.35 37.19 -30.80
N GLY C 988 28.73 36.47 -31.71
CA GLY C 988 28.99 35.05 -31.86
C GLY C 988 28.42 34.17 -30.76
N CYS C 989 27.41 34.67 -30.04
CA CYS C 989 26.82 33.87 -28.96
C CYS C 989 26.37 32.50 -29.47
N THR C 990 25.97 32.45 -30.74
CA THR C 990 25.56 31.22 -31.44
C THR C 990 24.10 30.77 -31.28
N LEU C 991 23.29 31.59 -30.62
CA LEU C 991 21.88 31.25 -30.44
C LEU C 991 21.11 31.11 -31.76
N CYS C 992 21.36 32.02 -32.70
CA CYS C 992 20.65 31.97 -33.98
C CYS C 992 20.90 30.64 -34.68
N LEU C 993 22.16 30.23 -34.76
CA LEU C 993 22.49 28.96 -35.39
C LEU C 993 21.75 27.84 -34.67
N SER C 994 21.71 27.94 -33.34
CA SER C 994 21.06 26.93 -32.50
C SER C 994 19.56 26.77 -32.69
N VAL C 995 18.87 27.82 -33.16
CA VAL C 995 17.44 27.71 -33.36
C VAL C 995 17.02 27.60 -34.82
N CYS C 996 17.98 27.71 -35.74
CA CYS C 996 17.65 27.63 -37.16
C CYS C 996 17.15 26.23 -37.55
N PRO C 997 16.02 26.16 -38.28
CA PRO C 997 15.47 24.87 -38.68
C PRO C 997 16.25 24.14 -39.79
N ILE C 998 17.10 24.87 -40.51
CA ILE C 998 17.86 24.26 -41.60
C ILE C 998 19.29 23.96 -41.18
N ILE C 999 19.64 22.68 -41.18
CA ILE C 999 20.97 22.25 -40.80
C ILE C 999 22.04 22.93 -41.64
N ASP C 1000 22.99 23.58 -40.96
CA ASP C 1000 24.10 24.26 -41.61
C ASP C 1000 23.77 25.46 -42.49
N CYS C 1001 22.57 26.02 -42.33
CA CYS C 1001 22.22 27.21 -43.11
C CYS C 1001 23.06 28.34 -42.52
N ILE C 1002 23.20 28.32 -41.20
CA ILE C 1002 23.99 29.30 -40.48
C ILE C 1002 25.26 28.60 -40.01
N ARG C 1003 26.39 29.29 -40.12
CA ARG C 1003 27.67 28.74 -39.68
C ARG C 1003 28.46 29.82 -38.93
N MET C 1004 29.24 29.40 -37.94
CA MET C 1004 30.05 30.34 -37.18
C MET C 1004 31.43 30.40 -37.86
N VAL C 1005 31.87 31.59 -38.22
CA VAL C 1005 33.16 31.75 -38.86
C VAL C 1005 34.03 32.69 -38.06
N SER C 1006 35.34 32.53 -38.20
CA SER C 1006 36.31 33.36 -37.50
C SER C 1006 36.04 34.83 -37.75
N ARG C 1007 36.00 35.62 -36.68
CA ARG C 1007 35.74 37.05 -36.78
C ARG C 1007 36.92 37.71 -37.50
N THR C 1008 36.60 38.55 -38.47
CA THR C 1008 37.64 39.22 -39.22
C THR C 1008 37.65 40.69 -38.84
N THR C 1009 36.54 41.14 -38.27
CA THR C 1009 36.39 42.52 -37.83
C THR C 1009 36.74 42.59 -36.35
N PRO C 1010 37.17 43.77 -35.87
CA PRO C 1010 37.54 43.95 -34.47
C PRO C 1010 36.40 43.64 -33.50
N TYR C 1011 36.73 42.95 -32.40
CA TYR C 1011 35.74 42.60 -31.40
C TYR C 1011 36.09 43.18 -30.04
N GLU C 1012 35.16 43.96 -29.52
CA GLU C 1012 35.30 44.60 -28.23
C GLU C 1012 34.02 44.35 -27.47
N PRO C 1013 34.13 43.82 -26.25
CA PRO C 1013 32.94 43.55 -25.44
C PRO C 1013 32.14 44.82 -25.18
N LYS C 1014 30.82 44.73 -25.29
CA LYS C 1014 29.95 45.87 -25.02
C LYS C 1014 29.81 45.99 -23.51
N ARG C 1015 30.30 47.10 -22.95
CA ARG C 1015 30.24 47.30 -21.51
C ARG C 1015 29.03 48.14 -21.08
N GLY C 1016 28.29 48.65 -22.07
CA GLY C 1016 27.13 49.46 -21.77
C GLY C 1016 27.48 50.84 -21.23
N LEU C 1017 28.47 50.90 -20.33
CA LEU C 1017 28.85 52.18 -19.77
C LEU C 1017 30.32 52.32 -19.57
N PRO C 1018 30.95 53.25 -20.34
CA PRO C 1018 32.37 53.53 -20.32
C PRO C 1018 33.07 52.92 -19.12
N LEU C 1019 33.83 51.87 -19.41
CA LEU C 1019 34.55 51.16 -18.37
C LEU C 1019 35.57 52.11 -17.76
N ALA C 1020 35.29 52.58 -16.55
CA ALA C 1020 36.17 53.50 -15.86
C ALA C 1020 36.92 52.78 -14.74
N ALA D 2 15.70 -27.38 -11.22
CA ALA D 2 14.46 -26.83 -11.85
C ALA D 2 14.68 -26.64 -13.34
N PRO D 3 13.60 -26.47 -14.12
CA PRO D 3 13.72 -26.28 -15.57
C PRO D 3 14.74 -25.20 -15.92
N VAL D 4 14.94 -24.96 -17.21
CA VAL D 4 15.90 -23.94 -17.63
C VAL D 4 15.25 -22.57 -17.42
N LEU D 5 15.66 -21.90 -16.35
CA LEU D 5 15.10 -20.59 -16.00
C LEU D 5 15.25 -19.51 -17.06
N SER D 6 16.39 -19.48 -17.73
CA SER D 6 16.68 -18.47 -18.74
C SER D 6 16.13 -18.76 -20.13
N LYS D 7 15.14 -19.65 -20.22
CA LYS D 7 14.51 -19.99 -21.49
C LYS D 7 13.02 -19.76 -21.42
N ASP D 8 12.44 -19.31 -22.54
CA ASP D 8 11.01 -19.07 -22.62
C ASP D 8 10.30 -20.41 -22.79
N VAL D 9 9.24 -20.64 -22.04
CA VAL D 9 8.48 -21.88 -22.18
C VAL D 9 7.68 -21.74 -23.48
N ALA D 10 7.10 -22.84 -23.95
CA ALA D 10 6.34 -22.85 -25.20
C ALA D 10 5.32 -21.71 -25.35
N ASP D 11 4.51 -21.48 -24.32
CA ASP D 11 3.50 -20.44 -24.38
C ASP D 11 4.06 -19.04 -24.60
N ILE D 12 5.21 -18.76 -24.00
CA ILE D 12 5.84 -17.43 -24.15
C ILE D 12 6.50 -17.33 -25.51
N GLU D 13 7.10 -18.42 -25.96
CA GLU D 13 7.74 -18.46 -27.26
C GLU D 13 6.67 -18.17 -28.31
N SER D 14 5.46 -18.67 -28.04
CA SER D 14 4.33 -18.47 -28.93
C SER D 14 3.87 -17.01 -28.91
N ILE D 15 3.78 -16.43 -27.72
CA ILE D 15 3.35 -15.04 -27.62
C ILE D 15 4.38 -14.10 -28.28
N LEU D 16 5.64 -14.53 -28.31
CA LEU D 16 6.73 -13.75 -28.91
C LEU D 16 6.90 -13.98 -30.41
N ALA D 17 6.01 -14.76 -31.01
CA ALA D 17 6.09 -15.09 -32.43
C ALA D 17 6.34 -13.92 -33.39
N LEU D 18 5.64 -12.81 -33.18
CA LEU D 18 5.79 -11.64 -34.06
C LEU D 18 6.80 -10.61 -33.55
N ASN D 19 7.52 -10.94 -32.49
CA ASN D 19 8.51 -10.02 -31.93
C ASN D 19 9.66 -9.86 -32.92
N PRO D 20 10.15 -8.63 -33.11
CA PRO D 20 11.25 -8.32 -34.03
C PRO D 20 12.51 -9.14 -33.76
N ARG D 21 13.07 -9.70 -34.83
CA ARG D 21 14.30 -10.48 -34.74
C ARG D 21 15.11 -10.25 -36.01
N THR D 22 16.42 -10.06 -35.84
CA THR D 22 17.35 -9.86 -36.95
C THR D 22 17.40 -11.06 -37.88
N GLN D 23 17.24 -10.84 -39.17
CA GLN D 23 17.32 -11.95 -40.11
C GLN D 23 18.77 -12.09 -40.58
N SER D 24 19.23 -13.33 -40.72
CA SER D 24 20.60 -13.59 -41.14
C SER D 24 20.71 -13.87 -42.64
N HIS D 25 19.57 -13.89 -43.32
CA HIS D 25 19.53 -14.13 -44.76
C HIS D 25 18.47 -13.24 -45.41
N ALA D 26 18.56 -13.09 -46.72
CA ALA D 26 17.58 -12.29 -47.45
C ALA D 26 16.31 -13.14 -47.45
N ALA D 27 15.16 -12.49 -47.50
CA ALA D 27 13.88 -13.21 -47.49
C ALA D 27 13.49 -13.69 -48.89
N LEU D 28 12.69 -14.75 -48.93
CA LEU D 28 12.24 -15.29 -50.21
C LEU D 28 10.70 -15.34 -50.23
N HIS D 29 10.11 -14.54 -51.09
CA HIS D 29 8.65 -14.48 -51.24
C HIS D 29 8.39 -14.18 -52.71
N SER D 30 7.65 -15.06 -53.39
CA SER D 30 7.37 -14.87 -54.81
C SER D 30 6.51 -13.65 -55.08
N THR D 31 6.65 -13.10 -56.29
CA THR D 31 5.88 -11.93 -56.69
C THR D 31 4.39 -12.22 -56.59
N LEU D 32 3.99 -13.44 -56.96
CA LEU D 32 2.58 -13.81 -56.89
C LEU D 32 2.10 -13.82 -55.44
N ALA D 33 2.89 -14.42 -54.55
CA ALA D 33 2.54 -14.47 -53.14
C ALA D 33 2.39 -13.05 -52.60
N LYS D 34 3.28 -12.16 -53.02
CA LYS D 34 3.25 -10.77 -52.58
C LYS D 34 1.99 -10.07 -53.07
N LYS D 35 1.64 -10.27 -54.34
CA LYS D 35 0.45 -9.64 -54.90
C LYS D 35 -0.78 -10.06 -54.10
N LEU D 36 -0.80 -11.33 -53.69
CA LEU D 36 -1.92 -11.89 -52.93
C LEU D 36 -1.99 -11.43 -51.49
N ASP D 37 -0.85 -11.10 -50.91
CA ASP D 37 -0.81 -10.66 -49.51
C ASP D 37 -1.02 -9.16 -49.33
N LYS D 38 -0.68 -8.39 -50.35
CA LYS D 38 -0.80 -6.93 -50.28
C LYS D 38 -2.18 -6.41 -49.87
N LYS D 39 -3.24 -6.97 -50.43
CA LYS D 39 -4.59 -6.51 -50.10
C LYS D 39 -4.99 -6.63 -48.62
N HIS D 40 -4.38 -7.57 -47.90
CA HIS D 40 -4.72 -7.76 -46.50
C HIS D 40 -4.35 -6.57 -45.61
N TRP D 41 -3.29 -5.86 -45.98
CA TRP D 41 -2.81 -4.73 -45.17
C TRP D 41 -3.13 -3.33 -45.70
N LYS D 42 -3.75 -3.26 -46.87
CA LYS D 42 -4.10 -1.99 -47.52
C LYS D 42 -4.81 -0.97 -46.62
N ARG D 43 -4.22 0.22 -46.50
CA ARG D 43 -4.79 1.30 -45.70
C ARG D 43 -5.43 2.40 -46.55
N ASN D 44 -4.72 2.82 -47.58
CA ASN D 44 -5.16 3.91 -48.46
C ASN D 44 -6.05 3.44 -49.61
N PRO D 45 -6.57 4.39 -50.40
CA PRO D 45 -7.43 3.99 -51.52
C PRO D 45 -6.71 3.11 -52.54
N ASP D 46 -7.45 2.18 -53.14
CA ASP D 46 -6.89 1.27 -54.14
C ASP D 46 -7.04 1.92 -55.51
N LYS D 47 -5.92 2.18 -56.18
CA LYS D 47 -5.96 2.81 -57.49
C LYS D 47 -6.70 1.96 -58.53
N ASN D 48 -6.80 0.65 -58.26
CA ASN D 48 -7.48 -0.24 -59.19
C ASN D 48 -8.98 -0.33 -58.94
N CYS D 49 -9.43 0.20 -57.81
CA CYS D 49 -10.85 0.18 -57.49
C CYS D 49 -11.47 1.39 -58.19
N PHE D 50 -12.49 1.14 -58.99
CA PHE D 50 -13.11 2.24 -59.71
C PHE D 50 -14.18 2.99 -58.93
N HIS D 51 -15.13 2.31 -58.31
CA HIS D 51 -16.05 3.06 -57.47
C HIS D 51 -16.06 2.48 -56.07
N CYS D 52 -15.74 3.34 -55.11
CA CYS D 52 -15.66 2.94 -53.72
C CYS D 52 -17.01 2.95 -53.00
N GLU D 53 -16.96 2.64 -51.71
CA GLU D 53 -18.12 2.54 -50.85
C GLU D 53 -19.26 3.55 -50.93
N LYS D 54 -20.44 3.06 -50.56
CA LYS D 54 -21.70 3.80 -50.54
C LYS D 54 -21.69 5.00 -49.58
N LEU D 55 -22.40 6.07 -49.95
CA LEU D 55 -22.46 7.27 -49.13
C LEU D 55 -23.86 7.83 -48.94
N GLU D 56 -24.88 7.04 -49.28
CA GLU D 56 -26.25 7.49 -49.15
C GLU D 56 -26.56 7.80 -47.68
N ASN D 57 -27.05 9.01 -47.46
CA ASN D 57 -27.41 9.50 -46.12
C ASN D 57 -26.23 9.51 -45.16
N ASN D 58 -25.02 9.58 -45.68
CA ASN D 58 -23.83 9.62 -44.85
C ASN D 58 -23.26 11.03 -44.80
N PHE D 59 -23.49 11.75 -43.70
CA PHE D 59 -22.98 13.11 -43.60
C PHE D 59 -21.83 13.27 -42.61
N ASP D 60 -21.08 12.18 -42.40
CA ASP D 60 -19.94 12.22 -41.50
C ASP D 60 -18.89 13.15 -42.11
N ASP D 61 -18.10 13.78 -41.26
CA ASP D 61 -17.06 14.70 -41.68
C ASP D 61 -16.07 14.06 -42.66
N ILE D 62 -15.86 14.70 -43.80
CA ILE D 62 -14.93 14.16 -44.79
C ILE D 62 -13.69 15.03 -45.00
N LYS D 63 -13.56 16.09 -44.22
CA LYS D 63 -12.40 16.97 -44.35
C LYS D 63 -11.12 16.25 -44.02
N HIS D 64 -10.08 16.45 -44.83
CA HIS D 64 -8.79 15.82 -44.60
C HIS D 64 -8.00 16.64 -43.57
N THR D 65 -8.45 17.86 -43.30
CA THR D 65 -7.74 18.73 -42.37
C THR D 65 -8.15 18.68 -40.91
N THR D 66 -9.23 17.97 -40.61
CA THR D 66 -9.69 17.85 -39.23
C THR D 66 -8.62 17.22 -38.36
N LEU D 67 -8.39 17.80 -37.19
CA LEU D 67 -7.38 17.31 -36.25
C LEU D 67 -7.91 16.99 -34.86
N GLY D 68 -7.32 15.99 -34.23
CA GLY D 68 -7.66 15.62 -32.87
C GLY D 68 -6.56 16.24 -32.03
N GLU D 69 -6.63 16.14 -30.70
CA GLU D 69 -5.61 16.77 -29.88
C GLU D 69 -4.19 16.27 -30.16
N ARG D 70 -4.02 14.95 -30.24
CA ARG D 70 -2.71 14.37 -30.51
C ARG D 70 -2.11 14.95 -31.79
N GLY D 71 -2.90 14.93 -32.87
CA GLY D 71 -2.44 15.45 -34.13
C GLY D 71 -2.22 16.95 -34.15
N ALA D 72 -3.07 17.69 -33.44
CA ALA D 72 -2.96 19.14 -33.38
C ALA D 72 -1.69 19.54 -32.64
N LEU D 73 -1.37 18.85 -31.55
CA LEU D 73 -0.17 19.19 -30.79
C LEU D 73 1.09 18.97 -31.63
N ARG D 74 1.14 17.86 -32.38
CA ARG D 74 2.30 17.59 -33.22
C ARG D 74 2.45 18.65 -34.31
N GLU D 75 1.35 19.00 -34.97
CA GLU D 75 1.42 19.99 -36.03
C GLU D 75 1.75 21.39 -35.49
N ALA D 76 1.21 21.72 -34.32
CA ALA D 76 1.46 23.03 -33.72
C ALA D 76 2.93 23.16 -33.31
N MET D 77 3.52 22.05 -32.86
CA MET D 77 4.93 22.06 -32.45
C MET D 77 5.84 22.17 -33.66
N ARG D 78 5.37 21.69 -34.81
CA ARG D 78 6.14 21.72 -36.06
C ARG D 78 6.23 23.13 -36.65
N CYS D 79 5.18 23.92 -36.45
CA CYS D 79 5.14 25.29 -36.96
C CYS D 79 6.35 26.09 -36.46
N LEU D 80 6.99 26.82 -37.38
CA LEU D 80 8.17 27.63 -37.03
C LEU D 80 7.81 28.90 -36.25
N LYS D 81 6.52 29.26 -36.25
CA LYS D 81 6.07 30.45 -35.51
C LYS D 81 6.92 31.65 -35.93
N CYS D 82 6.93 31.86 -37.25
CA CYS D 82 7.70 32.89 -37.94
C CYS D 82 7.42 34.35 -37.64
N ALA D 83 8.45 35.17 -37.82
CA ALA D 83 8.35 36.61 -37.62
C ALA D 83 7.68 37.19 -38.88
N ASP D 84 6.89 38.24 -38.70
CA ASP D 84 6.22 38.90 -39.83
C ASP D 84 5.68 37.83 -40.77
N ALA D 85 5.09 36.80 -40.17
CA ALA D 85 4.56 35.63 -40.87
C ALA D 85 3.81 35.83 -42.18
N PRO D 86 4.27 35.16 -43.25
CA PRO D 86 3.65 35.26 -44.57
C PRO D 86 2.25 34.63 -44.61
N CYS D 87 2.03 33.65 -43.73
CA CYS D 87 0.72 33.00 -43.66
C CYS D 87 -0.30 34.05 -43.19
N GLN D 88 0.07 34.84 -42.19
CA GLN D 88 -0.83 35.89 -41.68
C GLN D 88 -1.06 36.96 -42.77
N LYS D 89 -0.02 37.29 -43.51
CA LYS D 89 -0.13 38.28 -44.59
C LYS D 89 -1.13 37.76 -45.62
N SER D 90 -1.15 36.44 -45.79
CA SER D 90 -2.01 35.79 -46.76
C SER D 90 -3.42 35.45 -46.27
N CYS D 91 -3.72 35.81 -45.03
CA CYS D 91 -5.05 35.57 -44.45
C CYS D 91 -5.87 36.84 -44.56
N PRO D 92 -7.03 36.78 -45.23
CA PRO D 92 -7.90 37.96 -45.40
C PRO D 92 -8.28 38.67 -44.11
N THR D 93 -8.34 37.95 -42.98
CA THR D 93 -8.68 38.60 -41.71
C THR D 93 -7.44 38.89 -40.86
N HIS D 94 -6.27 38.71 -41.45
CA HIS D 94 -4.99 38.98 -40.78
C HIS D 94 -4.83 38.29 -39.42
N LEU D 95 -5.27 37.04 -39.32
CA LEU D 95 -5.15 36.31 -38.06
C LEU D 95 -3.69 36.17 -37.64
N ASP D 96 -3.42 36.33 -36.34
CA ASP D 96 -2.06 36.20 -35.83
C ASP D 96 -1.84 34.70 -35.68
N ILE D 97 -1.57 34.04 -36.81
CA ILE D 97 -1.36 32.61 -36.84
C ILE D 97 -0.18 32.16 -35.99
N LYS D 98 0.90 32.93 -36.02
CA LYS D 98 2.07 32.61 -35.21
C LYS D 98 1.65 32.48 -33.74
N SER D 99 0.90 33.44 -33.24
CA SER D 99 0.49 33.42 -31.85
C SER D 99 -0.54 32.34 -31.51
N PHE D 100 -1.55 32.15 -32.36
CA PHE D 100 -2.53 31.14 -31.99
C PHE D 100 -1.97 29.73 -32.06
N ILE D 101 -1.05 29.49 -32.99
CA ILE D 101 -0.46 28.16 -33.09
C ILE D 101 0.53 27.94 -31.93
N THR D 102 1.19 29.00 -31.50
CA THR D 102 2.12 28.89 -30.37
C THR D 102 1.29 28.47 -29.14
N SER D 103 0.13 29.10 -28.96
CA SER D 103 -0.75 28.78 -27.84
C SER D 103 -1.15 27.30 -27.89
N ILE D 104 -1.51 26.80 -29.07
CA ILE D 104 -1.90 25.41 -29.18
C ILE D 104 -0.73 24.50 -28.78
N SER D 105 0.48 24.83 -29.24
CA SER D 105 1.65 24.02 -28.91
C SER D 105 1.89 24.00 -27.40
N ASN D 106 1.44 25.05 -26.71
CA ASN D 106 1.60 25.14 -25.26
C ASN D 106 0.34 24.65 -24.52
N LYS D 107 -0.54 23.99 -25.25
CA LYS D 107 -1.79 23.45 -24.71
C LYS D 107 -2.78 24.49 -24.19
N ASN D 108 -2.58 25.75 -24.61
CA ASN D 108 -3.46 26.83 -24.21
C ASN D 108 -4.48 27.05 -25.33
N TYR D 109 -5.46 26.17 -25.40
CA TYR D 109 -6.48 26.24 -26.44
C TYR D 109 -7.37 27.48 -26.30
N TYR D 110 -7.61 27.93 -25.07
CA TYR D 110 -8.42 29.11 -24.86
C TYR D 110 -7.71 30.31 -25.50
N GLY D 111 -6.43 30.49 -25.17
CA GLY D 111 -5.67 31.60 -25.72
C GLY D 111 -5.66 31.59 -27.23
N ALA D 112 -5.55 30.40 -27.81
CA ALA D 112 -5.54 30.27 -29.26
C ALA D 112 -6.88 30.71 -29.83
N ALA D 113 -7.97 30.22 -29.23
CA ALA D 113 -9.31 30.56 -29.70
C ALA D 113 -9.57 32.05 -29.58
N LYS D 114 -9.13 32.64 -28.46
CA LYS D 114 -9.30 34.07 -28.22
C LYS D 114 -8.61 34.88 -29.30
N MET D 115 -7.39 34.46 -29.67
CA MET D 115 -6.63 35.14 -30.71
C MET D 115 -7.34 35.01 -32.06
N ILE D 116 -7.82 33.81 -32.35
CA ILE D 116 -8.53 33.53 -33.58
C ILE D 116 -9.81 34.38 -33.69
N PHE D 117 -10.67 34.32 -32.68
CA PHE D 117 -11.90 35.07 -32.72
C PHE D 117 -11.73 36.59 -32.63
N SER D 118 -10.61 37.04 -32.08
CA SER D 118 -10.37 38.48 -31.99
C SER D 118 -10.38 39.09 -33.39
N ASP D 119 -9.80 38.38 -34.36
CA ASP D 119 -9.75 38.88 -35.72
C ASP D 119 -10.76 38.26 -36.69
N ASN D 120 -11.40 37.17 -36.27
CA ASN D 120 -12.39 36.51 -37.13
C ASN D 120 -13.51 35.90 -36.28
N PRO D 121 -14.66 36.59 -36.20
CA PRO D 121 -15.85 36.17 -35.43
C PRO D 121 -16.41 34.82 -35.87
N LEU D 122 -16.02 34.38 -37.06
CA LEU D 122 -16.47 33.07 -37.56
C LEU D 122 -15.25 32.16 -37.66
N GLY D 123 -14.39 32.22 -36.64
CA GLY D 123 -13.17 31.43 -36.62
C GLY D 123 -13.32 29.93 -36.81
N LEU D 124 -14.36 29.34 -36.24
CA LEU D 124 -14.53 27.89 -36.39
C LEU D 124 -14.98 27.54 -37.80
N THR D 125 -15.97 28.26 -38.31
CA THR D 125 -16.45 28.02 -39.66
C THR D 125 -15.27 28.11 -40.65
N CYS D 126 -14.50 29.19 -40.56
CA CYS D 126 -13.37 29.38 -41.46
C CYS D 126 -12.30 28.32 -41.33
N GLY D 127 -11.99 27.91 -40.11
CA GLY D 127 -10.98 26.87 -39.95
C GLY D 127 -11.42 25.65 -40.74
N MET D 128 -12.72 25.41 -40.79
CA MET D 128 -13.27 24.27 -41.52
C MET D 128 -13.40 24.42 -43.02
N VAL D 129 -13.77 25.62 -43.49
CA VAL D 129 -13.99 25.80 -44.92
C VAL D 129 -13.03 26.67 -45.74
N CYS D 130 -12.13 27.40 -45.09
CA CYS D 130 -11.21 28.24 -45.84
C CYS D 130 -10.38 27.44 -46.86
N PRO D 131 -10.29 27.95 -48.09
CA PRO D 131 -9.50 27.26 -49.13
C PRO D 131 -8.07 27.71 -48.87
N THR D 132 -7.50 27.23 -47.76
CA THR D 132 -6.16 27.60 -47.33
C THR D 132 -5.04 27.55 -48.37
N SER D 133 -5.08 26.59 -49.30
CA SER D 133 -4.03 26.51 -50.32
C SER D 133 -3.95 27.78 -51.16
N ASP D 134 -5.06 28.50 -51.22
CA ASP D 134 -5.11 29.74 -51.98
C ASP D 134 -5.06 30.94 -51.04
N LEU D 135 -4.84 30.68 -49.76
CA LEU D 135 -4.79 31.75 -48.76
C LEU D 135 -3.56 31.62 -47.83
N CYS D 136 -3.82 31.53 -46.53
CA CYS D 136 -2.75 31.44 -45.52
C CYS D 136 -1.71 30.35 -45.80
N VAL D 137 -2.15 29.12 -46.00
CA VAL D 137 -1.23 28.00 -46.24
C VAL D 137 -0.41 28.21 -47.52
N GLY D 138 -0.97 28.94 -48.49
CA GLY D 138 -0.27 29.19 -49.73
C GLY D 138 1.01 29.99 -49.56
N GLY D 139 1.13 30.68 -48.44
CA GLY D 139 2.33 31.48 -48.20
C GLY D 139 3.21 30.95 -47.08
N CYS D 140 2.86 29.78 -46.54
CA CYS D 140 3.61 29.16 -45.44
C CYS D 140 5.07 28.85 -45.79
N ASN D 141 6.00 29.33 -44.95
CA ASN D 141 7.42 29.09 -45.19
C ASN D 141 7.79 27.60 -45.19
N LEU D 142 7.07 26.79 -44.42
CA LEU D 142 7.39 25.37 -44.38
C LEU D 142 7.10 24.65 -45.69
N TYR D 143 6.56 25.38 -46.66
CA TYR D 143 6.32 24.78 -47.96
C TYR D 143 7.71 24.49 -48.53
N ALA D 144 8.72 25.20 -48.02
CA ALA D 144 10.09 25.03 -48.47
C ALA D 144 10.79 23.81 -47.85
N THR D 145 10.03 22.93 -47.19
CA THR D 145 10.61 21.73 -46.61
C THR D 145 9.87 20.53 -47.20
N GLU D 146 10.54 19.38 -47.20
CA GLU D 146 9.92 18.17 -47.74
C GLU D 146 8.60 17.84 -47.05
N GLU D 147 8.54 18.01 -45.74
CA GLU D 147 7.32 17.69 -45.00
C GLU D 147 6.16 18.63 -45.34
N GLY D 148 6.47 19.80 -45.90
CA GLY D 148 5.41 20.70 -46.32
C GLY D 148 4.81 21.69 -45.34
N SER D 149 3.92 22.53 -45.88
CA SER D 149 3.23 23.57 -45.13
C SER D 149 2.39 23.05 -43.97
N ILE D 150 2.15 23.95 -43.01
CA ILE D 150 1.36 23.66 -41.83
C ILE D 150 -0.13 23.61 -42.14
N ASN D 151 -0.84 22.71 -41.48
CA ASN D 151 -2.29 22.58 -41.63
C ASN D 151 -2.90 23.65 -40.72
N ILE D 152 -2.86 24.89 -41.18
CA ILE D 152 -3.38 26.01 -40.40
C ILE D 152 -4.88 25.90 -40.14
N GLY D 153 -5.63 25.53 -41.17
CA GLY D 153 -7.08 25.41 -41.02
C GLY D 153 -7.48 24.41 -39.95
N GLY D 154 -6.86 23.24 -39.98
CA GLY D 154 -7.16 22.21 -38.99
C GLY D 154 -6.79 22.62 -37.58
N LEU D 155 -5.71 23.38 -37.43
CA LEU D 155 -5.31 23.85 -36.11
C LEU D 155 -6.32 24.87 -35.60
N GLN D 156 -6.75 25.77 -36.48
CA GLN D 156 -7.72 26.79 -36.11
C GLN D 156 -9.02 26.12 -35.68
N GLN D 157 -9.41 25.11 -36.46
CA GLN D 157 -10.62 24.35 -36.18
C GLN D 157 -10.52 23.67 -34.81
N PHE D 158 -9.39 23.05 -34.54
CA PHE D 158 -9.20 22.36 -33.27
C PHE D 158 -9.33 23.25 -32.04
N ALA D 159 -8.59 24.36 -32.02
CA ALA D 159 -8.65 25.26 -30.88
C ALA D 159 -10.07 25.81 -30.70
N SER D 160 -10.70 26.18 -31.80
CA SER D 160 -12.06 26.72 -31.75
C SER D 160 -13.06 25.69 -31.24
N GLU D 161 -12.87 24.44 -31.64
CA GLU D 161 -13.75 23.34 -31.20
C GLU D 161 -13.61 23.13 -29.70
N VAL D 162 -12.39 23.23 -29.19
CA VAL D 162 -12.19 23.05 -27.76
C VAL D 162 -12.88 24.19 -27.01
N PHE D 163 -12.69 25.41 -27.51
CA PHE D 163 -13.32 26.57 -26.89
C PHE D 163 -14.84 26.40 -26.89
N LYS D 164 -15.38 25.94 -28.02
CA LYS D 164 -16.82 25.71 -28.13
C LYS D 164 -17.27 24.75 -27.02
N ALA D 165 -16.50 23.68 -26.81
CA ALA D 165 -16.82 22.68 -25.79
C ALA D 165 -16.77 23.26 -24.37
N MET D 166 -15.96 24.29 -24.18
CA MET D 166 -15.85 24.92 -22.86
C MET D 166 -17.13 25.62 -22.47
N ASN D 167 -17.95 25.95 -23.48
CA ASN D 167 -19.21 26.61 -23.22
C ASN D 167 -19.04 27.90 -22.42
N ILE D 168 -18.17 28.77 -22.92
CA ILE D 168 -17.87 30.04 -22.29
C ILE D 168 -18.46 31.12 -23.20
N PRO D 169 -19.15 32.11 -22.63
CA PRO D 169 -19.75 33.17 -23.44
C PRO D 169 -18.81 34.33 -23.74
N GLN D 170 -19.16 35.13 -24.74
CA GLN D 170 -18.37 36.30 -25.10
C GLN D 170 -18.93 37.40 -24.21
N ILE D 171 -18.09 38.33 -23.78
CA ILE D 171 -18.59 39.42 -22.95
C ILE D 171 -18.22 40.76 -23.57
N ARG D 172 -18.90 41.79 -23.11
CA ARG D 172 -18.69 43.15 -23.56
C ARG D 172 -17.26 43.54 -23.22
N ASN D 173 -16.68 44.41 -24.03
CA ASN D 173 -15.31 44.87 -23.78
C ASN D 173 -15.23 45.43 -22.36
N PRO D 174 -14.36 44.83 -21.52
CA PRO D 174 -14.13 45.22 -20.12
C PRO D 174 -13.65 46.65 -19.87
N CYS D 175 -12.88 47.19 -20.79
CA CYS D 175 -12.37 48.55 -20.64
C CYS D 175 -13.36 49.61 -21.11
N LEU D 176 -14.52 49.18 -21.60
CA LEU D 176 -15.54 50.11 -22.06
C LEU D 176 -16.31 50.66 -20.87
N PRO D 177 -16.79 51.90 -20.97
CA PRO D 177 -17.55 52.50 -19.88
C PRO D 177 -18.81 51.66 -19.69
N SER D 178 -19.46 51.76 -18.54
CA SER D 178 -20.68 51.00 -18.31
C SER D 178 -21.70 51.42 -19.37
N GLN D 179 -22.64 50.53 -19.68
CA GLN D 179 -23.66 50.80 -20.68
C GLN D 179 -24.33 52.16 -20.50
N GLU D 180 -24.63 52.51 -19.26
CA GLU D 180 -25.30 53.75 -18.93
C GLU D 180 -24.43 54.99 -19.12
N LYS D 181 -23.12 54.82 -19.08
CA LYS D 181 -22.20 55.94 -19.25
C LYS D 181 -21.75 56.13 -20.68
N MET D 182 -22.24 55.28 -21.59
CA MET D 182 -21.86 55.39 -22.99
C MET D 182 -22.49 56.61 -23.64
N PRO D 183 -21.73 57.33 -24.50
CA PRO D 183 -22.27 58.50 -25.17
C PRO D 183 -23.52 58.14 -25.97
N GLU D 184 -24.39 59.12 -26.16
CA GLU D 184 -25.65 58.93 -26.90
C GLU D 184 -25.47 58.27 -28.27
N ALA D 185 -24.39 58.59 -28.95
CA ALA D 185 -24.11 58.06 -30.28
C ALA D 185 -24.16 56.53 -30.36
N TYR D 186 -23.75 55.85 -29.30
CA TYR D 186 -23.74 54.40 -29.32
C TYR D 186 -25.12 53.74 -29.26
N SER D 187 -26.16 54.56 -29.11
CA SER D 187 -27.53 54.03 -29.07
C SER D 187 -28.18 54.19 -30.44
N ALA D 188 -27.42 54.71 -31.40
CA ALA D 188 -27.92 54.90 -32.75
C ALA D 188 -28.45 53.58 -33.31
N LYS D 189 -29.65 53.61 -33.88
CA LYS D 189 -30.26 52.40 -34.45
C LYS D 189 -29.49 51.98 -35.69
N ILE D 190 -28.97 50.76 -35.66
CA ILE D 190 -28.20 50.23 -36.79
C ILE D 190 -28.92 49.03 -37.38
N ALA D 191 -28.98 48.97 -38.70
CA ALA D 191 -29.64 47.86 -39.38
C ALA D 191 -28.70 47.16 -40.34
N LEU D 192 -28.79 45.83 -40.38
CA LEU D 192 -27.99 45.03 -41.29
C LEU D 192 -28.97 44.12 -42.03
N LEU D 193 -28.76 43.95 -43.33
CA LEU D 193 -29.62 43.11 -44.14
C LEU D 193 -28.92 41.81 -44.52
N GLY D 194 -29.54 40.69 -44.15
CA GLY D 194 -28.97 39.38 -44.43
C GLY D 194 -28.15 38.90 -43.25
N ALA D 195 -28.42 37.69 -42.78
CA ALA D 195 -27.69 37.15 -41.63
C ALA D 195 -26.63 36.15 -42.06
N GLY D 196 -25.73 36.58 -42.94
CA GLY D 196 -24.66 35.72 -43.39
C GLY D 196 -23.35 36.16 -42.77
N PRO D 197 -22.22 35.55 -43.16
CA PRO D 197 -20.89 35.88 -42.65
C PRO D 197 -20.59 37.37 -42.59
N ALA D 198 -20.90 38.08 -43.68
CA ALA D 198 -20.63 39.51 -43.75
C ALA D 198 -21.31 40.32 -42.65
N SER D 199 -22.62 40.16 -42.53
CA SER D 199 -23.38 40.89 -41.51
C SER D 199 -23.07 40.42 -40.09
N ILE D 200 -22.88 39.12 -39.91
CA ILE D 200 -22.56 38.60 -38.59
C ILE D 200 -21.25 39.24 -38.11
N SER D 201 -20.28 39.31 -38.99
CA SER D 201 -18.99 39.91 -38.66
C SER D 201 -19.15 41.40 -38.37
N CYS D 202 -19.80 42.12 -39.27
CA CYS D 202 -20.01 43.55 -39.10
C CYS D 202 -20.72 43.86 -37.78
N ALA D 203 -21.84 43.18 -37.53
CA ALA D 203 -22.60 43.39 -36.31
C ALA D 203 -21.76 43.08 -35.07
N SER D 204 -20.94 42.03 -35.15
CA SER D 204 -20.10 41.64 -34.02
C SER D 204 -19.13 42.75 -33.63
N PHE D 205 -18.39 43.26 -34.61
CA PHE D 205 -17.42 44.31 -34.32
C PHE D 205 -18.08 45.61 -33.86
N LEU D 206 -19.24 45.94 -34.42
CA LEU D 206 -19.94 47.14 -33.99
C LEU D 206 -20.34 46.97 -32.53
N ALA D 207 -20.79 45.76 -32.19
CA ALA D 207 -21.20 45.47 -30.81
C ALA D 207 -19.98 45.59 -29.89
N ARG D 208 -18.82 45.13 -30.36
CA ARG D 208 -17.60 45.21 -29.56
C ARG D 208 -17.28 46.67 -29.25
N LEU D 209 -17.52 47.55 -30.22
CA LEU D 209 -17.28 48.98 -30.07
C LEU D 209 -18.22 49.65 -29.09
N GLY D 210 -19.29 48.96 -28.71
CA GLY D 210 -20.22 49.54 -27.76
C GLY D 210 -21.62 49.87 -28.25
N TYR D 211 -21.88 49.70 -29.54
CA TYR D 211 -23.21 50.00 -30.04
C TYR D 211 -24.24 49.04 -29.44
N SER D 212 -25.29 49.62 -28.87
CA SER D 212 -26.32 48.84 -28.18
C SER D 212 -27.64 48.57 -28.89
N ASP D 213 -27.81 49.07 -30.12
CA ASP D 213 -29.06 48.85 -30.84
C ASP D 213 -28.76 48.38 -32.26
N ILE D 214 -28.41 47.10 -32.38
CA ILE D 214 -28.06 46.51 -33.66
C ILE D 214 -29.03 45.41 -34.03
N THR D 215 -29.61 45.50 -35.22
CA THR D 215 -30.56 44.49 -35.65
C THR D 215 -30.25 43.97 -37.04
N ILE D 216 -30.22 42.65 -37.18
CA ILE D 216 -29.99 42.02 -38.47
C ILE D 216 -31.35 41.53 -38.95
N PHE D 217 -31.73 41.95 -40.15
CA PHE D 217 -33.00 41.50 -40.72
C PHE D 217 -32.70 40.43 -41.76
N GLU D 218 -33.17 39.21 -41.49
CA GLU D 218 -32.93 38.08 -42.37
C GLU D 218 -34.21 37.64 -43.10
N LYS D 219 -34.10 37.43 -44.40
CA LYS D 219 -35.24 37.01 -45.22
C LYS D 219 -35.78 35.63 -44.85
N GLN D 220 -34.89 34.66 -44.70
CA GLN D 220 -35.30 33.29 -44.38
C GLN D 220 -35.63 33.10 -42.91
N GLU D 221 -36.07 31.89 -42.57
CA GLU D 221 -36.40 31.53 -41.20
C GLU D 221 -35.17 31.03 -40.46
N TYR D 222 -34.10 30.78 -41.22
CA TYR D 222 -32.85 30.28 -40.64
C TYR D 222 -31.75 31.34 -40.79
N VAL D 223 -30.71 31.24 -39.97
CA VAL D 223 -29.61 32.20 -40.04
C VAL D 223 -28.29 31.52 -40.42
N GLY D 224 -27.31 32.34 -40.81
CA GLY D 224 -26.02 31.79 -41.18
C GLY D 224 -25.66 31.92 -42.66
N GLY D 225 -26.63 32.30 -43.48
CA GLY D 225 -26.37 32.44 -44.90
C GLY D 225 -26.01 31.13 -45.58
N LEU D 226 -25.10 31.20 -46.55
CA LEU D 226 -24.67 30.00 -47.29
C LEU D 226 -24.05 28.94 -46.38
N SER D 227 -23.41 29.38 -45.30
CA SER D 227 -22.80 28.44 -44.36
C SER D 227 -23.87 27.45 -43.88
N THR D 228 -25.10 27.94 -43.82
CA THR D 228 -26.23 27.14 -43.38
C THR D 228 -27.01 26.50 -44.54
N SER D 229 -27.39 27.33 -45.51
CA SER D 229 -28.21 26.86 -46.63
C SER D 229 -27.57 26.02 -47.73
N GLU D 230 -26.26 26.14 -47.94
CA GLU D 230 -25.63 25.37 -49.01
C GLU D 230 -24.38 24.55 -48.71
N ILE D 231 -23.44 25.07 -47.92
CA ILE D 231 -22.24 24.30 -47.62
C ILE D 231 -22.68 23.02 -46.91
N PRO D 232 -22.30 21.85 -47.44
CA PRO D 232 -22.67 20.55 -46.88
C PRO D 232 -22.30 20.30 -45.42
N GLN D 233 -23.21 19.59 -44.74
CA GLN D 233 -23.04 19.21 -43.35
C GLN D 233 -21.76 18.40 -43.17
N PHE D 234 -21.36 17.65 -44.21
CA PHE D 234 -20.16 16.84 -44.12
C PHE D 234 -18.85 17.62 -44.24
N ARG D 235 -18.97 18.94 -44.41
CA ARG D 235 -17.81 19.81 -44.47
C ARG D 235 -17.93 20.82 -43.32
N LEU D 236 -19.15 21.33 -43.11
CA LEU D 236 -19.42 22.31 -42.06
C LEU D 236 -20.66 21.96 -41.25
N PRO D 237 -20.48 21.37 -40.06
CA PRO D 237 -21.61 21.00 -39.20
C PRO D 237 -22.43 22.23 -38.83
N TYR D 238 -23.75 22.12 -38.88
CA TYR D 238 -24.62 23.24 -38.56
C TYR D 238 -24.41 23.78 -37.15
N ASP D 239 -24.07 22.91 -36.19
CA ASP D 239 -23.87 23.36 -34.81
C ASP D 239 -22.74 24.36 -34.70
N VAL D 240 -21.85 24.38 -35.69
CA VAL D 240 -20.74 25.34 -35.68
C VAL D 240 -21.32 26.74 -35.92
N VAL D 241 -22.20 26.83 -36.90
CA VAL D 241 -22.85 28.10 -37.25
C VAL D 241 -23.62 28.64 -36.05
N ASN D 242 -24.41 27.79 -35.42
CA ASN D 242 -25.20 28.18 -34.27
C ASN D 242 -24.30 28.71 -33.15
N PHE D 243 -23.16 28.05 -32.96
CA PHE D 243 -22.19 28.45 -31.94
C PHE D 243 -21.71 29.90 -32.15
N GLU D 244 -21.31 30.22 -33.37
CA GLU D 244 -20.82 31.56 -33.68
C GLU D 244 -21.92 32.62 -33.60
N ILE D 245 -23.14 32.24 -33.95
CA ILE D 245 -24.28 33.15 -33.89
C ILE D 245 -24.58 33.50 -32.43
N GLU D 246 -24.57 32.49 -31.56
CA GLU D 246 -24.84 32.71 -30.15
C GLU D 246 -23.78 33.58 -29.50
N LEU D 247 -22.53 33.44 -29.94
CA LEU D 247 -21.45 34.26 -29.39
C LEU D 247 -21.74 35.72 -29.73
N MET D 248 -22.23 35.95 -30.93
CA MET D 248 -22.57 37.30 -31.37
C MET D 248 -23.73 37.83 -30.55
N LYS D 249 -24.73 36.98 -30.32
CA LYS D 249 -25.90 37.40 -29.55
C LYS D 249 -25.53 37.74 -28.12
N ASP D 250 -24.42 37.19 -27.62
CA ASP D 250 -23.99 37.48 -26.26
C ASP D 250 -23.70 38.97 -26.13
N LEU D 251 -23.41 39.62 -27.26
CA LEU D 251 -23.11 41.05 -27.26
C LEU D 251 -24.35 41.93 -27.45
N GLY D 252 -25.52 41.31 -27.49
CA GLY D 252 -26.75 42.08 -27.64
C GLY D 252 -27.31 42.25 -29.04
N VAL D 253 -26.62 41.70 -30.04
CA VAL D 253 -27.09 41.81 -31.41
C VAL D 253 -28.41 41.06 -31.56
N LYS D 254 -29.38 41.72 -32.19
CA LYS D 254 -30.70 41.14 -32.41
C LYS D 254 -30.85 40.67 -33.85
N ILE D 255 -31.56 39.55 -34.03
CA ILE D 255 -31.80 39.03 -35.36
C ILE D 255 -33.30 38.81 -35.54
N ILE D 256 -33.84 39.36 -36.62
CA ILE D 256 -35.26 39.20 -36.92
C ILE D 256 -35.39 38.50 -38.25
N CYS D 257 -35.92 37.28 -38.22
CA CYS D 257 -36.10 36.48 -39.43
C CYS D 257 -37.44 36.76 -40.09
N GLY D 258 -37.57 36.37 -41.36
CA GLY D 258 -38.81 36.60 -42.07
C GLY D 258 -38.97 38.03 -42.52
N LYS D 259 -37.87 38.78 -42.57
CA LYS D 259 -37.89 40.18 -42.99
C LYS D 259 -36.97 40.36 -44.17
N SER D 260 -37.52 40.84 -45.29
CA SER D 260 -36.73 41.01 -46.49
C SER D 260 -36.53 42.44 -46.94
N LEU D 261 -35.36 42.69 -47.51
CA LEU D 261 -35.02 43.97 -48.09
C LEU D 261 -35.67 43.83 -49.47
N SER D 262 -36.78 44.52 -49.69
CA SER D 262 -37.48 44.43 -50.96
C SER D 262 -38.51 45.55 -51.03
N GLU D 263 -38.84 45.99 -52.24
CA GLU D 263 -39.82 47.05 -52.39
C GLU D 263 -41.10 46.52 -51.75
N ASN D 264 -41.79 47.37 -51.01
CA ASN D 264 -43.03 46.98 -50.33
C ASN D 264 -42.78 46.29 -48.99
N GLU D 265 -41.51 46.03 -48.68
CA GLU D 265 -41.15 45.44 -47.41
C GLU D 265 -40.12 46.40 -46.81
N ILE D 266 -38.92 45.93 -46.52
CA ILE D 266 -37.91 46.82 -45.98
C ILE D 266 -37.10 47.44 -47.12
N THR D 267 -36.95 48.75 -47.10
CA THR D 267 -36.16 49.44 -48.12
C THR D 267 -35.28 50.44 -47.39
N LEU D 268 -34.30 51.00 -48.08
CA LEU D 268 -33.42 51.97 -47.45
C LEU D 268 -34.26 53.17 -47.03
N ASN D 269 -35.29 53.49 -47.82
CA ASN D 269 -36.14 54.62 -47.48
C ASN D 269 -36.97 54.39 -46.23
N THR D 270 -37.52 53.19 -46.05
CA THR D 270 -38.31 52.92 -44.86
C THR D 270 -37.41 52.91 -43.62
N LEU D 271 -36.18 52.39 -43.77
CA LEU D 271 -35.25 52.35 -42.65
C LEU D 271 -34.88 53.78 -42.22
N LYS D 272 -34.57 54.63 -43.20
CA LYS D 272 -34.21 56.01 -42.91
C LYS D 272 -35.40 56.69 -42.24
N GLU D 273 -36.58 56.41 -42.78
CA GLU D 273 -37.84 56.93 -42.29
C GLU D 273 -38.06 56.54 -40.83
N GLU D 274 -37.68 55.30 -40.50
CA GLU D 274 -37.85 54.77 -39.14
C GLU D 274 -36.79 55.20 -38.15
N GLY D 275 -35.84 56.01 -38.58
CA GLY D 275 -34.83 56.48 -37.67
C GLY D 275 -33.50 55.74 -37.63
N TYR D 276 -33.30 54.75 -38.50
CA TYR D 276 -32.03 54.04 -38.51
C TYR D 276 -30.93 54.98 -39.00
N LYS D 277 -29.80 54.98 -38.29
CA LYS D 277 -28.70 55.87 -38.62
C LYS D 277 -27.68 55.33 -39.62
N ALA D 278 -27.62 54.01 -39.75
CA ALA D 278 -26.69 53.38 -40.67
C ALA D 278 -27.20 52.01 -41.07
N ALA D 279 -26.86 51.57 -42.27
CA ALA D 279 -27.30 50.27 -42.76
C ALA D 279 -26.16 49.54 -43.47
N PHE D 280 -26.09 48.23 -43.24
CA PHE D 280 -25.08 47.41 -43.90
C PHE D 280 -25.80 46.38 -44.75
N ILE D 281 -25.49 46.37 -46.04
CA ILE D 281 -26.11 45.42 -46.96
C ILE D 281 -25.24 44.17 -47.08
N GLY D 282 -25.74 43.05 -46.55
CA GLY D 282 -25.00 41.81 -46.64
C GLY D 282 -25.90 40.67 -47.06
N ILE D 283 -26.71 40.91 -48.10
CA ILE D 283 -27.65 39.92 -48.60
C ILE D 283 -27.09 38.91 -49.60
N GLY D 284 -25.80 39.02 -49.91
CA GLY D 284 -25.19 38.08 -50.86
C GLY D 284 -25.81 38.13 -52.24
N LEU D 285 -25.76 36.99 -52.94
CA LEU D 285 -26.32 36.86 -54.29
C LEU D 285 -27.42 35.79 -54.17
N PRO D 286 -28.65 36.24 -53.89
CA PRO D 286 -29.86 35.44 -53.69
C PRO D 286 -30.35 34.50 -54.79
N GLU D 287 -30.05 34.80 -56.05
CA GLU D 287 -30.56 33.98 -57.13
C GLU D 287 -29.52 33.22 -57.94
N PRO D 288 -29.93 32.09 -58.54
CA PRO D 288 -29.03 31.27 -59.35
C PRO D 288 -28.83 31.85 -60.73
N LYS D 289 -27.65 31.64 -61.30
CA LYS D 289 -27.40 32.11 -62.65
C LYS D 289 -28.12 31.07 -63.49
N THR D 290 -29.02 31.52 -64.35
CA THR D 290 -29.80 30.61 -65.19
C THR D 290 -29.30 30.55 -66.63
N ASP D 291 -29.80 29.56 -67.36
CA ASP D 291 -29.44 29.41 -68.76
C ASP D 291 -30.70 29.05 -69.54
N ASP D 292 -30.85 29.70 -70.69
CA ASP D 292 -32.01 29.50 -71.54
C ASP D 292 -32.36 28.05 -71.89
N ILE D 293 -31.35 27.19 -72.02
CA ILE D 293 -31.62 25.79 -72.37
C ILE D 293 -32.37 25.03 -71.27
N PHE D 294 -32.41 25.56 -70.06
CA PHE D 294 -33.10 24.90 -68.97
C PHE D 294 -34.48 25.46 -68.68
N GLN D 295 -34.91 26.43 -69.48
CA GLN D 295 -36.22 27.04 -69.24
C GLN D 295 -37.37 26.03 -69.21
N GLY D 296 -38.24 26.18 -68.21
CA GLY D 296 -39.38 25.30 -68.09
C GLY D 296 -39.14 23.95 -67.42
N LEU D 297 -37.89 23.54 -67.29
CA LEU D 297 -37.59 22.26 -66.65
C LEU D 297 -37.90 22.31 -65.17
N THR D 298 -38.51 21.25 -64.65
CA THR D 298 -38.90 21.19 -63.25
C THR D 298 -38.12 20.13 -62.49
N GLN D 299 -38.22 20.17 -61.17
CA GLN D 299 -37.53 19.20 -60.34
C GLN D 299 -38.09 17.81 -60.58
N ASP D 300 -39.40 17.73 -60.83
CA ASP D 300 -40.01 16.43 -61.09
C ASP D 300 -39.40 15.80 -62.33
N GLN D 301 -39.01 16.62 -63.29
CA GLN D 301 -38.39 16.12 -64.50
C GLN D 301 -36.94 15.76 -64.23
N GLY D 302 -36.38 16.29 -63.15
CA GLY D 302 -35.00 15.98 -62.79
C GLY D 302 -34.02 17.14 -62.87
N PHE D 303 -34.51 18.37 -63.06
CA PHE D 303 -33.63 19.53 -63.14
C PHE D 303 -33.62 20.40 -61.89
N TYR D 304 -32.42 20.82 -61.49
CA TYR D 304 -32.23 21.69 -60.32
C TYR D 304 -31.12 22.69 -60.59
N THR D 305 -31.20 23.85 -59.95
CA THR D 305 -30.12 24.81 -60.05
C THR D 305 -29.49 24.53 -58.68
N SER D 306 -28.24 24.91 -58.46
CA SER D 306 -27.62 24.67 -57.18
C SER D 306 -28.45 25.31 -56.06
N LYS D 307 -29.09 26.44 -56.38
CA LYS D 307 -29.92 27.15 -55.41
C LYS D 307 -31.17 26.38 -54.99
N ASP D 308 -31.57 25.40 -55.80
CA ASP D 308 -32.73 24.57 -55.50
C ASP D 308 -32.28 23.33 -54.73
N PHE D 309 -31.26 22.68 -55.28
CA PHE D 309 -30.73 21.44 -54.72
C PHE D 309 -30.04 21.48 -53.35
N LEU D 310 -28.97 22.27 -53.24
CA LEU D 310 -28.24 22.31 -51.98
C LEU D 310 -29.07 22.64 -50.74
N PRO D 311 -29.97 23.64 -50.84
CA PRO D 311 -30.78 23.97 -49.66
C PRO D 311 -31.68 22.80 -49.24
N LEU D 312 -32.12 22.00 -50.21
CA LEU D 312 -32.97 20.84 -49.91
C LEU D 312 -32.19 19.82 -49.10
N VAL D 313 -30.96 19.56 -49.52
CA VAL D 313 -30.12 18.60 -48.81
C VAL D 313 -29.78 19.14 -47.42
N ALA D 314 -29.48 20.42 -47.34
CA ALA D 314 -29.14 21.05 -46.07
C ALA D 314 -30.30 20.98 -45.07
N LYS D 315 -31.50 21.33 -45.51
CA LYS D 315 -32.66 21.30 -44.63
C LYS D 315 -32.93 19.91 -44.12
N SER D 316 -32.57 18.91 -44.91
CA SER D 316 -32.79 17.52 -44.55
C SER D 316 -31.71 16.96 -43.63
N SER D 317 -30.47 17.41 -43.81
CA SER D 317 -29.35 16.90 -43.04
C SER D 317 -28.87 17.76 -41.87
N LYS D 318 -29.37 18.98 -41.76
CA LYS D 318 -28.93 19.86 -40.67
C LYS D 318 -30.01 20.05 -39.62
N ALA D 319 -29.94 19.25 -38.56
CA ALA D 319 -30.90 19.33 -37.47
C ALA D 319 -30.86 20.71 -36.81
N GLY D 320 -32.01 21.37 -36.79
CA GLY D 320 -32.09 22.68 -36.19
C GLY D 320 -32.19 23.80 -37.21
N MET D 321 -31.84 23.53 -38.45
CA MET D 321 -31.89 24.55 -39.50
C MET D 321 -33.30 24.96 -39.89
N CYS D 322 -34.10 23.98 -40.30
CA CYS D 322 -35.47 24.23 -40.74
C CYS D 322 -36.50 23.84 -39.69
N ALA D 323 -37.63 24.54 -39.69
CA ALA D 323 -38.70 24.24 -38.74
C ALA D 323 -39.35 22.92 -39.14
N CYS D 324 -39.18 22.55 -40.41
CA CYS D 324 -39.73 21.31 -40.93
C CYS D 324 -38.67 20.27 -41.20
N HIS D 325 -38.89 19.06 -40.71
CA HIS D 325 -37.95 17.97 -40.95
C HIS D 325 -38.28 17.47 -42.34
N SER D 326 -37.33 16.82 -42.99
CA SER D 326 -37.58 16.29 -44.32
C SER D 326 -36.50 15.30 -44.72
N PRO D 327 -36.88 14.29 -45.51
CA PRO D 327 -35.93 13.28 -45.98
C PRO D 327 -35.15 13.91 -47.12
N LEU D 328 -34.08 13.23 -47.55
CA LEU D 328 -33.25 13.73 -48.62
C LEU D 328 -33.95 13.66 -49.96
N PRO D 329 -33.58 14.56 -50.89
CA PRO D 329 -34.19 14.54 -52.21
C PRO D 329 -33.91 13.16 -52.79
N SER D 330 -34.85 12.60 -53.53
CA SER D 330 -34.66 11.28 -54.11
C SER D 330 -33.93 11.41 -55.45
N ILE D 331 -32.60 11.25 -55.40
CA ILE D 331 -31.77 11.33 -56.59
C ILE D 331 -31.33 9.93 -56.96
N ARG D 332 -31.90 9.39 -58.04
CA ARG D 332 -31.58 8.04 -58.48
C ARG D 332 -31.07 8.04 -59.92
N GLY D 333 -30.07 7.22 -60.19
CA GLY D 333 -29.52 7.14 -61.52
C GLY D 333 -28.28 7.99 -61.74
N ALA D 334 -28.05 8.37 -62.99
CA ALA D 334 -26.89 9.18 -63.34
C ALA D 334 -27.20 10.67 -63.17
N VAL D 335 -26.28 11.37 -62.51
CA VAL D 335 -26.45 12.80 -62.28
C VAL D 335 -25.38 13.60 -63.01
N ILE D 336 -25.82 14.66 -63.69
CA ILE D 336 -24.90 15.52 -64.39
C ILE D 336 -24.86 16.86 -63.66
N VAL D 337 -23.68 17.25 -63.21
CA VAL D 337 -23.50 18.53 -62.53
C VAL D 337 -22.72 19.41 -63.51
N LEU D 338 -23.27 20.58 -63.81
CA LEU D 338 -22.65 21.49 -64.76
C LEU D 338 -21.92 22.63 -64.06
N GLY D 339 -20.63 22.76 -64.34
CA GLY D 339 -19.85 23.82 -63.72
C GLY D 339 -18.60 23.28 -63.05
N ALA D 340 -17.68 24.17 -62.70
CA ALA D 340 -16.42 23.76 -62.07
C ALA D 340 -16.00 24.65 -60.90
N GLY D 341 -16.96 25.30 -60.26
CA GLY D 341 -16.65 26.14 -59.11
C GLY D 341 -16.90 25.38 -57.83
N ASP D 342 -16.79 26.05 -56.68
CA ASP D 342 -17.02 25.40 -55.39
C ASP D 342 -18.37 24.69 -55.36
N THR D 343 -19.39 25.39 -55.86
CA THR D 343 -20.74 24.86 -55.85
C THR D 343 -20.90 23.54 -56.60
N ALA D 344 -20.30 23.44 -57.78
CA ALA D 344 -20.39 22.23 -58.57
C ALA D 344 -19.90 21.01 -57.80
N PHE D 345 -18.79 21.14 -57.10
CA PHE D 345 -18.26 20.00 -56.35
C PHE D 345 -19.12 19.63 -55.14
N ASP D 346 -19.74 20.62 -54.49
CA ASP D 346 -20.59 20.29 -53.34
C ASP D 346 -21.88 19.65 -53.85
N CYS D 347 -22.31 20.01 -55.06
CA CYS D 347 -23.51 19.40 -55.63
C CYS D 347 -23.22 17.95 -55.96
N ALA D 348 -22.01 17.69 -56.47
CA ALA D 348 -21.60 16.34 -56.84
C ALA D 348 -21.53 15.42 -55.62
N THR D 349 -20.83 15.86 -54.58
CA THR D 349 -20.70 15.05 -53.37
C THR D 349 -22.06 14.88 -52.68
N SER D 350 -22.86 15.94 -52.67
CA SER D 350 -24.18 15.88 -52.02
C SER D 350 -25.12 14.94 -52.78
N ALA D 351 -24.98 14.88 -54.10
CA ALA D 351 -25.84 14.01 -54.90
C ALA D 351 -25.64 12.55 -54.49
N LEU D 352 -24.41 12.20 -54.13
CA LEU D 352 -24.12 10.85 -53.70
C LEU D 352 -24.86 10.52 -52.40
N ARG D 353 -24.99 11.49 -51.50
CA ARG D 353 -25.69 11.26 -50.24
C ARG D 353 -27.18 11.05 -50.49
N CYS D 354 -27.67 11.58 -51.61
CA CYS D 354 -29.07 11.46 -51.96
C CYS D 354 -29.38 10.16 -52.69
N GLY D 355 -28.36 9.34 -52.90
CA GLY D 355 -28.56 8.06 -53.55
C GLY D 355 -28.15 7.94 -55.01
N ALA D 356 -27.49 8.96 -55.55
CA ALA D 356 -27.07 8.91 -56.94
C ALA D 356 -26.21 7.68 -57.24
N ARG D 357 -26.47 7.04 -58.36
CA ARG D 357 -25.71 5.87 -58.76
C ARG D 357 -24.37 6.30 -59.34
N ARG D 358 -24.38 7.40 -60.07
CA ARG D 358 -23.17 7.91 -60.67
C ARG D 358 -23.25 9.42 -60.87
N VAL D 359 -22.13 10.11 -60.73
CA VAL D 359 -22.12 11.55 -60.89
C VAL D 359 -21.06 12.01 -61.89
N PHE D 360 -21.49 12.86 -62.82
CA PHE D 360 -20.60 13.41 -63.82
C PHE D 360 -20.46 14.92 -63.66
N LEU D 361 -19.23 15.38 -63.52
CA LEU D 361 -18.97 16.80 -63.40
C LEU D 361 -18.57 17.21 -64.81
N VAL D 362 -19.38 18.04 -65.44
CA VAL D 362 -19.11 18.48 -66.81
C VAL D 362 -18.86 19.97 -66.91
N PHE D 363 -17.70 20.33 -67.43
CA PHE D 363 -17.35 21.75 -67.57
C PHE D 363 -16.96 22.10 -69.00
N ARG D 364 -17.17 23.37 -69.35
CA ARG D 364 -16.88 23.85 -70.70
C ARG D 364 -15.43 24.16 -70.98
N LYS D 365 -14.57 24.09 -69.98
CA LYS D 365 -13.15 24.33 -70.18
C LYS D 365 -12.37 23.08 -69.78
N GLY D 366 -11.05 23.20 -69.65
CA GLY D 366 -10.26 22.05 -69.31
C GLY D 366 -10.01 21.86 -67.82
N PHE D 367 -9.34 20.77 -67.46
CA PHE D 367 -9.03 20.50 -66.07
C PHE D 367 -8.22 21.59 -65.44
N VAL D 368 -7.25 22.11 -66.17
CA VAL D 368 -6.41 23.19 -65.66
C VAL D 368 -7.24 24.42 -65.31
N ASN D 369 -8.41 24.55 -65.92
CA ASN D 369 -9.26 25.71 -65.68
C ASN D 369 -10.27 25.58 -64.54
N ILE D 370 -10.27 24.46 -63.84
CA ILE D 370 -11.20 24.29 -62.73
C ILE D 370 -10.97 25.45 -61.75
N ARG D 371 -12.07 26.04 -61.28
CA ARG D 371 -12.00 27.18 -60.37
C ARG D 371 -11.77 26.86 -58.90
N ALA D 372 -12.41 25.80 -58.40
CA ALA D 372 -12.27 25.42 -57.00
C ALA D 372 -10.84 24.98 -56.68
N VAL D 373 -10.42 25.19 -55.43
CA VAL D 373 -9.07 24.80 -55.03
C VAL D 373 -8.97 23.29 -55.10
N PRO D 374 -7.74 22.77 -55.28
CA PRO D 374 -7.48 21.33 -55.38
C PRO D 374 -8.07 20.50 -54.25
N GLU D 375 -8.05 21.03 -53.04
CA GLU D 375 -8.56 20.32 -51.87
C GLU D 375 -10.05 20.02 -51.99
N GLU D 376 -10.81 20.93 -52.58
CA GLU D 376 -12.24 20.75 -52.77
C GLU D 376 -12.46 19.74 -53.89
N VAL D 377 -11.69 19.88 -54.96
CA VAL D 377 -11.80 18.96 -56.10
C VAL D 377 -11.50 17.53 -55.65
N GLU D 378 -10.51 17.39 -54.78
CA GLU D 378 -10.09 16.09 -54.27
C GLU D 378 -11.22 15.29 -53.61
N LEU D 379 -12.11 15.99 -52.92
CA LEU D 379 -13.23 15.34 -52.25
C LEU D 379 -14.16 14.63 -53.25
N ALA D 380 -14.42 15.29 -54.38
CA ALA D 380 -15.27 14.70 -55.40
C ALA D 380 -14.52 13.58 -56.12
N LYS D 381 -13.24 13.81 -56.34
CA LYS D 381 -12.39 12.85 -57.02
C LYS D 381 -12.26 11.55 -56.23
N GLU D 382 -12.03 11.66 -54.92
CA GLU D 382 -11.88 10.48 -54.08
C GLU D 382 -13.19 9.70 -53.95
N GLU D 383 -14.32 10.37 -54.19
CA GLU D 383 -15.61 9.71 -54.11
C GLU D 383 -16.05 9.19 -55.47
N LYS D 384 -15.09 9.11 -56.37
CA LYS D 384 -15.29 8.59 -57.71
C LYS D 384 -16.21 9.33 -58.68
N CYS D 385 -16.24 10.66 -58.57
CA CYS D 385 -17.06 11.42 -59.51
C CYS D 385 -16.26 11.45 -60.81
N GLU D 386 -16.94 11.35 -61.94
CA GLU D 386 -16.26 11.37 -63.23
C GLU D 386 -16.19 12.81 -63.73
N PHE D 387 -15.08 13.17 -64.36
CA PHE D 387 -14.90 14.52 -64.87
C PHE D 387 -14.87 14.57 -66.40
N LEU D 388 -15.73 15.39 -66.99
CA LEU D 388 -15.79 15.51 -68.45
C LEU D 388 -15.49 16.95 -68.87
N PRO D 389 -14.27 17.21 -69.37
CA PRO D 389 -13.87 18.55 -69.80
C PRO D 389 -14.28 18.94 -71.22
N PHE D 390 -14.11 20.23 -71.52
CA PHE D 390 -14.41 20.81 -72.82
C PHE D 390 -15.78 20.50 -73.42
N LEU D 391 -16.82 20.61 -72.62
CA LEU D 391 -18.18 20.35 -73.08
C LEU D 391 -19.12 21.47 -72.66
N SER D 392 -19.88 21.98 -73.62
CA SER D 392 -20.84 23.05 -73.38
C SER D 392 -22.25 22.53 -73.64
N PRO D 393 -23.15 22.67 -72.64
CA PRO D 393 -24.55 22.22 -72.71
C PRO D 393 -25.28 22.87 -73.88
N ARG D 394 -26.08 22.08 -74.58
CA ARG D 394 -26.85 22.61 -75.69
C ARG D 394 -28.32 22.28 -75.57
N LYS D 395 -28.62 21.09 -75.08
CA LYS D 395 -30.00 20.67 -74.99
C LYS D 395 -30.25 19.56 -74.00
N VAL D 396 -31.37 19.66 -73.30
CA VAL D 396 -31.77 18.65 -72.34
C VAL D 396 -32.85 17.85 -73.05
N ILE D 397 -32.57 16.58 -73.31
CA ILE D 397 -33.53 15.72 -73.99
C ILE D 397 -34.51 15.20 -72.95
N VAL D 398 -35.80 15.51 -73.16
CA VAL D 398 -36.85 15.06 -72.26
C VAL D 398 -37.82 14.12 -72.97
N LYS D 399 -38.08 12.98 -72.36
CA LYS D 399 -38.99 11.99 -72.93
C LYS D 399 -39.84 11.40 -71.81
N GLY D 400 -41.12 11.16 -72.10
CA GLY D 400 -42.01 10.60 -71.10
C GLY D 400 -42.06 11.46 -69.86
N GLY D 401 -41.88 12.77 -70.03
CA GLY D 401 -41.93 13.68 -68.90
C GLY D 401 -40.67 13.72 -68.05
N ARG D 402 -39.61 13.06 -68.49
CA ARG D 402 -38.36 13.05 -67.72
C ARG D 402 -37.13 13.29 -68.57
N ILE D 403 -36.10 13.86 -67.94
CA ILE D 403 -34.84 14.10 -68.63
C ILE D 403 -34.23 12.72 -68.87
N VAL D 404 -33.68 12.49 -70.05
CA VAL D 404 -33.07 11.20 -70.34
C VAL D 404 -31.64 11.39 -70.82
N ALA D 405 -31.30 12.63 -71.14
CA ALA D 405 -29.97 12.93 -71.60
C ALA D 405 -29.76 14.40 -71.81
N VAL D 406 -28.50 14.78 -71.98
CA VAL D 406 -28.14 16.16 -72.23
C VAL D 406 -27.17 16.14 -73.40
N GLN D 407 -27.41 17.01 -74.37
CA GLN D 407 -26.57 17.10 -75.55
C GLN D 407 -25.60 18.25 -75.40
N PHE D 408 -24.32 17.99 -75.65
CA PHE D 408 -23.30 19.02 -75.54
C PHE D 408 -22.56 19.19 -76.86
N VAL D 409 -21.84 20.30 -76.96
CA VAL D 409 -21.01 20.56 -78.11
C VAL D 409 -19.61 20.72 -77.54
N ARG D 410 -18.61 20.40 -78.35
CA ARG D 410 -17.25 20.49 -77.91
C ARG D 410 -16.71 21.92 -77.87
N THR D 411 -15.78 22.18 -76.96
CA THR D 411 -15.17 23.51 -76.84
C THR D 411 -13.64 23.45 -76.99
N GLU D 412 -13.03 24.61 -77.22
CA GLU D 412 -11.57 24.71 -77.40
C GLU D 412 -11.07 26.16 -77.38
N GLN D 413 -9.75 26.34 -77.38
CA GLN D 413 -9.14 27.67 -77.37
C GLN D 413 -8.28 27.99 -78.59
N ASP D 414 -8.39 29.21 -79.10
CA ASP D 414 -7.57 29.62 -80.25
C ASP D 414 -6.31 30.29 -79.69
N GLU D 415 -5.19 30.09 -80.39
CA GLU D 415 -3.89 30.62 -79.98
C GLU D 415 -3.82 31.98 -79.29
N THR D 416 -4.94 32.69 -79.20
CA THR D 416 -4.95 33.99 -78.53
C THR D 416 -5.54 33.85 -77.13
N GLY D 417 -6.20 32.72 -76.87
CA GLY D 417 -6.79 32.46 -75.58
C GLY D 417 -8.30 32.52 -75.58
N LYS D 418 -8.90 32.61 -76.76
CA LYS D 418 -10.35 32.67 -76.88
C LYS D 418 -10.95 31.28 -77.02
N TRP D 419 -12.10 31.07 -76.39
CA TRP D 419 -12.79 29.79 -76.41
C TRP D 419 -13.88 29.71 -77.47
N ASN D 420 -13.92 28.60 -78.20
CA ASN D 420 -14.92 28.42 -79.24
C ASN D 420 -15.65 27.10 -79.08
N GLU D 421 -16.81 27.00 -79.71
CA GLU D 421 -17.61 25.78 -79.65
C GLU D 421 -17.68 25.16 -81.04
N ASP D 422 -17.51 23.85 -81.11
CA ASP D 422 -17.54 23.14 -82.38
C ASP D 422 -18.88 22.42 -82.56
N GLU D 423 -19.75 23.03 -83.37
CA GLU D 423 -21.08 22.51 -83.65
C GLU D 423 -21.13 21.09 -84.19
N ASP D 424 -20.16 20.74 -85.03
CA ASP D 424 -20.13 19.41 -85.65
C ASP D 424 -19.63 18.31 -84.72
N GLN D 425 -19.11 18.70 -83.56
CA GLN D 425 -18.59 17.74 -82.59
C GLN D 425 -19.49 17.73 -81.36
N ILE D 426 -20.43 16.78 -81.33
CA ILE D 426 -21.38 16.68 -80.24
C ILE D 426 -21.25 15.46 -79.33
N VAL D 427 -21.87 15.55 -78.16
CA VAL D 427 -21.87 14.48 -77.18
C VAL D 427 -23.28 14.30 -76.64
N HIS D 428 -23.74 13.05 -76.61
CA HIS D 428 -25.07 12.69 -76.11
C HIS D 428 -24.85 11.89 -74.82
N LEU D 429 -24.95 12.57 -73.69
CA LEU D 429 -24.73 11.95 -72.40
C LEU D 429 -26.03 11.58 -71.68
N LYS D 430 -26.18 10.31 -71.35
CA LYS D 430 -27.37 9.84 -70.62
C LYS D 430 -27.35 10.37 -69.20
N ALA D 431 -28.52 10.75 -68.70
CA ALA D 431 -28.62 11.27 -67.35
C ALA D 431 -30.07 11.30 -66.91
N ASP D 432 -30.29 11.18 -65.61
CA ASP D 432 -31.63 11.20 -65.05
C ASP D 432 -31.85 12.50 -64.30
N VAL D 433 -30.75 13.10 -63.83
CA VAL D 433 -30.81 14.34 -63.09
C VAL D 433 -29.74 15.31 -63.58
N VAL D 434 -30.11 16.59 -63.67
CA VAL D 434 -29.18 17.63 -64.11
C VAL D 434 -29.19 18.76 -63.10
N ILE D 435 -28.01 19.16 -62.63
CA ILE D 435 -27.90 20.24 -61.65
C ILE D 435 -26.95 21.31 -62.19
N SER D 436 -27.47 22.51 -62.41
CA SER D 436 -26.64 23.59 -62.91
C SER D 436 -26.00 24.31 -61.73
N ALA D 437 -24.68 24.50 -61.83
CA ALA D 437 -23.93 25.19 -60.77
C ALA D 437 -23.16 26.31 -61.46
N PHE D 438 -23.90 27.18 -62.13
CA PHE D 438 -23.35 28.29 -62.88
C PHE D 438 -23.06 29.54 -62.05
N GLY D 439 -23.33 29.47 -60.75
CA GLY D 439 -23.07 30.62 -59.90
C GLY D 439 -24.34 31.29 -59.44
N SER D 440 -24.20 32.44 -58.79
CA SER D 440 -25.37 33.16 -58.30
C SER D 440 -25.31 34.63 -58.70
N VAL D 441 -26.45 35.30 -58.60
CA VAL D 441 -26.55 36.70 -58.98
C VAL D 441 -27.65 37.41 -58.21
N LEU D 442 -27.72 38.73 -58.39
CA LEU D 442 -28.77 39.55 -57.80
C LEU D 442 -29.57 40.03 -59.00
N ARG D 443 -30.81 39.59 -59.10
CA ARG D 443 -31.64 39.93 -60.25
C ARG D 443 -33.01 40.51 -59.93
N ASP D 444 -33.61 40.04 -58.85
CA ASP D 444 -34.93 40.49 -58.42
C ASP D 444 -35.02 42.02 -58.49
N PRO D 445 -35.84 42.56 -59.39
CA PRO D 445 -35.98 44.01 -59.51
C PRO D 445 -36.52 44.66 -58.24
N LYS D 446 -37.33 43.92 -57.48
CA LYS D 446 -37.89 44.46 -56.26
C LYS D 446 -36.83 44.66 -55.18
N VAL D 447 -35.83 43.78 -55.18
CA VAL D 447 -34.75 43.88 -54.20
C VAL D 447 -33.82 45.02 -54.58
N LYS D 448 -33.53 45.13 -55.87
CA LYS D 448 -32.65 46.19 -56.35
C LYS D 448 -33.28 47.55 -56.11
N GLU D 449 -34.58 47.66 -56.36
CA GLU D 449 -35.30 48.92 -56.17
C GLU D 449 -35.27 49.32 -54.70
N ALA D 450 -35.25 48.34 -53.81
CA ALA D 450 -35.23 48.61 -52.39
C ALA D 450 -33.92 49.27 -51.96
N LEU D 451 -32.91 49.20 -52.83
CA LEU D 451 -31.61 49.78 -52.55
C LEU D 451 -31.44 51.19 -53.15
N SER D 452 -32.53 51.74 -53.67
CA SER D 452 -32.47 53.08 -54.25
C SER D 452 -32.13 54.07 -53.14
N PRO D 453 -31.33 55.11 -53.45
CA PRO D 453 -30.76 55.41 -54.77
C PRO D 453 -29.26 55.13 -54.89
N ILE D 454 -28.73 54.14 -54.18
CA ILE D 454 -27.30 53.86 -54.28
C ILE D 454 -26.85 53.47 -55.69
N LYS D 455 -25.63 53.85 -56.05
CA LYS D 455 -25.09 53.55 -57.38
C LYS D 455 -24.69 52.09 -57.53
N PHE D 456 -24.97 51.53 -58.72
CA PHE D 456 -24.61 50.17 -59.04
C PHE D 456 -23.56 50.26 -60.15
N ASN D 457 -22.58 49.36 -60.13
CA ASN D 457 -21.55 49.37 -61.17
C ASN D 457 -21.99 48.62 -62.42
N ARG D 458 -21.08 48.48 -63.38
CA ARG D 458 -21.40 47.82 -64.63
C ARG D 458 -21.67 46.32 -64.46
N TRP D 459 -21.32 45.76 -63.31
CA TRP D 459 -21.58 44.34 -63.05
C TRP D 459 -22.96 44.22 -62.42
N ASP D 460 -23.64 45.36 -62.28
CA ASP D 460 -24.96 45.42 -61.68
C ASP D 460 -24.96 45.05 -60.21
N LEU D 461 -23.91 45.46 -59.51
CA LEU D 461 -23.80 45.19 -58.08
C LEU D 461 -23.60 46.52 -57.38
N PRO D 462 -23.98 46.61 -56.09
CA PRO D 462 -23.82 47.85 -55.34
C PRO D 462 -22.36 48.26 -55.35
N GLU D 463 -22.09 49.51 -55.71
CA GLU D 463 -20.72 50.01 -55.76
C GLU D 463 -20.28 50.54 -54.41
N VAL D 464 -19.07 50.18 -53.98
CA VAL D 464 -18.57 50.67 -52.69
C VAL D 464 -17.09 51.04 -52.80
N ASP D 465 -16.65 51.89 -51.87
CA ASP D 465 -15.26 52.28 -51.82
C ASP D 465 -14.58 51.04 -51.24
N PRO D 466 -13.58 50.48 -51.93
CA PRO D 466 -12.90 49.27 -51.45
C PRO D 466 -12.21 49.37 -50.08
N GLU D 467 -11.97 50.58 -49.60
CA GLU D 467 -11.33 50.75 -48.31
C GLU D 467 -12.33 50.93 -47.17
N THR D 468 -13.40 51.68 -47.42
CA THR D 468 -14.41 51.96 -46.39
C THR D 468 -15.68 51.11 -46.48
N MET D 469 -15.89 50.46 -47.63
CA MET D 469 -17.08 49.63 -47.85
C MET D 469 -18.35 50.50 -47.89
N GLN D 470 -18.16 51.80 -48.07
CA GLN D 470 -19.26 52.74 -48.12
C GLN D 470 -19.83 52.86 -49.54
N THR D 471 -21.16 52.91 -49.65
CA THR D 471 -21.81 53.04 -50.96
C THR D 471 -21.89 54.52 -51.30
N SER D 472 -22.59 54.86 -52.39
CA SER D 472 -22.73 56.26 -52.80
C SER D 472 -23.52 57.05 -51.76
N GLU D 473 -24.27 56.35 -50.92
CA GLU D 473 -25.03 56.98 -49.84
C GLU D 473 -24.20 56.81 -48.57
N PRO D 474 -23.74 57.91 -47.98
CA PRO D 474 -22.91 57.93 -46.76
C PRO D 474 -23.30 57.00 -45.61
N TRP D 475 -24.59 56.86 -45.35
CA TRP D 475 -25.07 56.02 -44.26
C TRP D 475 -25.25 54.55 -44.60
N VAL D 476 -25.00 54.20 -45.87
CA VAL D 476 -25.17 52.82 -46.29
C VAL D 476 -23.86 52.18 -46.72
N PHE D 477 -23.59 51.02 -46.17
CA PHE D 477 -22.37 50.27 -46.47
C PHE D 477 -22.77 48.88 -46.98
N ALA D 478 -21.83 48.17 -47.57
CA ALA D 478 -22.08 46.84 -48.10
C ALA D 478 -20.82 45.97 -48.08
N GLY D 479 -21.01 44.66 -48.05
CA GLY D 479 -19.87 43.76 -48.04
C GLY D 479 -20.28 42.32 -48.28
N GLY D 480 -19.30 41.48 -48.60
CA GLY D 480 -19.60 40.08 -48.85
C GLY D 480 -19.88 39.83 -50.32
N ASP D 481 -20.55 38.73 -50.61
CA ASP D 481 -20.88 38.35 -51.98
C ASP D 481 -21.57 39.45 -52.79
N ILE D 482 -22.43 40.24 -52.15
CA ILE D 482 -23.16 41.30 -52.85
C ILE D 482 -22.24 42.32 -53.51
N VAL D 483 -21.04 42.51 -52.95
CA VAL D 483 -20.09 43.46 -53.49
C VAL D 483 -19.33 42.88 -54.69
N GLY D 484 -19.30 41.55 -54.77
CA GLY D 484 -18.65 40.89 -55.90
C GLY D 484 -17.15 40.74 -55.88
N MET D 485 -16.52 41.04 -54.75
CA MET D 485 -15.07 40.89 -54.67
C MET D 485 -14.73 39.63 -53.89
N ALA D 486 -15.39 39.45 -52.75
CA ALA D 486 -15.19 38.30 -51.90
C ALA D 486 -15.44 37.00 -52.64
N ASN D 487 -14.58 36.02 -52.36
CA ASN D 487 -14.66 34.73 -52.98
C ASN D 487 -14.84 33.67 -51.88
N THR D 488 -14.70 34.10 -50.65
CA THR D 488 -14.77 33.16 -49.54
C THR D 488 -15.48 33.69 -48.34
N THR D 489 -15.70 32.79 -47.38
CA THR D 489 -16.35 33.14 -46.13
C THR D 489 -15.45 34.15 -45.38
N VAL D 490 -14.15 33.87 -45.35
CA VAL D 490 -13.23 34.75 -44.63
C VAL D 490 -13.15 36.15 -45.21
N GLU D 491 -13.21 36.28 -46.53
CA GLU D 491 -13.18 37.59 -47.16
C GLU D 491 -14.49 38.32 -46.90
N SER D 492 -15.59 37.57 -46.80
CA SER D 492 -16.88 38.17 -46.53
C SER D 492 -16.85 38.68 -45.09
N VAL D 493 -16.26 37.88 -44.20
CA VAL D 493 -16.12 38.26 -42.80
C VAL D 493 -15.29 39.52 -42.74
N ASN D 494 -14.20 39.57 -43.50
CA ASN D 494 -13.33 40.74 -43.50
C ASN D 494 -14.04 41.98 -44.02
N ASP D 495 -14.93 41.81 -45.01
CA ASP D 495 -15.68 42.95 -45.54
C ASP D 495 -16.52 43.59 -44.44
N GLY D 496 -17.15 42.77 -43.61
CA GLY D 496 -17.98 43.28 -42.53
C GLY D 496 -17.10 43.93 -41.47
N LYS D 497 -15.95 43.33 -41.21
CA LYS D 497 -14.99 43.83 -40.23
C LYS D 497 -14.52 45.22 -40.66
N GLN D 498 -14.12 45.32 -41.93
CA GLN D 498 -13.64 46.57 -42.52
C GLN D 498 -14.74 47.64 -42.44
N ALA D 499 -15.96 47.26 -42.82
CA ALA D 499 -17.08 48.18 -42.82
C ALA D 499 -17.43 48.70 -41.42
N SER D 500 -17.31 47.84 -40.41
CA SER D 500 -17.64 48.21 -39.05
C SER D 500 -16.90 49.45 -38.56
N TRP D 501 -15.61 49.54 -38.89
CA TRP D 501 -14.84 50.69 -38.44
C TRP D 501 -15.33 51.99 -39.06
N TYR D 502 -15.60 51.98 -40.35
CA TYR D 502 -16.07 53.18 -41.02
C TYR D 502 -17.52 53.52 -40.72
N ILE D 503 -18.31 52.51 -40.37
CA ILE D 503 -19.70 52.76 -40.00
C ILE D 503 -19.61 53.51 -38.66
N HIS D 504 -18.70 53.03 -37.81
CA HIS D 504 -18.45 53.62 -36.51
C HIS D 504 -18.02 55.08 -36.68
N LYS D 505 -17.05 55.30 -37.56
CA LYS D 505 -16.57 56.64 -37.84
C LYS D 505 -17.71 57.54 -38.32
N TYR D 506 -18.53 57.02 -39.23
CA TYR D 506 -19.65 57.78 -39.77
C TYR D 506 -20.68 58.16 -38.70
N ILE D 507 -21.12 57.18 -37.92
CA ILE D 507 -22.10 57.44 -36.87
C ILE D 507 -21.59 58.46 -35.87
N GLN D 508 -20.35 58.27 -35.41
CA GLN D 508 -19.76 59.19 -34.44
C GLN D 508 -19.78 60.61 -34.98
N ALA D 509 -19.40 60.77 -36.24
CA ALA D 509 -19.37 62.08 -36.88
C ALA D 509 -20.77 62.69 -36.91
N GLN D 510 -21.77 61.86 -37.17
CA GLN D 510 -23.14 62.34 -37.21
C GLN D 510 -23.55 62.92 -35.86
N TYR D 511 -22.94 62.42 -34.78
CA TYR D 511 -23.23 62.91 -33.45
C TYR D 511 -22.19 63.93 -32.99
N GLY D 512 -21.43 64.47 -33.95
CA GLY D 512 -20.43 65.47 -33.64
C GLY D 512 -19.20 64.99 -32.88
N ALA D 513 -18.87 63.71 -33.03
CA ALA D 513 -17.70 63.16 -32.33
C ALA D 513 -16.69 62.62 -33.34
N SER D 514 -15.41 62.74 -33.01
CA SER D 514 -14.36 62.25 -33.90
C SER D 514 -13.86 60.91 -33.39
N VAL D 515 -13.16 60.18 -34.24
CA VAL D 515 -12.61 58.88 -33.87
C VAL D 515 -11.12 58.90 -34.17
N SER D 516 -10.37 57.98 -33.56
CA SER D 516 -8.93 57.92 -33.77
C SER D 516 -8.63 57.76 -35.26
N ALA D 517 -7.55 58.40 -35.70
CA ALA D 517 -7.15 58.32 -37.10
C ALA D 517 -6.70 56.89 -37.39
N LYS D 518 -6.20 56.23 -36.36
CA LYS D 518 -5.74 54.84 -36.48
C LYS D 518 -6.86 53.89 -36.04
N PRO D 519 -7.27 52.98 -36.93
CA PRO D 519 -8.33 52.00 -36.64
C PRO D 519 -8.09 51.25 -35.33
N GLU D 520 -9.11 51.16 -34.50
CA GLU D 520 -9.01 50.48 -33.22
C GLU D 520 -10.15 49.51 -32.91
N LEU D 521 -10.30 48.47 -33.74
CA LEU D 521 -11.35 47.49 -33.48
C LEU D 521 -10.95 46.68 -32.25
N PRO D 522 -11.88 46.46 -31.32
CA PRO D 522 -11.59 45.70 -30.10
C PRO D 522 -11.34 44.22 -30.34
N LEU D 523 -10.63 43.60 -29.39
CA LEU D 523 -10.33 42.18 -29.45
C LEU D 523 -11.56 41.43 -28.94
N PHE D 524 -11.47 40.11 -28.88
CA PHE D 524 -12.56 39.24 -28.41
C PHE D 524 -12.31 38.97 -26.93
N TYR D 525 -13.36 39.07 -26.11
CA TYR D 525 -13.23 38.82 -24.66
C TYR D 525 -14.27 37.88 -24.08
N THR D 526 -13.90 37.22 -22.98
CA THR D 526 -14.77 36.30 -22.27
C THR D 526 -14.51 36.51 -20.77
N PRO D 527 -15.30 35.86 -19.90
CA PRO D 527 -15.10 36.01 -18.45
C PRO D 527 -13.72 35.55 -17.97
N VAL D 528 -13.10 34.68 -18.76
CA VAL D 528 -11.77 34.16 -18.41
C VAL D 528 -10.77 35.31 -18.28
N ASP D 529 -10.93 36.30 -19.14
CA ASP D 529 -10.03 37.45 -19.15
C ASP D 529 -10.08 38.30 -17.88
N LEU D 530 -11.13 38.09 -17.07
CA LEU D 530 -11.29 38.85 -15.83
C LEU D 530 -10.60 38.16 -14.65
N VAL D 531 -10.12 36.94 -14.87
CA VAL D 531 -9.47 36.18 -13.80
C VAL D 531 -8.20 36.87 -13.32
N ASP D 532 -8.08 37.02 -12.01
CA ASP D 532 -6.93 37.66 -11.38
C ASP D 532 -5.79 36.68 -11.20
N ILE D 533 -4.63 36.97 -11.81
CA ILE D 533 -3.48 36.08 -11.67
C ILE D 533 -2.32 36.78 -10.97
N SER D 534 -2.63 37.77 -10.14
CA SER D 534 -1.60 38.46 -9.39
C SER D 534 -1.21 37.58 -8.21
N VAL D 535 -0.03 37.82 -7.64
CA VAL D 535 0.42 37.05 -6.51
C VAL D 535 1.39 37.88 -5.69
N GLU D 536 1.39 37.66 -4.38
CA GLU D 536 2.28 38.38 -3.49
C GLU D 536 3.30 37.42 -2.92
N MET D 537 4.56 37.84 -2.88
CA MET D 537 5.62 37.00 -2.35
C MET D 537 6.71 37.85 -1.68
N ALA D 538 7.08 37.46 -0.46
CA ALA D 538 8.10 38.16 0.30
C ALA D 538 7.81 39.66 0.36
N GLY D 539 6.54 40.02 0.49
CA GLY D 539 6.17 41.42 0.57
C GLY D 539 6.10 42.16 -0.76
N LEU D 540 6.36 41.46 -1.85
CA LEU D 540 6.33 42.07 -3.18
C LEU D 540 5.05 41.70 -3.93
N LYS D 541 4.51 42.65 -4.68
CA LYS D 541 3.29 42.42 -5.45
C LYS D 541 3.61 42.20 -6.92
N PHE D 542 3.28 41.03 -7.45
CA PHE D 542 3.52 40.72 -8.86
C PHE D 542 2.18 40.78 -9.60
N ILE D 543 2.12 41.51 -10.70
CA ILE D 543 0.87 41.61 -11.46
C ILE D 543 0.52 40.26 -12.09
N ASN D 544 1.55 39.45 -12.35
CA ASN D 544 1.38 38.10 -12.86
C ASN D 544 2.64 37.36 -12.41
N PRO D 545 2.58 36.03 -12.27
CA PRO D 545 3.74 35.25 -11.82
C PRO D 545 4.87 34.96 -12.79
N PHE D 546 4.80 35.49 -14.01
CA PHE D 546 5.83 35.21 -14.99
C PHE D 546 6.90 36.30 -15.11
N GLY D 547 8.15 35.86 -15.15
CA GLY D 547 9.24 36.81 -15.26
C GLY D 547 10.44 36.26 -16.01
N LEU D 548 11.31 37.15 -16.46
CA LEU D 548 12.50 36.75 -17.18
C LEU D 548 13.60 36.42 -16.19
N ALA D 549 14.21 35.25 -16.36
CA ALA D 549 15.30 34.82 -15.49
C ALA D 549 16.52 35.63 -15.87
N SER D 550 17.53 35.62 -15.00
CA SER D 550 18.78 36.33 -15.25
C SER D 550 19.45 35.49 -16.35
N ALA D 551 19.43 35.97 -17.58
CA ALA D 551 20.01 35.20 -18.69
C ALA D 551 20.10 35.99 -19.99
N ALA D 552 20.30 35.29 -21.09
CA ALA D 552 20.42 35.92 -22.41
C ALA D 552 19.28 36.90 -22.70
N PRO D 553 18.03 36.52 -22.40
CA PRO D 553 16.92 37.44 -22.65
C PRO D 553 17.02 38.75 -21.87
N THR D 554 17.89 38.79 -20.86
CA THR D 554 18.06 40.02 -20.09
C THR D 554 19.47 40.56 -20.24
N THR D 555 20.04 40.31 -21.43
CA THR D 555 21.39 40.75 -21.77
C THR D 555 21.52 42.27 -21.68
N SER D 556 20.45 42.99 -22.06
CA SER D 556 20.45 44.44 -22.01
C SER D 556 19.15 44.95 -21.36
N SER D 557 19.22 46.07 -20.67
CA SER D 557 18.05 46.64 -20.01
C SER D 557 16.97 47.06 -21.02
N SER D 558 17.38 47.37 -22.24
CA SER D 558 16.43 47.75 -23.28
C SER D 558 15.52 46.56 -23.59
N MET D 559 16.06 45.36 -23.41
CA MET D 559 15.29 44.15 -23.65
C MET D 559 14.25 43.97 -22.55
N ILE D 560 14.65 44.26 -21.32
CA ILE D 560 13.74 44.16 -20.18
C ILE D 560 12.59 45.15 -20.38
N ARG D 561 12.92 46.34 -20.89
CA ARG D 561 11.89 47.36 -21.13
C ARG D 561 10.85 46.81 -22.10
N ARG D 562 11.29 46.21 -23.19
CA ARG D 562 10.34 45.66 -24.16
C ARG D 562 9.55 44.48 -23.57
N ALA D 563 10.17 43.72 -22.67
CA ALA D 563 9.48 42.60 -22.04
C ALA D 563 8.36 43.16 -21.16
N PHE D 564 8.65 44.21 -20.41
CA PHE D 564 7.62 44.83 -19.56
C PHE D 564 6.52 45.41 -20.44
N GLU D 565 6.91 45.98 -21.57
CA GLU D 565 5.91 46.53 -22.48
C GLU D 565 5.03 45.40 -23.01
N ALA D 566 5.59 44.21 -23.16
CA ALA D 566 4.83 43.06 -23.65
C ALA D 566 3.89 42.51 -22.57
N GLY D 567 4.21 42.77 -21.31
CA GLY D 567 3.36 42.30 -20.23
C GLY D 567 3.98 41.41 -19.17
N TRP D 568 5.29 41.17 -19.23
CA TRP D 568 5.92 40.30 -18.22
C TRP D 568 5.79 40.90 -16.83
N GLY D 569 5.46 40.05 -15.86
CA GLY D 569 5.30 40.49 -14.49
C GLY D 569 6.56 41.01 -13.82
N PHE D 570 7.69 40.37 -14.07
CA PHE D 570 8.94 40.81 -13.46
C PHE D 570 10.12 40.37 -14.31
N ALA D 571 11.31 40.81 -13.91
CA ALA D 571 12.50 40.45 -14.66
C ALA D 571 13.74 40.59 -13.81
N LEU D 572 14.70 39.71 -14.07
CA LEU D 572 15.98 39.71 -13.38
C LEU D 572 16.97 40.37 -14.32
N THR D 573 17.91 41.13 -13.78
CA THR D 573 18.93 41.72 -14.63
C THR D 573 19.89 40.55 -14.84
N LYS D 574 20.71 40.64 -15.88
CA LYS D 574 21.73 39.64 -16.13
C LYS D 574 22.63 39.84 -14.89
N THR D 575 23.22 38.78 -14.36
CA THR D 575 24.07 38.90 -13.18
C THR D 575 25.22 39.88 -13.41
N PHE D 576 25.39 40.85 -12.52
CA PHE D 576 26.50 41.78 -12.66
C PHE D 576 27.37 41.80 -11.40
N SER D 577 28.53 42.43 -11.50
CA SER D 577 29.46 42.47 -10.38
C SER D 577 30.23 43.78 -10.29
N LEU D 578 31.13 43.86 -9.32
CA LEU D 578 31.96 45.05 -9.14
C LEU D 578 32.93 45.09 -10.32
N ASP D 579 33.41 46.29 -10.64
CA ASP D 579 34.35 46.49 -11.74
C ASP D 579 35.56 45.57 -11.73
N LYS D 580 36.14 45.34 -10.55
CA LYS D 580 37.32 44.48 -10.45
C LYS D 580 37.06 43.04 -10.88
N ASP D 581 35.79 42.63 -10.92
CA ASP D 581 35.43 41.28 -11.31
C ASP D 581 34.89 41.19 -12.75
N ILE D 582 35.10 42.24 -13.52
CA ILE D 582 34.63 42.29 -14.90
C ILE D 582 35.04 41.04 -15.70
N VAL D 583 34.10 40.50 -16.48
CA VAL D 583 34.38 39.30 -17.27
C VAL D 583 34.33 39.54 -18.77
N THR D 584 34.84 38.58 -19.53
CA THR D 584 34.87 38.64 -20.98
C THR D 584 34.43 37.28 -21.55
N ASN D 585 33.34 37.27 -22.30
CA ASN D 585 32.82 36.03 -22.88
C ASN D 585 33.65 35.52 -24.05
N VAL D 586 33.47 34.24 -24.36
CA VAL D 586 34.12 33.62 -25.50
C VAL D 586 32.99 33.29 -26.46
N SER D 587 33.33 32.83 -27.66
CA SER D 587 32.33 32.44 -28.64
C SER D 587 32.91 31.33 -29.49
N PRO D 588 32.08 30.34 -29.89
CA PRO D 588 30.65 30.19 -29.59
C PRO D 588 30.44 29.85 -28.12
N ARG D 589 29.26 30.14 -27.58
CA ARG D 589 28.99 29.85 -26.17
C ARG D 589 27.58 29.36 -25.81
N ILE D 590 26.68 29.33 -26.77
CA ILE D 590 25.32 28.83 -26.51
C ILE D 590 24.95 27.89 -27.65
N VAL D 591 24.67 26.64 -27.32
CA VAL D 591 24.33 25.66 -28.36
C VAL D 591 23.00 24.97 -28.10
N ARG D 592 22.43 24.39 -29.14
CA ARG D 592 21.15 23.69 -29.01
C ARG D 592 21.38 22.37 -28.28
N GLY D 593 20.32 21.86 -27.67
CA GLY D 593 20.43 20.60 -26.96
C GLY D 593 20.29 19.42 -27.90
N THR D 594 20.91 18.31 -27.53
CA THR D 594 20.85 17.08 -28.32
C THR D 594 19.97 16.11 -27.54
N THR D 595 19.32 16.63 -26.51
CA THR D 595 18.47 15.85 -25.62
C THR D 595 17.23 15.21 -26.23
N SER D 596 16.84 15.62 -27.43
CA SER D 596 15.66 15.01 -28.06
C SER D 596 15.92 14.62 -29.53
N GLY D 597 17.19 14.33 -29.84
CA GLY D 597 17.53 13.92 -31.19
C GLY D 597 17.77 15.04 -32.20
N PRO D 598 18.04 14.67 -33.46
CA PRO D 598 18.29 15.61 -34.56
C PRO D 598 17.05 16.35 -35.06
N MET D 599 16.39 17.08 -34.15
CA MET D 599 15.21 17.86 -34.51
C MET D 599 15.62 19.32 -34.35
N TYR D 600 15.60 20.04 -35.47
CA TYR D 600 16.02 21.44 -35.47
C TYR D 600 14.85 22.40 -35.59
N GLY D 601 15.08 23.64 -35.19
CA GLY D 601 14.03 24.64 -35.28
C GLY D 601 13.33 24.91 -33.97
N PRO D 602 12.00 25.12 -34.02
CA PRO D 602 11.19 25.41 -32.83
C PRO D 602 11.23 24.35 -31.74
N GLY D 603 11.02 24.80 -30.52
CA GLY D 603 10.98 23.89 -29.39
C GLY D 603 12.19 23.03 -29.06
N GLN D 604 13.38 23.60 -29.06
CA GLN D 604 14.56 22.82 -28.70
C GLN D 604 14.33 22.35 -27.27
N SER D 605 14.57 21.08 -26.99
CA SER D 605 14.35 20.53 -25.66
C SER D 605 15.33 21.01 -24.59
N SER D 606 16.38 21.70 -25.00
CA SER D 606 17.36 22.26 -24.07
C SER D 606 18.43 23.05 -24.82
N PHE D 607 19.27 23.72 -24.05
CA PHE D 607 20.38 24.50 -24.56
C PHE D 607 21.51 24.27 -23.57
N LEU D 608 22.73 24.50 -24.00
CA LEU D 608 23.89 24.40 -23.12
C LEU D 608 24.64 25.69 -23.35
N ASN D 609 25.12 26.31 -22.28
CA ASN D 609 25.85 27.55 -22.42
C ASN D 609 27.10 27.56 -21.54
N ILE D 610 28.12 28.27 -22.02
CA ILE D 610 29.36 28.45 -21.26
C ILE D 610 29.55 29.96 -21.16
N GLU D 611 28.42 30.65 -21.02
CA GLU D 611 28.42 32.10 -20.90
C GLU D 611 28.73 32.46 -19.46
N LEU D 612 29.35 33.62 -19.25
CA LEU D 612 29.67 34.07 -17.91
C LEU D 612 28.57 35.04 -17.46
N ILE D 613 28.84 35.83 -16.43
CA ILE D 613 27.85 36.79 -15.97
C ILE D 613 27.87 37.96 -16.96
N SER D 614 27.14 39.03 -16.65
CA SER D 614 27.07 40.18 -17.56
C SER D 614 28.41 40.82 -17.89
N GLU D 615 28.59 41.19 -19.15
CA GLU D 615 29.82 41.88 -19.57
C GLU D 615 29.62 43.37 -19.38
N LYS D 616 28.41 43.78 -19.02
CA LYS D 616 28.11 45.19 -18.79
C LYS D 616 28.37 45.53 -17.33
N THR D 617 28.79 46.77 -17.08
CA THR D 617 29.14 47.23 -15.74
C THR D 617 28.00 47.42 -14.76
N ALA D 618 28.36 47.46 -13.47
CA ALA D 618 27.39 47.65 -12.41
C ALA D 618 26.77 49.04 -12.57
N ALA D 619 27.55 50.00 -13.05
CA ALA D 619 27.05 51.35 -13.26
C ALA D 619 25.92 51.32 -14.29
N TYR D 620 26.13 50.56 -15.36
CA TYR D 620 25.12 50.43 -16.41
C TYR D 620 23.85 49.81 -15.85
N TRP D 621 24.00 48.70 -15.14
CA TRP D 621 22.85 48.02 -14.56
C TRP D 621 22.10 48.81 -13.50
N CYS D 622 22.83 49.50 -12.64
CA CYS D 622 22.19 50.28 -11.59
C CYS D 622 21.43 51.47 -12.18
N GLN D 623 22.00 52.14 -13.17
CA GLN D 623 21.30 53.26 -13.79
C GLN D 623 20.09 52.70 -14.54
N SER D 624 20.26 51.54 -15.16
CA SER D 624 19.19 50.88 -15.90
C SER D 624 18.02 50.53 -14.98
N VAL D 625 18.33 50.01 -13.79
CA VAL D 625 17.30 49.65 -12.83
C VAL D 625 16.49 50.89 -12.41
N THR D 626 17.19 51.99 -12.17
CA THR D 626 16.52 53.23 -11.78
C THR D 626 15.54 53.63 -12.89
N GLU D 627 16.00 53.58 -14.13
CA GLU D 627 15.18 53.93 -15.29
C GLU D 627 13.95 53.04 -15.41
N LEU D 628 14.17 51.73 -15.34
CA LEU D 628 13.10 50.76 -15.46
C LEU D 628 12.05 50.90 -14.37
N LYS D 629 12.49 51.09 -13.13
CA LYS D 629 11.57 51.24 -12.02
C LYS D 629 10.81 52.56 -12.10
N ALA D 630 11.44 53.56 -12.71
CA ALA D 630 10.79 54.85 -12.86
C ALA D 630 9.66 54.76 -13.89
N ASP D 631 9.91 54.03 -14.98
CA ASP D 631 8.92 53.87 -16.05
C ASP D 631 7.94 52.73 -15.87
N PHE D 632 8.30 51.73 -15.07
CA PHE D 632 7.43 50.57 -14.83
C PHE D 632 7.36 50.28 -13.33
N PRO D 633 6.75 51.18 -12.56
CA PRO D 633 6.61 51.03 -11.11
C PRO D 633 5.90 49.77 -10.62
N ASP D 634 5.02 49.20 -11.45
CA ASP D 634 4.29 48.01 -11.06
C ASP D 634 4.95 46.70 -11.49
N ASN D 635 5.99 46.79 -12.30
CA ASN D 635 6.71 45.59 -12.75
C ASN D 635 7.89 45.40 -11.80
N ILE D 636 8.04 44.18 -11.26
CA ILE D 636 9.12 43.90 -10.33
C ILE D 636 10.47 43.73 -11.01
N VAL D 637 11.47 44.43 -10.50
CA VAL D 637 12.82 44.33 -11.03
C VAL D 637 13.74 43.81 -9.94
N ILE D 638 14.37 42.66 -10.20
CA ILE D 638 15.28 42.04 -9.25
C ILE D 638 16.70 42.10 -9.80
N ALA D 639 17.61 42.68 -9.03
CA ALA D 639 19.00 42.78 -9.47
C ALA D 639 19.79 41.54 -9.08
N SER D 640 20.32 40.84 -10.08
CA SER D 640 21.11 39.63 -9.82
C SER D 640 22.56 40.10 -9.71
N ILE D 641 23.21 39.74 -8.60
CA ILE D 641 24.58 40.15 -8.36
C ILE D 641 25.48 39.00 -7.94
N MET D 642 26.78 39.18 -8.14
CA MET D 642 27.75 38.17 -7.78
C MET D 642 29.10 38.74 -7.35
N CYS D 643 29.65 38.18 -6.27
CA CYS D 643 30.94 38.58 -5.74
C CYS D 643 31.69 37.31 -5.38
N SER D 644 33.00 37.43 -5.17
CA SER D 644 33.80 36.29 -4.77
C SER D 644 33.45 36.16 -3.29
N TYR D 645 34.01 35.17 -2.60
CA TYR D 645 33.71 34.98 -1.19
C TYR D 645 34.41 36.05 -0.34
N ASN D 646 33.85 37.26 -0.37
CA ASN D 646 34.41 38.40 0.35
C ASN D 646 33.28 39.25 0.94
N LYS D 647 33.29 39.43 2.25
CA LYS D 647 32.26 40.20 2.94
C LYS D 647 32.10 41.64 2.45
N ASN D 648 33.18 42.40 2.41
CA ASN D 648 33.09 43.78 1.96
C ASN D 648 32.54 43.91 0.55
N ASP D 649 32.91 42.99 -0.33
CA ASP D 649 32.43 43.03 -1.71
C ASP D 649 30.92 42.82 -1.77
N TRP D 650 30.43 41.73 -1.17
CA TRP D 650 28.99 41.46 -1.18
C TRP D 650 28.19 42.61 -0.58
N MET D 651 28.69 43.18 0.50
CA MET D 651 27.99 44.29 1.13
C MET D 651 28.00 45.52 0.24
N GLU D 652 29.13 45.78 -0.42
CA GLU D 652 29.24 46.94 -1.30
C GLU D 652 28.33 46.81 -2.52
N LEU D 653 28.38 45.67 -3.19
CA LEU D 653 27.56 45.46 -4.38
C LEU D 653 26.07 45.42 -4.07
N SER D 654 25.68 44.71 -3.02
CA SER D 654 24.26 44.64 -2.67
C SER D 654 23.71 46.02 -2.34
N ARG D 655 24.48 46.83 -1.63
CA ARG D 655 24.03 48.17 -1.29
C ARG D 655 23.90 49.05 -2.54
N LYS D 656 24.82 48.88 -3.48
CA LYS D 656 24.77 49.66 -4.71
C LYS D 656 23.51 49.29 -5.48
N ALA D 657 23.20 48.00 -5.54
CA ALA D 657 22.01 47.54 -6.24
C ALA D 657 20.74 48.04 -5.55
N GLU D 658 20.73 47.98 -4.23
CA GLU D 658 19.57 48.44 -3.47
C GLU D 658 19.33 49.94 -3.70
N ALA D 659 20.42 50.70 -3.70
CA ALA D 659 20.34 52.15 -3.90
C ALA D 659 19.78 52.53 -5.26
N SER D 660 19.92 51.65 -6.25
CA SER D 660 19.42 51.95 -7.59
C SER D 660 17.89 51.83 -7.67
N GLY D 661 17.28 51.28 -6.64
CA GLY D 661 15.84 51.16 -6.63
C GLY D 661 15.30 49.76 -6.93
N ALA D 662 16.18 48.76 -6.95
CA ALA D 662 15.74 47.39 -7.20
C ALA D 662 14.72 46.97 -6.15
N ASP D 663 13.71 46.21 -6.57
CA ASP D 663 12.68 45.72 -5.64
C ASP D 663 13.25 44.64 -4.74
N ALA D 664 14.22 43.91 -5.25
CA ALA D 664 14.86 42.85 -4.50
C ALA D 664 16.16 42.48 -5.18
N LEU D 665 16.92 41.60 -4.53
CA LEU D 665 18.19 41.14 -5.07
C LEU D 665 18.15 39.63 -5.23
N GLU D 666 18.96 39.12 -6.15
CA GLU D 666 19.09 37.69 -6.34
C GLU D 666 20.58 37.43 -6.29
N LEU D 667 21.00 36.56 -5.38
CA LEU D 667 22.42 36.27 -5.25
C LEU D 667 22.83 35.08 -6.09
N ASN D 668 23.70 35.33 -7.06
CA ASN D 668 24.21 34.27 -7.92
C ASN D 668 25.38 33.64 -7.17
N LEU D 669 25.24 32.38 -6.80
CA LEU D 669 26.28 31.69 -6.04
C LEU D 669 27.20 30.80 -6.88
N SER D 670 27.50 31.25 -8.10
CA SER D 670 28.36 30.49 -9.02
C SER D 670 29.85 30.73 -8.84
N ALA D 671 30.22 31.72 -8.03
CA ALA D 671 31.63 32.05 -7.83
C ALA D 671 32.41 30.95 -7.07
N PRO D 672 33.60 30.58 -7.58
CA PRO D 672 34.45 29.56 -6.97
C PRO D 672 34.92 30.04 -5.59
N HIS D 673 34.92 29.16 -4.60
CA HIS D 673 35.37 29.59 -3.28
C HIS D 673 36.89 29.51 -3.19
N GLY D 674 37.49 28.86 -4.19
CA GLY D 674 38.94 28.73 -4.24
C GLY D 674 39.56 28.02 -3.07
N MET D 675 38.77 27.26 -2.32
CA MET D 675 39.29 26.55 -1.17
C MET D 675 39.31 25.05 -1.44
N GLY D 676 40.25 24.61 -2.26
CA GLY D 676 40.39 23.20 -2.60
C GLY D 676 39.28 22.32 -2.07
N GLU D 677 39.56 21.57 -1.01
CA GLU D 677 38.58 20.69 -0.41
C GLU D 677 38.14 21.17 0.98
N ARG D 678 38.46 22.41 1.31
CA ARG D 678 38.06 22.98 2.59
C ARG D 678 36.66 23.53 2.41
N GLY D 679 36.22 23.51 1.16
CA GLY D 679 34.89 23.99 0.79
C GLY D 679 34.28 22.95 -0.14
N MET D 680 33.06 22.51 0.16
CA MET D 680 32.40 21.51 -0.65
C MET D 680 32.31 21.94 -2.12
N GLY D 681 32.64 21.01 -3.02
CA GLY D 681 32.59 21.32 -4.45
C GLY D 681 33.57 22.44 -4.78
N LEU D 682 33.23 23.25 -5.77
CA LEU D 682 34.11 24.37 -6.14
C LEU D 682 33.41 25.71 -5.97
N ALA D 683 32.11 25.75 -6.27
CA ALA D 683 31.33 26.99 -6.16
C ALA D 683 30.78 27.22 -4.77
N CYS D 684 30.63 28.49 -4.41
CA CYS D 684 30.10 28.87 -3.10
C CYS D 684 28.73 28.25 -2.87
N GLY D 685 27.92 28.20 -3.93
CA GLY D 685 26.58 27.64 -3.82
C GLY D 685 26.50 26.16 -3.51
N GLN D 686 27.63 25.48 -3.51
CA GLN D 686 27.65 24.04 -3.23
C GLN D 686 28.03 23.75 -1.78
N ASP D 687 28.31 24.80 -1.01
CA ASP D 687 28.69 24.65 0.39
C ASP D 687 27.72 25.43 1.30
N PRO D 688 26.96 24.72 2.14
CA PRO D 688 25.98 25.34 3.05
C PRO D 688 26.59 26.45 3.91
N GLU D 689 27.78 26.19 4.44
CA GLU D 689 28.46 27.16 5.30
C GLU D 689 28.73 28.48 4.57
N LEU D 690 29.21 28.38 3.34
CA LEU D 690 29.51 29.58 2.56
C LEU D 690 28.23 30.32 2.21
N VAL D 691 27.20 29.59 1.81
CA VAL D 691 25.92 30.22 1.46
C VAL D 691 25.35 30.95 2.67
N ARG D 692 25.37 30.31 3.83
CA ARG D 692 24.83 30.94 5.03
C ARG D 692 25.52 32.27 5.34
N ASN D 693 26.85 32.28 5.26
CA ASN D 693 27.61 33.49 5.55
C ASN D 693 27.37 34.59 4.51
N ILE D 694 27.28 34.22 3.24
CA ILE D 694 27.02 35.20 2.18
C ILE D 694 25.67 35.87 2.43
N CYS D 695 24.65 35.07 2.73
CA CYS D 695 23.33 35.62 2.97
C CYS D 695 23.34 36.52 4.21
N ARG D 696 24.17 36.16 5.18
CA ARG D 696 24.27 36.92 6.40
C ARG D 696 24.85 38.31 6.11
N TRP D 697 25.87 38.34 5.26
CA TRP D 697 26.52 39.60 4.90
C TRP D 697 25.54 40.51 4.17
N VAL D 698 24.79 39.95 3.22
CA VAL D 698 23.83 40.73 2.46
C VAL D 698 22.67 41.19 3.33
N ARG D 699 22.19 40.32 4.22
CA ARG D 699 21.08 40.68 5.10
C ARG D 699 21.43 41.87 5.98
N GLN D 700 22.68 41.97 6.42
CA GLN D 700 23.04 43.09 7.27
C GLN D 700 23.42 44.32 6.46
N ALA D 701 23.54 44.15 5.14
CA ALA D 701 23.88 45.27 4.27
C ALA D 701 22.67 45.99 3.68
N VAL D 702 21.60 45.25 3.39
CA VAL D 702 20.41 45.86 2.80
C VAL D 702 19.12 45.55 3.53
N GLN D 703 18.09 46.35 3.23
CA GLN D 703 16.79 46.17 3.86
C GLN D 703 15.77 45.53 2.92
N ILE D 704 15.99 45.65 1.61
CA ILE D 704 15.06 45.05 0.66
C ILE D 704 15.22 43.53 0.69
N PRO D 705 14.21 42.80 0.20
CA PRO D 705 14.33 41.34 0.21
C PRO D 705 15.35 40.85 -0.81
N PHE D 706 15.93 39.68 -0.54
CA PHE D 706 16.90 39.10 -1.47
C PHE D 706 16.72 37.60 -1.46
N PHE D 707 17.02 36.97 -2.59
CA PHE D 707 16.88 35.55 -2.74
C PHE D 707 18.18 34.91 -3.19
N ALA D 708 18.49 33.75 -2.64
CA ALA D 708 19.71 33.03 -3.01
C ALA D 708 19.39 32.10 -4.17
N LYS D 709 20.11 32.22 -5.28
CA LYS D 709 19.86 31.35 -6.42
C LYS D 709 20.67 30.08 -6.24
N LEU D 710 19.98 28.96 -6.09
CA LEU D 710 20.63 27.68 -5.86
C LEU D 710 21.02 26.90 -7.11
N THR D 711 22.11 26.15 -7.00
CA THR D 711 22.54 25.31 -8.10
C THR D 711 21.99 23.92 -7.82
N PRO D 712 21.57 23.20 -8.87
CA PRO D 712 21.03 21.84 -8.68
C PRO D 712 22.16 20.83 -8.60
N ASN D 713 23.38 21.31 -8.87
CA ASN D 713 24.56 20.47 -8.86
C ASN D 713 25.12 20.21 -7.46
N VAL D 714 24.27 19.66 -6.60
CA VAL D 714 24.66 19.35 -5.22
C VAL D 714 23.95 18.09 -4.79
N THR D 715 24.52 17.41 -3.80
CA THR D 715 23.94 16.19 -3.28
C THR D 715 22.61 16.46 -2.58
N ASP D 716 22.58 17.51 -1.78
CA ASP D 716 21.39 17.85 -1.00
C ASP D 716 21.04 19.33 -1.12
N ILE D 717 20.18 19.68 -2.06
CA ILE D 717 19.83 21.08 -2.26
C ILE D 717 19.07 21.68 -1.07
N VAL D 718 18.36 20.85 -0.32
CA VAL D 718 17.63 21.34 0.85
C VAL D 718 18.59 21.94 1.88
N SER D 719 19.75 21.33 2.06
CA SER D 719 20.72 21.85 3.03
C SER D 719 21.20 23.24 2.64
N ILE D 720 21.30 23.50 1.34
CA ILE D 720 21.73 24.81 0.86
C ILE D 720 20.61 25.83 1.07
N ALA D 721 19.39 25.41 0.76
CA ALA D 721 18.23 26.29 0.93
C ALA D 721 18.07 26.65 2.41
N ARG D 722 18.21 25.66 3.28
CA ARG D 722 18.09 25.89 4.71
C ARG D 722 19.18 26.85 5.19
N ALA D 723 20.40 26.70 4.65
CA ALA D 723 21.50 27.58 5.02
C ALA D 723 21.19 29.01 4.63
N ALA D 724 20.61 29.19 3.43
CA ALA D 724 20.25 30.52 2.95
C ALA D 724 19.23 31.14 3.89
N LYS D 725 18.23 30.35 4.27
CA LYS D 725 17.19 30.80 5.18
C LYS D 725 17.77 31.19 6.54
N GLU D 726 18.64 30.35 7.07
CA GLU D 726 19.27 30.62 8.36
C GLU D 726 20.13 31.87 8.26
N GLY D 727 20.67 32.13 7.07
CA GLY D 727 21.51 33.30 6.87
C GLY D 727 20.74 34.59 6.74
N GLY D 728 19.43 34.49 6.54
CA GLY D 728 18.61 35.69 6.41
C GLY D 728 17.93 35.92 5.08
N ALA D 729 18.09 34.99 4.14
CA ALA D 729 17.47 35.13 2.83
C ALA D 729 15.95 35.14 2.95
N ASP D 730 15.30 35.89 2.07
CA ASP D 730 13.84 35.98 2.08
C ASP D 730 13.20 34.88 1.23
N GLY D 731 14.06 34.12 0.56
CA GLY D 731 13.59 33.04 -0.28
C GLY D 731 14.72 32.50 -1.11
N VAL D 732 14.42 31.55 -1.99
CA VAL D 732 15.44 30.98 -2.84
C VAL D 732 14.92 30.80 -4.26
N THR D 733 15.83 30.87 -5.22
CA THR D 733 15.48 30.66 -6.62
C THR D 733 16.01 29.27 -6.94
N ALA D 734 15.12 28.41 -7.40
CA ALA D 734 15.49 27.03 -7.72
C ALA D 734 15.00 26.68 -9.13
N THR D 735 15.91 26.40 -10.05
CA THR D 735 17.35 26.37 -9.78
C THR D 735 18.13 26.91 -10.98
N ASN D 736 19.46 27.00 -10.83
CA ASN D 736 20.31 27.45 -11.93
C ASN D 736 20.46 26.26 -12.87
N THR D 737 21.37 26.36 -13.85
CA THR D 737 21.57 25.29 -14.81
C THR D 737 22.27 24.05 -14.27
N VAL D 738 22.07 22.95 -14.99
CA VAL D 738 22.66 21.65 -14.65
C VAL D 738 23.98 21.49 -15.40
N SER D 739 25.03 21.09 -14.68
CA SER D 739 26.33 20.94 -15.32
C SER D 739 26.34 19.76 -16.29
N GLY D 740 26.88 20.00 -17.48
CA GLY D 740 26.92 18.92 -18.46
C GLY D 740 27.78 19.19 -19.68
N LEU D 741 27.81 18.19 -20.56
CA LEU D 741 28.56 18.28 -21.82
C LEU D 741 27.50 17.85 -22.83
N MET D 742 27.13 18.74 -23.73
CA MET D 742 26.07 18.43 -24.69
C MET D 742 26.41 17.36 -25.73
N GLY D 743 27.68 17.25 -26.08
CA GLY D 743 28.04 16.23 -27.05
C GLY D 743 29.33 16.50 -27.81
N LEU D 744 29.70 15.54 -28.65
CA LEU D 744 30.91 15.63 -29.45
C LEU D 744 30.61 15.22 -30.88
N LYS D 745 31.40 15.74 -31.82
CA LYS D 745 31.21 15.37 -33.22
C LYS D 745 31.90 14.02 -33.37
N ALA D 746 31.70 13.36 -34.51
CA ALA D 746 32.28 12.04 -34.72
C ALA D 746 33.80 12.01 -34.67
N ASP D 747 34.43 13.15 -34.93
CA ASP D 747 35.88 13.21 -34.89
C ASP D 747 36.40 13.47 -33.47
N GLY D 748 35.49 13.57 -32.50
CA GLY D 748 35.89 13.77 -31.13
C GLY D 748 35.91 15.20 -30.62
N THR D 749 35.75 16.17 -31.52
CA THR D 749 35.76 17.57 -31.11
C THR D 749 34.42 17.94 -30.48
N PRO D 750 34.43 18.85 -29.50
CA PRO D 750 33.23 19.28 -28.80
C PRO D 750 32.44 20.39 -29.49
N TRP D 751 31.26 20.65 -28.95
CA TRP D 751 30.40 21.73 -29.41
C TRP D 751 29.65 22.20 -28.17
N PRO D 752 29.84 23.47 -27.79
CA PRO D 752 30.69 24.46 -28.46
C PRO D 752 32.20 24.16 -28.48
N ALA D 753 32.86 24.58 -29.55
CA ALA D 753 34.30 24.42 -29.70
C ALA D 753 34.84 25.84 -29.83
N VAL D 754 35.80 26.20 -28.97
CA VAL D 754 36.35 27.53 -28.96
C VAL D 754 37.81 27.62 -29.38
N GLY D 755 38.12 28.59 -30.24
CA GLY D 755 39.48 28.80 -30.68
C GLY D 755 40.05 27.78 -31.64
N ALA D 756 41.31 27.99 -32.00
CA ALA D 756 42.02 27.12 -32.93
C ALA D 756 42.11 25.70 -32.38
N GLY D 757 42.23 25.57 -31.06
CA GLY D 757 42.34 24.27 -30.44
C GLY D 757 41.03 23.54 -30.27
N LYS D 758 39.94 24.16 -30.69
CA LYS D 758 38.61 23.56 -30.59
C LYS D 758 38.34 23.06 -29.18
N ARG D 759 38.60 23.92 -28.20
CA ARG D 759 38.42 23.56 -26.80
C ARG D 759 37.03 23.88 -26.27
N THR D 760 36.74 23.33 -25.10
CA THR D 760 35.45 23.58 -24.46
C THR D 760 35.61 23.32 -22.98
N THR D 761 34.56 23.60 -22.23
CA THR D 761 34.55 23.36 -20.80
C THR D 761 33.12 22.98 -20.47
N TYR D 762 32.89 22.40 -19.30
CA TYR D 762 31.54 22.01 -18.91
C TYR D 762 30.63 23.23 -18.92
N GLY D 763 29.42 23.05 -19.45
CA GLY D 763 28.48 24.15 -19.52
C GLY D 763 27.23 23.86 -18.69
N GLY D 764 26.29 24.80 -18.72
CA GLY D 764 25.06 24.63 -17.99
C GLY D 764 23.91 24.27 -18.91
N VAL D 765 23.20 23.21 -18.58
CA VAL D 765 22.06 22.77 -19.38
C VAL D 765 20.79 23.45 -18.87
N SER D 766 19.99 23.98 -19.79
CA SER D 766 18.75 24.67 -19.44
C SER D 766 17.64 24.11 -20.31
N GLY D 767 16.39 24.51 -20.04
CA GLY D 767 15.29 24.02 -20.84
C GLY D 767 14.45 22.91 -20.27
N THR D 768 13.51 22.43 -21.09
CA THR D 768 12.61 21.37 -20.67
C THR D 768 13.32 20.10 -20.22
N ALA D 769 14.51 19.84 -20.76
CA ALA D 769 15.25 18.64 -20.38
C ALA D 769 15.60 18.60 -18.88
N ILE D 770 15.73 19.76 -18.24
CA ILE D 770 16.06 19.77 -16.82
C ILE D 770 14.87 20.03 -15.91
N ARG D 771 13.68 20.12 -16.49
CA ARG D 771 12.49 20.38 -15.69
C ARG D 771 12.27 19.37 -14.56
N PRO D 772 12.52 18.07 -14.82
CA PRO D 772 12.32 17.07 -13.75
C PRO D 772 13.21 17.34 -12.55
N ILE D 773 14.41 17.84 -12.83
CA ILE D 773 15.38 18.15 -11.79
C ILE D 773 14.93 19.37 -11.00
N ALA D 774 14.45 20.39 -11.71
CA ALA D 774 13.99 21.61 -11.07
C ALA D 774 12.70 21.36 -10.29
N LEU D 775 11.80 20.56 -10.85
CA LEU D 775 10.56 20.24 -10.16
C LEU D 775 10.85 19.51 -8.87
N ARG D 776 11.82 18.61 -8.91
CA ARG D 776 12.19 17.87 -7.71
C ARG D 776 12.74 18.83 -6.67
N ALA D 777 13.62 19.73 -7.12
CA ALA D 777 14.24 20.70 -6.23
C ALA D 777 13.20 21.60 -5.57
N VAL D 778 12.27 22.12 -6.36
CA VAL D 778 11.23 22.99 -5.80
C VAL D 778 10.35 22.25 -4.80
N THR D 779 9.90 21.04 -5.14
CA THR D 779 9.04 20.28 -4.23
C THR D 779 9.75 19.86 -2.94
N THR D 780 11.01 19.42 -3.04
CA THR D 780 11.72 18.99 -1.84
C THR D 780 11.97 20.15 -0.88
N ILE D 781 12.26 21.33 -1.43
CA ILE D 781 12.50 22.51 -0.62
C ILE D 781 11.18 22.98 0.02
N ALA D 782 10.11 22.98 -0.77
CA ALA D 782 8.81 23.40 -0.29
C ALA D 782 8.34 22.51 0.87
N ARG D 783 8.63 21.22 0.78
CA ARG D 783 8.23 20.29 1.83
C ARG D 783 9.10 20.45 3.09
N ALA D 784 10.38 20.69 2.88
CA ALA D 784 11.32 20.85 3.99
C ALA D 784 11.19 22.18 4.71
N LEU D 785 10.92 23.24 3.95
CA LEU D 785 10.79 24.59 4.51
C LEU D 785 9.43 25.19 4.13
N PRO D 786 8.35 24.69 4.74
CA PRO D 786 6.99 25.17 4.49
C PRO D 786 6.84 26.69 4.57
N GLY D 787 6.30 27.30 3.52
CA GLY D 787 6.10 28.73 3.53
C GLY D 787 7.27 29.58 3.08
N PHE D 788 8.45 28.99 2.94
CA PHE D 788 9.62 29.75 2.51
C PHE D 788 9.46 30.04 1.01
N PRO D 789 9.44 31.33 0.63
CA PRO D 789 9.28 31.72 -0.78
C PRO D 789 10.26 31.07 -1.75
N ILE D 790 9.72 30.58 -2.87
CA ILE D 790 10.53 29.95 -3.90
C ILE D 790 10.21 30.54 -5.27
N LEU D 791 11.26 30.93 -5.99
CA LEU D 791 11.09 31.44 -7.35
C LEU D 791 11.56 30.26 -8.20
N ALA D 792 10.67 29.73 -9.02
CA ALA D 792 10.99 28.58 -9.86
C ALA D 792 11.70 28.92 -11.17
N THR D 793 12.60 28.04 -11.57
CA THR D 793 13.38 28.22 -12.79
C THR D 793 13.82 26.84 -13.30
N GLY D 794 13.55 26.56 -14.58
CA GLY D 794 13.96 25.28 -15.13
C GLY D 794 12.94 24.61 -16.03
N GLY D 795 12.94 24.97 -17.31
CA GLY D 795 12.02 24.36 -18.25
C GLY D 795 10.58 24.85 -18.26
N ILE D 796 10.32 26.06 -17.75
CA ILE D 796 8.97 26.58 -17.75
C ILE D 796 8.73 27.17 -19.15
N ASP D 797 7.77 26.63 -19.88
CA ASP D 797 7.51 27.09 -21.23
C ASP D 797 6.03 27.21 -21.61
N SER D 798 5.17 27.34 -20.60
CA SER D 798 3.74 27.44 -20.83
C SER D 798 3.04 27.67 -19.50
N ALA D 799 1.76 28.04 -19.56
CA ALA D 799 0.99 28.25 -18.35
C ALA D 799 0.83 26.93 -17.61
N GLU D 800 0.64 25.85 -18.37
CA GLU D 800 0.46 24.54 -17.78
C GLU D 800 1.69 24.10 -16.98
N SER D 801 2.87 24.22 -17.58
CA SER D 801 4.09 23.83 -16.88
C SER D 801 4.31 24.79 -15.72
N GLY D 802 3.91 26.05 -15.92
CA GLY D 802 4.06 27.04 -14.86
C GLY D 802 3.22 26.65 -13.66
N LEU D 803 1.99 26.19 -13.93
CA LEU D 803 1.08 25.79 -12.86
C LEU D 803 1.63 24.58 -12.10
N GLN D 804 2.41 23.74 -12.80
CA GLN D 804 3.00 22.57 -12.16
C GLN D 804 3.96 23.05 -11.06
N PHE D 805 4.73 24.09 -11.35
CA PHE D 805 5.66 24.61 -10.35
C PHE D 805 4.94 25.33 -9.21
N LEU D 806 3.85 26.02 -9.51
CA LEU D 806 3.10 26.71 -8.47
C LEU D 806 2.54 25.64 -7.53
N HIS D 807 2.00 24.58 -8.11
CA HIS D 807 1.44 23.47 -7.35
C HIS D 807 2.52 22.81 -6.50
N SER D 808 3.76 22.90 -6.97
CA SER D 808 4.91 22.32 -6.28
C SER D 808 5.47 23.18 -5.15
N GLY D 809 4.95 24.40 -5.00
CA GLY D 809 5.43 25.25 -3.91
C GLY D 809 6.04 26.59 -4.29
N ALA D 810 6.24 26.83 -5.58
CA ALA D 810 6.82 28.11 -6.01
C ALA D 810 5.73 29.18 -6.08
N SER D 811 6.11 30.44 -5.90
CA SER D 811 5.17 31.56 -5.96
C SER D 811 5.24 32.29 -7.30
N VAL D 812 6.46 32.39 -7.85
CA VAL D 812 6.65 33.05 -9.13
C VAL D 812 7.46 32.16 -10.05
N LEU D 813 7.42 32.46 -11.35
CA LEU D 813 8.06 31.63 -12.36
C LEU D 813 9.02 32.36 -13.29
N GLN D 814 10.28 31.96 -13.28
CA GLN D 814 11.30 32.57 -14.13
C GLN D 814 11.44 31.76 -15.41
N VAL D 815 11.64 32.47 -16.51
CA VAL D 815 11.76 31.84 -17.82
C VAL D 815 12.95 32.35 -18.64
N CYS D 816 13.65 31.43 -19.30
CA CYS D 816 14.77 31.79 -20.17
C CYS D 816 14.67 31.06 -21.50
N SER D 817 14.93 29.75 -21.47
CA SER D 817 14.92 28.93 -22.67
C SER D 817 13.69 29.04 -23.55
N ALA D 818 12.51 29.15 -22.96
CA ALA D 818 11.28 29.26 -23.76
C ALA D 818 11.29 30.54 -24.58
N VAL D 819 11.97 31.58 -24.09
CA VAL D 819 12.05 32.83 -24.83
C VAL D 819 13.14 32.70 -25.90
N GLN D 820 14.22 31.99 -25.57
CA GLN D 820 15.31 31.77 -26.52
C GLN D 820 14.75 30.99 -27.71
N ASN D 821 13.78 30.12 -27.44
CA ASN D 821 13.13 29.31 -28.48
C ASN D 821 12.08 30.11 -29.24
N GLN D 822 11.73 31.30 -28.73
CA GLN D 822 10.71 32.09 -29.38
C GLN D 822 10.97 33.60 -29.28
N ASP D 823 10.22 34.27 -28.41
CA ASP D 823 10.35 35.71 -28.23
C ASP D 823 9.53 36.15 -27.02
N PHE D 824 9.57 37.43 -26.70
CA PHE D 824 8.86 37.99 -25.55
C PHE D 824 7.34 37.86 -25.57
N THR D 825 6.74 37.75 -26.75
CA THR D 825 5.28 37.67 -26.83
C THR D 825 4.66 36.43 -26.19
N VAL D 826 5.47 35.44 -25.82
CA VAL D 826 4.89 34.26 -25.19
C VAL D 826 4.19 34.61 -23.88
N ILE D 827 4.51 35.77 -23.30
CA ILE D 827 3.88 36.18 -22.05
C ILE D 827 2.36 36.26 -22.22
N GLN D 828 1.90 36.64 -23.41
CA GLN D 828 0.46 36.73 -23.68
C GLN D 828 -0.16 35.34 -23.59
N ASP D 829 0.54 34.36 -24.11
CA ASP D 829 0.06 32.99 -24.07
C ASP D 829 0.05 32.48 -22.63
N TYR D 830 1.10 32.78 -21.88
CA TYR D 830 1.20 32.34 -20.49
C TYR D 830 0.10 32.93 -19.62
N CYS D 831 -0.20 34.20 -19.82
CA CYS D 831 -1.23 34.85 -19.02
C CYS D 831 -2.64 34.37 -19.34
N THR D 832 -3.02 34.31 -20.62
CA THR D 832 -4.36 33.83 -20.94
C THR D 832 -4.46 32.36 -20.56
N GLY D 833 -3.37 31.62 -20.72
CA GLY D 833 -3.36 30.22 -20.38
C GLY D 833 -3.59 29.96 -18.89
N LEU D 834 -2.94 30.75 -18.03
CA LEU D 834 -3.10 30.55 -16.59
C LEU D 834 -4.51 30.97 -16.16
N LYS D 835 -5.02 32.07 -16.73
CA LYS D 835 -6.38 32.52 -16.40
C LYS D 835 -7.37 31.41 -16.74
N ALA D 836 -7.20 30.80 -17.92
CA ALA D 836 -8.10 29.74 -18.36
C ALA D 836 -8.06 28.52 -17.43
N LEU D 837 -6.85 28.11 -17.04
CA LEU D 837 -6.69 26.96 -16.16
C LEU D 837 -7.38 27.18 -14.82
N LEU D 838 -7.25 28.39 -14.27
CA LEU D 838 -7.88 28.71 -13.00
C LEU D 838 -9.40 28.78 -13.16
N TYR D 839 -9.84 29.42 -14.22
CA TYR D 839 -11.27 29.56 -14.49
C TYR D 839 -11.96 28.20 -14.58
N LEU D 840 -11.39 27.31 -15.38
CA LEU D 840 -11.96 25.99 -15.58
C LEU D 840 -12.13 25.16 -14.30
N LYS D 841 -11.35 25.48 -13.28
CA LYS D 841 -11.45 24.76 -12.01
C LYS D 841 -12.78 25.06 -11.29
N SER D 842 -13.47 26.11 -11.73
CA SER D 842 -14.74 26.49 -11.12
C SER D 842 -15.94 25.93 -11.89
N ILE D 843 -15.68 25.32 -13.04
CA ILE D 843 -16.76 24.76 -13.88
C ILE D 843 -16.99 23.29 -13.57
N GLU D 844 -18.09 23.01 -12.86
CA GLU D 844 -18.43 21.65 -12.47
C GLU D 844 -18.62 20.67 -13.63
N GLU D 845 -19.24 21.13 -14.71
CA GLU D 845 -19.49 20.28 -15.87
C GLU D 845 -18.23 19.86 -16.63
N LEU D 846 -17.09 20.45 -16.31
CA LEU D 846 -15.86 20.12 -17.03
C LEU D 846 -14.80 19.46 -16.14
N GLN D 847 -15.22 18.83 -15.05
CA GLN D 847 -14.29 18.19 -14.14
C GLN D 847 -13.53 17.02 -14.74
N GLY D 848 -14.08 16.41 -15.79
CA GLY D 848 -13.41 15.28 -16.42
C GLY D 848 -12.22 15.67 -17.28
N TRP D 849 -12.08 16.96 -17.55
CA TRP D 849 -10.98 17.47 -18.37
C TRP D 849 -9.69 17.53 -17.57
N ASP D 850 -8.57 17.55 -18.27
CA ASP D 850 -7.27 17.69 -17.62
C ASP D 850 -6.83 19.09 -18.07
N GLY D 851 -7.04 20.07 -17.21
CA GLY D 851 -6.69 21.43 -17.57
C GLY D 851 -7.58 21.81 -18.75
N GLN D 852 -6.99 22.26 -19.84
CA GLN D 852 -7.77 22.66 -21.00
C GLN D 852 -8.04 21.54 -22.01
N SER D 853 -7.62 20.32 -21.66
CA SER D 853 -7.81 19.17 -22.53
C SER D 853 -9.08 18.38 -22.21
N PRO D 854 -9.99 18.28 -23.18
CA PRO D 854 -11.22 17.52 -22.93
C PRO D 854 -10.87 16.04 -22.76
N GLY D 855 -11.70 15.29 -22.06
CA GLY D 855 -11.44 13.88 -21.88
C GLY D 855 -11.28 13.27 -23.27
N THR D 856 -10.26 12.44 -23.46
CA THR D 856 -10.02 11.83 -24.76
C THR D 856 -11.10 10.81 -25.13
N GLU D 857 -11.69 10.99 -26.31
CA GLU D 857 -12.73 10.09 -26.79
C GLU D 857 -12.23 9.22 -27.95
N SER D 858 -12.73 7.99 -28.00
CA SER D 858 -12.35 7.04 -29.05
C SER D 858 -12.43 7.69 -30.42
N HIS D 859 -11.33 7.62 -31.15
CA HIS D 859 -11.26 8.24 -32.47
C HIS D 859 -10.21 7.58 -33.32
N GLN D 860 -10.23 7.93 -34.61
CA GLN D 860 -9.29 7.46 -35.60
C GLN D 860 -9.06 8.71 -36.46
N LYS D 861 -7.81 9.17 -36.51
CA LYS D 861 -7.47 10.37 -37.25
C LYS D 861 -8.16 11.58 -36.65
N GLY D 862 -8.44 11.51 -35.35
CA GLY D 862 -9.09 12.62 -34.67
C GLY D 862 -10.61 12.66 -34.84
N LYS D 863 -11.15 11.82 -35.71
CA LYS D 863 -12.59 11.79 -35.93
C LYS D 863 -13.24 10.72 -35.06
N PRO D 864 -14.32 11.07 -34.35
CA PRO D 864 -15.03 10.14 -33.47
C PRO D 864 -15.39 8.85 -34.19
N VAL D 865 -15.12 7.72 -33.54
CA VAL D 865 -15.43 6.42 -34.13
C VAL D 865 -16.92 6.17 -33.97
N PRO D 866 -17.55 5.50 -34.95
CA PRO D 866 -18.99 5.21 -34.88
C PRO D 866 -19.33 4.36 -33.66
N ARG D 867 -20.35 4.76 -32.92
CA ARG D 867 -20.77 4.02 -31.73
C ARG D 867 -21.79 2.95 -32.10
N ILE D 868 -21.67 2.43 -33.33
CA ILE D 868 -22.57 1.41 -33.83
C ILE D 868 -22.39 0.10 -33.06
N ALA D 869 -23.51 -0.56 -32.75
CA ALA D 869 -23.47 -1.81 -32.01
C ALA D 869 -22.87 -2.93 -32.85
N GLU D 870 -23.08 -2.86 -34.16
CA GLU D 870 -22.58 -3.87 -35.08
C GLU D 870 -21.07 -3.78 -35.30
N LEU D 871 -20.43 -2.76 -34.74
CA LEU D 871 -18.99 -2.59 -34.90
C LEU D 871 -18.20 -2.87 -33.62
N MET D 872 -18.83 -2.67 -32.47
CA MET D 872 -18.18 -2.88 -31.19
C MET D 872 -17.68 -4.29 -30.93
N GLY D 873 -16.38 -4.41 -30.63
CA GLY D 873 -15.79 -5.70 -30.34
C GLY D 873 -15.80 -6.71 -31.49
N LYS D 874 -15.99 -6.23 -32.71
CA LYS D 874 -16.00 -7.10 -33.88
C LYS D 874 -14.56 -7.37 -34.33
N LYS D 875 -13.61 -6.76 -33.65
CA LYS D 875 -12.19 -6.91 -33.98
C LYS D 875 -11.97 -6.58 -35.45
N LEU D 876 -12.40 -5.39 -35.84
CA LEU D 876 -12.27 -4.94 -37.21
C LEU D 876 -11.32 -3.76 -37.28
N PRO D 877 -10.04 -4.01 -37.58
CA PRO D 877 -9.03 -2.96 -37.69
C PRO D 877 -9.36 -2.08 -38.88
N ASN D 878 -8.74 -0.92 -38.97
CA ASN D 878 -8.99 0.01 -40.07
C ASN D 878 -8.13 -0.20 -41.30
N PHE D 879 -8.05 -1.45 -41.77
CA PHE D 879 -7.26 -1.75 -42.95
C PHE D 879 -7.71 -3.06 -43.60
N GLY D 880 -7.31 -3.25 -44.85
CA GLY D 880 -7.65 -4.46 -45.58
C GLY D 880 -9.12 -4.83 -45.62
N PRO D 881 -9.43 -6.13 -45.64
CA PRO D 881 -10.82 -6.59 -45.68
C PRO D 881 -11.65 -6.14 -44.48
N TYR D 882 -10.98 -5.86 -43.36
CA TYR D 882 -11.68 -5.43 -42.16
C TYR D 882 -12.26 -4.03 -42.38
N LEU D 883 -11.50 -3.18 -43.07
CA LEU D 883 -11.95 -1.83 -43.38
C LEU D 883 -13.20 -1.90 -44.26
N GLU D 884 -13.17 -2.79 -45.25
CA GLU D 884 -14.31 -2.95 -46.15
C GLU D 884 -15.55 -3.30 -45.33
N GLN D 885 -15.37 -4.19 -44.37
CA GLN D 885 -16.43 -4.64 -43.49
C GLN D 885 -16.99 -3.47 -42.70
N ARG D 886 -16.10 -2.68 -42.10
CA ARG D 886 -16.51 -1.53 -41.32
C ARG D 886 -17.36 -0.58 -42.17
N LYS D 887 -16.89 -0.33 -43.39
CA LYS D 887 -17.59 0.57 -44.30
C LYS D 887 -18.99 0.08 -44.64
N LYS D 888 -19.11 -1.23 -44.82
CA LYS D 888 -20.39 -1.85 -45.15
C LYS D 888 -21.34 -1.67 -43.96
N ILE D 889 -20.83 -1.91 -42.75
CA ILE D 889 -21.62 -1.77 -41.53
C ILE D 889 -22.08 -0.33 -41.32
N ILE D 890 -21.17 0.62 -41.55
CA ILE D 890 -21.49 2.02 -41.39
C ILE D 890 -22.55 2.46 -42.38
N ALA D 891 -22.41 2.01 -43.63
CA ALA D 891 -23.36 2.36 -44.68
C ALA D 891 -24.76 1.85 -44.33
N GLU D 892 -24.82 0.62 -43.82
CA GLU D 892 -26.09 0.02 -43.43
C GLU D 892 -26.73 0.81 -42.28
N GLU D 893 -25.88 1.29 -41.37
CA GLU D 893 -26.36 2.08 -40.24
C GLU D 893 -26.98 3.39 -40.73
N LYS D 894 -26.34 4.02 -41.72
CA LYS D 894 -26.83 5.27 -42.27
C LYS D 894 -28.20 5.09 -42.92
N MET D 895 -28.39 3.98 -43.61
CA MET D 895 -29.66 3.69 -44.27
C MET D 895 -30.75 3.46 -43.25
N ARG D 896 -30.35 2.91 -42.10
CA ARG D 896 -31.28 2.63 -41.04
C ARG D 896 -31.73 3.93 -40.38
N LEU D 897 -30.78 4.85 -40.20
CA LEU D 897 -31.08 6.14 -39.60
C LEU D 897 -32.03 6.89 -40.52
N LYS D 898 -31.94 6.59 -41.81
CA LYS D 898 -32.78 7.23 -42.80
C LYS D 898 -34.21 6.76 -42.61
N GLU D 899 -34.36 5.58 -42.01
CA GLU D 899 -35.66 4.97 -41.74
C GLU D 899 -36.04 5.14 -40.27
N GLN D 900 -35.10 5.64 -39.47
CA GLN D 900 -35.34 5.84 -38.05
C GLN D 900 -36.02 7.17 -37.78
N ASN D 901 -36.21 7.47 -36.50
CA ASN D 901 -36.84 8.71 -36.07
C ASN D 901 -35.72 9.66 -35.66
N ALA D 902 -35.90 10.95 -35.90
CA ALA D 902 -34.87 11.92 -35.53
C ALA D 902 -35.37 13.36 -35.47
N ALA D 903 -36.05 13.70 -34.38
CA ALA D 903 -36.56 15.05 -34.17
C ALA D 903 -35.62 15.66 -33.15
N PHE D 904 -34.39 15.95 -33.54
CA PHE D 904 -33.45 16.46 -32.55
C PHE D 904 -32.47 17.58 -32.82
N PRO D 905 -32.96 18.82 -33.07
CA PRO D 905 -31.89 19.79 -33.28
C PRO D 905 -31.17 19.73 -31.93
N PRO D 906 -29.94 20.26 -31.82
CA PRO D 906 -29.27 20.19 -30.53
C PRO D 906 -30.12 20.50 -29.31
N LEU D 907 -29.49 20.45 -28.14
CA LEU D 907 -30.19 20.74 -26.88
C LEU D 907 -29.80 22.12 -26.39
N GLU D 908 -30.33 23.13 -27.06
CA GLU D 908 -30.11 24.54 -26.74
C GLU D 908 -28.80 24.87 -26.02
N ARG D 909 -28.00 25.74 -26.64
CA ARG D 909 -26.72 26.15 -26.09
C ARG D 909 -26.87 27.10 -24.90
N LYS D 910 -26.37 26.69 -23.74
CA LYS D 910 -26.44 27.49 -22.52
C LYS D 910 -25.10 27.46 -21.79
N PRO D 911 -24.44 28.62 -21.67
CA PRO D 911 -23.14 28.78 -21.01
C PRO D 911 -23.03 28.18 -19.62
N PHE D 912 -21.87 27.59 -19.33
CA PHE D 912 -21.61 27.00 -18.02
C PHE D 912 -21.30 28.17 -17.08
N ILE D 913 -21.73 28.05 -15.83
CA ILE D 913 -21.50 29.11 -14.85
C ILE D 913 -20.65 28.61 -13.69
N PRO D 914 -19.66 29.38 -13.28
CA PRO D 914 -18.81 28.96 -12.16
C PRO D 914 -19.67 28.60 -10.96
N LYS D 915 -19.44 27.42 -10.37
CA LYS D 915 -20.22 27.00 -9.21
C LYS D 915 -19.46 27.16 -7.91
N LYS D 916 -18.32 27.83 -7.98
CA LYS D 916 -17.51 28.10 -6.81
C LYS D 916 -16.52 29.20 -7.20
N PRO D 917 -15.94 29.88 -6.20
CA PRO D 917 -15.00 30.95 -6.52
C PRO D 917 -13.80 30.50 -7.36
N ILE D 918 -13.36 31.38 -8.25
CA ILE D 918 -12.22 31.09 -9.10
C ILE D 918 -11.00 31.15 -8.20
N PRO D 919 -10.21 30.08 -8.14
CA PRO D 919 -9.03 30.13 -7.27
C PRO D 919 -8.00 31.17 -7.68
N ALA D 920 -7.37 31.77 -6.68
CA ALA D 920 -6.32 32.76 -6.90
C ALA D 920 -5.01 31.99 -6.88
N ILE D 921 -3.92 32.62 -7.28
CA ILE D 921 -2.63 31.94 -7.28
C ILE D 921 -2.30 31.40 -5.89
N LYS D 922 -2.57 32.21 -4.87
CA LYS D 922 -2.29 31.81 -3.50
C LYS D 922 -3.04 30.53 -3.11
N ASP D 923 -4.18 30.29 -3.75
CA ASP D 923 -4.97 29.11 -3.44
C ASP D 923 -4.46 27.80 -4.05
N VAL D 924 -3.57 27.90 -5.04
CA VAL D 924 -3.07 26.68 -5.68
C VAL D 924 -1.63 26.33 -5.27
N ILE D 925 -0.90 27.30 -4.74
CA ILE D 925 0.49 27.07 -4.36
C ILE D 925 0.67 25.92 -3.36
N GLY D 926 1.51 24.95 -3.73
CA GLY D 926 1.80 23.82 -2.86
C GLY D 926 0.74 22.74 -2.75
N LYS D 927 -0.33 22.83 -3.51
CA LYS D 927 -1.40 21.83 -3.45
C LYS D 927 -1.00 20.41 -3.85
N ALA D 928 0.09 20.28 -4.62
CA ALA D 928 0.54 18.96 -5.06
C ALA D 928 1.38 18.22 -4.02
N LEU D 929 1.93 18.97 -3.07
CA LEU D 929 2.79 18.39 -2.05
C LEU D 929 2.14 17.26 -1.24
N GLN D 930 0.83 17.32 -1.07
CA GLN D 930 0.09 16.32 -0.32
C GLN D 930 0.21 14.92 -0.93
N TYR D 931 0.55 14.86 -2.22
CA TYR D 931 0.67 13.57 -2.88
C TYR D 931 2.09 13.01 -2.87
N LEU D 932 3.06 13.85 -2.49
CA LEU D 932 4.45 13.42 -2.44
C LEU D 932 4.83 12.80 -1.12
N GLY D 933 5.67 11.77 -1.18
CA GLY D 933 6.11 11.11 0.03
C GLY D 933 7.21 10.11 -0.25
N THR D 934 7.44 9.22 0.70
CA THR D 934 8.47 8.20 0.57
C THR D 934 7.91 7.05 -0.26
N PHE D 935 8.77 6.12 -0.65
CA PHE D 935 8.32 4.97 -1.43
C PHE D 935 7.43 4.09 -0.56
N GLY D 936 7.78 3.98 0.73
CA GLY D 936 7.02 3.17 1.66
C GLY D 936 5.58 3.61 1.83
N GLU D 937 5.30 4.87 1.52
CA GLU D 937 3.95 5.41 1.64
C GLU D 937 3.07 5.04 0.46
N LEU D 938 3.68 4.42 -0.55
CA LEU D 938 2.96 4.00 -1.74
C LEU D 938 2.41 2.60 -1.50
N SER D 939 1.16 2.37 -1.88
CA SER D 939 0.55 1.07 -1.68
C SER D 939 0.97 0.07 -2.73
N ASN D 940 1.42 -1.11 -2.28
CA ASN D 940 1.80 -2.15 -3.22
C ASN D 940 0.66 -3.16 -3.33
N ILE D 941 -0.49 -2.83 -2.76
CA ILE D 941 -1.66 -3.70 -2.82
C ILE D 941 -2.58 -3.18 -3.93
N GLU D 942 -2.60 -1.86 -4.09
CA GLU D 942 -3.42 -1.20 -5.10
C GLU D 942 -2.65 -1.21 -6.42
N GLN D 943 -2.63 -2.36 -7.08
CA GLN D 943 -1.93 -2.51 -8.35
C GLN D 943 -2.87 -2.25 -9.52
N VAL D 944 -2.28 -2.02 -10.69
CA VAL D 944 -3.05 -1.75 -11.91
C VAL D 944 -2.55 -2.63 -13.06
N VAL D 945 -3.33 -2.66 -14.13
CA VAL D 945 -2.98 -3.40 -15.33
C VAL D 945 -3.36 -2.53 -16.51
N ALA D 946 -2.71 -2.74 -17.63
CA ALA D 946 -2.99 -1.95 -18.83
C ALA D 946 -4.22 -2.49 -19.54
N VAL D 947 -4.99 -1.60 -20.16
CA VAL D 947 -6.17 -1.97 -20.91
C VAL D 947 -6.15 -1.13 -22.18
N ILE D 948 -6.29 -1.80 -23.33
CA ILE D 948 -6.24 -1.15 -24.63
C ILE D 948 -7.59 -0.93 -25.30
N ASP D 949 -7.81 0.29 -25.79
CA ASP D 949 -9.06 0.60 -26.50
C ASP D 949 -8.83 0.28 -27.97
N GLU D 950 -9.34 -0.88 -28.37
CA GLU D 950 -9.21 -1.40 -29.73
C GLU D 950 -9.58 -0.39 -30.83
N GLU D 951 -10.59 0.44 -30.55
CA GLU D 951 -11.06 1.44 -31.51
C GLU D 951 -10.09 2.57 -31.78
N MET D 952 -9.15 2.81 -30.86
CA MET D 952 -8.18 3.90 -30.99
C MET D 952 -6.81 3.42 -31.50
N CYS D 953 -6.59 2.12 -31.44
CA CYS D 953 -5.33 1.50 -31.84
C CYS D 953 -4.98 1.64 -33.32
N ILE D 954 -3.73 1.94 -33.63
CA ILE D 954 -3.31 2.04 -35.03
C ILE D 954 -2.39 0.90 -35.43
N ASN D 955 -2.49 -0.19 -34.68
CA ASN D 955 -1.79 -1.44 -34.94
C ASN D 955 -0.27 -1.47 -35.17
N CYS D 956 0.48 -0.61 -34.48
CA CYS D 956 1.92 -0.56 -34.67
C CYS D 956 2.69 -1.62 -33.89
N GLY D 957 2.09 -2.12 -32.82
CA GLY D 957 2.73 -3.15 -32.02
C GLY D 957 3.85 -2.67 -31.10
N LYS D 958 3.95 -1.35 -30.86
CA LYS D 958 4.99 -0.85 -29.97
C LYS D 958 4.78 -1.31 -28.53
N CYS D 959 3.52 -1.42 -28.11
CA CYS D 959 3.23 -1.87 -26.75
C CYS D 959 3.73 -3.31 -26.59
N TYR D 960 3.51 -4.10 -27.65
CA TYR D 960 3.92 -5.50 -27.72
C TYR D 960 5.45 -5.61 -27.63
N MET D 961 6.16 -4.82 -28.43
CA MET D 961 7.62 -4.86 -28.44
C MET D 961 8.24 -4.38 -27.12
N THR D 962 7.66 -3.36 -26.50
CA THR D 962 8.20 -2.86 -25.24
C THR D 962 7.98 -3.90 -24.14
N CYS D 963 6.83 -4.55 -24.14
CA CYS D 963 6.57 -5.55 -23.10
C CYS D 963 7.44 -6.78 -23.34
N ASN D 964 7.73 -7.07 -24.60
CA ASN D 964 8.55 -8.24 -24.94
C ASN D 964 10.02 -8.10 -24.55
N ASP D 965 10.64 -7.00 -24.95
CA ASP D 965 12.06 -6.80 -24.65
C ASP D 965 12.36 -5.88 -23.48
N SER D 966 11.33 -5.37 -22.82
CA SER D 966 11.53 -4.49 -21.67
C SER D 966 10.48 -4.74 -20.60
N GLY D 967 9.68 -5.80 -20.77
CA GLY D 967 8.64 -6.07 -19.82
C GLY D 967 8.41 -7.50 -19.37
N TYR D 968 7.16 -7.94 -19.46
CA TYR D 968 6.78 -9.26 -19.01
C TYR D 968 6.11 -10.16 -20.04
N GLN D 969 6.33 -9.85 -21.32
CA GLN D 969 5.76 -10.65 -22.41
C GLN D 969 4.28 -10.96 -22.14
N ALA D 970 3.53 -9.94 -21.73
CA ALA D 970 2.12 -10.11 -21.39
C ALA D 970 1.10 -9.71 -22.45
N ILE D 971 1.57 -9.25 -23.61
CA ILE D 971 0.67 -8.83 -24.67
C ILE D 971 0.64 -9.78 -25.86
N GLN D 972 -0.57 -10.09 -26.33
CA GLN D 972 -0.73 -10.94 -27.51
C GLN D 972 -0.98 -9.96 -28.67
N PHE D 973 -0.26 -10.16 -29.77
CA PHE D 973 -0.40 -9.30 -30.94
C PHE D 973 -0.93 -10.17 -32.07
N ASP D 974 -2.19 -10.00 -32.42
CA ASP D 974 -2.80 -10.83 -33.45
C ASP D 974 -2.10 -10.72 -34.81
N PRO D 975 -1.71 -11.87 -35.39
CA PRO D 975 -1.02 -11.91 -36.69
C PRO D 975 -1.85 -11.48 -37.91
N GLU D 976 -3.17 -11.44 -37.76
CA GLU D 976 -4.04 -11.05 -38.88
C GLU D 976 -4.58 -9.63 -38.75
N THR D 977 -5.06 -9.28 -37.56
CA THR D 977 -5.63 -7.96 -37.32
C THR D 977 -4.63 -6.95 -36.76
N HIS D 978 -3.50 -7.44 -36.27
CA HIS D 978 -2.49 -6.58 -35.66
C HIS D 978 -3.10 -5.78 -34.51
N LEU D 979 -3.97 -6.44 -33.75
CA LEU D 979 -4.59 -5.83 -32.58
C LEU D 979 -3.97 -6.47 -31.34
N PRO D 980 -3.56 -5.64 -30.38
CA PRO D 980 -2.95 -6.18 -29.16
C PRO D 980 -3.98 -6.47 -28.07
N THR D 981 -3.68 -7.44 -27.23
CA THR D 981 -4.55 -7.79 -26.11
C THR D 981 -3.67 -7.99 -24.88
N VAL D 982 -3.93 -7.24 -23.83
CA VAL D 982 -3.16 -7.36 -22.59
C VAL D 982 -3.68 -8.59 -21.84
N THR D 983 -2.79 -9.51 -21.46
CA THR D 983 -3.21 -10.71 -20.76
C THR D 983 -3.08 -10.55 -19.24
N ASP D 984 -3.43 -11.61 -18.52
CA ASP D 984 -3.40 -11.64 -17.06
C ASP D 984 -2.00 -11.57 -16.45
N THR D 985 -0.96 -11.71 -17.27
CA THR D 985 0.39 -11.67 -16.73
C THR D 985 0.94 -10.24 -16.59
N CYS D 986 0.12 -9.26 -16.96
CA CYS D 986 0.51 -7.85 -16.87
C CYS D 986 0.83 -7.50 -15.43
N THR D 987 1.89 -6.71 -15.21
CA THR D 987 2.26 -6.30 -13.85
C THR D 987 2.01 -4.81 -13.64
N GLY D 988 1.50 -4.13 -14.67
CA GLY D 988 1.21 -2.71 -14.57
C GLY D 988 2.43 -1.79 -14.56
N CYS D 989 3.57 -2.27 -15.06
CA CYS D 989 4.77 -1.44 -15.07
C CYS D 989 4.50 -0.11 -15.79
N THR D 990 3.58 -0.14 -16.75
CA THR D 990 3.15 1.04 -17.51
C THR D 990 4.00 1.46 -18.71
N LEU D 991 4.98 0.64 -19.08
CA LEU D 991 5.82 0.96 -20.23
C LEU D 991 5.06 1.02 -21.55
N CYS D 992 4.11 0.10 -21.74
CA CYS D 992 3.34 0.07 -22.98
C CYS D 992 2.57 1.38 -23.19
N LEU D 993 1.89 1.84 -22.14
CA LEU D 993 1.14 3.08 -22.22
C LEU D 993 2.10 4.23 -22.53
N SER D 994 3.29 4.18 -21.94
CA SER D 994 4.30 5.21 -22.12
C SER D 994 4.88 5.32 -23.53
N VAL D 995 4.83 4.23 -24.29
CA VAL D 995 5.37 4.26 -25.65
C VAL D 995 4.30 4.31 -26.75
N CYS D 996 3.04 4.19 -26.38
CA CYS D 996 1.95 4.21 -27.35
C CYS D 996 1.81 5.58 -28.03
N PRO D 997 1.75 5.60 -29.38
CA PRO D 997 1.62 6.87 -30.11
C PRO D 997 0.26 7.56 -30.00
N ILE D 998 -0.75 6.81 -29.57
CA ILE D 998 -2.10 7.37 -29.46
C ILE D 998 -2.43 7.73 -28.01
N ILE D 999 -2.66 9.02 -27.76
CA ILE D 999 -2.97 9.49 -26.43
C ILE D 999 -4.22 8.81 -25.89
N ASP D 1000 -4.09 8.21 -24.71
CA ASP D 1000 -5.18 7.53 -24.04
C ASP D 1000 -5.74 6.28 -24.72
N CYS D 1001 -4.99 5.69 -25.64
CA CYS D 1001 -5.47 4.46 -26.28
C CYS D 1001 -5.33 3.38 -25.21
N ILE D 1002 -4.25 3.47 -24.44
CA ILE D 1002 -4.00 2.54 -23.35
C ILE D 1002 -4.23 3.30 -22.04
N ARG D 1003 -4.89 2.64 -21.09
CA ARG D 1003 -5.15 3.23 -19.78
C ARG D 1003 -4.85 2.21 -18.71
N MET D 1004 -4.41 2.68 -17.54
CA MET D 1004 -4.12 1.77 -16.44
C MET D 1004 -5.37 1.73 -15.55
N VAL D 1005 -5.86 0.53 -15.28
CA VAL D 1005 -7.05 0.36 -14.45
C VAL D 1005 -6.76 -0.54 -13.25
N SER D 1006 -7.55 -0.39 -12.20
CA SER D 1006 -7.39 -1.19 -11.00
C SER D 1006 -7.40 -2.67 -11.34
N ARG D 1007 -6.46 -3.39 -10.77
CA ARG D 1007 -6.35 -4.82 -11.01
C ARG D 1007 -7.53 -5.52 -10.33
N THR D 1008 -8.07 -6.53 -11.00
CA THR D 1008 -9.20 -7.27 -10.46
C THR D 1008 -8.75 -8.44 -9.57
N THR D 1009 -7.58 -9.00 -9.87
CA THR D 1009 -7.08 -10.13 -9.08
C THR D 1009 -5.83 -9.80 -8.29
N PRO D 1010 -5.76 -10.25 -7.03
CA PRO D 1010 -4.59 -10.01 -6.17
C PRO D 1010 -3.28 -10.21 -6.90
N TYR D 1011 -2.41 -9.21 -6.80
CA TYR D 1011 -1.12 -9.24 -7.46
C TYR D 1011 -0.17 -10.21 -6.75
N GLU D 1012 0.48 -11.05 -7.54
CA GLU D 1012 1.44 -12.02 -7.02
C GLU D 1012 2.79 -11.74 -7.69
N PRO D 1013 3.75 -11.16 -6.95
CA PRO D 1013 5.06 -10.88 -7.54
C PRO D 1013 5.70 -12.14 -8.13
N LYS D 1014 6.29 -12.01 -9.30
CA LYS D 1014 6.94 -13.12 -9.96
C LYS D 1014 8.33 -13.24 -9.35
N ARG D 1015 8.58 -14.32 -8.60
CA ARG D 1015 9.88 -14.49 -7.95
C ARG D 1015 10.88 -15.33 -8.73
N GLY D 1016 10.44 -15.94 -9.83
CA GLY D 1016 11.32 -16.76 -10.63
C GLY D 1016 11.61 -18.10 -9.98
N LEU D 1017 11.88 -18.08 -8.67
CA LEU D 1017 12.21 -19.30 -7.91
C LEU D 1017 11.94 -19.17 -6.43
N PRO D 1018 11.31 -20.17 -5.78
CA PRO D 1018 11.01 -20.12 -4.33
C PRO D 1018 11.97 -19.33 -3.44
N LEU D 1019 11.45 -18.80 -2.35
CA LEU D 1019 12.23 -18.00 -1.41
C LEU D 1019 12.52 -18.74 -0.11
N ALA D 1020 13.79 -18.77 0.29
CA ALA D 1020 14.19 -19.43 1.53
C ALA D 1020 15.02 -18.49 2.39
FE1 SF4 E . 1.42 4.01 45.00
FE2 SF4 E . 1.08 1.23 45.49
FE3 SF4 E . 2.67 2.16 43.18
FE4 SF4 E . 3.57 2.48 45.86
S1 SF4 E . 3.42 0.38 44.67
S2 SF4 E . 3.68 4.20 43.91
S3 SF4 E . 1.75 3.11 47.23
S4 SF4 E . 0.15 2.56 43.31
FE1 SF4 F . -7.90 -3.54 43.25
FE2 SF4 F . -7.36 -0.90 42.34
FE3 SF4 F . -7.58 -3.15 40.41
FE4 SF4 F . -9.83 -2.12 41.82
S1 SF4 F . -8.63 -0.97 40.07
S2 SF4 F . -9.20 -4.61 41.41
S3 SF4 F . -9.20 -1.65 44.06
S4 SF4 F . -5.65 -3.03 42.06
FE1 SF4 G . 4.99 -25.98 28.35
FE2 SF4 G . 5.12 -28.81 27.96
FE3 SF4 G . 6.82 -27.49 30.01
FE4 SF4 G . 3.99 -27.72 30.29
S1 SF4 G . 5.59 -29.55 30.44
S2 SF4 G . 5.50 -25.66 30.80
S3 SF4 G . 2.97 -27.31 28.17
S4 SF4 G . 7.21 -27.04 27.52
FE1 SF4 H . 3.49 -32.95 18.75
FE2 SF4 H . 4.07 -30.20 19.24
FE3 SF4 H . 5.40 -31.65 17.02
FE4 SF4 H . 2.64 -31.01 16.96
S1 SF4 H . 4.47 -29.43 16.76
S2 SF4 H . 3.80 -33.23 16.25
S3 SF4 H . 1.69 -31.35 19.10
S4 SF4 H . 5.88 -32.28 19.47
N1 FMN I . -24.54 -1.32 14.95
C2 FMN I . -25.24 -0.46 14.14
O2 FMN I . -24.94 -0.25 12.98
N3 FMN I . -26.33 0.18 14.75
C4 FMN I . -26.77 0.03 16.07
O4 FMN I . -27.76 0.68 16.44
C4A FMN I . -25.95 -0.92 16.82
N5 FMN I . -26.32 -1.11 18.16
C5A FMN I . -25.60 -1.98 18.97
C6 FMN I . -26.01 -2.13 20.28
C7 FMN I . -25.26 -2.99 21.12
C7M FMN I . -25.70 -3.18 22.63
C8 FMN I . -24.11 -3.69 20.61
C8M FMN I . -23.30 -4.64 21.52
C9 FMN I . -23.72 -3.55 19.30
C9A FMN I . -24.44 -2.69 18.45
N10 FMN I . -24.06 -2.49 17.05
C10 FMN I . -24.80 -1.61 16.27
C1' FMN I . -22.97 -3.12 16.48
C2' FMN I . -21.68 -2.25 16.67
O2' FMN I . -21.66 -0.96 16.09
C3' FMN I . -20.35 -2.98 16.36
O3' FMN I . -20.45 -3.10 14.93
C4' FMN I . -20.26 -4.37 17.14
O4' FMN I . -20.57 -4.39 18.52
C5' FMN I . -18.91 -4.97 16.79
O5' FMN I . -17.89 -4.16 17.50
P FMN I . -17.25 -4.46 18.95
O1P FMN I . -18.42 -4.44 19.91
O2P FMN I . -16.64 -5.81 18.79
O3P FMN I . -16.23 -3.41 19.27
PA FAD J . 17.39 9.72 52.17
O1A FAD J . 17.46 9.76 53.64
O2A FAD J . 16.64 8.93 51.35
O5B FAD J . 18.03 10.93 51.52
C5B FAD J . 18.80 11.97 52.20
C4B FAD J . 20.02 12.37 51.28
O4B FAD J . 20.68 13.53 51.96
C3B FAD J . 21.17 11.30 51.12
O3B FAD J . 21.58 11.18 49.79
C2B FAD J . 22.26 11.83 52.10
O2B FAD J . 23.55 11.37 51.79
C1B FAD J . 22.13 13.31 51.95
N9A FAD J . 22.58 14.13 53.07
C8A FAD J . 22.60 13.81 54.42
N7A FAD J . 23.08 14.78 55.18
C5A FAD J . 23.37 15.79 54.30
C6A FAD J . 23.92 17.15 54.50
N6A FAD J . 24.24 17.63 55.68
N1A FAD J . 24.09 17.90 53.34
C2A FAD J . 23.76 17.42 52.10
N3A FAD J . 23.25 16.20 51.81
C4A FAD J . 23.07 15.42 52.95
N1 FAD J . 10.84 2.64 52.26
C2 FAD J . 9.98 1.97 51.49
O2 FAD J . 9.04 2.50 50.97
N3 FAD J . 10.13 0.57 51.25
C4 FAD J . 11.22 -0.16 51.81
O4 FAD J . 11.31 -1.34 51.58
C4X FAD J . 12.17 0.57 52.63
N5 FAD J . 13.26 -0.07 53.18
C5X FAD J . 14.13 0.68 53.97
C6 FAD J . 15.26 0.00 54.53
C7 FAD J . 16.18 0.68 55.32
C7M FAD J . 17.36 -0.08 55.90
C8 FAD J . 16.01 2.12 55.60
C8M FAD J . 16.98 2.91 56.46
C9 FAD J . 14.89 2.80 55.06
C9A FAD J . 13.95 2.10 54.23
N10 FAD J . 12.77 2.72 53.62
C10 FAD J . 11.92 2.01 52.84
C1' FAD J . 12.54 4.17 53.84
C2' FAD J . 13.03 5.04 52.64
O2' FAD J . 14.34 4.58 52.32
C3' FAD J . 13.05 6.50 53.10
O3' FAD J . 11.74 6.84 53.55
C4' FAD J . 13.46 7.40 51.96
O4' FAD J . 14.71 6.98 51.40
C5' FAD J . 13.56 8.85 52.52
O5' FAD J . 14.01 9.78 51.37
P FAD J . 14.74 11.05 51.69
O1P FAD J . 15.01 11.70 50.34
O2P FAD J . 14.05 11.84 52.61
O3P FAD J . 16.04 10.71 52.39
PA NDP K . 12.00 2.14 63.60
O1A NDP K . 10.76 1.77 62.93
O2A NDP K . 12.09 3.42 64.39
O5B NDP K . 12.35 0.86 64.52
C5B NDP K . 13.49 0.85 65.40
C4B NDP K . 13.36 -0.37 65.99
O4B NDP K . 14.44 -0.48 66.95
C3B NDP K . 12.07 -0.62 66.75
O3B NDP K . 11.63 -1.99 66.59
C2B NDP K . 12.41 -0.38 68.18
O2B NDP K . 11.62 -0.97 69.23
C1B NDP K . 13.83 -0.80 68.20
N9A NDP K . 14.53 -0.20 69.35
C8A NDP K . 14.84 1.15 69.61
N7A NDP K . 15.49 1.28 70.75
C5A NDP K . 15.62 0.00 71.26
C6A NDP K . 16.18 -0.54 72.42
N6A NDP K . 16.78 0.27 73.31
N1A NDP K . 16.15 -1.88 72.62
C2A NDP K . 15.54 -2.69 71.72
N3A NDP K . 14.97 -2.27 70.59
C4A NDP K . 15.04 -0.91 70.41
O3 NDP K . 13.10 2.27 62.49
PN NDP K . 13.00 2.21 60.91
O1N NDP K . 13.52 0.85 61.13
O2N NDP K . 13.51 3.58 61.20
O5D NDP K . 14.07 2.39 59.76
C5D NDP K . 13.51 2.71 58.41
C4D NDP K . 12.49 3.93 58.60
O4D NDP K . 11.20 3.52 59.06
C3D NDP K . 12.30 4.65 57.30
O3D NDP K . 13.41 5.55 57.16
C2D NDP K . 10.97 5.27 57.43
O2D NDP K . 11.14 6.59 57.92
C1D NDP K . 10.13 4.28 58.42
N1N NDP K . 9.31 4.94 59.55
C2N NDP K . 8.91 6.31 59.42
C3N NDP K . 8.09 6.87 60.51
C7N NDP K . 7.64 8.27 60.45
O7N NDP K . 8.23 9.15 59.79
N7N NDP K . 6.54 8.65 61.13
C4N NDP K . 7.77 6.04 61.59
C5N NDP K . 8.15 4.75 61.68
C6N NDP K . 8.92 4.19 60.68
P2B NDP K . 10.12 -0.70 69.51
O1X NDP K . 9.85 -1.55 70.68
O2X NDP K . 9.34 -1.07 68.30
O3X NDP K . 9.94 0.78 69.85
N1 URF L . -27.75 -4.55 17.30
C2 URF L . -26.65 -5.00 16.54
N3 URF L . -26.58 -4.44 15.25
C4 URF L . -27.46 -3.53 14.68
C5 URF L . -28.57 -3.11 15.53
C6 URF L . -28.68 -3.62 16.78
O2 URF L . -25.82 -5.80 16.96
O4 URF L . -27.23 -3.15 13.54
F5 URF L . -29.44 -2.25 15.09
FE1 SF4 M . -5.50 -35.36 49.01
FE2 SF4 M . -4.94 -32.57 48.97
FE3 SF4 M . -7.73 -33.55 48.82
FE4 SF4 M . -6.16 -33.78 51.19
S1 SF4 M . -7.04 -31.72 50.27
S2 SF4 M . -7.74 -35.55 50.12
S3 SF4 M . -3.95 -34.40 50.60
S4 SF4 M . -6.09 -33.96 46.92
FE1 SF4 N . -1.26 -27.98 40.41
FE2 SF4 N . -2.26 -30.63 40.35
FE3 SF4 N . -3.69 -28.46 38.92
FE4 SF4 N . -1.19 -29.46 38.04
S1 SF4 N . -3.29 -30.65 37.94
S2 SF4 N . -1.94 -26.97 38.21
S3 SF4 N . 0.22 -29.84 39.90
S4 SF4 N . -3.57 -28.49 41.48
FE1 SF4 O . -21.25 -5.76 40.85
FE2 SF4 O . -21.66 -2.94 40.64
FE3 SF4 O . -21.06 -4.18 43.26
FE4 SF4 O . -19.11 -4.00 41.20
S1 SF4 O . -19.98 -2.14 42.48
S2 SF4 O . -19.62 -6.03 42.75
S3 SF4 O . -20.16 -4.47 39.12
S4 SF4 O . -23.27 -4.67 42.05
FE1 SF4 P . -28.04 0.94 33.57
FE2 SF4 P . -27.95 -1.80 34.40
FE3 SF4 P . -30.55 -0.40 34.06
FE4 SF4 P . -28.89 -1.07 31.84
S1 SF4 P . -30.14 -2.65 33.21
S2 SF4 P . -30.20 1.13 32.27
S3 SF4 P . -26.61 -0.66 32.40
S4 SF4 P . -28.91 0.31 35.91
N1 FMN Q . -13.44 -31.17 9.99
C2 FMN Q . -13.64 -32.06 8.96
O2 FMN Q . -14.73 -32.29 8.49
N3 FMN Q . -12.48 -32.70 8.49
C4 FMN Q . -11.16 -32.52 8.95
O4 FMN Q . -10.25 -33.17 8.40
C4A FMN Q . -11.09 -31.53 10.03
N5 FMN Q . -9.81 -31.31 10.53
C5A FMN Q . -9.61 -30.40 11.58
C6 FMN Q . -8.33 -30.24 12.04
C7 FMN Q . -8.12 -29.34 13.12
C7M FMN Q . -6.66 -29.11 13.69
C8 FMN Q . -9.24 -28.64 13.71
C8M FMN Q . -9.02 -27.68 14.88
C9 FMN Q . -10.52 -28.81 13.23
C9A FMN Q . -10.75 -29.71 12.17
N10 FMN Q . -12.08 -29.94 11.62
C10 FMN Q . -12.24 -30.85 10.58
C1' FMN Q . -13.20 -29.31 12.12
C2' FMN Q . -13.82 -30.16 13.28
O2' FMN Q . -14.28 -31.47 12.99
C3' FMN Q . -14.89 -29.42 14.11
O3' FMN Q . -15.96 -29.34 13.14
C4' FMN Q . -14.36 -28.01 14.61
O4' FMN Q . -13.08 -27.96 15.22
C5' FMN Q . -15.48 -27.40 15.44
O5' FMN Q . -15.55 -28.17 16.72
P FMN Q . -14.80 -27.81 18.10
O1P FMN Q . -13.34 -27.83 17.75
O2P FMN Q . -15.34 -26.47 18.45
O3P FMN Q . -15.17 -28.84 19.11
PA FAD R . -9.55 -40.64 66.15
O1A FAD R . -8.44 -40.63 67.15
O2A FAD R . -9.74 -39.89 65.04
O5B FAD R . -10.45 -41.85 66.31
C5B FAD R . -10.36 -42.87 67.37
C4B FAD R . -11.82 -43.27 67.76
O4B FAD R . -11.71 -44.42 68.73
C3B FAD R . -12.66 -42.19 68.55
O3B FAD R . -13.96 -42.07 68.05
C2B FAD R . -12.56 -42.68 70.02
O2B FAD R . -13.60 -42.22 70.84
C1B FAD R . -12.59 -44.16 69.86
N9A FAD R . -11.97 -44.96 70.93
C8A FAD R . -10.92 -44.60 71.75
N7A FAD R . -10.59 -45.56 72.62
C5A FAD R . -11.47 -46.59 72.36
C6A FAD R . -11.64 -47.92 72.96
N6A FAD R . -10.90 -48.37 73.94
N1A FAD R . -12.66 -48.69 72.42
C2A FAD R . -13.45 -48.24 71.39
N3A FAD R . -13.37 -47.04 70.77
C4A FAD R . -12.36 -46.24 71.29
N1 FAD R . -5.54 -33.67 60.84
C2 FAD R . -5.64 -33.03 59.67
O2 FAD R . -5.48 -33.59 58.62
N3 FAD R . -5.93 -31.62 59.62
C4 FAD R . -6.15 -30.86 60.79
O4 FAD R . -6.39 -29.69 60.69
C4X FAD R . -6.07 -31.57 62.08
N5 FAD R . -6.28 -30.90 63.25
C5X FAD R . -6.19 -31.61 64.44
C6 FAD R . -6.43 -30.91 65.67
C7 FAD R . -6.37 -31.57 66.90
C7M FAD R . -6.64 -30.79 68.18
C8 FAD R . -6.04 -33.00 66.96
C8M FAD R . -5.95 -33.77 68.26
C9 FAD R . -5.80 -33.70 65.75
C9A FAD R . -5.87 -33.03 64.49
N10 FAD R . -5.64 -33.69 63.21
C10 FAD R . -5.75 -33.01 62.04
C1' FAD R . -5.31 -35.14 63.19
C2' FAD R . -6.55 -36.02 62.90
O2' FAD R . -7.59 -35.57 63.74
C3' FAD R . -6.18 -37.48 63.21
O3' FAD R . -5.02 -37.81 62.44
C4' FAD R . -7.32 -38.38 62.86
O4' FAD R . -8.52 -37.99 63.55
C5' FAD R . -6.92 -39.84 63.27
O5' FAD R . -8.12 -40.77 63.01
P FAD R . -8.29 -42.03 63.80
O1P FAD R . -9.50 -42.72 63.22
O2P FAD R . -7.10 -42.79 63.81
O3P FAD R . -8.55 -41.65 65.25
PA NDP S . 2.55 -33.01 68.60
O1A NDP S . 3.13 -34.31 69.14
O2A NDP S . 2.70 -32.67 67.21
O5B NDP S . 3.14 -31.74 69.43
C5B NDP S . 3.20 -31.71 70.87
C4B NDP S . 3.79 -30.50 71.09
O4B NDP S . 3.93 -30.36 72.52
C3B NDP S . 5.17 -30.27 70.48
O3B NDP S . 5.29 -28.93 69.98
C2B NDP S . 6.13 -30.51 71.61
O2B NDP S . 7.45 -29.94 71.56
C1B NDP S . 5.29 -30.02 72.74
N9A NDP S . 5.79 -30.52 74.05
C8A NDP S . 5.83 -31.85 74.56
N7A NDP S . 6.34 -31.87 75.78
C5A NDP S . 6.66 -30.57 76.08
C6A NDP S . 7.22 -29.92 77.21
N6A NDP S . 7.58 -30.63 78.28
N1A NDP S . 7.40 -28.58 77.18
C2A NDP S . 7.03 -27.86 76.09
N3A NDP S . 6.49 -28.38 74.98
C4A NDP S . 6.32 -29.74 75.04
O3 NDP S . 1.01 -33.15 68.85
PN NDP S . -0.20 -33.14 67.82
O1N NDP S . -0.33 -31.75 68.28
O2N NDP S . -0.28 -34.46 68.48
O5D NDP S . -1.75 -33.31 68.00
C5D NDP S . -2.48 -33.69 66.75
C4D NDP S . -1.66 -34.89 66.08
O4D NDP S . -0.58 -34.43 65.28
C3D NDP S . -2.52 -35.71 65.19
O3D NDP S . -3.30 -36.57 66.01
C2D NDP S . -1.53 -36.37 64.28
O2D NDP S . -1.35 -37.72 64.66
C1D NDP S . -0.18 -35.47 64.35
N1N NDP S . 1.03 -36.16 64.98
C2N NDP S . 1.47 -37.41 64.43
C3N NDP S . 2.68 -37.99 65.02
C7N NDP S . 3.20 -39.27 64.53
O7N NDP S . 4.24 -39.81 64.97
N7N NDP S . 2.56 -39.92 63.55
C4N NDP S . 3.32 -37.31 66.05
C5N NDP S . 2.89 -36.14 66.56
C6N NDP S . 1.77 -35.56 66.04
P2B NDP S . 8.57 -30.27 70.53
O1X NDP S . 8.10 -29.89 69.16
O2X NDP S . 8.90 -31.75 70.61
O3X NDP S . 9.70 -29.45 71.01
N1 URF T . -9.69 -27.87 8.85
C2 URF T . -11.00 -27.47 9.22
N3 URF T . -12.02 -28.10 8.51
C4 URF T . -11.88 -29.06 7.51
C5 URF T . -10.51 -29.43 7.18
C6 URF T . -9.48 -28.85 7.85
O2 URF T . -11.23 -26.63 10.08
O4 URF T . -12.91 -29.51 7.00
F5 URF T . -10.26 -30.33 6.27
FE1 SF4 U . 9.89 -2.11 -51.12
FE2 SF4 U . 8.60 0.39 -50.73
FE3 SF4 U . 11.55 0.24 -50.86
FE4 SF4 U . 9.90 -0.21 -53.14
S1 SF4 U . 10.27 1.93 -52.03
S2 SF4 U . 11.98 -1.57 -52.39
S3 SF4 U . 8.00 -1.47 -52.49
S4 SF4 U . 10.25 -0.80 -48.92
FE1 SF4 V . 4.64 2.89 -41.48
FE2 SF4 V . 6.35 0.66 -41.79
FE3 SF4 V . 7.23 3.01 -40.20
FE4 SF4 V . 5.19 1.24 -39.30
S1 SF4 V . 7.56 0.71 -39.47
S2 SF4 V . 5.19 3.83 -39.21
S3 SF4 V . 3.81 0.63 -41.13
S4 SF4 V . 6.88 3.17 -42.73
FE1 SF4 W . 17.50 29.83 -40.46
FE2 SF4 W . 17.12 32.62 -39.94
FE3 SF4 W . 16.66 31.52 -42.65
FE4 SF4 W . 14.93 30.94 -40.47
S1 SF4 W . 15.14 33.09 -41.58
S2 SF4 W . 15.84 29.31 -42.28
S3 SF4 W . 16.25 30.58 -38.53
S4 SF4 W . 19.01 31.56 -41.64
FE1 SF4 X . 22.70 37.44 -32.79
FE2 SF4 X . 23.31 34.90 -33.95
FE3 SF4 X . 25.43 36.93 -33.58
FE4 SF4 X . 24.22 35.59 -31.39
S1 SF4 X . 25.73 34.59 -32.99
S2 SF4 X . 24.83 38.10 -31.60
S3 SF4 X . 21.89 35.37 -31.82
S4 SF4 X . 23.52 37.32 -35.24
N1 FMN Y . 20.01 0.41 -12.43
C2 FMN Y . 20.55 -0.50 -11.54
O2 FMN Y . 21.71 -0.44 -11.18
N3 FMN Y . 19.67 -1.48 -11.07
C4 FMN Y . 18.32 -1.63 -11.41
O4 FMN Y . 17.70 -2.57 -10.90
C4A FMN Y . 17.86 -0.62 -12.37
N5 FMN Y . 16.52 -0.73 -12.76
C5A FMN Y . 15.99 0.16 -13.69
C6 FMN Y . 14.67 0.00 -14.05
C7 FMN Y . 14.13 0.90 -15.01
C7M FMN Y . 12.62 0.75 -15.47
C8 FMN Y . 14.94 1.94 -15.57
C8M FMN Y . 14.36 2.92 -16.61
C9 FMN Y . 16.26 2.10 -15.19
C9A FMN Y . 16.82 1.23 -14.25
N10 FMN Y . 18.21 1.34 -13.83
C10 FMN Y . 18.71 0.42 -12.91
C1' FMN Y . 19.07 2.31 -14.31
C2' FMN Y . 19.79 1.79 -15.60
O2' FMN Y . 20.63 0.66 -15.50
C3' FMN Y . 20.51 2.90 -16.42
O3' FMN Y . 21.62 3.19 -15.54
C4' FMN Y . 19.55 4.14 -16.69
O4' FMN Y . 18.25 3.89 -17.19
C5' FMN Y . 20.38 5.13 -17.53
O5' FMN Y . 20.54 4.52 -18.87
P FMN Y . 19.60 4.75 -20.16
O1P FMN Y . 18.23 4.29 -19.73
O2P FMN Y . 19.69 6.23 -20.41
O3P FMN Y . 20.14 3.97 -21.31
PA FAD Z . 13.61 -4.31 -68.99
O1A FAD Z . 12.45 -4.50 -69.91
O2A FAD Z . 13.67 -3.65 -67.80
O5B FAD Z . 14.77 -5.22 -69.31
C5B FAD Z . 14.87 -6.09 -70.50
C4B FAD Z . 16.34 -6.01 -71.05
O4B FAD Z . 16.45 -7.05 -72.13
C3B FAD Z . 16.77 -4.66 -71.74
O3B FAD Z . 18.02 -4.23 -71.33
C2B FAD Z . 16.65 -5.02 -73.25
O2B FAD Z . 17.43 -4.18 -74.09
C1B FAD Z . 17.11 -6.44 -73.29
N9A FAD Z . 16.64 -7.27 -74.39
C8A FAD Z . 15.45 -7.16 -75.09
N7A FAD Z . 15.32 -8.08 -76.05
C5A FAD Z . 16.47 -8.82 -75.97
C6A FAD Z . 16.94 -9.98 -76.73
N6A FAD Z . 16.26 -10.54 -77.71
N1A FAD Z . 18.18 -10.49 -76.36
C2A FAD Z . 18.93 -9.93 -75.33
N3A FAD Z . 18.57 -8.86 -74.58
C4A FAD Z . 17.33 -8.35 -74.93
N1 FAD Z . 8.32 0.69 -62.63
C2 FAD Z . 8.35 1.21 -61.41
O2 FAD Z . 8.44 0.52 -60.42
N3 FAD Z . 8.24 2.62 -61.20
C4 FAD Z . 8.13 3.54 -62.29
O4 FAD Z . 8.04 4.72 -62.07
C4X FAD Z . 8.14 2.96 -63.64
N5 FAD Z . 8.07 3.77 -64.75
C5X FAD Z . 8.06 3.18 -66.00
C6 FAD Z . 7.99 4.03 -67.15
C7 FAD Z . 7.98 3.52 -68.44
C7M FAD Z . 7.91 4.47 -69.62
C8 FAD Z . 8.04 2.06 -68.66
C8M FAD Z . 8.05 1.43 -70.04
C9 FAD Z . 8.12 1.19 -67.53
C9A FAD Z . 8.12 1.73 -66.20
N10 FAD Z . 8.20 0.92 -64.99
C10 FAD Z . 8.23 1.49 -63.75
C1' FAD Z . 8.28 -0.56 -65.12
C2' FAD Z . 9.75 -1.07 -65.00
O2' FAD Z . 10.57 -0.24 -65.82
C3' FAD Z . 9.78 -2.54 -65.49
O3' FAD Z . 8.81 -3.27 -64.71
C4' FAD Z . 11.14 -3.12 -65.32
O4' FAD Z . 12.13 -2.34 -66.00
C5' FAD Z . 11.11 -4.57 -65.87
O5' FAD Z . 12.52 -5.17 -65.77
P FAD Z . 12.96 -6.22 -66.75
O1P FAD Z . 14.37 -6.60 -66.34
O2P FAD Z . 12.04 -7.26 -66.81
O3P FAD Z . 12.97 -5.62 -68.14
PA NDP AA . -0.36 -0.42 -69.73
O1A NDP AA . -0.96 -0.44 -68.29
O2A NDP AA . -0.25 -1.78 -70.42
O5B NDP AA . -1.35 0.71 -70.53
C5B NDP AA . -1.33 1.07 -71.94
C4B NDP AA . -2.34 2.08 -72.03
O4B NDP AA . -2.61 2.45 -73.45
C3B NDP AA . -3.66 1.86 -71.36
O3B NDP AA . -4.11 3.08 -70.66
C2B NDP AA . -4.63 1.54 -72.44
O2B NDP AA . -6.07 1.72 -72.26
C1B NDP AA . -4.07 2.34 -73.57
N9A NDP AA . -4.51 1.71 -74.87
C8A NDP AA . -4.20 0.44 -75.42
N7A NDP AA . -4.78 0.28 -76.59
C5A NDP AA . -5.47 1.43 -76.83
C6A NDP AA . -6.28 1.90 -77.90
N6A NDP AA . -6.48 1.13 -78.97
N1A NDP AA . -6.84 3.13 -77.82
C2A NDP AA . -6.64 3.90 -76.73
N3A NDP AA . -5.89 3.56 -75.68
C4A NDP AA . -5.34 2.30 -75.80
O3 NDP AA . 1.20 0.13 -69.80
PN NDP AA . 2.38 1.32 -70.16
O1N NDP AA . 2.17 2.27 -69.03
O2N NDP AA . 2.28 1.76 -71.67
O5D NDP AA . 3.73 0.33 -69.64
C5D NDP AA . 4.01 0.16 -68.20
C4D NDP AA . 3.26 -1.18 -67.90
O4D NDP AA . 3.35 -1.58 -66.50
C3D NDP AA . 3.90 -2.26 -68.71
O3D NDP AA . 3.51 -2.28 -70.12
C2D NDP AA . 3.54 -3.45 -68.02
O2D NDP AA . 2.23 -3.94 -68.60
C1D NDP AA . 3.41 -3.01 -66.47
N1N NDP AA . 2.20 -3.59 -65.92
C2N NDP AA . 2.40 -4.96 -65.74
C3N NDP AA . 1.25 -5.78 -65.51
C7N NDP AA . 1.39 -7.24 -65.32
O7N NDP AA . 2.47 -7.86 -65.52
N7N NDP AA . 0.34 -7.99 -64.95
C4N NDP AA . -0.02 -5.14 -65.45
C5N NDP AA . -0.18 -3.77 -65.61
C6N NDP AA . 0.92 -2.98 -65.85
P2B NDP AA . -7.02 1.06 -71.22
O1X NDP AA . -8.35 1.60 -71.59
O2X NDP AA . -6.60 1.46 -69.86
O3X NDP AA . -6.99 -0.46 -71.40
N1 URF BA . 15.66 2.31 -10.72
C2 URF BA . 16.75 3.13 -11.10
N3 URF BA . 17.97 2.78 -10.49
C4 URF BA . 18.19 1.74 -9.60
C5 URF BA . 17.03 0.93 -9.27
C6 URF BA . 15.82 1.23 -9.82
O2 URF BA . 16.65 4.08 -11.88
O4 URF BA . 19.34 1.58 -9.17
F5 URF BA . 17.13 -0.07 -8.44
FE1 SF4 CA . -7.17 33.11 -42.21
FE2 SF4 CA . -6.13 30.58 -43.02
FE3 SF4 CA . -7.72 30.83 -40.53
FE4 SF4 CA . -8.89 31.11 -43.11
S1 SF4 CA . -8.06 29.05 -42.16
S2 SF4 CA . -9.31 32.57 -40.99
S3 SF4 CA . -7.43 32.35 -44.50
S4 SF4 CA . -5.40 31.92 -40.74
FE1 SF4 DA . 3.93 28.38 -41.84
FE2 SF4 DA . 2.76 30.65 -40.61
FE3 SF4 DA . 3.76 28.39 -38.96
FE4 SF4 DA . 5.52 30.14 -40.35
S1 SF4 DA . 4.19 30.73 -38.44
S2 SF4 DA . 5.64 27.55 -40.21
S3 SF4 DA . 4.58 30.63 -42.45
S4 SF4 DA . 1.74 28.12 -40.48
FE1 SF4 EA . -0.81 1.84 -28.94
FE2 SF4 EA . -0.09 -0.94 -28.89
FE3 SF4 EA . -2.28 0.02 -30.65
FE4 SF4 EA . 0.46 0.67 -31.13
S1 SF4 EA . -0.55 -1.53 -31.40
S2 SF4 EA . -1.62 2.23 -31.30
S3 SF4 EA . 1.53 1.15 -29.05
S4 SF4 EA . -2.55 0.10 -28.10
FE1 SF4 FA . 3.52 -5.29 -20.35
FE2 SF4 FA . 2.13 -2.80 -20.49
FE3 SF4 FA . 1.48 -4.77 -18.37
FE4 SF4 FA . 3.96 -3.34 -18.42
S1 SF4 FA . 1.78 -2.39 -17.93
S2 SF4 FA . 3.55 -5.86 -17.88
S3 SF4 FA . 4.76 -3.21 -20.66
S4 SF4 FA . 0.99 -5.29 -20.83
N1 FMN GA . 21.66 32.53 -14.35
C2 FMN GA . 22.14 33.48 -13.48
O2 FMN GA . 21.88 33.48 -12.28
N3 FMN GA . 22.95 34.46 -14.06
C4 FMN GA . 23.31 34.57 -15.41
O4 FMN GA . 24.04 35.52 -15.74
C4A FMN GA . 22.73 33.51 -16.23
N5 FMN GA . 23.04 33.55 -17.59
C5A FMN GA . 22.54 32.60 -18.47
C6 FMN GA . 22.85 32.71 -19.81
C7 FMN GA . 22.33 31.75 -20.70
C7M FMN GA . 22.66 31.84 -22.25
C8 FMN GA . 21.46 30.70 -20.22
C8M FMN GA . 20.87 29.66 -21.19
C9 FMN GA . 21.15 30.59 -18.88
C9A FMN GA . 21.66 31.54 -17.98
N10 FMN GA . 21.36 31.49 -16.56
C10 FMN GA . 21.89 32.46 -15.71
C1' FMN GA . 20.53 30.52 -15.99
C2' FMN GA . 19.05 31.01 -16.02
O2' FMN GA . 18.71 32.17 -15.28
C3' FMN GA . 18.00 29.90 -15.74
O3' FMN GA . 18.25 29.69 -14.33
C4' FMN GA . 18.26 28.62 -16.64
O4' FMN GA . 18.45 28.80 -18.03
C5' FMN GA . 17.16 27.61 -16.30
O5' FMN GA . 15.89 28.16 -16.85
P FMN GA . 15.23 27.85 -18.29
O1P FMN GA . 16.25 28.34 -19.29
O2P FMN GA . 15.03 26.37 -18.28
O3P FMN GA . 13.94 28.58 -18.40
PA FAD HA . -24.62 34.67 -47.73
O1A FAD HA . -24.85 34.78 -49.19
O2A FAD HA . -23.61 34.05 -47.06
O5B FAD HA . -25.50 35.58 -46.91
C5B FAD HA . -26.59 36.41 -47.42
C4B FAD HA . -27.80 36.35 -46.41
O4B FAD HA . -28.82 37.34 -46.88
C3B FAD HA . -28.59 34.98 -46.33
O3B FAD HA . -28.83 34.61 -45.02
C2B FAD HA . -29.86 35.27 -47.18
O2B FAD HA . -30.95 34.44 -46.86
C1B FAD HA . -30.14 36.71 -46.85
N9A FAD HA . -30.88 37.48 -47.84
C8A FAD HA . -30.92 37.30 -49.21
N7A FAD HA . -31.72 38.18 -49.83
C5A FAD HA . -32.21 38.96 -48.81
C6A FAD HA . -33.14 40.11 -48.83
N6A FAD HA . -33.67 40.59 -49.92
N1A FAD HA . -33.41 40.65 -47.58
C2A FAD HA . -32.85 40.17 -46.41
N3A FAD HA . -32.00 39.13 -46.31
C4A FAD HA . -31.70 38.55 -47.54
N1 FAD HA . -16.37 29.82 -49.07
C2 FAD HA . -15.31 29.34 -48.42
O2 FAD HA . -14.50 30.05 -47.87
N3 FAD HA . -15.05 27.93 -48.35
C4 FAD HA . -15.92 26.97 -48.94
O4 FAD HA . -15.66 25.79 -48.85
C4X FAD HA . -17.11 27.50 -49.61
N5 FAD HA . -18.01 26.63 -50.19
C5X FAD HA . -19.10 27.18 -50.83
C6 FAD HA . -20.05 26.28 -51.41
C7 FAD HA . -21.19 26.73 -52.07
C7M FAD HA . -22.16 25.74 -52.66
C8 FAD HA . -21.45 28.18 -52.18
C8M FAD HA . -22.68 28.75 -52.88
C9 FAD HA . -20.52 29.09 -51.61
C9A FAD HA . -19.36 28.61 -50.94
N10 FAD HA . -18.36 29.48 -50.31
C10 FAD HA . -17.28 28.97 -49.67
C1' FAD HA . -18.55 30.96 -50.37
C2' FAD HA . -19.18 31.49 -49.05
O2' FAD HA . -20.27 30.65 -48.72
C3' FAD HA . -19.66 32.93 -49.31
O3' FAD HA . -18.53 33.67 -49.79
C4' FAD HA . -20.20 33.55 -48.04
O4' FAD HA . -21.28 32.77 -47.52
C5' FAD HA . -20.69 34.99 -48.38
O5' FAD HA . -21.33 35.61 -47.13
P FAD HA . -22.41 36.65 -47.26
O1P FAD HA . -22.77 37.07 -45.86
O2P FAD HA . -22.01 37.67 -48.12
O3P FAD HA . -23.61 36.01 -47.92
PA NDP IA . -18.50 30.38 -60.07
O1A NDP IA . -17.11 30.35 -59.63
O2A NDP IA . -19.09 31.65 -60.65
O5B NDP IA . -18.59 29.15 -61.19
C5B NDP IA . -19.76 28.81 -62.00
C4B NDP IA . -19.28 27.77 -62.81
O4B NDP IA . -20.33 27.42 -63.75
C3B NDP IA . -18.04 28.05 -63.62
O3B NDP IA . -17.17 26.89 -63.66
C2B NDP IA . -18.51 28.36 -65.00
O2B NDP IA . -17.64 28.18 -66.14
C1B NDP IA . -19.71 27.53 -65.05
N9A NDP IA . -20.66 28.03 -66.06
C8A NDP IA . -21.36 29.25 -66.11
N7A NDP IA . -22.13 29.32 -67.17
C5A NDP IA . -21.94 28.13 -67.84
C6A NDP IA . -22.46 27.57 -69.02
N6A NDP IA . -23.34 28.25 -69.75
N1A NDP IA . -22.04 26.33 -69.40
C2A NDP IA . -21.15 25.65 -68.66
N3A NDP IA . -20.60 26.09 -67.52
C4A NDP IA . -21.05 27.35 -67.16
O3 NDP IA . -19.29 29.97 -58.82
PN NDP IA . -19.04 28.82 -57.74
O1N NDP IA . -20.01 27.74 -57.77
O2N NDP IA . -17.99 29.21 -56.62
O5D NDP IA . -20.25 29.55 -56.98
C5D NDP IA . -20.28 30.05 -55.51
C4D NDP IA . -19.18 31.04 -55.57
O4D NDP IA . -18.15 30.61 -54.68
C3D NDP IA . -19.57 32.43 -55.15
O3D NDP IA . -19.97 33.03 -56.31
C2D NDP IA . -18.29 33.00 -54.56
O2D NDP IA . -17.76 34.01 -55.45
C1D NDP IA . -17.25 31.75 -54.31
N1N NDP IA . -16.06 31.78 -55.26
C2N NDP IA . -14.86 31.73 -54.62
C3N NDP IA . -13.64 31.80 -55.40
C7N NDP IA . -12.31 31.78 -54.73
O7N NDP IA . -12.14 31.63 -53.50
N7N NDP IA . -11.17 31.97 -55.46
C4N NDP IA . -13.72 31.91 -56.76
C5N NDP IA . -14.94 31.96 -57.44
C6N NDP IA . -16.13 31.89 -56.70
P2B NDP IA . -16.29 28.93 -66.42
O1X NDP IA . -15.87 28.35 -67.70
O2X NDP IA . -15.33 28.67 -65.30
O3X NDP IA . -16.55 30.42 -66.57
N1 URF JA . 25.45 30.62 -17.20
C2 URF JA . 24.59 29.80 -16.43
N3 URF JA . 24.46 30.20 -15.10
C4 URF JA . 25.06 31.30 -14.48
C5 URF JA . 25.94 32.10 -15.33
C6 URF JA . 26.10 31.74 -16.63
O2 URF JA . 24.02 28.81 -16.88
O4 URF JA . 24.83 31.50 -13.29
F5 URF JA . 26.55 33.14 -14.85
#